data_6OJS
#
_entry.id   6OJS
#
_cell.length_a   212.622
_cell.length_b   116.188
_cell.length_c   220.884
_cell.angle_alpha   90.00
_cell.angle_beta   95.48
_cell.angle_gamma   90.00
#
_symmetry.space_group_name_H-M   'C 1 2 1'
#
loop_
_entity.id
_entity.type
_entity.pdbx_description
1 polymer 'Bifunctional dihydrofolate reductase-thymidylate synthase'
2 non-polymer 'NADPH DIHYDRO-NICOTINAMIDE-ADENINE-DINUCLEOTIDE PHOSPHATE'
3 non-polymer "5-FLUORO-2'-DEOXYURIDINE-5'-MONOPHOSPHATE"
4 non-polymer 'N-{4-[(2-amino-4-oxo-4,7-dihydro-3H-pyrrolo[2,3-d]pyrimidin-5-yl)methyl]benzene-1-carbonyl}-D-glutamic acid'
5 non-polymer METHOTREXATE
#
_entity_poly.entity_id   1
_entity_poly.type   'polypeptide(L)'
_entity_poly.pdbx_seq_one_letter_code
;MSEKNVSIVVAASVLSSGIGINGQLPWSISEDLKFFSKITNNKCDSNKKNALIMGRKTWDSIGRRPLKNRIIVVISSSLP
QDEADPNVVVFRNLEDSIENLMNDDSIENIFVCGGESIYRDALKDNFVDRIYLTRVALEDIEFDTYFPEIPETFLPVYMS
QTFCTKNISYDFMIFEKQEKKTLQNCDPARGQLKSIDDTVDLLGEIFGIRKMGNRHKFPKEEIYNTPSIRFGREHYEFQY
LDLLSRVLENGAYRENRTGISTYSIFGQMMRFDMRESFPLLTTKKVAIRSIFEELIWFIKGDTNGNHLIEKKVYIWSGNG
SKEYLERIGLGHREENDLGPIYGFQWRHYNGEYKTMHDDYTGVGVDQLAKLIETLKNNPKDRRHILTAWNPSALSQMALP
PCHVLSQYYVTNDNCLSCNLYQRSCDLGLGSPFNIASYAILTMMLAQVCGYEPGELAIFIGDAHIYENHLTQLKEQLSRT
PRPFPQLKFKRKVENIEDFKWEDIELIGYYPYPTIKMDMAV
;
_entity_poly.pdbx_strand_id   A,B,C,D,E
#
loop_
_chem_comp.id
_chem_comp.type
_chem_comp.name
_chem_comp.formula
D96 non-polymer 'N-{4-[(2-amino-4-oxo-4,7-dihydro-3H-pyrrolo[2,3-d]pyrimidin-5-yl)methyl]benzene-1-carbonyl}-D-glutamic acid' 'C19 H19 N5 O6'
MTX non-polymer METHOTREXATE 'C20 H22 N8 O5'
NDP non-polymer 'NADPH DIHYDRO-NICOTINAMIDE-ADENINE-DINUCLEOTIDE PHOSPHATE' 'C21 H30 N7 O17 P3'
UFP DNA linking 5-FLUORO-2'-DEOXYURIDINE-5'-MONOPHOSPHATE 'C9 H12 F N2 O8 P'
#
# COMPACT_ATOMS: atom_id res chain seq x y z
N GLU A 3 29.82 40.20 -7.53
CA GLU A 3 29.52 38.79 -7.69
C GLU A 3 29.41 38.41 -9.17
N LYS A 4 30.49 37.87 -9.71
CA LYS A 4 30.54 37.39 -11.09
C LYS A 4 30.95 35.92 -11.09
N ASN A 5 31.16 35.37 -12.28
CA ASN A 5 31.45 33.96 -12.43
C ASN A 5 32.96 33.72 -12.48
N VAL A 6 33.40 32.64 -11.83
CA VAL A 6 34.80 32.26 -11.79
C VAL A 6 34.87 30.80 -12.24
N SER A 7 35.25 30.56 -13.48
CA SER A 7 35.33 29.23 -14.04
C SER A 7 36.79 28.78 -14.12
N ILE A 8 36.98 27.47 -14.13
CA ILE A 8 38.31 26.88 -14.29
C ILE A 8 38.32 26.13 -15.62
N VAL A 9 39.37 26.38 -16.42
CA VAL A 9 39.58 25.68 -17.67
C VAL A 9 40.88 24.91 -17.52
N VAL A 10 40.82 23.60 -17.73
CA VAL A 10 41.99 22.75 -17.56
C VAL A 10 41.87 21.56 -18.50
N ALA A 11 43.02 21.07 -18.96
CA ALA A 11 43.11 19.84 -19.74
C ALA A 11 44.02 18.89 -18.96
N ALA A 12 43.41 17.88 -18.33
CA ALA A 12 44.13 16.95 -17.48
C ALA A 12 44.03 15.53 -18.03
N SER A 13 44.96 14.69 -17.61
CA SER A 13 44.93 13.30 -18.00
C SER A 13 43.72 12.60 -17.37
N VAL A 14 43.32 11.49 -18.00
CA VAL A 14 42.06 10.86 -17.62
C VAL A 14 42.18 10.20 -16.25
N LEU A 15 43.35 9.65 -15.93
CA LEU A 15 43.52 8.93 -14.68
C LEU A 15 44.29 9.75 -13.65
N SER A 16 45.56 10.02 -13.93
CA SER A 16 46.42 10.72 -12.99
C SER A 16 46.18 12.22 -12.97
N SER A 17 45.43 12.77 -13.92
CA SER A 17 45.10 14.20 -13.96
C SER A 17 46.35 15.07 -14.12
N GLY A 18 47.29 14.60 -14.93
CA GLY A 18 48.46 15.40 -15.24
C GLY A 18 48.15 16.48 -16.27
N ILE A 19 48.81 17.63 -16.12
CA ILE A 19 48.49 18.78 -16.97
C ILE A 19 49.72 19.38 -17.61
N GLY A 20 50.91 18.96 -17.19
CA GLY A 20 52.12 19.55 -17.72
C GLY A 20 53.35 18.75 -17.37
N ILE A 21 54.42 19.01 -18.12
CA ILE A 21 55.72 18.39 -17.88
C ILE A 21 56.79 19.32 -18.43
N ASN A 22 57.77 19.67 -17.57
CA ASN A 22 58.92 20.48 -17.97
C ASN A 22 58.48 21.80 -18.59
N GLY A 23 57.55 22.48 -17.93
CA GLY A 23 57.15 23.80 -18.36
C GLY A 23 56.35 23.86 -19.63
N GLN A 24 55.78 22.74 -20.07
CA GLN A 24 54.94 22.72 -21.26
C GLN A 24 53.90 21.62 -21.11
N LEU A 25 53.04 21.49 -22.13
CA LEU A 25 51.99 20.49 -22.09
C LEU A 25 52.55 19.13 -22.47
N PRO A 26 51.96 18.05 -21.93
CA PRO A 26 52.39 16.70 -22.32
C PRO A 26 51.86 16.24 -23.67
N TRP A 27 51.11 17.09 -24.36
CA TRP A 27 50.50 16.74 -25.64
C TRP A 27 50.38 18.01 -26.48
N SER A 28 49.88 17.83 -27.71
CA SER A 28 49.66 18.94 -28.64
C SER A 28 48.36 18.66 -29.38
N ILE A 29 47.25 19.15 -28.83
CA ILE A 29 45.93 18.94 -29.40
C ILE A 29 45.42 20.30 -29.87
N SER A 30 45.31 20.47 -31.19
CA SER A 30 44.94 21.76 -31.74
C SER A 30 43.53 22.16 -31.36
N GLU A 31 42.58 21.22 -31.43
CA GLU A 31 41.19 21.55 -31.13
C GLU A 31 41.00 21.95 -29.67
N ASP A 32 41.81 21.41 -28.77
CA ASP A 32 41.70 21.79 -27.36
C ASP A 32 42.06 23.25 -27.16
N LEU A 33 43.12 23.72 -27.82
CA LEU A 33 43.47 25.14 -27.71
C LEU A 33 42.36 26.03 -28.26
N LYS A 34 41.75 25.61 -29.38
CA LYS A 34 40.60 26.34 -29.90
C LYS A 34 39.45 26.31 -28.90
N PHE A 35 39.31 25.22 -28.13
CA PHE A 35 38.32 25.18 -27.07
C PHE A 35 38.62 26.22 -26.00
N PHE A 36 39.90 26.33 -25.59
CA PHE A 36 40.29 27.37 -24.66
C PHE A 36 40.01 28.76 -25.20
N SER A 37 40.13 28.93 -26.52
CA SER A 37 39.88 30.24 -27.13
C SER A 37 38.42 30.65 -26.96
N LYS A 38 37.51 29.75 -27.33
CA LYS A 38 36.10 30.10 -27.35
C LYS A 38 35.49 30.21 -25.96
N ILE A 39 35.93 29.37 -25.01
CA ILE A 39 35.39 29.46 -23.65
C ILE A 39 35.83 30.77 -23.00
N THR A 40 37.10 31.12 -23.13
CA THR A 40 37.60 32.34 -22.51
C THR A 40 37.14 33.59 -23.24
N ASN A 41 36.72 33.47 -24.50
CA ASN A 41 36.21 34.62 -25.25
C ASN A 41 34.70 34.77 -25.18
N ASN A 42 33.99 33.73 -24.76
CA ASN A 42 32.53 33.77 -24.74
C ASN A 42 32.06 34.79 -23.72
N LYS A 43 31.53 35.92 -24.19
CA LYS A 43 31.05 36.98 -23.34
C LYS A 43 29.74 37.52 -23.90
N CYS A 44 28.98 38.20 -23.04
CA CYS A 44 27.69 38.76 -23.42
C CYS A 44 27.77 40.25 -23.76
N ASP A 45 28.56 41.01 -23.02
CA ASP A 45 28.69 42.45 -23.25
C ASP A 45 29.82 42.72 -24.22
N SER A 46 29.52 43.52 -25.26
CA SER A 46 30.55 43.86 -26.24
C SER A 46 31.65 44.72 -25.63
N ASN A 47 31.28 45.63 -24.74
CA ASN A 47 32.26 46.50 -24.10
C ASN A 47 32.67 45.94 -22.73
N LYS A 48 33.23 44.74 -22.78
CA LYS A 48 33.72 44.03 -21.61
C LYS A 48 34.71 42.99 -22.10
N LYS A 49 35.55 42.52 -21.18
CA LYS A 49 36.56 41.51 -21.48
C LYS A 49 36.66 40.55 -20.32
N ASN A 50 36.98 39.30 -20.62
CA ASN A 50 37.12 38.28 -19.59
C ASN A 50 38.57 38.22 -19.12
N ALA A 51 38.74 38.03 -17.82
CA ALA A 51 40.06 38.00 -17.21
C ALA A 51 40.53 36.55 -17.09
N LEU A 52 41.78 36.31 -17.49
CA LEU A 52 42.38 34.99 -17.41
C LEU A 52 43.49 35.04 -16.36
N ILE A 53 43.32 34.29 -15.28
CA ILE A 53 44.28 34.26 -14.19
C ILE A 53 45.21 33.09 -14.40
N MET A 54 46.52 33.33 -14.24
CA MET A 54 47.50 32.28 -14.42
C MET A 54 48.75 32.62 -13.62
N GLY A 55 49.50 31.58 -13.28
CA GLY A 55 50.74 31.76 -12.54
C GLY A 55 51.88 32.20 -13.44
N ARG A 56 52.98 32.59 -12.79
CA ARG A 56 54.13 33.07 -13.55
C ARG A 56 54.72 31.96 -14.41
N LYS A 57 54.88 30.77 -13.85
CA LYS A 57 55.43 29.65 -14.63
C LYS A 57 54.57 29.37 -15.85
N THR A 58 53.25 29.49 -15.72
CA THR A 58 52.39 29.35 -16.88
C THR A 58 52.52 30.53 -17.82
N TRP A 59 52.61 31.74 -17.27
CA TRP A 59 52.81 32.94 -18.08
C TRP A 59 54.08 32.83 -18.91
N ASP A 60 55.12 32.20 -18.37
CA ASP A 60 56.32 31.96 -19.16
C ASP A 60 56.08 30.91 -20.25
N SER A 61 55.24 29.92 -19.97
CA SER A 61 55.06 28.82 -20.90
C SER A 61 54.35 29.25 -22.18
N ILE A 62 53.55 30.31 -22.12
CA ILE A 62 52.80 30.77 -23.28
C ILE A 62 53.53 31.92 -23.98
N GLY A 63 54.85 32.02 -23.80
CA GLY A 63 55.65 33.01 -24.49
C GLY A 63 55.59 34.41 -23.92
N ARG A 64 54.94 34.60 -22.77
CA ARG A 64 54.84 35.91 -22.12
C ARG A 64 54.26 36.95 -23.07
N ARG A 65 53.25 36.55 -23.85
CA ARG A 65 52.60 37.44 -24.81
C ARG A 65 51.10 37.46 -24.58
N PRO A 66 50.47 38.62 -24.73
CA PRO A 66 49.04 38.74 -24.40
C PRO A 66 48.16 37.96 -25.36
N LEU A 67 46.99 37.57 -24.85
CA LEU A 67 45.96 36.91 -25.63
C LEU A 67 44.94 37.92 -26.11
N LYS A 68 44.56 37.81 -27.39
CA LYS A 68 43.70 38.81 -28.00
C LYS A 68 42.34 38.86 -27.34
N ASN A 69 41.79 40.07 -27.21
CA ASN A 69 40.45 40.32 -26.68
C ASN A 69 40.29 39.87 -25.23
N ARG A 70 41.38 39.62 -24.52
CA ARG A 70 41.33 39.14 -23.15
C ARG A 70 42.37 39.86 -22.32
N ILE A 71 42.10 39.94 -21.01
CA ILE A 71 43.02 40.53 -20.05
C ILE A 71 43.64 39.40 -19.24
N ILE A 72 44.95 39.27 -19.31
CA ILE A 72 45.66 38.21 -18.62
C ILE A 72 46.13 38.71 -17.27
N VAL A 73 45.77 37.99 -16.21
CA VAL A 73 46.14 38.32 -14.84
C VAL A 73 47.20 37.32 -14.41
N VAL A 74 48.41 37.81 -14.17
CA VAL A 74 49.53 36.96 -13.77
C VAL A 74 49.70 37.04 -12.27
N ILE A 75 49.78 35.87 -11.62
CA ILE A 75 50.00 35.77 -10.19
C ILE A 75 51.46 35.41 -10.01
N SER A 76 52.30 36.42 -9.77
CA SER A 76 53.72 36.20 -9.56
C SER A 76 54.18 36.94 -8.32
N SER A 77 55.07 36.31 -7.55
CA SER A 77 55.59 36.94 -6.34
C SER A 77 56.67 37.97 -6.63
N SER A 78 57.29 37.93 -7.82
CA SER A 78 58.40 38.83 -8.12
C SER A 78 58.33 39.36 -9.55
N LEU A 79 57.13 39.58 -10.08
CA LEU A 79 57.13 40.24 -11.38
C LEU A 79 56.88 41.73 -11.21
N PRO A 80 57.47 42.56 -12.06
CA PRO A 80 57.22 44.01 -11.95
C PRO A 80 55.80 44.34 -12.37
N GLN A 81 55.08 45.04 -11.48
CA GLN A 81 53.71 45.47 -11.76
C GLN A 81 53.73 46.70 -12.66
N ASP A 82 54.08 46.48 -13.92
CA ASP A 82 54.19 47.55 -14.90
C ASP A 82 52.81 47.82 -15.50
N GLU A 83 52.44 49.10 -15.58
CA GLU A 83 51.17 49.50 -16.14
C GLU A 83 51.26 49.86 -17.61
N ALA A 84 52.42 49.60 -18.24
CA ALA A 84 52.59 49.92 -19.65
C ALA A 84 51.68 49.07 -20.52
N ASP A 85 51.67 47.76 -20.30
CA ASP A 85 50.81 46.86 -21.06
C ASP A 85 49.43 46.82 -20.41
N PRO A 86 48.38 47.28 -21.08
CA PRO A 86 47.03 47.23 -20.48
C PRO A 86 46.37 45.87 -20.58
N ASN A 87 46.89 44.97 -21.40
CA ASN A 87 46.31 43.63 -21.54
C ASN A 87 46.97 42.60 -20.62
N VAL A 88 47.92 43.01 -19.77
CA VAL A 88 48.58 42.12 -18.83
C VAL A 88 48.78 42.87 -17.53
N VAL A 89 48.26 42.32 -16.43
CA VAL A 89 48.38 42.92 -15.11
C VAL A 89 48.88 41.85 -14.15
N VAL A 90 49.61 42.30 -13.13
CA VAL A 90 50.28 41.40 -12.19
C VAL A 90 49.75 41.66 -10.79
N PHE A 91 49.47 40.58 -10.05
CA PHE A 91 49.08 40.65 -8.65
C PHE A 91 49.99 39.76 -7.83
N ARG A 92 50.01 40.01 -6.51
CA ARG A 92 50.95 39.31 -5.64
C ARG A 92 50.41 37.97 -5.17
N ASN A 93 49.12 37.90 -4.83
CA ASN A 93 48.51 36.66 -4.40
C ASN A 93 47.15 36.51 -5.06
N LEU A 94 46.64 35.28 -5.05
CA LEU A 94 45.39 34.99 -5.74
C LEU A 94 44.21 35.68 -5.07
N GLU A 95 44.20 35.74 -3.74
CA GLU A 95 43.08 36.36 -3.02
C GLU A 95 42.95 37.83 -3.40
N ASP A 96 44.06 38.57 -3.39
CA ASP A 96 44.00 39.98 -3.75
C ASP A 96 43.68 40.17 -5.23
N SER A 97 44.00 39.18 -6.07
CA SER A 97 43.73 39.28 -7.50
C SER A 97 42.26 39.18 -7.82
N ILE A 98 41.45 38.62 -6.92
CA ILE A 98 40.01 38.55 -7.15
C ILE A 98 39.41 39.85 -6.65
N GLU A 99 39.90 40.97 -7.18
CA GLU A 99 39.36 42.29 -6.92
C GLU A 99 38.37 42.72 -7.99
N ASN A 100 38.41 42.09 -9.16
CA ASN A 100 37.54 42.44 -10.27
C ASN A 100 36.09 42.03 -10.07
N LEU A 101 35.77 41.22 -9.04
CA LEU A 101 34.40 40.78 -8.87
C LEU A 101 33.50 41.91 -8.42
N MET A 102 33.90 42.63 -7.38
CA MET A 102 33.08 43.67 -6.78
C MET A 102 33.39 45.06 -7.30
N ASN A 103 34.64 45.34 -7.68
CA ASN A 103 35.04 46.69 -8.06
C ASN A 103 35.14 46.88 -9.57
N ASP A 104 35.84 46.00 -10.28
CA ASP A 104 36.14 46.21 -11.69
C ASP A 104 34.94 45.79 -12.52
N ASP A 105 34.01 46.72 -12.74
CA ASP A 105 32.82 46.42 -13.52
C ASP A 105 33.11 46.27 -15.01
N SER A 106 34.32 46.58 -15.46
CA SER A 106 34.67 46.42 -16.88
C SER A 106 34.97 44.97 -17.25
N ILE A 107 34.99 44.06 -16.29
CA ILE A 107 35.27 42.65 -16.52
C ILE A 107 33.98 41.85 -16.31
N GLU A 108 33.63 41.02 -17.29
CA GLU A 108 32.39 40.23 -17.21
C GLU A 108 32.61 38.94 -16.44
N ASN A 109 33.43 38.04 -16.98
CA ASN A 109 33.69 36.76 -16.36
C ASN A 109 35.16 36.61 -16.03
N ILE A 110 35.45 35.67 -15.12
CA ILE A 110 36.81 35.37 -14.68
C ILE A 110 37.08 33.89 -14.95
N PHE A 111 38.29 33.60 -15.41
CA PHE A 111 38.69 32.23 -15.73
C PHE A 111 40.03 31.92 -15.08
N VAL A 112 40.09 30.81 -14.35
CA VAL A 112 41.32 30.32 -13.76
C VAL A 112 41.88 29.23 -14.66
N CYS A 113 43.17 29.35 -15.01
CA CYS A 113 43.78 28.43 -15.95
C CYS A 113 45.30 28.40 -15.81
N GLY A 114 45.81 28.61 -14.60
CA GLY A 114 47.23 28.83 -14.44
C GLY A 114 48.01 27.78 -13.67
N GLY A 115 47.80 26.51 -13.99
CA GLY A 115 48.65 25.47 -13.45
C GLY A 115 48.24 25.03 -12.06
N GLU A 116 49.04 24.10 -11.52
CA GLU A 116 48.69 23.45 -10.27
C GLU A 116 48.64 24.44 -9.12
N SER A 117 49.65 25.31 -9.00
CA SER A 117 49.71 26.22 -7.87
C SER A 117 48.51 27.16 -7.84
N ILE A 118 47.98 27.53 -9.00
CA ILE A 118 46.80 28.38 -9.04
C ILE A 118 45.52 27.57 -8.95
N TYR A 119 45.48 26.39 -9.57
CA TYR A 119 44.31 25.54 -9.49
C TYR A 119 44.04 25.12 -8.04
N ARG A 120 45.06 24.60 -7.36
CA ARG A 120 44.88 24.11 -6.00
C ARG A 120 44.53 25.24 -5.06
N ASP A 121 45.14 26.41 -5.22
CA ASP A 121 44.85 27.53 -4.35
C ASP A 121 43.47 28.10 -4.62
N ALA A 122 42.98 28.01 -5.87
CA ALA A 122 41.65 28.53 -6.17
C ALA A 122 40.56 27.61 -5.62
N LEU A 123 40.83 26.31 -5.53
CA LEU A 123 39.84 25.38 -4.99
C LEU A 123 39.89 25.31 -3.47
N LYS A 124 41.09 25.43 -2.89
CA LYS A 124 41.21 25.36 -1.43
C LYS A 124 40.55 26.57 -0.76
N ASP A 125 40.46 27.69 -1.46
CA ASP A 125 39.85 28.90 -0.92
C ASP A 125 38.43 29.11 -1.44
N ASN A 126 37.87 28.14 -2.16
CA ASN A 126 36.48 28.17 -2.59
C ASN A 126 36.15 29.40 -3.45
N PHE A 127 37.05 29.70 -4.38
CA PHE A 127 36.83 30.79 -5.32
C PHE A 127 36.14 30.36 -6.61
N VAL A 128 36.08 29.07 -6.87
CA VAL A 128 35.66 28.53 -8.16
C VAL A 128 34.18 28.23 -8.16
N ASP A 129 33.51 28.58 -9.26
CA ASP A 129 32.10 28.26 -9.45
C ASP A 129 31.86 27.15 -10.46
N ARG A 130 32.78 26.93 -11.39
CA ARG A 130 32.56 25.96 -12.46
C ARG A 130 33.91 25.50 -12.99
N ILE A 131 33.94 24.27 -13.50
CA ILE A 131 35.16 23.66 -14.01
C ILE A 131 34.91 23.19 -15.43
N TYR A 132 35.78 23.56 -16.35
CA TYR A 132 35.76 23.10 -17.73
C TYR A 132 36.93 22.14 -17.89
N LEU A 133 36.66 20.85 -17.73
CA LEU A 133 37.69 19.83 -17.76
C LEU A 133 37.75 19.15 -19.11
N THR A 134 38.95 19.07 -19.67
CA THR A 134 39.21 18.37 -20.94
C THR A 134 40.03 17.13 -20.61
N ARG A 135 39.35 16.00 -20.42
CA ARG A 135 40.04 14.77 -20.09
C ARG A 135 40.73 14.22 -21.33
N VAL A 136 42.02 13.88 -21.20
CA VAL A 136 42.81 13.39 -22.31
C VAL A 136 43.25 11.96 -22.01
N ALA A 137 43.17 11.10 -23.03
CA ALA A 137 43.47 9.67 -22.86
C ALA A 137 44.95 9.41 -23.12
N LEU A 138 45.77 9.92 -22.19
CA LEU A 138 47.22 9.71 -22.23
C LEU A 138 47.70 9.46 -20.81
N GLU A 139 48.28 8.29 -20.57
CA GLU A 139 48.70 7.94 -19.23
C GLU A 139 50.02 7.22 -19.13
N ASP A 140 50.57 6.68 -20.22
CA ASP A 140 51.87 6.03 -20.17
C ASP A 140 53.01 6.98 -20.47
N ILE A 141 52.88 8.25 -20.08
CA ILE A 141 53.93 9.25 -20.23
C ILE A 141 54.26 9.85 -18.87
N GLU A 142 55.19 10.81 -18.85
CA GLU A 142 55.64 11.42 -17.61
C GLU A 142 54.95 12.76 -17.38
N PHE A 143 54.66 13.06 -16.12
CA PHE A 143 54.11 14.35 -15.72
C PHE A 143 54.90 14.89 -14.54
N ASP A 144 54.92 16.21 -14.41
CA ASP A 144 55.44 16.86 -13.22
C ASP A 144 54.47 17.86 -12.60
N THR A 145 53.35 18.15 -13.25
CA THR A 145 52.36 19.08 -12.74
C THR A 145 50.99 18.47 -12.94
N TYR A 146 50.22 18.34 -11.87
CA TYR A 146 48.94 17.66 -11.90
C TYR A 146 47.81 18.63 -11.59
N PHE A 147 46.59 18.22 -11.93
CA PHE A 147 45.39 18.97 -11.59
C PHE A 147 44.79 18.39 -10.33
N PRO A 148 44.47 19.21 -9.33
CA PRO A 148 44.00 18.66 -8.04
C PRO A 148 42.73 17.87 -8.20
N GLU A 149 42.48 17.00 -7.22
CA GLU A 149 41.27 16.20 -7.22
C GLU A 149 40.06 17.12 -7.07
N ILE A 150 39.06 16.89 -7.90
CA ILE A 150 37.87 17.75 -7.87
C ILE A 150 37.16 17.59 -6.53
N PRO A 151 36.89 18.67 -5.80
CA PRO A 151 36.29 18.54 -4.49
C PRO A 151 34.89 17.97 -4.55
N GLU A 152 34.41 17.48 -3.39
CA GLU A 152 33.08 16.90 -3.32
C GLU A 152 31.99 17.92 -3.60
N THR A 153 32.28 19.21 -3.46
CA THR A 153 31.28 20.24 -3.70
C THR A 153 30.90 20.35 -5.17
N PHE A 154 31.72 19.84 -6.07
CA PHE A 154 31.46 19.90 -7.50
C PHE A 154 30.79 18.62 -7.99
N LEU A 155 29.91 18.77 -8.97
CA LEU A 155 29.22 17.66 -9.58
C LEU A 155 29.24 17.80 -11.09
N PRO A 156 29.50 16.72 -11.82
CA PRO A 156 29.52 16.80 -13.29
C PRO A 156 28.11 17.05 -13.83
N VAL A 157 28.00 17.98 -14.76
CA VAL A 157 26.73 18.29 -15.40
C VAL A 157 26.76 18.08 -16.90
N TYR A 158 27.92 17.77 -17.49
CA TYR A 158 28.03 17.58 -18.93
C TYR A 158 29.26 16.75 -19.22
N MET A 159 29.14 15.85 -20.19
CA MET A 159 30.25 15.03 -20.65
C MET A 159 30.11 14.83 -22.15
N SER A 160 30.97 15.50 -22.91
CA SER A 160 30.88 15.49 -24.37
C SER A 160 31.22 14.13 -24.93
N GLN A 161 30.96 13.96 -26.23
CA GLN A 161 31.35 12.76 -26.93
C GLN A 161 32.87 12.68 -27.03
N THR A 162 33.37 11.46 -27.22
CA THR A 162 34.81 11.26 -27.36
C THR A 162 35.27 11.74 -28.73
N PHE A 163 36.28 12.61 -28.74
CA PHE A 163 36.86 13.14 -29.96
C PHE A 163 38.22 12.49 -30.22
N CYS A 164 38.88 12.93 -31.28
CA CYS A 164 40.15 12.33 -31.68
C CYS A 164 41.02 13.35 -32.39
N THR A 165 42.29 13.43 -31.98
CA THR A 165 43.28 14.26 -32.65
C THR A 165 44.62 13.55 -32.56
N LYS A 166 45.19 13.17 -33.70
CA LYS A 166 46.42 12.38 -33.75
C LYS A 166 46.28 11.09 -32.95
N ASN A 167 45.15 10.41 -33.13
CA ASN A 167 44.85 9.14 -32.47
C ASN A 167 44.83 9.29 -30.95
N ILE A 168 44.47 10.47 -30.45
CA ILE A 168 44.38 10.74 -29.03
C ILE A 168 42.93 11.08 -28.70
N SER A 169 42.33 10.28 -27.84
CA SER A 169 40.94 10.49 -27.44
C SER A 169 40.84 11.48 -26.30
N TYR A 170 39.82 12.33 -26.35
CA TYR A 170 39.61 13.31 -25.28
C TYR A 170 38.14 13.67 -25.18
N ASP A 171 37.74 14.08 -23.97
CA ASP A 171 36.39 14.48 -23.65
C ASP A 171 36.36 15.95 -23.22
N PHE A 172 35.15 16.48 -23.10
CA PHE A 172 34.92 17.80 -22.55
C PHE A 172 33.83 17.70 -21.50
N MET A 173 34.15 18.08 -20.26
CA MET A 173 33.22 17.97 -19.16
C MET A 173 33.03 19.33 -18.49
N ILE A 174 31.89 19.47 -17.82
CA ILE A 174 31.55 20.66 -17.05
C ILE A 174 31.19 20.23 -15.65
N PHE A 175 31.76 20.87 -14.65
CA PHE A 175 31.48 20.61 -13.24
C PHE A 175 30.91 21.87 -12.61
N GLU A 176 29.80 21.72 -11.89
CA GLU A 176 29.14 22.84 -11.22
C GLU A 176 29.13 22.60 -9.72
N LYS A 177 29.31 23.68 -8.96
CA LYS A 177 29.31 23.60 -7.51
C LYS A 177 27.88 23.60 -6.98
N GLN A 178 27.63 22.75 -5.99
CA GLN A 178 26.30 22.65 -5.41
C GLN A 178 25.99 23.88 -4.56
N GLU A 179 24.75 24.33 -4.60
CA GLU A 179 24.32 25.54 -3.91
C GLU A 179 23.53 25.12 -2.67
N LYS A 180 22.33 25.65 -2.43
CA LYS A 180 21.56 25.37 -1.22
C LYS A 180 20.32 24.55 -1.56
N LYS A 181 19.96 23.65 -0.65
CA LYS A 181 18.78 22.79 -0.79
C LYS A 181 18.80 21.99 -2.09
N LEU A 193 6.63 25.26 -18.02
CA LEU A 193 7.23 23.94 -17.81
C LEU A 193 6.85 23.37 -16.46
N LYS A 194 6.72 24.23 -15.44
CA LYS A 194 6.40 23.76 -14.11
C LYS A 194 5.03 23.10 -14.06
N SER A 195 4.09 23.56 -14.89
CA SER A 195 2.75 23.00 -14.90
C SER A 195 2.64 21.76 -15.78
N ILE A 196 3.50 21.63 -16.79
CA ILE A 196 3.44 20.46 -17.66
C ILE A 196 3.77 19.20 -16.87
N ASP A 197 4.79 19.26 -16.02
CA ASP A 197 5.18 18.08 -15.25
C ASP A 197 4.08 17.63 -14.31
N ASP A 198 3.31 18.57 -13.76
CA ASP A 198 2.22 18.21 -12.87
C ASP A 198 1.10 17.49 -13.63
N THR A 199 0.74 18.00 -14.81
CA THR A 199 -0.35 17.40 -15.57
C THR A 199 -0.01 15.99 -16.03
N VAL A 200 1.26 15.74 -16.38
CA VAL A 200 1.65 14.39 -16.77
C VAL A 200 1.62 13.44 -15.58
N ASP A 201 2.00 13.94 -14.39
CA ASP A 201 1.92 13.12 -13.19
C ASP A 201 0.47 12.76 -12.86
N LEU A 202 -0.43 13.73 -12.95
CA LEU A 202 -1.82 13.47 -12.66
C LEU A 202 -2.42 12.49 -13.65
N LEU A 203 -2.04 12.59 -14.92
CA LEU A 203 -2.48 11.59 -15.89
C LEU A 203 -1.91 10.23 -15.58
N GLY A 204 -0.71 10.19 -14.97
CA GLY A 204 -0.14 8.92 -14.55
C GLY A 204 -0.81 8.31 -13.35
N GLU A 205 -1.50 9.13 -12.54
CA GLU A 205 -2.24 8.60 -11.41
C GLU A 205 -3.61 8.08 -11.83
N ILE A 206 -4.17 8.60 -12.92
CA ILE A 206 -5.49 8.17 -13.37
C ILE A 206 -5.38 6.88 -14.17
N PHE A 207 -4.64 6.92 -15.28
CA PHE A 207 -4.34 5.71 -16.04
C PHE A 207 -3.11 5.07 -15.42
N GLY A 208 -3.24 3.81 -15.02
CA GLY A 208 -2.16 3.17 -14.29
C GLY A 208 -1.00 2.80 -15.19
N ILE A 209 -1.10 1.68 -15.89
CA ILE A 209 -0.19 1.34 -16.97
C ILE A 209 -0.85 1.48 -18.32
N ARG A 210 -2.02 2.11 -18.37
CA ARG A 210 -2.65 2.42 -19.64
C ARG A 210 -1.92 3.54 -20.36
N LYS A 211 -1.45 4.54 -19.60
CA LYS A 211 -0.62 5.59 -20.17
C LYS A 211 0.77 5.03 -20.45
N MET A 212 1.22 5.15 -21.69
CA MET A 212 2.48 4.55 -22.09
C MET A 212 3.67 5.11 -21.32
N GLY A 213 3.54 6.33 -20.79
CA GLY A 213 4.63 6.90 -20.02
C GLY A 213 4.96 6.09 -18.78
N ASN A 214 3.94 5.52 -18.14
CA ASN A 214 4.18 4.72 -16.95
C ASN A 214 4.81 3.38 -17.30
N ARG A 215 4.60 2.88 -18.51
CA ARG A 215 5.26 1.66 -18.94
C ARG A 215 6.73 1.87 -19.22
N HIS A 216 7.15 3.12 -19.42
CA HIS A 216 8.56 3.48 -19.65
C HIS A 216 8.97 4.54 -18.63
N LYS A 217 9.00 4.17 -17.36
CA LYS A 217 9.35 5.12 -16.31
C LYS A 217 10.81 5.52 -16.42
N PHE A 218 11.08 6.77 -16.07
CA PHE A 218 12.45 7.26 -16.07
C PHE A 218 13.24 6.59 -14.94
N PRO A 219 14.48 6.19 -15.19
CA PRO A 219 15.24 5.48 -14.16
C PRO A 219 15.45 6.34 -12.93
N LYS A 220 15.35 5.71 -11.76
CA LYS A 220 15.54 6.41 -10.51
C LYS A 220 17.01 6.81 -10.34
N GLU A 221 17.24 7.76 -9.44
CA GLU A 221 18.58 8.29 -9.23
C GLU A 221 19.53 7.21 -8.74
N GLU A 222 19.04 6.24 -7.98
CA GLU A 222 19.91 5.22 -7.42
C GLU A 222 20.38 4.20 -8.44
N ILE A 223 19.82 4.21 -9.65
CA ILE A 223 20.26 3.32 -10.72
C ILE A 223 20.66 4.09 -11.98
N TYR A 224 20.76 5.40 -11.89
CA TYR A 224 21.16 6.25 -13.01
C TYR A 224 22.67 6.51 -12.88
N ASN A 225 23.41 6.19 -13.94
CA ASN A 225 24.86 6.35 -13.93
C ASN A 225 25.21 7.84 -13.99
N THR A 226 25.90 8.33 -12.96
CA THR A 226 26.25 9.74 -12.82
C THR A 226 24.99 10.60 -12.95
N PRO A 227 24.05 10.49 -12.01
CA PRO A 227 22.76 11.17 -12.17
C PRO A 227 22.86 12.68 -12.12
N SER A 228 24.02 13.24 -11.76
CA SER A 228 24.18 14.69 -11.77
C SER A 228 24.21 15.23 -13.19
N ILE A 229 24.63 14.42 -14.16
CA ILE A 229 24.65 14.84 -15.56
C ILE A 229 23.26 14.62 -16.14
N ARG A 230 22.45 15.67 -16.12
CA ARG A 230 21.05 15.55 -16.56
C ARG A 230 20.90 15.83 -18.04
N PHE A 231 21.25 17.04 -18.47
CA PHE A 231 21.04 17.47 -19.85
C PHE A 231 22.27 17.32 -20.73
N GLY A 232 23.40 16.90 -20.15
CA GLY A 232 24.63 16.82 -20.91
C GLY A 232 25.16 15.41 -21.07
N ARG A 233 24.27 14.47 -21.38
CA ARG A 233 24.67 13.08 -21.56
C ARG A 233 25.04 12.80 -23.02
N GLU A 234 26.02 13.58 -23.50
CA GLU A 234 26.43 13.45 -24.89
C GLU A 234 27.30 12.23 -25.12
N HIS A 235 28.13 11.86 -24.14
CA HIS A 235 29.00 10.70 -24.28
C HIS A 235 28.16 9.47 -24.59
N TYR A 236 28.54 8.76 -25.65
CA TYR A 236 27.69 7.70 -26.18
C TYR A 236 27.87 6.37 -25.45
N GLU A 237 28.67 6.31 -24.38
CA GLU A 237 28.59 5.16 -23.50
C GLU A 237 27.33 5.21 -22.64
N PHE A 238 26.77 6.41 -22.46
CA PHE A 238 25.48 6.53 -21.78
C PHE A 238 24.36 5.85 -22.56
N GLN A 239 24.54 5.68 -23.88
CA GLN A 239 23.54 4.97 -24.66
C GLN A 239 23.42 3.51 -24.23
N TYR A 240 24.46 2.95 -23.62
CA TYR A 240 24.43 1.62 -23.04
C TYR A 240 24.15 1.63 -21.55
N LEU A 241 24.74 2.59 -20.82
CA LEU A 241 24.53 2.63 -19.37
C LEU A 241 23.11 3.04 -19.01
N ASP A 242 22.51 3.94 -19.79
CA ASP A 242 21.13 4.32 -19.52
C ASP A 242 20.14 3.24 -19.94
N LEU A 243 20.53 2.37 -20.88
CA LEU A 243 19.69 1.21 -21.18
C LEU A 243 19.67 0.24 -20.02
N LEU A 244 20.83 0.04 -19.37
CA LEU A 244 20.87 -0.76 -18.15
C LEU A 244 19.95 -0.17 -17.09
N SER A 245 20.01 1.15 -16.90
CA SER A 245 19.13 1.80 -15.93
C SER A 245 17.66 1.65 -16.32
N ARG A 246 17.37 1.78 -17.61
CA ARG A 246 15.99 1.66 -18.07
C ARG A 246 15.46 0.25 -17.88
N VAL A 247 16.32 -0.76 -18.02
CA VAL A 247 15.90 -2.13 -17.76
C VAL A 247 15.66 -2.34 -16.28
N LEU A 248 16.54 -1.80 -15.44
CA LEU A 248 16.38 -1.96 -13.99
C LEU A 248 15.08 -1.32 -13.50
N GLU A 249 14.61 -0.27 -14.18
CA GLU A 249 13.42 0.42 -13.73
C GLU A 249 12.14 -0.25 -14.24
N ASN A 250 12.12 -0.67 -15.50
CA ASN A 250 10.90 -1.15 -16.13
C ASN A 250 10.94 -2.63 -16.49
N GLY A 251 12.02 -3.34 -16.16
CA GLY A 251 12.15 -4.73 -16.57
C GLY A 251 11.17 -5.61 -15.83
N ALA A 252 10.44 -6.44 -16.57
CA ALA A 252 9.50 -7.39 -15.97
C ALA A 252 10.23 -8.71 -15.75
N TYR A 253 10.10 -9.27 -14.55
CA TYR A 253 10.75 -10.53 -14.22
C TYR A 253 10.11 -11.63 -15.06
N ARG A 254 10.89 -12.19 -15.99
CA ARG A 254 10.39 -13.20 -16.91
C ARG A 254 11.33 -14.40 -16.95
N GLU A 255 10.77 -15.55 -17.27
CA GLU A 255 11.53 -16.78 -17.43
C GLU A 255 12.03 -16.87 -18.87
N ASN A 256 12.81 -17.91 -19.15
CA ASN A 256 13.36 -18.13 -20.49
C ASN A 256 13.78 -19.59 -20.60
N ARG A 257 14.51 -19.92 -21.65
CA ARG A 257 14.93 -21.30 -21.89
C ARG A 257 15.94 -21.78 -20.85
N THR A 258 16.68 -20.88 -20.23
CA THR A 258 17.62 -21.27 -19.18
C THR A 258 16.96 -21.13 -17.82
N GLY A 259 17.68 -21.61 -16.80
CA GLY A 259 17.17 -21.49 -15.44
C GLY A 259 17.30 -20.10 -14.85
N ILE A 260 18.06 -19.22 -15.48
CA ILE A 260 18.32 -17.89 -14.97
C ILE A 260 17.28 -16.95 -15.57
N SER A 261 16.36 -16.47 -14.73
CA SER A 261 15.35 -15.53 -15.19
C SER A 261 15.98 -14.16 -15.41
N THR A 262 15.31 -13.34 -16.21
CA THR A 262 15.80 -12.02 -16.58
C THR A 262 14.75 -10.97 -16.27
N TYR A 263 15.17 -9.71 -16.35
CA TYR A 263 14.29 -8.55 -16.33
C TYR A 263 14.34 -7.96 -17.74
N SER A 264 13.22 -8.00 -18.44
CA SER A 264 13.19 -7.74 -19.88
C SER A 264 12.28 -6.58 -20.22
N ILE A 265 12.73 -5.76 -21.18
CA ILE A 265 11.91 -4.74 -21.83
C ILE A 265 12.10 -4.88 -23.33
N PHE A 266 11.14 -4.33 -24.08
CA PHE A 266 11.08 -4.51 -25.52
C PHE A 266 11.34 -3.20 -26.27
N GLY A 267 11.96 -3.33 -27.44
CA GLY A 267 12.10 -2.21 -28.35
C GLY A 267 12.98 -1.09 -27.88
N GLN A 268 14.25 -1.38 -27.62
CA GLN A 268 15.23 -0.37 -27.25
C GLN A 268 16.28 -0.20 -28.33
N MET A 269 16.98 0.94 -28.29
CA MET A 269 17.99 1.26 -29.28
C MET A 269 19.17 1.96 -28.64
N MET A 270 20.32 1.82 -29.29
CA MET A 270 21.56 2.49 -28.89
C MET A 270 22.20 3.10 -30.13
N ARG A 271 22.95 4.18 -29.92
CA ARG A 271 23.56 4.90 -31.02
C ARG A 271 24.99 5.28 -30.65
N PHE A 272 25.94 4.93 -31.49
CA PHE A 272 27.35 5.16 -31.21
C PHE A 272 28.02 5.86 -32.38
N ASP A 273 29.06 6.62 -32.06
CA ASP A 273 29.92 7.27 -33.04
C ASP A 273 31.17 6.44 -33.27
N MET A 274 31.58 6.32 -34.53
CA MET A 274 32.82 5.64 -34.88
C MET A 274 33.80 6.53 -35.64
N ARG A 275 33.39 7.75 -36.00
CA ARG A 275 34.30 8.65 -36.70
C ARG A 275 35.45 9.09 -35.81
N GLU A 276 35.14 9.60 -34.62
CA GLU A 276 36.14 10.16 -33.73
C GLU A 276 36.45 9.27 -32.53
N SER A 277 35.88 8.06 -32.47
CA SER A 277 36.09 7.19 -31.33
C SER A 277 35.76 5.76 -31.73
N PHE A 278 35.87 4.85 -30.77
CA PHE A 278 35.53 3.44 -30.96
C PHE A 278 34.64 3.02 -29.79
N PRO A 279 33.42 2.56 -30.04
CA PRO A 279 32.49 2.31 -28.95
C PRO A 279 32.84 1.09 -28.11
N LEU A 280 34.02 1.09 -27.50
CA LEU A 280 34.40 0.07 -26.53
C LEU A 280 34.16 0.64 -25.14
N LEU A 281 33.34 -0.04 -24.35
CA LEU A 281 32.94 0.48 -23.05
C LEU A 281 34.14 0.69 -22.15
N THR A 282 34.10 1.77 -21.37
CA THR A 282 35.17 2.09 -20.42
C THR A 282 34.81 1.75 -18.99
N THR A 283 33.53 1.57 -18.67
CA THR A 283 33.13 1.21 -17.31
C THR A 283 33.46 -0.22 -16.94
N LYS A 284 34.06 -0.98 -17.86
CA LYS A 284 34.44 -2.36 -17.63
C LYS A 284 35.42 -2.81 -18.69
N LYS A 285 36.53 -3.44 -18.30
CA LYS A 285 37.51 -3.92 -19.27
C LYS A 285 36.89 -5.02 -20.12
N VAL A 286 36.59 -4.70 -21.37
CA VAL A 286 35.96 -5.64 -22.29
C VAL A 286 37.04 -6.46 -22.98
N ALA A 287 36.85 -7.78 -23.00
CA ALA A 287 37.80 -8.66 -23.68
C ALA A 287 37.79 -8.40 -25.17
N ILE A 288 38.61 -7.44 -25.62
CA ILE A 288 38.56 -7.00 -27.01
C ILE A 288 39.07 -8.09 -27.95
N ARG A 289 40.05 -8.90 -27.51
CA ARG A 289 40.59 -9.92 -28.40
C ARG A 289 39.54 -10.98 -28.73
N SER A 290 38.80 -11.44 -27.71
CA SER A 290 37.76 -12.44 -27.97
C SER A 290 36.68 -11.90 -28.88
N ILE A 291 36.40 -10.59 -28.81
CA ILE A 291 35.42 -9.99 -29.71
C ILE A 291 35.89 -10.11 -31.15
N PHE A 292 37.15 -9.77 -31.41
CA PHE A 292 37.68 -9.84 -32.77
C PHE A 292 37.70 -11.27 -33.28
N GLU A 293 38.26 -12.19 -32.48
CA GLU A 293 38.41 -13.57 -32.94
C GLU A 293 37.05 -14.19 -33.25
N GLU A 294 36.00 -13.75 -32.57
CA GLU A 294 34.66 -14.18 -32.94
C GLU A 294 34.22 -13.56 -34.26
N LEU A 295 34.60 -12.29 -34.50
CA LEU A 295 34.18 -11.61 -35.71
C LEU A 295 34.88 -12.17 -36.94
N ILE A 296 36.20 -12.32 -36.87
CA ILE A 296 36.93 -12.90 -38.00
C ILE A 296 36.51 -14.35 -38.19
N TRP A 297 36.07 -15.02 -37.11
CA TRP A 297 35.50 -16.35 -37.22
C TRP A 297 34.26 -16.35 -38.11
N PHE A 298 33.39 -15.36 -37.92
CA PHE A 298 32.21 -15.24 -38.76
C PHE A 298 32.58 -14.94 -40.21
N ILE A 299 33.51 -14.00 -40.41
CA ILE A 299 33.84 -13.57 -41.76
C ILE A 299 34.39 -14.73 -42.59
N LYS A 300 35.24 -15.55 -41.98
CA LYS A 300 35.87 -16.66 -42.69
C LYS A 300 34.89 -17.73 -43.13
N GLY A 301 33.65 -17.69 -42.66
CA GLY A 301 32.71 -18.73 -42.99
C GLY A 301 32.77 -19.94 -42.08
N ASP A 302 33.35 -19.79 -40.90
CA ASP A 302 33.63 -20.93 -40.04
C ASP A 302 32.48 -21.18 -39.05
N THR A 303 32.20 -22.45 -38.80
CA THR A 303 31.26 -22.85 -37.78
C THR A 303 31.87 -23.83 -36.78
N ASN A 304 33.18 -24.07 -36.85
CA ASN A 304 33.85 -24.99 -35.95
C ASN A 304 34.13 -24.28 -34.62
N GLY A 305 33.50 -24.77 -33.56
CA GLY A 305 33.69 -24.16 -32.25
C GLY A 305 35.05 -24.38 -31.65
N ASN A 306 35.80 -25.38 -32.13
CA ASN A 306 37.13 -25.62 -31.59
C ASN A 306 38.11 -24.55 -32.04
N HIS A 307 37.89 -23.97 -33.22
CA HIS A 307 38.82 -22.98 -33.74
C HIS A 307 38.90 -21.75 -32.85
N LEU A 308 37.84 -21.46 -32.09
CA LEU A 308 37.91 -20.39 -31.10
C LEU A 308 38.53 -20.88 -29.80
N ILE A 309 38.22 -22.11 -29.41
CA ILE A 309 38.84 -22.68 -28.21
C ILE A 309 40.33 -22.90 -28.43
N GLU A 310 40.73 -23.24 -29.65
CA GLU A 310 42.15 -23.37 -29.95
C GLU A 310 42.88 -22.04 -29.82
N LYS A 311 42.16 -20.93 -30.03
CA LYS A 311 42.72 -19.60 -29.85
C LYS A 311 42.38 -19.01 -28.48
N LYS A 312 42.05 -19.87 -27.51
CA LYS A 312 41.75 -19.47 -26.14
C LYS A 312 40.60 -18.45 -26.10
N VAL A 313 39.55 -18.73 -26.86
CA VAL A 313 38.33 -17.94 -26.86
C VAL A 313 37.19 -18.93 -26.62
N TYR A 314 36.63 -18.93 -25.41
CA TYR A 314 35.66 -19.93 -24.99
C TYR A 314 34.25 -19.35 -24.87
N ILE A 315 33.92 -18.35 -25.68
CA ILE A 315 32.60 -17.73 -25.56
C ILE A 315 31.51 -18.70 -26.01
N TRP A 316 31.78 -19.48 -27.06
CA TRP A 316 30.82 -20.43 -27.59
C TRP A 316 31.06 -21.85 -27.06
N SER A 317 31.81 -21.99 -25.96
CA SER A 317 31.99 -23.29 -25.36
C SER A 317 30.77 -23.75 -24.59
N GLY A 318 30.03 -22.81 -23.99
CA GLY A 318 28.84 -23.18 -23.23
C GLY A 318 27.75 -23.75 -24.11
N ASN A 319 27.40 -23.04 -25.18
CA ASN A 319 26.41 -23.51 -26.14
C ASN A 319 26.98 -24.55 -27.09
N GLY A 320 28.15 -25.10 -26.79
CA GLY A 320 28.79 -26.06 -27.65
C GLY A 320 29.33 -27.26 -26.90
N SER A 321 28.75 -27.58 -25.75
CA SER A 321 29.09 -28.78 -25.01
C SER A 321 28.21 -29.93 -25.48
N LYS A 322 28.79 -31.14 -25.49
CA LYS A 322 28.04 -32.31 -25.92
C LYS A 322 26.77 -32.51 -25.10
N GLU A 323 26.82 -32.14 -23.81
CA GLU A 323 25.62 -32.24 -22.97
C GLU A 323 24.55 -31.26 -23.39
N TYR A 324 24.93 -30.09 -23.89
CA TYR A 324 23.94 -29.09 -24.30
C TYR A 324 23.33 -29.44 -25.66
N LEU A 325 24.15 -29.90 -26.60
CA LEU A 325 23.65 -30.21 -27.94
C LEU A 325 22.66 -31.37 -27.91
N GLU A 326 22.98 -32.44 -27.16
CA GLU A 326 22.05 -33.54 -27.05
C GLU A 326 20.80 -33.13 -26.28
N ARG A 327 20.91 -32.10 -25.44
CA ARG A 327 19.74 -31.62 -24.70
C ARG A 327 18.78 -30.87 -25.60
N ILE A 328 19.28 -30.20 -26.63
CA ILE A 328 18.43 -29.46 -27.57
C ILE A 328 18.17 -30.26 -28.84
N GLY A 329 18.48 -31.56 -28.85
CA GLY A 329 18.17 -32.41 -29.98
C GLY A 329 19.25 -32.50 -31.04
N LEU A 330 20.51 -32.27 -30.67
CA LEU A 330 21.60 -32.36 -31.64
C LEU A 330 22.64 -33.37 -31.19
N GLY A 331 22.20 -34.55 -30.74
CA GLY A 331 23.14 -35.58 -30.31
C GLY A 331 24.01 -36.10 -31.43
N HIS A 332 23.49 -36.14 -32.66
CA HIS A 332 24.27 -36.59 -33.80
C HIS A 332 25.44 -35.67 -34.11
N ARG A 333 25.42 -34.44 -33.61
CA ARG A 333 26.42 -33.44 -33.89
C ARG A 333 27.70 -33.68 -33.09
N GLU A 334 28.82 -33.18 -33.61
CA GLU A 334 30.10 -33.31 -32.93
C GLU A 334 30.15 -32.38 -31.73
N GLU A 335 31.28 -32.41 -31.02
CA GLU A 335 31.41 -31.67 -29.75
C GLU A 335 31.03 -30.20 -29.90
N ASN A 336 31.74 -29.48 -30.77
CA ASN A 336 31.55 -28.04 -30.89
C ASN A 336 31.07 -27.65 -32.29
N ASP A 337 30.36 -28.54 -32.96
CA ASP A 337 29.79 -28.24 -34.28
C ASP A 337 28.53 -27.42 -34.05
N LEU A 338 28.69 -26.10 -34.03
CA LEU A 338 27.57 -25.22 -33.70
C LEU A 338 26.50 -25.24 -34.79
N GLY A 339 26.86 -25.56 -36.03
CA GLY A 339 25.91 -25.65 -37.10
C GLY A 339 25.83 -24.38 -37.91
N PRO A 340 24.88 -24.32 -38.85
CA PRO A 340 24.76 -23.11 -39.68
C PRO A 340 24.32 -21.91 -38.87
N ILE A 341 25.29 -21.08 -38.47
CA ILE A 341 25.01 -19.95 -37.62
C ILE A 341 25.64 -18.74 -38.28
N TYR A 342 25.88 -17.67 -37.51
CA TYR A 342 26.67 -16.56 -38.01
C TYR A 342 27.89 -17.08 -38.74
N GLY A 343 28.16 -16.52 -39.90
CA GLY A 343 29.28 -16.99 -40.67
C GLY A 343 29.01 -18.21 -41.54
N PHE A 344 27.83 -18.80 -41.44
CA PHE A 344 27.41 -19.74 -42.47
C PHE A 344 26.27 -19.21 -43.30
N GLN A 345 25.37 -18.42 -42.69
CA GLN A 345 24.41 -17.64 -43.46
C GLN A 345 25.05 -16.40 -44.07
N TRP A 346 26.18 -15.96 -43.54
CA TRP A 346 26.90 -14.85 -44.15
C TRP A 346 27.53 -15.27 -45.47
N ARG A 347 28.22 -16.41 -45.48
CA ARG A 347 29.02 -16.82 -46.64
C ARG A 347 28.36 -17.91 -47.47
N HIS A 348 27.49 -18.74 -46.89
CA HIS A 348 26.86 -19.84 -47.61
C HIS A 348 25.38 -19.91 -47.23
N TYR A 349 24.63 -18.87 -47.59
CA TYR A 349 23.22 -18.81 -47.22
C TYR A 349 22.41 -19.84 -47.99
N ASN A 350 21.51 -20.52 -47.29
CA ASN A 350 20.64 -21.57 -47.85
C ASN A 350 21.45 -22.74 -48.37
N GLY A 351 22.64 -22.96 -47.81
CA GLY A 351 23.48 -24.07 -48.21
C GLY A 351 23.20 -25.29 -47.35
N GLU A 352 23.07 -26.45 -48.01
CA GLU A 352 22.83 -27.70 -47.32
C GLU A 352 23.95 -27.99 -46.33
N TYR A 353 23.69 -27.80 -45.04
CA TYR A 353 24.70 -27.98 -44.02
C TYR A 353 24.83 -29.45 -43.66
N LYS A 354 26.03 -30.02 -43.86
CA LYS A 354 26.31 -31.37 -43.43
C LYS A 354 26.93 -31.36 -42.04
N THR A 355 28.25 -31.14 -41.99
CA THR A 355 28.98 -30.99 -40.74
C THR A 355 29.90 -29.78 -40.84
N MET A 356 30.68 -29.55 -39.80
CA MET A 356 31.60 -28.42 -39.76
C MET A 356 32.94 -28.72 -40.43
N HIS A 357 33.16 -29.95 -40.88
CA HIS A 357 34.41 -30.31 -41.53
C HIS A 357 34.32 -30.31 -43.06
N ASP A 358 33.12 -30.31 -43.62
CA ASP A 358 32.97 -30.38 -45.07
C ASP A 358 33.39 -29.07 -45.72
N ASP A 359 33.63 -29.14 -47.03
CA ASP A 359 34.06 -27.98 -47.81
C ASP A 359 32.84 -27.33 -48.43
N TYR A 360 32.56 -26.09 -48.02
CA TYR A 360 31.38 -25.37 -48.47
C TYR A 360 31.71 -24.27 -49.48
N THR A 361 32.88 -24.35 -50.12
CA THR A 361 33.25 -23.35 -51.10
C THR A 361 32.36 -23.48 -52.33
N GLY A 362 31.63 -22.41 -52.64
CA GLY A 362 30.76 -22.37 -53.80
C GLY A 362 29.29 -22.59 -53.49
N VAL A 363 28.99 -23.30 -52.41
CA VAL A 363 27.59 -23.57 -52.07
C VAL A 363 27.01 -22.39 -51.31
N GLY A 364 25.71 -22.17 -51.51
CA GLY A 364 25.03 -21.09 -50.82
C GLY A 364 25.18 -19.76 -51.54
N VAL A 365 24.64 -18.73 -50.90
CA VAL A 365 24.68 -17.36 -51.40
C VAL A 365 25.66 -16.59 -50.53
N ASP A 366 26.76 -16.14 -51.12
CA ASP A 366 27.78 -15.39 -50.38
C ASP A 366 27.27 -13.96 -50.21
N GLN A 367 26.55 -13.74 -49.11
CA GLN A 367 26.00 -12.41 -48.83
C GLN A 367 27.11 -11.39 -48.60
N LEU A 368 28.15 -11.77 -47.85
CA LEU A 368 29.22 -10.83 -47.54
C LEU A 368 29.92 -10.34 -48.80
N ALA A 369 30.20 -11.26 -49.73
CA ALA A 369 30.82 -10.87 -51.00
C ALA A 369 29.92 -9.91 -51.77
N LYS A 370 28.63 -10.25 -51.90
CA LYS A 370 27.70 -9.35 -52.57
C LYS A 370 27.58 -8.04 -51.84
N LEU A 371 27.64 -8.07 -50.50
CA LEU A 371 27.58 -6.83 -49.73
C LEU A 371 28.78 -5.94 -50.02
N ILE A 372 29.98 -6.52 -50.05
CA ILE A 372 31.17 -5.73 -50.33
C ILE A 372 31.11 -5.17 -51.75
N GLU A 373 30.79 -6.03 -52.71
CA GLU A 373 30.72 -5.59 -54.10
C GLU A 373 29.63 -4.55 -54.32
N THR A 374 28.52 -4.67 -53.59
CA THR A 374 27.45 -3.67 -53.72
C THR A 374 27.84 -2.36 -53.05
N LEU A 375 28.65 -2.42 -51.99
CA LEU A 375 29.01 -1.21 -51.26
C LEU A 375 29.90 -0.30 -52.10
N LYS A 376 30.70 -0.87 -53.00
CA LYS A 376 31.60 -0.08 -53.83
C LYS A 376 31.02 0.25 -55.19
N ASN A 377 30.19 -0.62 -55.78
CA ASN A 377 29.65 -0.36 -57.10
C ASN A 377 28.39 0.50 -57.08
N ASN A 378 27.54 0.32 -56.06
CA ASN A 378 26.32 1.10 -55.90
C ASN A 378 26.25 1.54 -54.45
N PRO A 379 26.97 2.61 -54.08
CA PRO A 379 27.01 3.00 -52.67
C PRO A 379 25.69 3.54 -52.15
N LYS A 380 24.95 4.26 -52.98
CA LYS A 380 23.68 4.85 -52.56
C LYS A 380 22.53 3.86 -52.68
N ASP A 381 22.82 2.59 -52.92
CA ASP A 381 21.81 1.54 -52.91
C ASP A 381 21.23 1.38 -51.51
N ARG A 382 19.95 1.04 -51.45
CA ARG A 382 19.25 0.90 -50.17
C ARG A 382 19.12 -0.55 -49.74
N ARG A 383 19.86 -1.47 -50.35
CA ARG A 383 19.70 -2.89 -50.10
C ARG A 383 21.00 -3.53 -49.60
N HIS A 384 21.79 -2.77 -48.85
CA HIS A 384 23.05 -3.26 -48.29
C HIS A 384 22.77 -4.05 -47.02
N ILE A 385 22.10 -5.18 -47.19
CA ILE A 385 21.59 -5.97 -46.08
C ILE A 385 22.36 -7.28 -45.98
N LEU A 386 22.68 -7.68 -44.75
CA LEU A 386 23.35 -8.95 -44.48
C LEU A 386 22.56 -9.61 -43.35
N THR A 387 21.76 -10.62 -43.69
CA THR A 387 20.88 -11.27 -42.73
C THR A 387 21.42 -12.62 -42.30
N ALA A 388 20.98 -13.05 -41.12
CA ALA A 388 21.35 -14.34 -40.56
C ALA A 388 20.16 -15.15 -40.08
N TRP A 389 18.94 -14.65 -40.25
CA TRP A 389 17.74 -15.35 -39.80
C TRP A 389 17.20 -16.14 -40.99
N ASN A 390 17.46 -17.44 -41.01
CA ASN A 390 16.99 -18.33 -42.07
C ASN A 390 16.12 -19.42 -41.48
N PRO A 391 14.79 -19.32 -41.62
CA PRO A 391 13.90 -20.31 -40.99
C PRO A 391 14.13 -21.74 -41.44
N SER A 392 14.75 -21.96 -42.60
CA SER A 392 14.95 -23.33 -43.08
C SER A 392 16.03 -24.05 -42.29
N ALA A 393 16.98 -23.32 -41.72
CA ALA A 393 18.10 -23.92 -41.01
C ALA A 393 18.09 -23.64 -39.51
N LEU A 394 17.03 -23.01 -39.00
CA LEU A 394 16.98 -22.70 -37.58
C LEU A 394 17.03 -23.96 -36.73
N SER A 395 16.37 -25.02 -37.18
CA SER A 395 16.34 -26.26 -36.40
C SER A 395 17.73 -26.88 -36.30
N GLN A 396 18.58 -26.67 -37.30
CA GLN A 396 19.93 -27.20 -37.27
C GLN A 396 20.86 -26.39 -36.38
N MET A 397 20.52 -25.13 -36.10
CA MET A 397 21.41 -24.26 -35.35
C MET A 397 21.45 -24.64 -33.88
N ALA A 398 22.64 -24.55 -33.28
CA ALA A 398 22.76 -24.74 -31.84
C ALA A 398 22.20 -23.56 -31.06
N LEU A 399 22.04 -22.41 -31.71
CA LEU A 399 21.47 -21.24 -31.07
C LEU A 399 21.07 -20.23 -32.16
N PRO A 400 19.79 -19.92 -32.28
CA PRO A 400 19.37 -18.99 -33.33
C PRO A 400 20.08 -17.66 -33.18
N PRO A 401 20.23 -16.91 -34.28
CA PRO A 401 21.02 -15.69 -34.24
C PRO A 401 20.37 -14.62 -33.36
N CYS A 402 21.20 -13.98 -32.53
CA CYS A 402 20.72 -12.85 -31.73
C CYS A 402 20.73 -11.57 -32.56
N HIS A 403 21.89 -11.25 -33.14
CA HIS A 403 21.99 -10.15 -34.10
C HIS A 403 21.61 -10.71 -35.46
N VAL A 404 20.32 -10.56 -35.80
CA VAL A 404 19.76 -11.27 -36.94
C VAL A 404 20.13 -10.59 -38.25
N LEU A 405 19.79 -9.32 -38.39
CA LEU A 405 19.88 -8.61 -39.66
C LEU A 405 20.60 -7.29 -39.45
N SER A 406 21.46 -6.92 -40.41
CA SER A 406 22.19 -5.67 -40.37
C SER A 406 22.14 -5.02 -41.75
N GLN A 407 22.09 -3.69 -41.75
CA GLN A 407 22.03 -2.91 -42.97
C GLN A 407 23.09 -1.82 -42.92
N TYR A 408 23.69 -1.53 -44.06
CA TYR A 408 24.81 -0.60 -44.14
C TYR A 408 24.49 0.53 -45.09
N TYR A 409 25.16 1.66 -44.89
CA TYR A 409 24.78 2.92 -45.50
C TYR A 409 26.03 3.74 -45.78
N VAL A 410 26.15 4.24 -47.00
CA VAL A 410 27.26 5.08 -47.43
C VAL A 410 26.78 6.52 -47.51
N THR A 411 27.34 7.38 -46.67
CA THR A 411 26.94 8.77 -46.65
C THR A 411 27.55 9.51 -47.83
N ASN A 412 27.17 10.78 -47.98
CA ASN A 412 27.70 11.58 -49.06
C ASN A 412 29.15 11.96 -48.85
N ASP A 413 29.64 11.94 -47.61
CA ASP A 413 31.04 12.21 -47.32
C ASP A 413 31.85 10.92 -47.19
N ASN A 414 31.43 9.86 -47.90
CA ASN A 414 32.18 8.61 -47.98
C ASN A 414 32.45 8.01 -46.60
N CYS A 415 31.39 7.93 -45.78
CA CYS A 415 31.44 7.24 -44.51
C CYS A 415 30.44 6.08 -44.52
N LEU A 416 30.81 5.00 -43.83
CA LEU A 416 30.00 3.78 -43.79
C LEU A 416 29.36 3.67 -42.42
N SER A 417 28.05 3.86 -42.36
CA SER A 417 27.27 3.66 -41.15
C SER A 417 26.62 2.28 -41.16
N CYS A 418 26.26 1.81 -39.97
CA CYS A 418 25.72 0.47 -39.80
C CYS A 418 24.52 0.49 -38.89
N ASN A 419 23.49 -0.27 -39.26
CA ASN A 419 22.33 -0.51 -38.41
C ASN A 419 22.23 -2.00 -38.15
N LEU A 420 21.82 -2.36 -36.93
CA LEU A 420 21.71 -3.75 -36.54
C LEU A 420 20.45 -3.96 -35.72
N TYR A 421 19.67 -4.98 -36.06
CA TYR A 421 18.55 -5.40 -35.23
C TYR A 421 18.95 -6.64 -34.45
N GLN A 422 18.69 -6.62 -33.14
CA GLN A 422 19.05 -7.70 -32.24
C GLN A 422 17.79 -8.18 -31.55
N ARG A 423 17.42 -9.45 -31.78
CA ARG A 423 16.19 -9.97 -31.19
C ARG A 423 16.31 -10.14 -29.68
N SER A 424 17.47 -10.59 -29.21
CA SER A 424 17.71 -10.82 -27.80
C SER A 424 19.09 -10.28 -27.45
N CYS A 425 19.18 -9.54 -26.35
CA CYS A 425 20.38 -8.81 -25.99
C CYS A 425 20.71 -9.07 -24.53
N ASP A 426 21.78 -9.84 -24.30
CA ASP A 426 22.30 -10.05 -22.94
C ASP A 426 23.10 -8.81 -22.58
N LEU A 427 22.42 -7.85 -21.94
CA LEU A 427 23.06 -6.58 -21.60
C LEU A 427 24.26 -6.77 -20.69
N GLY A 428 24.36 -7.90 -20.01
CA GLY A 428 25.51 -8.15 -19.16
C GLY A 428 26.75 -8.53 -19.96
N LEU A 429 26.59 -9.41 -20.95
CA LEU A 429 27.71 -9.94 -21.70
C LEU A 429 27.60 -9.70 -23.20
N GLY A 430 26.46 -10.05 -23.81
CA GLY A 430 26.36 -9.98 -25.25
C GLY A 430 26.42 -8.56 -25.79
N SER A 431 25.75 -7.62 -25.10
CA SER A 431 25.71 -6.26 -25.60
C SER A 431 27.09 -5.62 -25.69
N PRO A 432 27.95 -5.67 -24.67
CA PRO A 432 29.30 -5.12 -24.86
C PRO A 432 30.04 -5.75 -26.03
N PHE A 433 29.76 -7.02 -26.34
CA PHE A 433 30.40 -7.65 -27.48
C PHE A 433 29.76 -7.20 -28.79
N ASN A 434 28.44 -7.16 -28.85
CA ASN A 434 27.77 -6.79 -30.10
C ASN A 434 28.06 -5.35 -30.50
N ILE A 435 28.26 -4.47 -29.53
CA ILE A 435 28.60 -3.09 -29.85
C ILE A 435 29.96 -3.02 -30.52
N ALA A 436 30.96 -3.67 -29.95
CA ALA A 436 32.31 -3.63 -30.51
C ALA A 436 32.43 -4.52 -31.74
N SER A 437 31.75 -5.67 -31.75
CA SER A 437 31.88 -6.59 -32.86
C SER A 437 31.42 -5.97 -34.17
N TYR A 438 30.22 -5.38 -34.17
CA TYR A 438 29.72 -4.74 -35.38
C TYR A 438 30.37 -3.40 -35.65
N ALA A 439 31.03 -2.81 -34.65
CA ALA A 439 31.84 -1.62 -34.92
C ALA A 439 33.09 -2.00 -35.71
N ILE A 440 33.76 -3.08 -35.32
CA ILE A 440 34.93 -3.54 -36.06
C ILE A 440 34.53 -4.01 -37.46
N LEU A 441 33.40 -4.71 -37.56
CA LEU A 441 32.95 -5.18 -38.87
C LEU A 441 32.67 -4.02 -39.81
N THR A 442 32.11 -2.92 -39.29
CA THR A 442 31.90 -1.75 -40.13
C THR A 442 33.22 -1.13 -40.55
N MET A 443 34.18 -1.04 -39.63
CA MET A 443 35.50 -0.53 -39.98
C MET A 443 36.19 -1.42 -40.99
N MET A 444 36.04 -2.75 -40.84
CA MET A 444 36.60 -3.66 -41.82
C MET A 444 35.97 -3.46 -43.19
N LEU A 445 34.64 -3.38 -43.23
CA LEU A 445 33.96 -3.12 -44.49
C LEU A 445 34.36 -1.76 -45.05
N ALA A 446 34.58 -0.78 -44.19
CA ALA A 446 34.92 0.56 -44.66
C ALA A 446 36.29 0.59 -45.33
N GLN A 447 37.27 -0.11 -44.77
CA GLN A 447 38.60 -0.11 -45.36
C GLN A 447 38.63 -0.88 -46.67
N VAL A 448 38.01 -2.06 -46.70
CA VAL A 448 38.00 -2.87 -47.91
C VAL A 448 37.26 -2.15 -49.04
N CYS A 449 36.22 -1.38 -48.69
CA CYS A 449 35.46 -0.66 -49.71
C CYS A 449 36.01 0.73 -49.98
N GLY A 450 36.87 1.26 -49.11
CA GLY A 450 37.48 2.54 -49.33
C GLY A 450 36.82 3.72 -48.64
N TYR A 451 35.89 3.47 -47.72
CA TYR A 451 35.20 4.52 -47.01
C TYR A 451 35.79 4.67 -45.61
N GLU A 452 35.26 5.61 -44.85
CA GLU A 452 35.61 5.83 -43.47
C GLU A 452 34.50 5.35 -42.55
N PRO A 453 34.80 4.97 -41.31
CA PRO A 453 33.74 4.56 -40.40
C PRO A 453 32.79 5.70 -40.08
N GLY A 454 31.51 5.37 -39.92
CA GLY A 454 30.50 6.37 -39.65
C GLY A 454 29.82 6.20 -38.30
N GLU A 455 28.51 6.05 -38.32
CA GLU A 455 27.73 5.87 -37.10
C GLU A 455 27.28 4.42 -36.98
N LEU A 456 27.09 3.98 -35.74
CA LEU A 456 26.59 2.64 -35.45
C LEU A 456 25.34 2.74 -34.60
N ALA A 457 24.23 2.23 -35.11
CA ALA A 457 22.97 2.17 -34.39
C ALA A 457 22.58 0.72 -34.20
N ILE A 458 22.18 0.37 -32.97
CA ILE A 458 21.78 -0.99 -32.64
C ILE A 458 20.34 -0.95 -32.14
N PHE A 459 19.45 -1.64 -32.85
CA PHE A 459 18.05 -1.75 -32.47
C PHE A 459 17.81 -3.09 -31.81
N ILE A 460 17.16 -3.07 -30.65
CA ILE A 460 17.07 -4.23 -29.79
C ILE A 460 15.60 -4.62 -29.58
N GLY A 461 15.34 -5.92 -29.57
CA GLY A 461 14.05 -6.42 -29.17
C GLY A 461 13.98 -6.73 -27.69
N ASP A 462 14.39 -7.93 -27.30
CA ASP A 462 14.32 -8.37 -25.91
C ASP A 462 15.61 -7.96 -25.20
N ALA A 463 15.67 -6.69 -24.81
CA ALA A 463 16.77 -6.18 -24.00
C ALA A 463 16.53 -6.59 -22.54
N HIS A 464 17.44 -7.38 -21.99
CA HIS A 464 17.23 -7.97 -20.68
C HIS A 464 18.52 -8.04 -19.89
N ILE A 465 18.39 -8.28 -18.59
CA ILE A 465 19.51 -8.46 -17.69
C ILE A 465 19.25 -9.74 -16.90
N TYR A 466 20.19 -10.68 -16.95
CA TYR A 466 20.05 -11.91 -16.17
C TYR A 466 20.18 -11.63 -14.69
N GLU A 467 19.40 -12.36 -13.88
CA GLU A 467 19.29 -12.02 -12.46
C GLU A 467 20.59 -12.24 -11.69
N ASN A 468 21.50 -13.06 -12.21
CA ASN A 468 22.80 -13.23 -11.56
C ASN A 468 23.78 -12.13 -11.95
N HIS A 469 23.39 -11.21 -12.83
CA HIS A 469 24.20 -10.08 -13.22
C HIS A 469 23.82 -8.80 -12.49
N LEU A 470 22.89 -8.87 -11.55
CA LEU A 470 22.35 -7.65 -10.95
C LEU A 470 23.40 -6.92 -10.13
N THR A 471 24.04 -7.61 -9.19
CA THR A 471 25.04 -6.97 -8.36
C THR A 471 26.24 -6.50 -9.18
N GLN A 472 26.54 -7.21 -10.28
CA GLN A 472 27.68 -6.81 -11.11
C GLN A 472 27.35 -5.56 -11.91
N LEU A 473 26.22 -5.59 -12.64
CA LEU A 473 25.86 -4.45 -13.47
C LEU A 473 25.54 -3.22 -12.65
N LYS A 474 25.00 -3.39 -11.43
CA LYS A 474 24.81 -2.25 -10.55
C LYS A 474 26.14 -1.64 -10.14
N GLU A 475 27.18 -2.46 -9.99
CA GLU A 475 28.52 -1.93 -9.75
C GLU A 475 29.02 -1.15 -10.96
N GLN A 476 28.74 -1.65 -12.17
CA GLN A 476 29.18 -0.96 -13.38
C GLN A 476 28.51 0.39 -13.53
N LEU A 477 27.27 0.53 -13.05
CA LEU A 477 26.57 1.80 -13.15
C LEU A 477 27.12 2.85 -12.19
N SER A 478 27.91 2.45 -11.20
CA SER A 478 28.50 3.39 -10.26
C SER A 478 29.77 4.04 -10.77
N ARG A 479 30.24 3.66 -11.96
CA ARG A 479 31.52 4.14 -12.49
C ARG A 479 31.25 5.19 -13.55
N THR A 480 31.68 6.42 -13.27
CA THR A 480 31.57 7.50 -14.25
C THR A 480 32.42 7.16 -15.47
N PRO A 481 31.87 7.22 -16.67
CA PRO A 481 32.60 6.71 -17.85
C PRO A 481 33.76 7.61 -18.24
N ARG A 482 34.69 7.00 -18.97
CA ARG A 482 35.90 7.63 -19.47
C ARG A 482 35.85 7.68 -21.00
N PRO A 483 36.68 8.51 -21.63
CA PRO A 483 36.61 8.63 -23.10
C PRO A 483 36.85 7.30 -23.80
N PHE A 484 36.15 7.11 -24.91
CA PHE A 484 36.34 5.92 -25.73
C PHE A 484 37.78 5.86 -26.24
N PRO A 485 38.32 4.67 -26.43
CA PRO A 485 39.65 4.54 -27.03
C PRO A 485 39.57 4.68 -28.55
N GLN A 486 40.74 4.67 -29.18
CA GLN A 486 40.86 4.67 -30.64
C GLN A 486 41.28 3.29 -31.11
N LEU A 487 40.67 2.82 -32.19
CA LEU A 487 41.05 1.57 -32.83
C LEU A 487 41.42 1.86 -34.28
N LYS A 488 42.68 1.62 -34.62
CA LYS A 488 43.19 1.82 -35.96
C LYS A 488 43.84 0.53 -36.45
N PHE A 489 43.75 0.30 -37.75
CA PHE A 489 44.35 -0.88 -38.36
C PHE A 489 45.80 -0.58 -38.77
N LYS A 490 46.66 -1.58 -38.60
CA LYS A 490 48.09 -1.41 -38.85
C LYS A 490 48.46 -1.60 -40.32
N ARG A 491 47.55 -2.15 -41.14
CA ARG A 491 47.86 -2.37 -42.55
C ARG A 491 46.55 -2.47 -43.32
N LYS A 492 46.62 -2.12 -44.60
CA LYS A 492 45.49 -2.29 -45.49
C LYS A 492 45.51 -3.71 -46.05
N VAL A 493 44.37 -4.39 -45.97
CA VAL A 493 44.28 -5.78 -46.39
C VAL A 493 43.66 -5.86 -47.77
N GLU A 494 44.05 -6.89 -48.52
CA GLU A 494 43.50 -7.08 -49.86
C GLU A 494 42.05 -7.55 -49.78
N ASN A 495 41.82 -8.70 -49.16
CA ASN A 495 40.49 -9.23 -48.95
C ASN A 495 40.10 -9.05 -47.48
N ILE A 496 38.80 -9.14 -47.21
CA ILE A 496 38.29 -8.87 -45.87
C ILE A 496 38.70 -9.96 -44.89
N GLU A 497 38.86 -11.20 -45.35
CA GLU A 497 39.18 -12.30 -44.45
C GLU A 497 40.64 -12.32 -44.03
N ASP A 498 41.47 -11.42 -44.57
CA ASP A 498 42.89 -11.42 -44.29
C ASP A 498 43.25 -10.76 -42.96
N PHE A 499 42.28 -10.18 -42.26
CA PHE A 499 42.55 -9.51 -41.01
C PHE A 499 43.09 -10.48 -39.97
N LYS A 500 44.04 -10.02 -39.16
CA LYS A 500 44.59 -10.78 -38.07
C LYS A 500 44.58 -9.93 -36.80
N TRP A 501 44.68 -10.60 -35.66
CA TRP A 501 44.64 -9.88 -34.38
C TRP A 501 45.81 -8.92 -34.25
N GLU A 502 46.96 -9.25 -34.83
CA GLU A 502 48.11 -8.37 -34.79
C GLU A 502 47.94 -7.14 -35.66
N ASP A 503 46.92 -7.11 -36.52
CA ASP A 503 46.68 -5.97 -37.40
C ASP A 503 45.89 -4.86 -36.71
N ILE A 504 45.42 -5.08 -35.50
CA ILE A 504 44.61 -4.10 -34.78
C ILE A 504 45.47 -3.41 -33.73
N GLU A 505 45.30 -2.10 -33.62
CA GLU A 505 46.01 -1.28 -32.64
C GLU A 505 44.97 -0.56 -31.80
N LEU A 506 44.91 -0.87 -30.52
CA LEU A 506 43.97 -0.24 -29.60
C LEU A 506 44.71 0.87 -28.85
N ILE A 507 44.27 2.10 -29.05
CA ILE A 507 44.99 3.28 -28.58
C ILE A 507 44.16 3.97 -27.51
N GLY A 508 44.73 4.12 -26.33
CA GLY A 508 44.10 4.91 -25.29
C GLY A 508 42.90 4.25 -24.62
N TYR A 509 43.00 2.96 -24.30
CA TYR A 509 41.94 2.24 -23.60
C TYR A 509 42.33 2.19 -22.13
N TYR A 510 41.65 2.99 -21.31
CA TYR A 510 41.89 3.06 -19.87
C TYR A 510 40.59 2.76 -19.14
N PRO A 511 40.15 1.51 -19.15
CA PRO A 511 38.84 1.18 -18.59
C PRO A 511 38.90 0.94 -17.08
N TYR A 512 37.72 0.76 -16.49
CA TYR A 512 37.60 0.33 -15.11
C TYR A 512 37.87 -1.16 -15.01
N PRO A 513 38.19 -1.65 -13.82
CA PRO A 513 38.54 -3.08 -13.67
C PRO A 513 37.46 -3.99 -14.25
N THR A 514 37.90 -5.14 -14.75
CA THR A 514 36.98 -6.07 -15.39
C THR A 514 35.96 -6.59 -14.38
N ILE A 515 34.78 -6.94 -14.87
CA ILE A 515 33.67 -7.41 -14.05
C ILE A 515 33.29 -8.81 -14.50
N LYS A 516 33.34 -9.76 -13.58
CA LYS A 516 33.05 -11.16 -13.89
C LYS A 516 31.56 -11.41 -13.85
N MET A 517 31.03 -11.97 -14.93
CA MET A 517 29.61 -12.35 -15.01
C MET A 517 29.50 -13.68 -15.74
N ASP A 518 28.72 -14.59 -15.18
CA ASP A 518 28.58 -15.93 -15.73
C ASP A 518 27.51 -15.95 -16.81
N MET A 519 27.77 -16.73 -17.87
CA MET A 519 26.82 -16.85 -18.97
C MET A 519 25.76 -17.88 -18.65
N ALA A 520 24.51 -17.56 -19.00
CA ALA A 520 23.40 -18.50 -18.89
C ALA A 520 23.40 -19.39 -20.13
N VAL A 521 23.74 -20.66 -19.94
CA VAL A 521 23.81 -21.60 -21.06
C VAL A 521 22.41 -22.00 -21.52
N GLU B 3 0.17 -9.47 19.97
CA GLU B 3 -1.13 -9.92 19.48
C GLU B 3 -1.76 -8.86 18.58
N LYS B 4 -1.60 -9.04 17.27
CA LYS B 4 -2.21 -8.17 16.28
C LYS B 4 -3.08 -9.00 15.34
N ASN B 5 -3.61 -8.36 14.31
CA ASN B 5 -4.55 -9.01 13.40
C ASN B 5 -3.79 -9.59 12.21
N VAL B 6 -4.21 -10.78 11.79
CA VAL B 6 -3.62 -11.46 10.64
C VAL B 6 -4.78 -11.82 9.71
N SER B 7 -4.96 -11.03 8.67
CA SER B 7 -6.04 -11.26 7.71
C SER B 7 -5.46 -11.87 6.44
N ILE B 8 -6.29 -12.59 5.71
CA ILE B 8 -5.90 -13.20 4.45
C ILE B 8 -6.73 -12.57 3.34
N VAL B 9 -6.07 -12.16 2.26
CA VAL B 9 -6.73 -11.57 1.10
C VAL B 9 -6.52 -12.50 -0.09
N VAL B 10 -7.61 -12.90 -0.72
CA VAL B 10 -7.55 -13.83 -1.84
C VAL B 10 -8.69 -13.55 -2.80
N ALA B 11 -8.44 -13.80 -4.08
CA ALA B 11 -9.47 -13.75 -5.13
C ALA B 11 -9.54 -15.13 -5.76
N ALA B 12 -10.60 -15.87 -5.44
CA ALA B 12 -10.76 -17.24 -5.89
C ALA B 12 -12.00 -17.38 -6.76
N SER B 13 -12.03 -18.44 -7.55
CA SER B 13 -13.19 -18.73 -8.36
C SER B 13 -14.38 -19.07 -7.48
N VAL B 14 -15.59 -18.90 -8.04
CA VAL B 14 -16.79 -18.99 -7.23
C VAL B 14 -17.05 -20.43 -6.80
N LEU B 15 -16.73 -21.41 -7.65
CA LEU B 15 -17.03 -22.80 -7.33
C LEU B 15 -15.80 -23.58 -6.91
N SER B 16 -14.86 -23.78 -7.84
CA SER B 16 -13.67 -24.58 -7.55
C SER B 16 -12.62 -23.82 -6.75
N SER B 17 -12.78 -22.51 -6.60
CA SER B 17 -11.87 -21.68 -5.81
C SER B 17 -10.46 -21.65 -6.41
N GLY B 18 -10.37 -21.59 -7.74
CA GLY B 18 -9.09 -21.43 -8.39
C GLY B 18 -8.59 -20.00 -8.30
N ILE B 19 -7.28 -19.85 -8.20
CA ILE B 19 -6.69 -18.53 -7.96
C ILE B 19 -5.57 -18.21 -8.93
N GLY B 20 -5.13 -19.19 -9.71
CA GLY B 20 -4.03 -18.95 -10.62
C GLY B 20 -3.87 -20.05 -11.64
N ILE B 21 -3.14 -19.74 -12.70
CA ILE B 21 -2.81 -20.68 -13.77
C ILE B 21 -1.53 -20.23 -14.45
N ASN B 22 -0.54 -21.12 -14.53
CA ASN B 22 0.72 -20.87 -15.23
C ASN B 22 1.42 -19.60 -14.72
N GLY B 23 1.51 -19.50 -13.40
CA GLY B 23 2.25 -18.42 -12.78
C GLY B 23 1.61 -17.04 -12.88
N GLN B 24 0.32 -16.96 -13.19
CA GLN B 24 -0.37 -15.68 -13.24
C GLN B 24 -1.83 -15.91 -12.89
N LEU B 25 -2.60 -14.82 -12.87
CA LEU B 25 -4.02 -14.90 -12.54
C LEU B 25 -4.83 -15.39 -13.73
N PRO B 26 -5.95 -16.08 -13.47
CA PRO B 26 -6.81 -16.53 -14.58
C PRO B 26 -7.69 -15.43 -15.16
N TRP B 27 -7.57 -14.21 -14.67
CA TRP B 27 -8.41 -13.10 -15.14
C TRP B 27 -7.63 -11.81 -15.00
N SER B 28 -8.26 -10.71 -15.41
CA SER B 28 -7.66 -9.37 -15.31
C SER B 28 -8.76 -8.41 -14.90
N ILE B 29 -8.92 -8.23 -13.59
CA ILE B 29 -9.94 -7.36 -13.02
C ILE B 29 -9.22 -6.21 -12.33
N SER B 30 -9.33 -5.00 -12.90
CA SER B 30 -8.60 -3.86 -12.38
C SER B 30 -9.09 -3.48 -10.99
N GLU B 31 -10.40 -3.48 -10.77
CA GLU B 31 -10.93 -3.06 -9.48
C GLU B 31 -10.52 -4.03 -8.37
N ASP B 32 -10.31 -5.30 -8.69
CA ASP B 32 -9.88 -6.25 -7.67
C ASP B 32 -8.50 -5.90 -7.15
N LEU B 33 -7.57 -5.54 -8.04
CA LEU B 33 -6.24 -5.12 -7.60
C LEU B 33 -6.33 -3.85 -6.78
N LYS B 34 -7.21 -2.92 -7.19
CA LYS B 34 -7.42 -1.71 -6.38
C LYS B 34 -7.97 -2.06 -5.01
N PHE B 35 -8.79 -3.12 -4.92
CA PHE B 35 -9.24 -3.59 -3.62
C PHE B 35 -8.08 -4.10 -2.79
N PHE B 36 -7.19 -4.89 -3.41
CA PHE B 36 -5.99 -5.35 -2.72
C PHE B 36 -5.14 -4.18 -2.26
N SER B 37 -5.12 -3.10 -3.04
CA SER B 37 -4.32 -1.93 -2.67
C SER B 37 -4.83 -1.30 -1.38
N LYS B 38 -6.13 -1.03 -1.32
CA LYS B 38 -6.67 -0.30 -0.18
C LYS B 38 -6.76 -1.17 1.07
N ILE B 39 -7.03 -2.46 0.89
CA ILE B 39 -7.12 -3.36 2.04
C ILE B 39 -5.76 -3.51 2.71
N THR B 40 -4.72 -3.73 1.91
CA THR B 40 -3.39 -3.91 2.46
C THR B 40 -2.79 -2.61 2.97
N ASN B 41 -3.29 -1.46 2.52
CA ASN B 41 -2.80 -0.17 2.98
C ASN B 41 -3.60 0.40 4.14
N ASN B 42 -4.78 -0.13 4.42
CA ASN B 42 -5.64 0.41 5.47
C ASN B 42 -4.97 0.23 6.83
N LYS B 43 -4.49 1.34 7.40
CA LYS B 43 -3.80 1.32 8.68
C LYS B 43 -4.27 2.50 9.51
N CYS B 44 -4.05 2.39 10.82
CA CYS B 44 -4.43 3.44 11.77
C CYS B 44 -3.26 4.35 12.15
N ASP B 45 -2.07 3.79 12.34
CA ASP B 45 -0.89 4.56 12.72
C ASP B 45 -0.15 5.03 11.48
N SER B 46 0.15 6.33 11.43
CA SER B 46 0.87 6.87 10.28
C SER B 46 2.29 6.34 10.22
N ASN B 47 2.94 6.17 11.37
CA ASN B 47 4.30 5.66 11.41
C ASN B 47 4.30 4.16 11.71
N LYS B 48 3.67 3.41 10.79
CA LYS B 48 3.60 1.96 10.85
C LYS B 48 3.27 1.46 9.45
N LYS B 49 3.66 0.22 9.18
CA LYS B 49 3.43 -0.39 7.88
C LYS B 49 2.85 -1.77 8.05
N ASN B 50 2.01 -2.18 7.11
CA ASN B 50 1.40 -3.49 7.13
C ASN B 50 2.28 -4.47 6.35
N ALA B 51 2.40 -5.69 6.86
CA ALA B 51 3.23 -6.71 6.26
C ALA B 51 2.39 -7.61 5.36
N LEU B 52 2.88 -7.86 4.15
CA LEU B 52 2.23 -8.73 3.19
C LEU B 52 3.09 -9.97 3.01
N ILE B 53 2.57 -11.13 3.41
CA ILE B 53 3.30 -12.38 3.34
C ILE B 53 2.92 -13.10 2.05
N MET B 54 3.92 -13.61 1.34
CA MET B 54 3.67 -14.30 0.09
C MET B 54 4.80 -15.28 -0.20
N GLY B 55 4.47 -16.29 -1.01
CA GLY B 55 5.45 -17.28 -1.41
C GLY B 55 6.33 -16.81 -2.56
N ARG B 56 7.35 -17.62 -2.84
CA ARG B 56 8.31 -17.27 -3.89
C ARG B 56 7.63 -17.25 -5.26
N LYS B 57 6.82 -18.27 -5.55
CA LYS B 57 6.12 -18.30 -6.83
C LYS B 57 5.25 -17.07 -7.01
N THR B 58 4.63 -16.60 -5.93
CA THR B 58 3.86 -15.36 -5.98
C THR B 58 4.79 -14.16 -6.10
N TRP B 59 5.90 -14.17 -5.37
CA TRP B 59 6.88 -13.10 -5.47
C TRP B 59 7.41 -12.98 -6.89
N ASP B 60 7.57 -14.09 -7.59
CA ASP B 60 7.99 -14.05 -8.99
C ASP B 60 6.89 -13.49 -9.87
N SER B 61 5.62 -13.80 -9.56
CA SER B 61 4.53 -13.40 -10.43
C SER B 61 4.31 -11.90 -10.43
N ILE B 62 4.68 -11.21 -9.36
CA ILE B 62 4.49 -9.76 -9.27
C ILE B 62 5.77 -9.01 -9.64
N GLY B 63 6.66 -9.64 -10.39
CA GLY B 63 7.85 -8.96 -10.87
C GLY B 63 8.96 -8.76 -9.87
N ARG B 64 8.84 -9.34 -8.68
CA ARG B 64 9.86 -9.20 -7.63
C ARG B 64 10.13 -7.73 -7.31
N ARG B 65 9.08 -6.93 -7.26
CA ARG B 65 9.22 -5.51 -6.96
C ARG B 65 8.34 -5.12 -5.79
N PRO B 66 8.83 -4.25 -4.91
CA PRO B 66 8.09 -3.95 -3.68
C PRO B 66 6.82 -3.16 -3.95
N LEU B 67 5.87 -3.31 -3.02
CA LEU B 67 4.63 -2.55 -3.04
C LEU B 67 4.77 -1.34 -2.14
N LYS B 68 4.29 -0.19 -2.62
CA LYS B 68 4.52 1.07 -1.92
C LYS B 68 3.87 1.06 -0.54
N ASN B 69 4.57 1.66 0.43
CA ASN B 69 4.08 1.85 1.79
C ASN B 69 3.82 0.54 2.51
N ARG B 70 4.36 -0.57 2.00
CA ARG B 70 4.13 -1.89 2.59
C ARG B 70 5.44 -2.67 2.61
N ILE B 71 5.54 -3.59 3.55
CA ILE B 71 6.69 -4.47 3.68
C ILE B 71 6.28 -5.86 3.20
N ILE B 72 6.95 -6.35 2.17
CA ILE B 72 6.62 -7.65 1.58
C ILE B 72 7.51 -8.71 2.22
N VAL B 73 6.88 -9.74 2.76
CA VAL B 73 7.58 -10.86 3.40
C VAL B 73 7.48 -12.06 2.48
N VAL B 74 8.63 -12.51 1.97
CA VAL B 74 8.68 -13.62 1.04
C VAL B 74 9.04 -14.89 1.80
N ILE B 75 8.27 -15.94 1.59
CA ILE B 75 8.50 -17.24 2.21
C ILE B 75 9.13 -18.12 1.13
N SER B 76 10.45 -18.21 1.13
CA SER B 76 11.17 -19.04 0.17
C SER B 76 12.19 -19.90 0.90
N SER B 77 12.32 -21.15 0.48
CA SER B 77 13.28 -22.06 1.08
C SER B 77 14.70 -21.83 0.59
N SER B 78 14.88 -21.16 -0.56
CA SER B 78 16.19 -21.00 -1.15
C SER B 78 16.41 -19.59 -1.68
N LEU B 79 15.82 -18.59 -1.04
CA LEU B 79 16.13 -17.23 -1.45
C LEU B 79 17.16 -16.60 -0.52
N PRO B 80 18.06 -15.76 -1.04
CA PRO B 80 19.04 -15.09 -0.17
C PRO B 80 18.34 -14.06 0.72
N GLN B 81 18.62 -14.15 2.02
CA GLN B 81 18.06 -13.20 3.01
C GLN B 81 18.80 -11.88 2.90
N ASP B 82 18.49 -11.14 1.84
CA ASP B 82 19.17 -9.89 1.55
C ASP B 82 18.56 -8.74 2.36
N GLU B 83 19.43 -7.96 3.01
CA GLU B 83 19.02 -6.81 3.80
C GLU B 83 19.16 -5.50 3.03
N ALA B 84 19.49 -5.55 1.75
CA ALA B 84 19.65 -4.31 0.98
C ALA B 84 18.31 -3.60 0.81
N ASP B 85 17.28 -4.33 0.39
CA ASP B 85 15.96 -3.76 0.24
C ASP B 85 15.25 -3.82 1.58
N PRO B 86 14.92 -2.68 2.20
CA PRO B 86 14.20 -2.71 3.48
C PRO B 86 12.71 -3.00 3.35
N ASN B 87 12.16 -2.92 2.14
CA ASN B 87 10.75 -3.20 1.91
C ASN B 87 10.51 -4.64 1.49
N VAL B 88 11.54 -5.48 1.48
CA VAL B 88 11.42 -6.89 1.13
C VAL B 88 12.31 -7.70 2.06
N VAL B 89 11.72 -8.65 2.78
CA VAL B 89 12.45 -9.50 3.73
C VAL B 89 12.09 -10.95 3.43
N VAL B 90 13.03 -11.85 3.73
CA VAL B 90 12.89 -13.27 3.40
C VAL B 90 12.93 -14.09 4.68
N PHE B 91 12.01 -15.04 4.80
CA PHE B 91 11.98 -15.99 5.89
C PHE B 91 11.93 -17.40 5.33
N ARG B 92 12.30 -18.37 6.16
CA ARG B 92 12.43 -19.75 5.69
C ARG B 92 11.12 -20.53 5.74
N ASN B 93 10.33 -20.37 6.80
CA ASN B 93 9.04 -21.05 6.90
C ASN B 93 8.00 -20.08 7.44
N LEU B 94 6.73 -20.45 7.26
CA LEU B 94 5.65 -19.54 7.62
C LEU B 94 5.55 -19.35 9.13
N GLU B 95 5.75 -20.42 9.91
CA GLU B 95 5.62 -20.31 11.36
C GLU B 95 6.64 -19.33 11.94
N ASP B 96 7.90 -19.45 11.53
CA ASP B 96 8.92 -18.54 12.01
C ASP B 96 8.71 -17.13 11.48
N SER B 97 8.04 -17.00 10.33
CA SER B 97 7.81 -15.69 9.73
C SER B 97 6.78 -14.88 10.51
N ILE B 98 5.94 -15.52 11.31
CA ILE B 98 4.95 -14.79 12.10
C ILE B 98 5.60 -14.41 13.43
N GLU B 99 6.65 -13.59 13.37
CA GLU B 99 7.24 -12.99 14.55
C GLU B 99 6.90 -11.52 14.70
N ASN B 100 6.24 -10.95 13.69
CA ASN B 100 5.87 -9.53 13.69
C ASN B 100 4.75 -9.21 14.66
N LEU B 101 4.10 -10.21 15.26
CA LEU B 101 2.95 -9.96 16.12
C LEU B 101 3.31 -9.29 17.43
N MET B 102 4.06 -9.99 18.28
CA MET B 102 4.44 -9.47 19.59
C MET B 102 5.78 -8.78 19.52
N ASN B 103 6.67 -9.29 18.67
CA ASN B 103 7.99 -8.73 18.46
C ASN B 103 7.95 -7.92 17.18
N ASP B 104 8.84 -6.94 17.06
CA ASP B 104 8.77 -5.95 15.99
C ASP B 104 7.42 -5.25 16.04
N ASP B 105 7.31 -4.24 16.90
CA ASP B 105 6.09 -3.46 17.07
C ASP B 105 5.86 -2.46 15.94
N SER B 106 6.81 -2.33 15.01
CA SER B 106 6.67 -1.38 13.91
C SER B 106 5.68 -1.82 12.86
N ILE B 107 5.10 -3.01 12.98
CA ILE B 107 4.10 -3.52 12.05
C ILE B 107 2.75 -3.53 12.74
N GLU B 108 1.76 -2.92 12.09
CA GLU B 108 0.42 -2.85 12.68
C GLU B 108 -0.38 -4.10 12.38
N ASN B 109 -0.67 -4.35 11.11
CA ASN B 109 -1.45 -5.51 10.70
C ASN B 109 -0.61 -6.39 9.78
N ILE B 110 -1.02 -7.65 9.66
CA ILE B 110 -0.36 -8.63 8.81
C ILE B 110 -1.37 -9.18 7.83
N PHE B 111 -0.94 -9.37 6.58
CA PHE B 111 -1.81 -9.87 5.52
C PHE B 111 -1.13 -11.04 4.83
N VAL B 112 -1.86 -12.15 4.72
CA VAL B 112 -1.41 -13.34 4.00
C VAL B 112 -2.07 -13.34 2.64
N CYS B 113 -1.25 -13.52 1.59
CA CYS B 113 -1.77 -13.40 0.23
C CYS B 113 -0.88 -14.13 -0.78
N GLY B 114 -0.23 -15.21 -0.36
CA GLY B 114 0.80 -15.79 -1.19
C GLY B 114 0.56 -17.17 -1.76
N GLY B 115 -0.62 -17.41 -2.33
CA GLY B 115 -0.85 -18.63 -3.07
C GLY B 115 -1.24 -19.81 -2.20
N GLU B 116 -1.42 -20.96 -2.86
CA GLU B 116 -1.97 -22.13 -2.20
C GLU B 116 -1.07 -22.62 -1.08
N SER B 117 0.24 -22.74 -1.35
CA SER B 117 1.14 -23.29 -0.35
C SER B 117 1.18 -22.44 0.91
N ILE B 118 1.02 -21.12 0.78
CA ILE B 118 0.99 -20.25 1.94
C ILE B 118 -0.40 -20.18 2.55
N TYR B 119 -1.43 -20.20 1.70
CA TYR B 119 -2.80 -20.18 2.20
C TYR B 119 -3.08 -21.40 3.07
N ARG B 120 -2.73 -22.59 2.58
CA ARG B 120 -3.03 -23.82 3.31
C ARG B 120 -2.28 -23.87 4.64
N ASP B 121 -1.02 -23.46 4.65
CA ASP B 121 -0.25 -23.50 5.89
C ASP B 121 -0.70 -22.43 6.88
N ALA B 122 -1.21 -21.30 6.40
CA ALA B 122 -1.68 -20.26 7.30
C ALA B 122 -2.99 -20.64 7.97
N LEU B 123 -3.83 -21.42 7.29
CA LEU B 123 -5.09 -21.88 7.86
C LEU B 123 -4.92 -23.14 8.69
N LYS B 124 -4.03 -24.04 8.26
CA LYS B 124 -3.81 -25.28 8.99
C LYS B 124 -3.18 -25.04 10.36
N ASP B 125 -2.45 -23.95 10.53
CA ASP B 125 -1.81 -23.62 11.78
C ASP B 125 -2.58 -22.57 12.58
N ASN B 126 -3.79 -22.22 12.15
CA ASN B 126 -4.66 -21.30 12.88
C ASN B 126 -3.98 -19.95 13.10
N PHE B 127 -3.34 -19.43 12.04
CA PHE B 127 -2.72 -18.13 12.10
C PHE B 127 -3.63 -17.01 11.65
N VAL B 128 -4.74 -17.34 10.98
CA VAL B 128 -5.59 -16.35 10.32
C VAL B 128 -6.69 -15.93 11.27
N ASP B 129 -6.98 -14.62 11.28
CA ASP B 129 -8.10 -14.08 12.04
C ASP B 129 -9.28 -13.66 11.19
N ARG B 130 -9.06 -13.37 9.90
CA ARG B 130 -10.12 -12.86 9.05
C ARG B 130 -9.77 -13.18 7.60
N ILE B 131 -10.79 -13.33 6.77
CA ILE B 131 -10.62 -13.68 5.36
C ILE B 131 -11.32 -12.64 4.51
N TYR B 132 -10.58 -12.10 3.54
CA TYR B 132 -11.12 -11.17 2.54
C TYR B 132 -11.15 -11.92 1.21
N LEU B 133 -12.30 -12.53 0.90
CA LEU B 133 -12.44 -13.34 -0.30
C LEU B 133 -13.12 -12.54 -1.40
N THR B 134 -12.51 -12.52 -2.58
CA THR B 134 -13.09 -11.90 -3.76
C THR B 134 -13.43 -13.03 -4.73
N ARG B 135 -14.65 -13.55 -4.62
CA ARG B 135 -15.08 -14.64 -5.49
C ARG B 135 -15.42 -14.10 -6.87
N VAL B 136 -14.89 -14.76 -7.90
CA VAL B 136 -15.04 -14.34 -9.28
C VAL B 136 -15.84 -15.40 -10.03
N ALA B 137 -16.75 -14.95 -10.89
CA ALA B 137 -17.67 -15.84 -11.60
C ALA B 137 -17.03 -16.33 -12.91
N LEU B 138 -15.99 -17.13 -12.75
CA LEU B 138 -15.31 -17.75 -13.89
C LEU B 138 -14.96 -19.18 -13.50
N GLU B 139 -15.51 -20.15 -14.23
CA GLU B 139 -15.30 -21.55 -13.87
C GLU B 139 -15.07 -22.50 -15.04
N ASP B 140 -15.36 -22.12 -16.27
CA ASP B 140 -15.10 -22.99 -17.42
C ASP B 140 -13.73 -22.74 -18.04
N ILE B 141 -12.73 -22.39 -17.22
CA ILE B 141 -11.37 -22.19 -17.67
C ILE B 141 -10.45 -23.13 -16.91
N GLU B 142 -9.15 -23.06 -17.16
CA GLU B 142 -8.18 -23.95 -16.55
C GLU B 142 -7.54 -23.29 -15.34
N PHE B 143 -7.28 -24.10 -14.32
CA PHE B 143 -6.54 -23.67 -13.13
C PHE B 143 -5.47 -24.70 -12.81
N ASP B 144 -4.40 -24.23 -12.17
CA ASP B 144 -3.41 -25.13 -11.58
C ASP B 144 -3.15 -24.84 -10.12
N THR B 145 -3.70 -23.77 -9.56
CA THR B 145 -3.54 -23.41 -8.16
C THR B 145 -4.88 -22.98 -7.61
N TYR B 146 -5.34 -23.63 -6.54
CA TYR B 146 -6.65 -23.37 -5.98
C TYR B 146 -6.50 -22.82 -4.56
N PHE B 147 -7.59 -22.23 -4.07
CA PHE B 147 -7.66 -21.75 -2.69
C PHE B 147 -8.34 -22.79 -1.83
N PRO B 148 -7.73 -23.19 -0.70
CA PRO B 148 -8.32 -24.27 0.11
C PRO B 148 -9.71 -23.90 0.61
N GLU B 149 -10.54 -24.90 0.81
CA GLU B 149 -11.89 -24.67 1.30
C GLU B 149 -11.83 -24.02 2.67
N ILE B 150 -12.64 -22.99 2.87
CA ILE B 150 -12.62 -22.24 4.13
C ILE B 150 -13.03 -23.17 5.27
N PRO B 151 -12.23 -23.28 6.34
CA PRO B 151 -12.58 -24.21 7.42
C PRO B 151 -13.87 -23.79 8.11
N GLU B 152 -14.45 -24.75 8.84
CA GLU B 152 -15.70 -24.50 9.54
C GLU B 152 -15.55 -23.45 10.64
N THR B 153 -14.32 -23.18 11.08
CA THR B 153 -14.11 -22.21 12.15
C THR B 153 -14.42 -20.79 11.72
N PHE B 154 -14.43 -20.51 10.42
CA PHE B 154 -14.72 -19.18 9.91
C PHE B 154 -16.18 -19.06 9.50
N LEU B 155 -16.72 -17.86 9.68
CA LEU B 155 -18.10 -17.59 9.33
C LEU B 155 -18.19 -16.28 8.55
N PRO B 156 -18.98 -16.24 7.48
CA PRO B 156 -19.10 -15.00 6.70
C PRO B 156 -19.84 -13.92 7.49
N VAL B 157 -19.29 -12.72 7.45
CA VAL B 157 -19.91 -11.56 8.11
C VAL B 157 -20.29 -10.46 7.15
N TYR B 158 -19.94 -10.57 5.87
CA TYR B 158 -20.23 -9.54 4.89
C TYR B 158 -20.19 -10.16 3.49
N MET B 159 -21.11 -9.73 2.62
CA MET B 159 -21.13 -10.17 1.23
C MET B 159 -21.56 -8.99 0.38
N SER B 160 -20.61 -8.43 -0.38
CA SER B 160 -20.85 -7.22 -1.15
C SER B 160 -21.82 -7.47 -2.29
N GLN B 161 -22.29 -6.39 -2.90
CA GLN B 161 -23.13 -6.48 -4.07
C GLN B 161 -22.31 -7.02 -5.25
N THR B 162 -23.01 -7.59 -6.22
CA THR B 162 -22.34 -8.12 -7.40
C THR B 162 -21.89 -6.98 -8.31
N PHE B 163 -20.60 -7.00 -8.66
CA PHE B 163 -20.00 -6.00 -9.54
C PHE B 163 -19.74 -6.61 -10.92
N CYS B 164 -19.15 -5.80 -11.80
CA CYS B 164 -18.90 -6.22 -13.17
C CYS B 164 -17.68 -5.51 -13.73
N THR B 165 -16.80 -6.27 -14.37
CA THR B 165 -15.63 -5.72 -15.06
C THR B 165 -15.37 -6.58 -16.28
N LYS B 166 -15.52 -6.01 -17.47
CA LYS B 166 -15.39 -6.74 -18.72
C LYS B 166 -16.32 -7.95 -18.74
N ASN B 167 -17.57 -7.72 -18.33
CA ASN B 167 -18.61 -8.74 -18.30
C ASN B 167 -18.26 -9.88 -17.35
N ILE B 168 -17.51 -9.61 -16.30
CA ILE B 168 -17.14 -10.60 -15.30
C ILE B 168 -17.72 -10.19 -13.96
N SER B 169 -18.61 -11.01 -13.41
CA SER B 169 -19.23 -10.74 -12.12
C SER B 169 -18.34 -11.22 -10.98
N TYR B 170 -18.29 -10.42 -9.91
CA TYR B 170 -17.50 -10.79 -8.75
C TYR B 170 -18.08 -10.14 -7.50
N ASP B 171 -17.86 -10.78 -6.36
CA ASP B 171 -18.32 -10.35 -5.06
C ASP B 171 -17.14 -10.06 -4.16
N PHE B 172 -17.44 -9.45 -3.01
CA PHE B 172 -16.46 -9.24 -1.95
C PHE B 172 -17.07 -9.74 -0.65
N MET B 173 -16.41 -10.71 -0.03
CA MET B 173 -16.90 -11.30 1.22
C MET B 173 -15.85 -11.19 2.30
N ILE B 174 -16.31 -11.21 3.55
CA ILE B 174 -15.44 -11.19 4.71
C ILE B 174 -15.82 -12.37 5.60
N PHE B 175 -14.82 -13.13 6.03
CA PHE B 175 -15.02 -14.26 6.93
C PHE B 175 -14.24 -14.01 8.21
N GLU B 176 -14.90 -14.16 9.35
CA GLU B 176 -14.26 -14.01 10.65
C GLU B 176 -14.39 -15.31 11.43
N LYS B 177 -13.38 -15.61 12.23
CA LYS B 177 -13.39 -16.83 13.03
C LYS B 177 -14.25 -16.64 14.27
N GLN B 178 -15.01 -17.68 14.60
CA GLN B 178 -15.85 -17.63 15.80
C GLN B 178 -14.98 -17.70 17.03
N GLU B 179 -15.34 -16.93 18.06
CA GLU B 179 -14.54 -16.82 19.28
C GLU B 179 -15.21 -17.65 20.38
N LYS B 180 -15.48 -17.13 21.57
CA LYS B 180 -16.01 -17.89 22.68
C LYS B 180 -17.44 -17.48 22.98
N LYS B 181 -18.26 -18.46 23.38
CA LYS B 181 -19.66 -18.24 23.73
C LYS B 181 -20.43 -17.59 22.59
N LEU B 193 -27.45 1.33 23.35
CA LEU B 193 -28.08 0.29 22.55
C LEU B 193 -28.58 -0.86 23.43
N LYS B 194 -27.84 -1.15 24.48
CA LYS B 194 -28.21 -2.25 25.38
C LYS B 194 -29.54 -1.98 26.06
N SER B 195 -29.84 -0.71 26.35
CA SER B 195 -31.08 -0.36 27.02
C SER B 195 -32.25 -0.20 26.07
N ILE B 196 -31.98 0.16 24.80
CA ILE B 196 -33.06 0.30 23.84
C ILE B 196 -33.72 -1.05 23.56
N ASP B 197 -32.91 -2.09 23.41
CA ASP B 197 -33.47 -3.41 23.10
C ASP B 197 -34.34 -3.92 24.24
N ASP B 198 -33.96 -3.65 25.48
CA ASP B 198 -34.76 -4.11 26.61
C ASP B 198 -36.11 -3.39 26.67
N THR B 199 -36.10 -2.07 26.47
CA THR B 199 -37.34 -1.31 26.57
C THR B 199 -38.33 -1.70 25.47
N VAL B 200 -37.82 -2.01 24.28
CA VAL B 200 -38.70 -2.45 23.21
C VAL B 200 -39.28 -3.82 23.51
N ASP B 201 -38.48 -4.69 24.13
CA ASP B 201 -38.98 -6.01 24.52
C ASP B 201 -40.09 -5.90 25.55
N LEU B 202 -39.91 -5.03 26.54
CA LEU B 202 -40.95 -4.87 27.57
C LEU B 202 -42.21 -4.28 26.98
N LEU B 203 -42.08 -3.34 26.04
CA LEU B 203 -43.25 -2.83 25.34
C LEU B 203 -43.89 -3.92 24.49
N GLY B 204 -43.08 -4.87 24.01
CA GLY B 204 -43.62 -6.00 23.27
C GLY B 204 -44.35 -7.00 24.15
N GLU B 205 -44.05 -7.02 25.45
CA GLU B 205 -44.78 -7.86 26.38
C GLU B 205 -46.09 -7.22 26.83
N ILE B 206 -46.16 -5.89 26.82
CA ILE B 206 -47.37 -5.20 27.27
C ILE B 206 -48.41 -5.18 26.16
N PHE B 207 -48.07 -4.53 25.04
CA PHE B 207 -48.92 -4.56 23.86
C PHE B 207 -48.55 -5.80 23.06
N GLY B 208 -49.52 -6.68 22.83
CA GLY B 208 -49.22 -7.96 22.20
C GLY B 208 -48.95 -7.80 20.72
N ILE B 209 -50.01 -7.71 19.92
CA ILE B 209 -49.92 -7.34 18.53
C ILE B 209 -50.46 -5.94 18.31
N ARG B 210 -50.68 -5.18 19.38
CA ARG B 210 -51.01 -3.77 19.24
C ARG B 210 -49.79 -2.97 18.80
N LYS B 211 -48.62 -3.32 19.33
CA LYS B 211 -47.37 -2.73 18.89
C LYS B 211 -46.99 -3.27 17.52
N MET B 212 -46.77 -2.37 16.56
CA MET B 212 -46.51 -2.78 15.19
C MET B 212 -45.24 -3.60 15.06
N GLY B 213 -44.29 -3.45 15.99
CA GLY B 213 -43.07 -4.23 15.91
C GLY B 213 -43.31 -5.72 16.00
N ASN B 214 -44.29 -6.13 16.81
CA ASN B 214 -44.58 -7.55 16.95
C ASN B 214 -45.27 -8.10 15.71
N ARG B 215 -45.97 -7.25 14.96
CA ARG B 215 -46.58 -7.71 13.72
C ARG B 215 -45.54 -7.94 12.62
N HIS B 216 -44.34 -7.38 12.77
CA HIS B 216 -43.25 -7.57 11.82
C HIS B 216 -42.03 -8.06 12.62
N LYS B 217 -42.15 -9.26 13.18
CA LYS B 217 -41.08 -9.83 13.99
C LYS B 217 -39.88 -10.18 13.12
N PHE B 218 -38.70 -10.06 13.70
CA PHE B 218 -37.47 -10.40 12.99
C PHE B 218 -37.41 -11.92 12.78
N PRO B 219 -37.00 -12.37 11.59
CA PRO B 219 -36.97 -13.81 11.31
C PRO B 219 -36.00 -14.52 12.24
N LYS B 220 -36.40 -15.71 12.69
CA LYS B 220 -35.57 -16.51 13.56
C LYS B 220 -34.32 -17.00 12.84
N GLU B 221 -33.32 -17.39 13.62
CA GLU B 221 -32.04 -17.79 13.05
C GLU B 221 -32.18 -19.02 12.16
N GLU B 222 -33.13 -19.90 12.49
CA GLU B 222 -33.29 -21.14 11.73
C GLU B 222 -33.95 -20.93 10.37
N ILE B 223 -34.44 -19.73 10.08
CA ILE B 223 -35.02 -19.41 8.78
C ILE B 223 -34.34 -18.22 8.12
N TYR B 224 -33.21 -17.77 8.67
CA TYR B 224 -32.45 -16.65 8.11
C TYR B 224 -31.36 -17.22 7.21
N ASN B 225 -31.33 -16.78 5.95
CA ASN B 225 -30.35 -17.30 5.00
C ASN B 225 -28.97 -16.74 5.33
N THR B 226 -28.03 -17.65 5.62
CA THR B 226 -26.68 -17.29 6.03
C THR B 226 -26.74 -16.33 7.24
N PRO B 227 -27.24 -16.78 8.38
CA PRO B 227 -27.48 -15.87 9.50
C PRO B 227 -26.21 -15.30 10.10
N SER B 228 -25.03 -15.79 9.70
CA SER B 228 -23.79 -15.21 10.20
C SER B 228 -23.57 -13.81 9.66
N ILE B 229 -24.11 -13.52 8.48
CA ILE B 229 -24.01 -12.20 7.87
C ILE B 229 -25.11 -11.30 8.44
N ARG B 230 -24.79 -10.54 9.49
CA ARG B 230 -25.79 -9.72 10.15
C ARG B 230 -25.88 -8.32 9.53
N PHE B 231 -24.78 -7.57 9.56
CA PHE B 231 -24.78 -6.19 9.12
C PHE B 231 -24.29 -6.01 7.68
N GLY B 232 -23.84 -7.08 7.03
CA GLY B 232 -23.28 -6.96 5.70
C GLY B 232 -24.07 -7.65 4.62
N ARG B 233 -25.39 -7.49 4.66
CA ARG B 233 -26.27 -8.12 3.68
C ARG B 233 -26.46 -7.19 2.47
N GLU B 234 -25.34 -6.83 1.87
CA GLU B 234 -25.37 -5.92 0.72
C GLU B 234 -25.83 -6.62 -0.55
N HIS B 235 -25.47 -7.89 -0.72
CA HIS B 235 -25.87 -8.62 -1.91
C HIS B 235 -27.38 -8.58 -2.06
N TYR B 236 -27.85 -8.18 -3.24
CA TYR B 236 -29.27 -7.90 -3.41
C TYR B 236 -30.11 -9.13 -3.69
N GLU B 237 -29.52 -10.33 -3.66
CA GLU B 237 -30.34 -11.52 -3.58
C GLU B 237 -30.92 -11.69 -2.18
N PHE B 238 -30.30 -11.08 -1.18
CA PHE B 238 -30.87 -11.06 0.16
C PHE B 238 -32.18 -10.30 0.21
N GLN B 239 -32.42 -9.39 -0.74
CA GLN B 239 -33.71 -8.70 -0.80
C GLN B 239 -34.85 -9.66 -1.07
N TYR B 240 -34.57 -10.80 -1.69
CA TYR B 240 -35.55 -11.86 -1.91
C TYR B 240 -35.48 -12.95 -0.85
N LEU B 241 -34.28 -13.33 -0.41
CA LEU B 241 -34.15 -14.40 0.57
C LEU B 241 -34.67 -13.95 1.93
N ASP B 242 -34.47 -12.68 2.29
CA ASP B 242 -35.01 -12.19 3.54
C ASP B 242 -36.51 -11.95 3.48
N LEU B 243 -37.08 -11.77 2.29
CA LEU B 243 -38.53 -11.73 2.17
C LEU B 243 -39.14 -13.09 2.45
N LEU B 244 -38.49 -14.16 1.97
CA LEU B 244 -38.91 -15.51 2.34
C LEU B 244 -38.87 -15.69 3.85
N SER B 245 -37.77 -15.26 4.48
CA SER B 245 -37.67 -15.38 5.93
C SER B 245 -38.73 -14.56 6.64
N ARG B 246 -39.00 -13.35 6.14
CA ARG B 246 -40.00 -12.50 6.77
C ARG B 246 -41.39 -13.09 6.62
N VAL B 247 -41.66 -13.75 5.49
CA VAL B 247 -42.95 -14.41 5.32
C VAL B 247 -43.06 -15.63 6.23
N LEU B 248 -41.99 -16.41 6.32
CA LEU B 248 -42.02 -17.59 7.19
C LEU B 248 -42.23 -17.21 8.64
N GLU B 249 -41.78 -16.01 9.04
CA GLU B 249 -41.90 -15.61 10.44
C GLU B 249 -43.27 -15.04 10.75
N ASN B 250 -43.82 -14.19 9.88
CA ASN B 250 -45.03 -13.45 10.17
C ASN B 250 -46.22 -13.85 9.29
N GLY B 251 -46.06 -14.84 8.41
CA GLY B 251 -47.13 -15.18 7.49
C GLY B 251 -48.31 -15.81 8.21
N ALA B 252 -49.50 -15.30 7.94
CA ALA B 252 -50.73 -15.85 8.51
C ALA B 252 -51.32 -16.88 7.54
N TYR B 253 -51.67 -18.05 8.07
CA TYR B 253 -52.24 -19.12 7.26
C TYR B 253 -53.61 -18.68 6.74
N ARG B 254 -53.71 -18.47 5.43
CA ARG B 254 -54.92 -17.96 4.82
C ARG B 254 -55.30 -18.79 3.60
N GLU B 255 -56.58 -18.83 3.29
CA GLU B 255 -57.10 -19.50 2.11
C GLU B 255 -57.06 -18.55 0.91
N ASN B 256 -57.45 -19.05 -0.25
CA ASN B 256 -57.48 -18.27 -1.48
C ASN B 256 -58.41 -18.95 -2.47
N ARG B 257 -58.34 -18.50 -3.73
CA ARG B 257 -59.24 -19.05 -4.75
C ARG B 257 -58.89 -20.51 -5.07
N THR B 258 -57.65 -20.92 -4.84
CA THR B 258 -57.26 -22.30 -5.06
C THR B 258 -57.36 -23.09 -3.77
N GLY B 259 -57.16 -24.40 -3.89
CA GLY B 259 -57.17 -25.26 -2.71
C GLY B 259 -55.92 -25.20 -1.87
N ILE B 260 -54.85 -24.59 -2.38
CA ILE B 260 -53.57 -24.54 -1.69
C ILE B 260 -53.51 -23.24 -0.90
N SER B 261 -53.56 -23.35 0.43
CA SER B 261 -53.47 -22.19 1.29
C SER B 261 -52.04 -21.66 1.34
N THR B 262 -51.90 -20.39 1.72
CA THR B 262 -50.62 -19.71 1.76
C THR B 262 -50.39 -19.09 3.13
N TYR B 263 -49.15 -18.66 3.35
CA TYR B 263 -48.77 -17.82 4.49
C TYR B 263 -48.46 -16.44 3.95
N SER B 264 -49.27 -15.44 4.30
CA SER B 264 -49.26 -14.16 3.63
C SER B 264 -48.96 -13.01 4.58
N ILE B 265 -48.17 -12.04 4.09
CA ILE B 265 -47.97 -10.76 4.74
C ILE B 265 -48.16 -9.68 3.69
N PHE B 266 -48.44 -8.47 4.15
CA PHE B 266 -48.82 -7.37 3.27
C PHE B 266 -47.75 -6.29 3.27
N GLY B 267 -47.60 -5.62 2.12
CA GLY B 267 -46.76 -4.45 2.00
C GLY B 267 -45.28 -4.69 2.13
N GLN B 268 -44.71 -5.52 1.26
CA GLN B 268 -43.28 -5.76 1.22
C GLN B 268 -42.68 -5.21 -0.07
N MET B 269 -41.37 -5.00 -0.05
CA MET B 269 -40.66 -4.46 -1.20
C MET B 269 -39.30 -5.12 -1.35
N MET B 270 -38.80 -5.12 -2.58
CA MET B 270 -37.48 -5.62 -2.91
C MET B 270 -36.77 -4.60 -3.80
N ARG B 271 -35.44 -4.59 -3.72
CA ARG B 271 -34.64 -3.62 -4.47
C ARG B 271 -33.41 -4.31 -5.04
N PHE B 272 -33.22 -4.16 -6.35
CA PHE B 272 -32.13 -4.85 -7.04
C PHE B 272 -31.33 -3.86 -7.87
N ASP B 273 -30.06 -4.19 -8.07
CA ASP B 273 -29.18 -3.43 -8.93
C ASP B 273 -29.11 -4.08 -10.30
N MET B 274 -29.14 -3.26 -11.35
CA MET B 274 -29.01 -3.74 -12.71
C MET B 274 -27.82 -3.13 -13.45
N ARG B 275 -27.13 -2.15 -12.85
CA ARG B 275 -25.98 -1.55 -13.52
C ARG B 275 -24.84 -2.54 -13.65
N GLU B 276 -24.43 -3.15 -12.54
CA GLU B 276 -23.27 -4.03 -12.51
C GLU B 276 -23.62 -5.50 -12.43
N SER B 277 -24.91 -5.85 -12.52
CA SER B 277 -25.32 -7.24 -12.39
C SER B 277 -26.70 -7.41 -13.00
N PHE B 278 -27.20 -8.64 -12.93
CA PHE B 278 -28.54 -8.99 -13.40
C PHE B 278 -29.24 -9.78 -12.31
N PRO B 279 -30.38 -9.31 -11.80
CA PRO B 279 -30.99 -9.97 -10.64
C PRO B 279 -31.63 -11.31 -10.97
N LEU B 280 -30.83 -12.25 -11.46
CA LEU B 280 -31.28 -13.63 -11.64
C LEU B 280 -30.80 -14.44 -10.44
N LEU B 281 -31.74 -15.07 -9.73
CA LEU B 281 -31.41 -15.72 -8.47
C LEU B 281 -30.36 -16.81 -8.68
N THR B 282 -29.45 -16.92 -7.72
CA THR B 282 -28.39 -17.92 -7.76
C THR B 282 -28.66 -19.11 -6.83
N THR B 283 -29.55 -18.95 -5.85
CA THR B 283 -29.88 -20.05 -4.97
C THR B 283 -30.75 -21.11 -5.62
N LYS B 284 -31.09 -20.94 -6.90
CA LYS B 284 -31.92 -21.91 -7.62
C LYS B 284 -31.81 -21.60 -9.09
N LYS B 285 -31.59 -22.63 -9.91
CA LYS B 285 -31.47 -22.46 -11.35
C LYS B 285 -32.81 -22.01 -11.91
N VAL B 286 -32.91 -20.74 -12.28
CA VAL B 286 -34.13 -20.16 -12.80
C VAL B 286 -34.18 -20.36 -14.31
N ALA B 287 -35.32 -20.84 -14.80
CA ALA B 287 -35.52 -21.03 -16.23
C ALA B 287 -35.51 -19.69 -16.95
N ILE B 288 -34.32 -19.23 -17.35
CA ILE B 288 -34.20 -17.90 -17.92
C ILE B 288 -34.90 -17.78 -19.26
N ARG B 289 -34.92 -18.87 -20.05
CA ARG B 289 -35.56 -18.81 -21.36
C ARG B 289 -37.06 -18.60 -21.24
N SER B 290 -37.71 -19.32 -20.33
CA SER B 290 -39.14 -19.16 -20.14
C SER B 290 -39.48 -17.74 -19.68
N ILE B 291 -38.60 -17.12 -18.90
CA ILE B 291 -38.82 -15.74 -18.48
C ILE B 291 -38.86 -14.81 -19.69
N PHE B 292 -37.87 -14.97 -20.58
CA PHE B 292 -37.83 -14.11 -21.77
C PHE B 292 -39.03 -14.35 -22.66
N GLU B 293 -39.31 -15.62 -22.97
CA GLU B 293 -40.40 -15.94 -23.89
C GLU B 293 -41.73 -15.44 -23.36
N GLU B 294 -41.90 -15.37 -22.03
CA GLU B 294 -43.09 -14.76 -21.47
C GLU B 294 -43.08 -13.25 -21.68
N LEU B 295 -41.91 -12.62 -21.54
CA LEU B 295 -41.84 -11.17 -21.67
C LEU B 295 -42.04 -10.73 -23.11
N ILE B 296 -41.32 -11.36 -24.05
CA ILE B 296 -41.49 -11.02 -25.46
C ILE B 296 -42.90 -11.34 -25.91
N TRP B 297 -43.54 -12.33 -25.29
CA TRP B 297 -44.94 -12.60 -25.55
C TRP B 297 -45.81 -11.40 -25.17
N PHE B 298 -45.52 -10.78 -24.02
CA PHE B 298 -46.24 -9.59 -23.61
C PHE B 298 -45.97 -8.43 -24.56
N ILE B 299 -44.69 -8.22 -24.89
CA ILE B 299 -44.31 -7.06 -25.70
C ILE B 299 -44.98 -7.10 -27.06
N LYS B 300 -45.04 -8.28 -27.68
CA LYS B 300 -45.60 -8.41 -29.03
C LYS B 300 -47.10 -8.12 -29.08
N GLY B 301 -47.76 -8.00 -27.94
CA GLY B 301 -49.19 -7.81 -27.93
C GLY B 301 -50.00 -9.08 -28.00
N ASP B 302 -49.39 -10.22 -27.69
CA ASP B 302 -50.02 -11.52 -27.90
C ASP B 302 -50.75 -11.99 -26.65
N THR B 303 -51.89 -12.64 -26.85
CA THR B 303 -52.63 -13.28 -25.78
C THR B 303 -52.88 -14.76 -26.07
N ASN B 304 -52.29 -15.31 -27.13
CA ASN B 304 -52.47 -16.71 -27.48
C ASN B 304 -51.55 -17.57 -26.62
N GLY B 305 -52.14 -18.41 -25.78
CA GLY B 305 -51.35 -19.27 -24.91
C GLY B 305 -50.63 -20.39 -25.64
N ASN B 306 -51.07 -20.73 -26.85
CA ASN B 306 -50.41 -21.81 -27.59
C ASN B 306 -49.05 -21.37 -28.11
N HIS B 307 -48.88 -20.07 -28.36
CA HIS B 307 -47.62 -19.59 -28.93
C HIS B 307 -46.45 -19.82 -27.99
N LEU B 308 -46.70 -19.90 -26.68
CA LEU B 308 -45.64 -20.26 -25.75
C LEU B 308 -45.46 -21.77 -25.64
N ILE B 309 -46.57 -22.52 -25.70
CA ILE B 309 -46.46 -23.98 -25.65
C ILE B 309 -45.75 -24.49 -26.90
N GLU B 310 -45.93 -23.82 -28.03
CA GLU B 310 -45.19 -24.20 -29.24
C GLU B 310 -43.70 -23.98 -29.05
N LYS B 311 -43.31 -23.05 -28.18
CA LYS B 311 -41.92 -22.81 -27.85
C LYS B 311 -41.48 -23.52 -26.58
N LYS B 312 -42.20 -24.57 -26.19
CA LYS B 312 -41.88 -25.37 -25.00
C LYS B 312 -41.84 -24.52 -23.74
N VAL B 313 -42.84 -23.65 -23.59
CA VAL B 313 -43.01 -22.83 -22.39
C VAL B 313 -44.44 -23.04 -21.90
N TYR B 314 -44.61 -23.79 -20.82
CA TYR B 314 -45.92 -24.19 -20.33
C TYR B 314 -46.32 -23.47 -19.04
N ILE B 315 -45.85 -22.24 -18.84
CA ILE B 315 -46.14 -21.56 -17.58
C ILE B 315 -47.61 -21.15 -17.52
N TRP B 316 -48.19 -20.72 -18.65
CA TRP B 316 -49.58 -20.32 -18.70
C TRP B 316 -50.50 -21.43 -19.18
N SER B 317 -50.04 -22.68 -19.15
CA SER B 317 -50.90 -23.79 -19.50
C SER B 317 -51.88 -24.12 -18.37
N GLY B 318 -51.47 -23.90 -17.13
CA GLY B 318 -52.36 -24.21 -16.01
C GLY B 318 -53.58 -23.30 -15.97
N ASN B 319 -53.35 -21.99 -16.01
CA ASN B 319 -54.44 -21.02 -16.04
C ASN B 319 -55.08 -20.90 -17.41
N GLY B 320 -54.76 -21.81 -18.32
CA GLY B 320 -55.30 -21.77 -19.67
C GLY B 320 -55.76 -23.13 -20.16
N SER B 321 -56.15 -23.99 -19.22
CA SER B 321 -56.73 -25.27 -19.57
C SER B 321 -58.24 -25.14 -19.70
N LYS B 322 -58.81 -25.90 -20.62
CA LYS B 322 -60.26 -25.84 -20.84
C LYS B 322 -61.02 -26.15 -19.56
N GLU B 323 -60.49 -27.02 -18.71
CA GLU B 323 -61.14 -27.31 -17.44
C GLU B 323 -61.09 -26.11 -16.50
N TYR B 324 -60.00 -25.34 -16.54
CA TYR B 324 -59.90 -24.16 -15.70
C TYR B 324 -60.70 -23.00 -16.28
N LEU B 325 -60.67 -22.83 -17.59
CA LEU B 325 -61.36 -21.72 -18.22
C LEU B 325 -62.87 -21.83 -18.02
N GLU B 326 -63.42 -23.03 -18.21
CA GLU B 326 -64.83 -23.24 -17.94
C GLU B 326 -65.16 -23.13 -16.46
N ARG B 327 -64.17 -23.35 -15.57
CA ARG B 327 -64.43 -23.27 -14.14
C ARG B 327 -64.67 -21.83 -13.69
N ILE B 328 -64.02 -20.86 -14.33
CA ILE B 328 -64.19 -19.45 -13.96
C ILE B 328 -65.19 -18.75 -14.87
N GLY B 329 -65.97 -19.49 -15.65
CA GLY B 329 -67.01 -18.90 -16.46
C GLY B 329 -66.59 -18.48 -17.85
N LEU B 330 -65.55 -19.09 -18.41
CA LEU B 330 -65.10 -18.75 -19.76
C LEU B 330 -65.12 -19.98 -20.65
N GLY B 331 -66.21 -20.76 -20.59
CA GLY B 331 -66.32 -21.93 -21.43
C GLY B 331 -66.39 -21.61 -22.91
N HIS B 332 -66.95 -20.45 -23.26
CA HIS B 332 -67.02 -20.03 -24.65
C HIS B 332 -65.64 -19.80 -25.26
N ARG B 333 -64.61 -19.66 -24.43
CA ARG B 333 -63.27 -19.36 -24.88
C ARG B 333 -62.59 -20.62 -25.43
N GLU B 334 -61.61 -20.40 -26.31
CA GLU B 334 -60.85 -21.51 -26.87
C GLU B 334 -59.90 -22.08 -25.82
N GLU B 335 -59.13 -23.08 -26.24
CA GLU B 335 -58.27 -23.82 -25.31
C GLU B 335 -57.39 -22.89 -24.47
N ASN B 336 -56.53 -22.11 -25.12
CA ASN B 336 -55.57 -21.30 -24.40
C ASN B 336 -55.77 -19.81 -24.67
N ASP B 337 -56.99 -19.39 -24.98
CA ASP B 337 -57.27 -17.98 -25.21
C ASP B 337 -57.38 -17.31 -23.84
N LEU B 338 -56.24 -16.82 -23.34
CA LEU B 338 -56.21 -16.26 -21.99
C LEU B 338 -57.02 -14.98 -21.87
N GLY B 339 -57.22 -14.25 -22.97
CA GLY B 339 -58.00 -13.05 -22.95
C GLY B 339 -57.15 -11.81 -22.79
N PRO B 340 -57.79 -10.66 -22.64
CA PRO B 340 -57.03 -9.41 -22.50
C PRO B 340 -56.24 -9.38 -21.19
N ILE B 341 -54.96 -9.71 -21.25
CA ILE B 341 -54.13 -9.78 -20.04
C ILE B 341 -52.88 -8.97 -20.32
N TYR B 342 -51.81 -9.20 -19.57
CA TYR B 342 -50.52 -8.60 -19.89
C TYR B 342 -50.27 -8.72 -21.38
N GLY B 343 -49.83 -7.63 -21.99
CA GLY B 343 -49.60 -7.65 -23.42
C GLY B 343 -50.82 -7.39 -24.27
N PHE B 344 -52.01 -7.26 -23.67
CA PHE B 344 -53.13 -6.70 -24.41
C PHE B 344 -53.54 -5.34 -23.89
N GLN B 345 -53.40 -5.11 -22.58
CA GLN B 345 -53.49 -3.76 -22.04
C GLN B 345 -52.21 -2.97 -22.29
N TRP B 346 -51.10 -3.66 -22.55
CA TRP B 346 -49.87 -2.96 -22.91
C TRP B 346 -49.98 -2.32 -24.29
N ARG B 347 -50.45 -3.07 -25.28
CA ARG B 347 -50.45 -2.63 -26.66
C ARG B 347 -51.81 -2.17 -27.16
N HIS B 348 -52.91 -2.65 -26.57
CA HIS B 348 -54.26 -2.29 -27.01
C HIS B 348 -55.15 -2.07 -25.77
N TYR B 349 -54.82 -1.05 -24.99
CA TYR B 349 -55.56 -0.77 -23.76
C TYR B 349 -56.98 -0.31 -24.09
N ASN B 350 -57.95 -0.84 -23.34
CA ASN B 350 -59.37 -0.52 -23.53
C ASN B 350 -59.87 -0.96 -24.90
N GLY B 351 -59.24 -1.97 -25.49
CA GLY B 351 -59.65 -2.47 -26.78
C GLY B 351 -60.66 -3.59 -26.64
N GLU B 352 -61.73 -3.49 -27.41
CA GLU B 352 -62.79 -4.49 -27.39
C GLU B 352 -62.25 -5.86 -27.77
N TYR B 353 -61.99 -6.70 -26.77
CA TYR B 353 -61.39 -8.01 -27.01
C TYR B 353 -62.42 -8.96 -27.59
N LYS B 354 -62.15 -9.47 -28.79
CA LYS B 354 -63.01 -10.49 -29.39
C LYS B 354 -62.47 -11.87 -29.07
N THR B 355 -61.50 -12.34 -29.84
CA THR B 355 -60.80 -13.59 -29.61
C THR B 355 -59.31 -13.36 -29.75
N MET B 356 -58.52 -14.42 -29.60
CA MET B 356 -57.08 -14.32 -29.70
C MET B 356 -56.58 -14.43 -31.14
N HIS B 357 -57.45 -14.68 -32.10
CA HIS B 357 -57.05 -14.80 -33.50
C HIS B 357 -57.30 -13.54 -34.31
N ASP B 358 -58.11 -12.61 -33.80
CA ASP B 358 -58.45 -11.42 -34.57
C ASP B 358 -57.25 -10.46 -34.64
N ASP B 359 -57.34 -9.52 -35.58
CA ASP B 359 -56.27 -8.54 -35.81
C ASP B 359 -56.60 -7.28 -35.02
N TYR B 360 -55.77 -6.97 -34.02
CA TYR B 360 -56.00 -5.83 -33.14
C TYR B 360 -55.05 -4.68 -33.42
N THR B 361 -54.44 -4.64 -34.60
CA THR B 361 -53.53 -3.55 -34.94
C THR B 361 -54.32 -2.25 -35.10
N GLY B 362 -53.99 -1.27 -34.28
CA GLY B 362 -54.62 0.04 -34.31
C GLY B 362 -55.67 0.25 -33.24
N VAL B 363 -56.29 -0.81 -32.75
CA VAL B 363 -57.32 -0.67 -31.72
C VAL B 363 -56.67 -0.58 -30.36
N GLY B 364 -57.32 0.17 -29.46
CA GLY B 364 -56.80 0.33 -28.12
C GLY B 364 -55.77 1.43 -28.03
N VAL B 365 -55.21 1.58 -26.84
CA VAL B 365 -54.18 2.57 -26.55
C VAL B 365 -52.86 1.84 -26.39
N ASP B 366 -51.92 2.12 -27.29
CA ASP B 366 -50.61 1.49 -27.26
C ASP B 366 -49.77 2.17 -26.18
N GLN B 367 -49.85 1.63 -24.96
CA GLN B 367 -49.09 2.20 -23.86
C GLN B 367 -47.59 2.05 -24.07
N LEU B 368 -47.15 0.87 -24.53
CA LEU B 368 -45.73 0.62 -24.68
C LEU B 368 -45.10 1.57 -25.70
N ALA B 369 -45.78 1.79 -26.82
CA ALA B 369 -45.28 2.74 -27.81
C ALA B 369 -45.23 4.15 -27.23
N LYS B 370 -46.31 4.59 -26.58
CA LYS B 370 -46.30 5.90 -25.94
C LYS B 370 -45.26 5.95 -24.83
N LEU B 371 -45.07 4.84 -24.12
CA LEU B 371 -44.04 4.81 -23.08
C LEU B 371 -42.65 5.00 -23.68
N ILE B 372 -42.36 4.30 -24.78
CA ILE B 372 -41.05 4.41 -25.42
C ILE B 372 -40.85 5.82 -25.94
N GLU B 373 -41.86 6.35 -26.66
CA GLU B 373 -41.74 7.69 -27.21
C GLU B 373 -41.61 8.74 -26.11
N THR B 374 -42.27 8.52 -24.97
CA THR B 374 -42.16 9.46 -23.86
C THR B 374 -40.82 9.36 -23.16
N LEU B 375 -40.21 8.17 -23.14
CA LEU B 375 -38.98 7.99 -22.39
C LEU B 375 -37.81 8.75 -23.02
N LYS B 376 -37.81 8.91 -24.34
CA LYS B 376 -36.73 9.63 -25.01
C LYS B 376 -37.05 11.09 -25.30
N ASN B 377 -38.32 11.44 -25.51
CA ASN B 377 -38.64 12.83 -25.82
C ASN B 377 -38.77 13.67 -24.55
N ASN B 378 -39.29 13.09 -23.47
CA ASN B 378 -39.42 13.78 -22.19
C ASN B 378 -38.90 12.83 -21.11
N PRO B 379 -37.58 12.75 -20.94
CA PRO B 379 -37.04 11.77 -19.99
C PRO B 379 -37.33 12.12 -18.54
N LYS B 380 -37.33 13.40 -18.20
CA LYS B 380 -37.61 13.82 -16.83
C LYS B 380 -39.10 13.93 -16.54
N ASP B 381 -39.94 13.43 -17.45
CA ASP B 381 -41.37 13.35 -17.19
C ASP B 381 -41.63 12.38 -16.04
N ARG B 382 -42.64 12.69 -15.24
CA ARG B 382 -42.98 11.89 -14.06
C ARG B 382 -44.16 10.96 -14.29
N ARG B 383 -44.55 10.74 -15.55
CA ARG B 383 -45.73 9.96 -15.89
C ARG B 383 -45.38 8.75 -16.75
N HIS B 384 -44.20 8.17 -16.54
CA HIS B 384 -43.75 7.02 -17.32
C HIS B 384 -44.37 5.74 -16.74
N ILE B 385 -45.69 5.64 -16.89
CA ILE B 385 -46.49 4.62 -16.24
C ILE B 385 -46.98 3.63 -17.29
N LEU B 386 -46.94 2.35 -16.95
CA LEU B 386 -47.45 1.28 -17.79
C LEU B 386 -48.32 0.39 -16.89
N THR B 387 -49.63 0.51 -17.03
CA THR B 387 -50.57 -0.22 -16.19
C THR B 387 -51.20 -1.38 -16.95
N ALA B 388 -51.65 -2.38 -16.18
CA ALA B 388 -52.33 -3.53 -16.74
C ALA B 388 -53.63 -3.84 -16.03
N TRP B 389 -54.03 -3.02 -15.06
CA TRP B 389 -55.25 -3.24 -14.30
C TRP B 389 -56.35 -2.41 -14.95
N ASN B 390 -57.22 -3.07 -15.70
CA ASN B 390 -58.35 -2.43 -16.37
C ASN B 390 -59.64 -3.04 -15.87
N PRO B 391 -60.37 -2.36 -14.98
CA PRO B 391 -61.58 -2.97 -14.40
C PRO B 391 -62.64 -3.33 -15.42
N SER B 392 -62.60 -2.73 -16.62
CA SER B 392 -63.61 -3.06 -17.62
C SER B 392 -63.39 -4.43 -18.23
N ALA B 393 -62.13 -4.90 -18.24
CA ALA B 393 -61.78 -6.15 -18.90
C ALA B 393 -61.34 -7.24 -17.93
N LEU B 394 -61.46 -7.00 -16.63
CA LEU B 394 -61.04 -8.01 -15.66
C LEU B 394 -61.84 -9.29 -15.82
N SER B 395 -63.14 -9.17 -16.08
CA SER B 395 -64.00 -10.35 -16.20
C SER B 395 -63.61 -11.20 -17.40
N GLN B 396 -63.07 -10.59 -18.46
CA GLN B 396 -62.67 -11.36 -19.62
C GLN B 396 -61.35 -12.09 -19.42
N MET B 397 -60.53 -11.66 -18.45
CA MET B 397 -59.22 -12.25 -18.27
C MET B 397 -59.32 -13.64 -17.67
N ALA B 398 -58.44 -14.54 -18.11
CA ALA B 398 -58.33 -15.83 -17.46
C ALA B 398 -57.69 -15.72 -16.09
N LEU B 399 -56.99 -14.62 -15.82
CA LEU B 399 -56.37 -14.35 -14.54
C LEU B 399 -55.98 -12.87 -14.49
N PRO B 400 -56.57 -12.10 -13.57
CA PRO B 400 -56.24 -10.67 -13.49
C PRO B 400 -54.75 -10.46 -13.28
N PRO B 401 -54.23 -9.30 -13.68
CA PRO B 401 -52.78 -9.11 -13.63
C PRO B 401 -52.23 -9.11 -12.22
N CYS B 402 -51.10 -9.81 -12.03
CA CYS B 402 -50.41 -9.79 -10.75
C CYS B 402 -49.52 -8.56 -10.63
N HIS B 403 -48.62 -8.36 -11.61
CA HIS B 403 -47.83 -7.13 -11.72
C HIS B 403 -48.67 -6.13 -12.49
N VAL B 404 -49.40 -5.29 -11.74
CA VAL B 404 -50.45 -4.46 -12.33
C VAL B 404 -49.86 -3.24 -13.02
N LEU B 405 -49.09 -2.44 -12.28
CA LEU B 405 -48.63 -1.14 -12.74
C LEU B 405 -47.14 -1.02 -12.53
N SER B 406 -46.46 -0.40 -13.50
CA SER B 406 -45.03 -0.16 -13.45
C SER B 406 -44.72 1.26 -13.88
N GLN B 407 -43.68 1.84 -13.26
CA GLN B 407 -43.27 3.21 -13.55
C GLN B 407 -41.77 3.23 -13.80
N TYR B 408 -41.34 4.08 -14.73
CA TYR B 408 -39.96 4.16 -15.16
C TYR B 408 -39.42 5.56 -14.98
N TYR B 409 -38.10 5.64 -14.84
CA TYR B 409 -37.44 6.85 -14.36
C TYR B 409 -36.10 6.97 -15.04
N VAL B 410 -35.81 8.15 -15.57
CA VAL B 410 -34.54 8.44 -16.24
C VAL B 410 -33.73 9.31 -15.29
N THR B 411 -32.61 8.77 -14.80
CA THR B 411 -31.77 9.52 -13.89
C THR B 411 -30.97 10.58 -14.66
N ASN B 412 -30.24 11.41 -13.90
CA ASN B 412 -29.45 12.45 -14.54
C ASN B 412 -28.24 11.89 -15.28
N ASP B 413 -27.78 10.69 -14.93
CA ASP B 413 -26.69 10.03 -15.63
C ASP B 413 -27.18 9.07 -16.70
N ASN B 414 -28.36 9.33 -17.26
CA ASN B 414 -28.91 8.57 -18.39
C ASN B 414 -29.00 7.08 -18.06
N CYS B 415 -29.58 6.77 -16.90
CA CYS B 415 -29.90 5.41 -16.52
C CYS B 415 -31.40 5.27 -16.33
N LEU B 416 -31.91 4.09 -16.67
CA LEU B 416 -33.35 3.81 -16.63
C LEU B 416 -33.64 2.90 -15.44
N SER B 417 -34.30 3.46 -14.43
CA SER B 417 -34.75 2.69 -13.28
C SER B 417 -36.22 2.32 -13.43
N CYS B 418 -36.63 1.28 -12.71
CA CYS B 418 -37.99 0.76 -12.81
C CYS B 418 -38.57 0.50 -11.43
N ASN B 419 -39.85 0.85 -11.27
CA ASN B 419 -40.63 0.50 -10.10
C ASN B 419 -41.81 -0.34 -10.54
N LEU B 420 -42.17 -1.33 -9.71
CA LEU B 420 -43.27 -2.23 -10.02
C LEU B 420 -44.08 -2.49 -8.77
N TYR B 421 -45.40 -2.36 -8.87
CA TYR B 421 -46.29 -2.78 -7.80
C TYR B 421 -46.94 -4.10 -8.19
N GLN B 422 -46.90 -5.07 -7.28
CA GLN B 422 -47.42 -6.41 -7.51
C GLN B 422 -48.49 -6.70 -6.46
N ARG B 423 -49.72 -6.94 -6.91
CA ARG B 423 -50.80 -7.17 -5.96
C ARG B 423 -50.66 -8.54 -5.28
N SER B 424 -50.23 -9.55 -6.03
CA SER B 424 -50.06 -10.90 -5.50
C SER B 424 -48.75 -11.46 -5.99
N CYS B 425 -47.99 -12.07 -5.09
CA CYS B 425 -46.62 -12.50 -5.39
C CYS B 425 -46.44 -13.94 -4.92
N ASP B 426 -46.37 -14.87 -5.88
CA ASP B 426 -46.04 -16.26 -5.59
C ASP B 426 -44.53 -16.34 -5.39
N LEU B 427 -44.09 -16.19 -4.13
CA LEU B 427 -42.66 -16.19 -3.84
C LEU B 427 -41.97 -17.47 -4.28
N GLY B 428 -42.72 -18.55 -4.46
CA GLY B 428 -42.14 -19.80 -4.91
C GLY B 428 -41.79 -19.78 -6.38
N LEU B 429 -42.71 -19.27 -7.21
CA LEU B 429 -42.56 -19.31 -8.66
C LEU B 429 -42.62 -17.94 -9.30
N GLY B 430 -43.65 -17.15 -8.99
CA GLY B 430 -43.83 -15.89 -9.69
C GLY B 430 -42.75 -14.87 -9.40
N SER B 431 -42.32 -14.78 -8.14
CA SER B 431 -41.33 -13.77 -7.77
C SER B 431 -40.01 -13.94 -8.51
N PRO B 432 -39.39 -15.13 -8.56
CA PRO B 432 -38.15 -15.25 -9.35
C PRO B 432 -38.33 -14.85 -10.80
N PHE B 433 -39.52 -15.06 -11.36
CA PHE B 433 -39.78 -14.64 -12.74
C PHE B 433 -40.02 -13.15 -12.84
N ASN B 434 -40.81 -12.58 -11.92
CA ASN B 434 -41.11 -11.16 -11.99
C ASN B 434 -39.86 -10.31 -11.77
N ILE B 435 -38.90 -10.80 -10.98
CA ILE B 435 -37.66 -10.07 -10.79
C ILE B 435 -36.89 -9.98 -12.10
N ALA B 436 -36.74 -11.12 -12.79
CA ALA B 436 -35.98 -11.14 -14.03
C ALA B 436 -36.76 -10.55 -15.20
N SER B 437 -38.08 -10.76 -15.24
CA SER B 437 -38.87 -10.28 -16.37
C SER B 437 -38.81 -8.77 -16.47
N TYR B 438 -39.07 -8.07 -15.37
CA TYR B 438 -39.02 -6.61 -15.39
C TYR B 438 -37.59 -6.08 -15.40
N ALA B 439 -36.62 -6.91 -15.03
CA ALA B 439 -35.22 -6.51 -15.22
C ALA B 439 -34.86 -6.53 -16.70
N ILE B 440 -35.27 -7.57 -17.42
CA ILE B 440 -35.04 -7.63 -18.86
C ILE B 440 -35.82 -6.53 -19.57
N LEU B 441 -37.07 -6.31 -19.17
CA LEU B 441 -37.89 -5.29 -19.81
C LEU B 441 -37.28 -3.90 -19.66
N THR B 442 -36.70 -3.62 -18.49
CA THR B 442 -36.03 -2.33 -18.31
C THR B 442 -34.80 -2.23 -19.20
N MET B 443 -34.02 -3.31 -19.27
CA MET B 443 -32.85 -3.32 -20.15
C MET B 443 -33.27 -3.16 -21.61
N MET B 444 -34.36 -3.84 -22.00
CA MET B 444 -34.87 -3.68 -23.36
C MET B 444 -35.30 -2.24 -23.62
N LEU B 445 -36.06 -1.67 -22.68
CA LEU B 445 -36.48 -0.27 -22.83
C LEU B 445 -35.28 0.66 -22.85
N ALA B 446 -34.24 0.34 -22.08
CA ALA B 446 -33.07 1.21 -22.01
C ALA B 446 -32.31 1.23 -23.34
N GLN B 447 -32.19 0.08 -23.99
CA GLN B 447 -31.45 0.02 -25.25
C GLN B 447 -32.21 0.73 -26.36
N VAL B 448 -33.51 0.47 -26.47
CA VAL B 448 -34.31 1.11 -27.52
C VAL B 448 -34.34 2.61 -27.33
N CYS B 449 -34.33 3.08 -26.08
CA CYS B 449 -34.35 4.51 -25.81
C CYS B 449 -32.97 5.12 -25.73
N GLY B 450 -31.93 4.32 -25.57
CA GLY B 450 -30.58 4.82 -25.53
C GLY B 450 -30.00 5.04 -24.16
N TYR B 451 -30.65 4.55 -23.11
CA TYR B 451 -30.15 4.72 -21.75
C TYR B 451 -29.47 3.43 -21.28
N GLU B 452 -28.96 3.47 -20.05
CA GLU B 452 -28.34 2.35 -19.40
C GLU B 452 -29.26 1.81 -18.31
N PRO B 453 -29.14 0.52 -17.96
CA PRO B 453 -29.98 -0.02 -16.88
C PRO B 453 -29.63 0.61 -15.55
N GLY B 454 -30.67 0.81 -14.72
CA GLY B 454 -30.48 1.41 -13.41
C GLY B 454 -30.84 0.51 -12.26
N GLU B 455 -31.79 0.94 -11.42
CA GLU B 455 -32.24 0.17 -10.28
C GLU B 455 -33.63 -0.40 -10.56
N LEU B 456 -33.92 -1.53 -9.93
CA LEU B 456 -35.22 -2.19 -10.03
C LEU B 456 -35.80 -2.34 -8.64
N ALA B 457 -36.96 -1.74 -8.42
CA ALA B 457 -37.68 -1.85 -7.16
C ALA B 457 -39.03 -2.51 -7.42
N ILE B 458 -39.36 -3.50 -6.60
CA ILE B 458 -40.61 -4.24 -6.72
C ILE B 458 -41.37 -4.07 -5.41
N PHE B 459 -42.55 -3.47 -5.48
CA PHE B 459 -43.42 -3.29 -4.33
C PHE B 459 -44.53 -4.33 -4.38
N ILE B 460 -44.74 -5.01 -3.25
CA ILE B 460 -45.58 -6.20 -3.20
C ILE B 460 -46.75 -5.96 -2.25
N GLY B 461 -47.92 -6.45 -2.62
CA GLY B 461 -49.06 -6.48 -1.74
C GLY B 461 -49.15 -7.79 -0.99
N ASP B 462 -49.77 -8.80 -1.60
CA ASP B 462 -49.97 -10.10 -0.94
C ASP B 462 -48.75 -10.97 -1.20
N ALA B 463 -47.70 -10.71 -0.43
CA ALA B 463 -46.51 -11.55 -0.47
C ALA B 463 -46.78 -12.82 0.33
N HIS B 464 -46.74 -13.97 -0.33
CA HIS B 464 -47.16 -15.20 0.32
C HIS B 464 -46.31 -16.37 -0.18
N ILE B 465 -46.41 -17.48 0.53
CA ILE B 465 -45.75 -18.74 0.17
C ILE B 465 -46.81 -19.83 0.19
N TYR B 466 -46.94 -20.54 -0.92
CA TYR B 466 -47.90 -21.63 -0.99
C TYR B 466 -47.44 -22.80 -0.12
N GLU B 467 -48.43 -23.49 0.46
CA GLU B 467 -48.18 -24.48 1.49
C GLU B 467 -47.40 -25.70 0.98
N ASN B 468 -47.45 -25.97 -0.32
CA ASN B 468 -46.66 -27.05 -0.91
C ASN B 468 -45.23 -26.63 -1.26
N HIS B 469 -44.88 -25.36 -1.05
CA HIS B 469 -43.53 -24.87 -1.30
C HIS B 469 -42.69 -24.79 -0.03
N LEU B 470 -43.20 -25.27 1.10
CA LEU B 470 -42.54 -25.05 2.38
C LEU B 470 -41.20 -25.78 2.44
N THR B 471 -41.19 -27.08 2.15
CA THR B 471 -39.94 -27.83 2.21
C THR B 471 -38.95 -27.37 1.14
N GLN B 472 -39.45 -26.90 0.01
CA GLN B 472 -38.56 -26.46 -1.07
C GLN B 472 -37.90 -25.12 -0.73
N LEU B 473 -38.70 -24.11 -0.36
CA LEU B 473 -38.12 -22.81 -0.09
C LEU B 473 -37.20 -22.82 1.12
N LYS B 474 -37.46 -23.69 2.10
CA LYS B 474 -36.53 -23.86 3.20
C LYS B 474 -35.21 -24.44 2.72
N GLU B 475 -35.26 -25.32 1.72
CA GLU B 475 -34.03 -25.81 1.11
C GLU B 475 -33.29 -24.69 0.40
N GLN B 476 -34.02 -23.81 -0.29
CA GLN B 476 -33.39 -22.70 -0.98
C GLN B 476 -32.74 -21.72 -0.01
N LEU B 477 -33.31 -21.57 1.18
CA LEU B 477 -32.74 -20.67 2.17
C LEU B 477 -31.47 -21.22 2.80
N SER B 478 -31.18 -22.51 2.65
CA SER B 478 -29.98 -23.11 3.21
C SER B 478 -28.76 -22.88 2.34
N ARG B 479 -28.92 -22.28 1.17
CA ARG B 479 -27.84 -22.12 0.21
C ARG B 479 -27.33 -20.68 0.26
N THR B 480 -26.08 -20.51 0.66
CA THR B 480 -25.46 -19.19 0.65
C THR B 480 -25.39 -18.68 -0.78
N PRO B 481 -25.87 -17.47 -1.06
CA PRO B 481 -25.99 -17.04 -2.45
C PRO B 481 -24.64 -16.71 -3.08
N ARG B 482 -24.64 -16.73 -4.40
CA ARG B 482 -23.48 -16.47 -5.24
C ARG B 482 -23.71 -15.20 -6.06
N PRO B 483 -22.66 -14.60 -6.61
CA PRO B 483 -22.82 -13.33 -7.34
C PRO B 483 -23.79 -13.45 -8.50
N PHE B 484 -24.54 -12.37 -8.73
CA PHE B 484 -25.46 -12.31 -9.85
C PHE B 484 -24.71 -12.47 -11.17
N PRO B 485 -25.34 -13.05 -12.17
CA PRO B 485 -24.72 -13.13 -13.50
C PRO B 485 -24.88 -11.81 -14.24
N GLN B 486 -24.27 -11.76 -15.42
CA GLN B 486 -24.41 -10.61 -16.32
C GLN B 486 -25.27 -11.00 -17.50
N LEU B 487 -26.14 -10.09 -17.91
CA LEU B 487 -26.96 -10.27 -19.11
C LEU B 487 -26.67 -9.12 -20.06
N LYS B 488 -26.11 -9.45 -21.22
CA LYS B 488 -25.79 -8.47 -22.24
C LYS B 488 -26.47 -8.89 -23.55
N PHE B 489 -26.88 -7.90 -24.32
CA PHE B 489 -27.54 -8.13 -25.60
C PHE B 489 -26.52 -8.22 -26.72
N LYS B 490 -26.79 -9.10 -27.68
CA LYS B 490 -25.86 -9.37 -28.77
C LYS B 490 -25.99 -8.39 -29.93
N ARG B 491 -27.06 -7.60 -29.98
CA ARG B 491 -27.23 -6.67 -31.09
C ARG B 491 -28.19 -5.55 -30.70
N LYS B 492 -28.03 -4.41 -31.35
CA LYS B 492 -28.94 -3.29 -31.19
C LYS B 492 -30.13 -3.49 -32.13
N VAL B 493 -31.34 -3.42 -31.59
CA VAL B 493 -32.54 -3.68 -32.36
C VAL B 493 -33.22 -2.38 -32.73
N GLU B 494 -33.90 -2.39 -33.89
CA GLU B 494 -34.63 -1.21 -34.34
C GLU B 494 -35.89 -1.01 -33.51
N ASN B 495 -36.78 -2.00 -33.51
CA ASN B 495 -38.00 -1.96 -32.72
C ASN B 495 -37.85 -2.85 -31.49
N ILE B 496 -38.69 -2.59 -30.49
CA ILE B 496 -38.57 -3.31 -29.23
C ILE B 496 -39.01 -4.76 -29.39
N GLU B 497 -39.97 -5.03 -30.28
CA GLU B 497 -40.48 -6.37 -30.47
C GLU B 497 -39.56 -7.27 -31.27
N ASP B 498 -38.45 -6.75 -31.80
CA ASP B 498 -37.55 -7.53 -32.62
C ASP B 498 -36.61 -8.41 -31.82
N PHE B 499 -36.65 -8.33 -30.49
CA PHE B 499 -35.76 -9.13 -29.67
C PHE B 499 -36.04 -10.62 -29.87
N LYS B 500 -34.98 -11.42 -29.86
CA LYS B 500 -35.09 -12.87 -29.97
C LYS B 500 -34.27 -13.51 -28.87
N TRP B 501 -34.57 -14.78 -28.59
CA TRP B 501 -33.88 -15.49 -27.52
C TRP B 501 -32.39 -15.60 -27.81
N GLU B 502 -32.02 -15.73 -29.08
CA GLU B 502 -30.61 -15.81 -29.46
C GLU B 502 -29.89 -14.48 -29.29
N ASP B 503 -30.61 -13.39 -29.08
CA ASP B 503 -29.98 -12.08 -28.94
C ASP B 503 -29.49 -11.79 -27.52
N ILE B 504 -29.82 -12.63 -26.54
CA ILE B 504 -29.42 -12.41 -25.16
C ILE B 504 -28.28 -13.36 -24.82
N GLU B 505 -27.31 -12.86 -24.08
CA GLU B 505 -26.16 -13.65 -23.63
C GLU B 505 -26.08 -13.59 -22.12
N LEU B 506 -26.22 -14.73 -21.47
CA LEU B 506 -26.15 -14.84 -20.02
C LEU B 506 -24.73 -15.25 -19.63
N ILE B 507 -24.04 -14.38 -18.91
CA ILE B 507 -22.62 -14.52 -18.63
C ILE B 507 -22.44 -14.74 -17.13
N GLY B 508 -21.81 -15.86 -16.77
CA GLY B 508 -21.44 -16.09 -15.38
C GLY B 508 -22.58 -16.46 -14.46
N TYR B 509 -23.49 -17.31 -14.92
CA TYR B 509 -24.60 -17.79 -14.11
C TYR B 509 -24.22 -19.18 -13.59
N TYR B 510 -23.88 -19.26 -12.31
CA TYR B 510 -23.48 -20.51 -11.66
C TYR B 510 -24.40 -20.76 -10.48
N PRO B 511 -25.65 -21.13 -10.71
CA PRO B 511 -26.61 -21.24 -9.63
C PRO B 511 -26.56 -22.61 -8.96
N TYR B 512 -27.32 -22.75 -7.89
CA TYR B 512 -27.53 -24.03 -7.25
C TYR B 512 -28.54 -24.85 -8.04
N PRO B 513 -28.57 -26.17 -7.85
CA PRO B 513 -29.47 -27.02 -8.64
C PRO B 513 -30.91 -26.54 -8.57
N THR B 514 -31.64 -26.77 -9.65
CA THR B 514 -33.03 -26.31 -9.73
C THR B 514 -33.89 -27.00 -8.68
N ILE B 515 -34.94 -26.30 -8.25
CA ILE B 515 -35.84 -26.78 -7.20
C ILE B 515 -37.24 -26.86 -7.78
N LYS B 516 -37.85 -28.04 -7.73
CA LYS B 516 -39.16 -28.26 -8.32
C LYS B 516 -40.26 -27.83 -7.38
N MET B 517 -41.17 -26.98 -7.88
CA MET B 517 -42.33 -26.52 -7.12
C MET B 517 -43.53 -26.46 -8.05
N ASP B 518 -44.66 -26.99 -7.59
CA ASP B 518 -45.87 -27.06 -8.39
C ASP B 518 -46.66 -25.76 -8.29
N MET B 519 -47.25 -25.35 -9.41
CA MET B 519 -48.06 -24.14 -9.44
C MET B 519 -49.48 -24.44 -8.97
N ALA B 520 -50.01 -23.52 -8.15
CA ALA B 520 -51.40 -23.60 -7.72
C ALA B 520 -52.29 -22.98 -8.79
N VAL B 521 -53.05 -23.82 -9.49
CA VAL B 521 -53.92 -23.35 -10.56
C VAL B 521 -55.15 -22.66 -10.00
N GLU C 3 -2.05 38.75 -7.34
CA GLU C 3 -1.70 38.19 -8.64
C GLU C 3 -1.45 36.68 -8.51
N LYS C 4 -2.47 35.89 -8.84
CA LYS C 4 -2.37 34.44 -8.87
C LYS C 4 -2.78 33.94 -10.25
N ASN C 5 -2.85 32.62 -10.39
CA ASN C 5 -3.10 31.99 -11.68
C ASN C 5 -4.58 31.73 -11.90
N VAL C 6 -5.04 31.92 -13.13
CA VAL C 6 -6.43 31.69 -13.52
C VAL C 6 -6.43 30.76 -14.72
N SER C 7 -6.70 29.48 -14.49
CA SER C 7 -6.73 28.48 -15.55
C SER C 7 -8.17 28.13 -15.89
N ILE C 8 -8.37 27.67 -17.13
CA ILE C 8 -9.68 27.22 -17.59
C ILE C 8 -9.59 25.74 -17.91
N VAL C 9 -10.57 24.97 -17.44
CA VAL C 9 -10.63 23.54 -17.71
C VAL C 9 -11.86 23.26 -18.54
N VAL C 10 -11.68 22.59 -19.68
CA VAL C 10 -12.79 22.32 -20.59
C VAL C 10 -12.52 21.01 -21.32
N ALA C 11 -13.59 20.30 -21.64
CA ALA C 11 -13.56 19.11 -22.48
C ALA C 11 -14.46 19.35 -23.67
N ALA C 12 -13.87 19.58 -24.84
CA ALA C 12 -14.62 19.92 -26.03
C ALA C 12 -14.37 18.87 -27.12
N SER C 13 -15.30 18.82 -28.07
CA SER C 13 -15.15 17.92 -29.21
C SER C 13 -13.97 18.36 -30.06
N VAL C 14 -13.44 17.42 -30.85
CA VAL C 14 -12.16 17.65 -31.52
C VAL C 14 -12.30 18.70 -32.63
N LEU C 15 -13.43 18.73 -33.32
CA LEU C 15 -13.57 19.64 -34.45
C LEU C 15 -14.42 20.86 -34.10
N SER C 16 -15.71 20.65 -33.84
CA SER C 16 -16.61 21.77 -33.58
C SER C 16 -16.48 22.33 -32.17
N SER C 17 -15.75 21.66 -31.28
CA SER C 17 -15.52 22.14 -29.92
C SER C 17 -16.81 22.25 -29.13
N GLY C 18 -17.71 21.28 -29.32
CA GLY C 18 -18.90 21.21 -28.51
C GLY C 18 -18.62 20.64 -27.15
N ILE C 19 -19.35 21.13 -26.14
CA ILE C 19 -19.08 20.76 -24.76
C ILE C 19 -20.33 20.28 -24.03
N GLY C 20 -21.49 20.44 -24.64
CA GLY C 20 -22.71 20.08 -23.96
C GLY C 20 -23.89 20.01 -24.91
N ILE C 21 -24.95 19.35 -24.43
CA ILE C 21 -26.20 19.22 -25.17
C ILE C 21 -27.33 19.03 -24.17
N ASN C 22 -28.34 19.90 -24.25
CA ASN C 22 -29.55 19.79 -23.42
C ASN C 22 -29.20 19.77 -21.94
N GLY C 23 -28.33 20.69 -21.52
CA GLY C 23 -28.01 20.82 -20.11
C GLY C 23 -27.17 19.71 -19.53
N GLN C 24 -26.50 18.92 -20.36
CA GLN C 24 -25.62 17.87 -19.87
C GLN C 24 -24.50 17.66 -20.89
N LEU C 25 -23.60 16.73 -20.57
CA LEU C 25 -22.46 16.46 -21.44
C LEU C 25 -22.88 15.55 -22.60
N PRO C 26 -22.22 15.68 -23.76
CA PRO C 26 -22.52 14.81 -24.90
C PRO C 26 -21.92 13.41 -24.78
N TRP C 27 -21.22 13.12 -23.70
CA TRP C 27 -20.55 11.84 -23.51
C TRP C 27 -20.48 11.55 -22.01
N SER C 28 -19.90 10.40 -21.69
CA SER C 28 -19.70 9.98 -20.30
C SER C 28 -18.35 9.30 -20.22
N ILE C 29 -17.31 10.08 -19.95
CA ILE C 29 -15.94 9.59 -19.87
C ILE C 29 -15.49 9.74 -18.41
N SER C 30 -15.32 8.60 -17.74
CA SER C 30 -15.03 8.62 -16.31
C SER C 30 -13.67 9.24 -16.02
N GLU C 31 -12.65 8.90 -16.81
CA GLU C 31 -11.30 9.40 -16.54
C GLU C 31 -11.22 10.91 -16.71
N ASP C 32 -12.05 11.49 -17.59
CA ASP C 32 -12.05 12.94 -17.75
C ASP C 32 -12.51 13.63 -16.48
N LEU C 33 -13.57 13.13 -15.84
CA LEU C 33 -14.02 13.71 -14.58
C LEU C 33 -12.94 13.57 -13.51
N LYS C 34 -12.26 12.42 -13.48
CA LYS C 34 -11.15 12.25 -12.55
C LYS C 34 -10.03 13.22 -12.87
N PHE C 35 -9.84 13.55 -14.16
CA PHE C 35 -8.89 14.58 -14.54
C PHE C 35 -9.30 15.94 -13.98
N PHE C 36 -10.59 16.27 -14.11
CA PHE C 36 -11.09 17.50 -13.51
C PHE C 36 -10.90 17.52 -12.01
N SER C 37 -11.00 16.35 -11.37
CA SER C 37 -10.82 16.27 -9.93
C SER C 37 -9.41 16.66 -9.53
N LYS C 38 -8.40 16.06 -10.17
CA LYS C 38 -7.02 16.27 -9.77
C LYS C 38 -6.52 17.64 -10.19
N ILE C 39 -6.97 18.15 -11.33
CA ILE C 39 -6.52 19.45 -11.81
C ILE C 39 -7.03 20.56 -10.89
N THR C 40 -8.32 20.52 -10.54
CA THR C 40 -8.89 21.56 -9.68
C THR C 40 -8.46 21.40 -8.23
N ASN C 41 -8.00 20.22 -7.84
CA ASN C 41 -7.54 20.00 -6.47
C ASN C 41 -6.04 20.20 -6.30
N ASN C 42 -5.28 20.23 -7.39
CA ASN C 42 -3.82 20.35 -7.31
C ASN C 42 -3.46 21.72 -6.74
N LYS C 43 -3.01 21.73 -5.48
CA LYS C 43 -2.64 22.96 -4.81
C LYS C 43 -1.35 22.73 -4.03
N CYS C 44 -0.69 23.84 -3.69
CA CYS C 44 0.57 23.79 -2.95
C CYS C 44 0.38 24.02 -1.45
N ASP C 45 -0.52 24.93 -1.06
CA ASP C 45 -0.75 25.24 0.33
C ASP C 45 -1.85 24.34 0.91
N SER C 46 -1.55 23.72 2.05
CA SER C 46 -2.55 22.85 2.69
C SER C 46 -3.72 23.69 3.21
N ASN C 47 -3.44 24.88 3.72
CA ASN C 47 -4.48 25.76 4.24
C ASN C 47 -4.90 26.77 3.17
N LYS C 48 -5.40 26.23 2.06
CA LYS C 48 -5.89 27.05 0.96
C LYS C 48 -6.78 26.18 0.09
N LYS C 49 -7.70 26.84 -0.62
CA LYS C 49 -8.64 26.15 -1.49
C LYS C 49 -8.69 26.84 -2.84
N ASN C 50 -8.92 26.06 -3.88
CA ASN C 50 -9.01 26.61 -5.23
C ASN C 50 -10.47 26.94 -5.54
N ALA C 51 -10.67 28.07 -6.22
CA ALA C 51 -12.00 28.53 -6.55
C ALA C 51 -12.38 28.05 -7.94
N LEU C 52 -13.58 27.50 -8.07
CA LEU C 52 -14.08 27.02 -9.35
C LEU C 52 -15.24 27.90 -9.78
N ILE C 53 -15.06 28.64 -10.88
CA ILE C 53 -16.07 29.56 -11.37
C ILE C 53 -16.92 28.85 -12.42
N MET C 54 -18.24 29.01 -12.32
CA MET C 54 -19.15 28.38 -13.27
C MET C 54 -20.45 29.17 -13.32
N GLY C 55 -21.15 29.03 -14.43
CA GLY C 55 -22.44 29.67 -14.61
C GLY C 55 -23.55 28.90 -13.93
N ARG C 56 -24.73 29.53 -13.88
CA ARG C 56 -25.86 28.91 -13.20
C ARG C 56 -26.32 27.64 -13.93
N LYS C 57 -26.41 27.70 -15.26
CA LYS C 57 -26.81 26.52 -16.03
C LYS C 57 -25.87 25.35 -15.75
N THR C 58 -24.57 25.64 -15.60
CA THR C 58 -23.62 24.61 -15.23
C THR C 58 -23.81 24.19 -13.77
N TRP C 59 -24.05 25.16 -12.90
CA TRP C 59 -24.33 24.86 -11.49
C TRP C 59 -25.54 23.94 -11.36
N ASP C 60 -26.53 24.13 -12.23
CA ASP C 60 -27.68 23.21 -12.24
C ASP C 60 -27.28 21.83 -12.74
N SER C 61 -26.33 21.77 -13.69
CA SER C 61 -26.00 20.50 -14.31
C SER C 61 -25.31 19.54 -13.34
N ILE C 62 -24.62 20.07 -12.34
CA ILE C 62 -23.90 19.24 -11.38
C ILE C 62 -24.72 19.02 -10.10
N GLY C 63 -26.04 19.20 -10.17
CA GLY C 63 -26.90 18.91 -9.05
C GLY C 63 -26.91 19.97 -7.95
N ARG C 64 -26.27 21.11 -8.18
CA ARG C 64 -26.22 22.19 -7.20
C ARG C 64 -25.65 21.71 -5.87
N ARG C 65 -24.62 20.88 -5.93
CA ARG C 65 -23.98 20.35 -4.74
C ARG C 65 -22.50 20.66 -4.76
N PRO C 66 -21.92 20.98 -3.60
CA PRO C 66 -20.53 21.45 -3.58
C PRO C 66 -19.54 20.35 -3.92
N LEU C 67 -18.39 20.76 -4.43
CA LEU C 67 -17.27 19.87 -4.72
C LEU C 67 -16.30 19.90 -3.55
N LYS C 68 -15.84 18.72 -3.13
CA LYS C 68 -15.04 18.59 -1.93
C LYS C 68 -13.73 19.34 -2.06
N ASN C 69 -13.30 19.96 -0.96
CA ASN C 69 -12.02 20.67 -0.83
C ASN C 69 -11.91 21.86 -1.79
N ARG C 70 -13.03 22.31 -2.35
CA ARG C 70 -13.01 23.40 -3.31
C ARG C 70 -14.15 24.36 -3.02
N ILE C 71 -13.97 25.61 -3.42
CA ILE C 71 -14.99 26.65 -3.29
C ILE C 71 -15.55 26.91 -4.68
N ILE C 72 -16.86 26.72 -4.84
CA ILE C 72 -17.51 26.90 -6.12
C ILE C 72 -18.07 28.31 -6.20
N VAL C 73 -17.70 29.02 -7.26
CA VAL C 73 -18.15 30.39 -7.50
C VAL C 73 -19.16 30.34 -8.63
N VAL C 74 -20.41 30.65 -8.33
CA VAL C 74 -21.49 30.60 -9.31
C VAL C 74 -21.75 32.00 -9.82
N ILE C 75 -21.78 32.15 -11.14
CA ILE C 75 -22.08 33.42 -11.79
C ILE C 75 -23.52 33.35 -12.27
N SER C 76 -24.42 33.91 -11.49
CA SER C 76 -25.85 33.93 -11.84
C SER C 76 -26.39 35.33 -11.68
N SER C 77 -27.26 35.72 -12.61
CA SER C 77 -27.87 37.05 -12.56
C SER C 77 -29.01 37.12 -11.56
N SER C 78 -29.60 35.99 -11.17
CA SER C 78 -30.76 36.00 -10.29
C SER C 78 -30.69 34.89 -9.25
N LEU C 79 -29.51 34.56 -8.79
CA LEU C 79 -29.53 33.63 -7.67
C LEU C 79 -29.34 34.38 -6.36
N PRO C 80 -29.97 33.92 -5.28
CA PRO C 80 -29.79 34.58 -3.98
C PRO C 80 -28.37 34.37 -3.49
N GLN C 81 -27.71 35.47 -3.12
CA GLN C 81 -26.34 35.42 -2.58
C GLN C 81 -26.40 34.94 -1.14
N ASP C 82 -26.66 33.65 -1.00
CA ASP C 82 -26.82 33.04 0.31
C ASP C 82 -25.45 32.67 0.89
N GLU C 83 -25.22 33.08 2.13
CA GLU C 83 -23.97 32.80 2.83
C GLU C 83 -24.07 31.59 3.75
N ALA C 84 -25.16 30.84 3.68
CA ALA C 84 -25.29 29.66 4.54
C ALA C 84 -24.26 28.61 4.16
N ASP C 85 -24.12 28.32 2.87
CA ASP C 85 -23.12 27.38 2.41
C ASP C 85 -21.79 28.11 2.24
N PRO C 86 -20.75 27.78 3.02
CA PRO C 86 -19.46 28.46 2.85
C PRO C 86 -18.66 27.93 1.67
N ASN C 87 -19.03 26.79 1.10
CA ASN C 87 -18.34 26.22 -0.03
C ASN C 87 -18.95 26.62 -1.37
N VAL C 88 -19.96 27.49 -1.36
CA VAL C 88 -20.60 27.98 -2.59
C VAL C 88 -20.92 29.46 -2.40
N VAL C 89 -20.40 30.30 -3.29
CA VAL C 89 -20.63 31.74 -3.25
C VAL C 89 -21.11 32.19 -4.61
N VAL C 90 -21.92 33.24 -4.63
CA VAL C 90 -22.57 33.73 -5.84
C VAL C 90 -22.13 35.17 -6.09
N PHE C 91 -21.82 35.48 -7.35
CA PHE C 91 -21.50 36.83 -7.77
C PHE C 91 -22.38 37.22 -8.95
N ARG C 92 -22.49 38.53 -9.18
CA ARG C 92 -23.41 39.04 -10.18
C ARG C 92 -22.80 39.03 -11.58
N ASN C 93 -21.52 39.38 -11.70
CA ASN C 93 -20.85 39.36 -12.99
C ASN C 93 -19.47 38.73 -12.82
N LEU C 94 -18.88 38.33 -13.95
CA LEU C 94 -17.62 37.60 -13.91
C LEU C 94 -16.49 38.50 -13.43
N GLU C 95 -16.49 39.77 -13.85
CA GLU C 95 -15.43 40.70 -13.45
C GLU C 95 -15.38 40.87 -11.94
N ASP C 96 -16.54 41.10 -11.32
CA ASP C 96 -16.57 41.26 -9.87
C ASP C 96 -16.23 39.97 -9.16
N SER C 97 -16.45 38.83 -9.79
CA SER C 97 -16.10 37.55 -9.18
C SER C 97 -14.59 37.35 -9.12
N ILE C 98 -13.84 38.05 -9.96
CA ILE C 98 -12.39 37.98 -9.93
C ILE C 98 -11.89 39.02 -8.93
N GLU C 99 -12.39 38.94 -7.70
CA GLU C 99 -11.82 39.64 -6.58
C GLU C 99 -10.98 38.72 -5.69
N ASN C 100 -10.82 37.46 -6.10
CA ASN C 100 -9.94 36.55 -5.41
C ASN C 100 -8.48 36.78 -5.73
N LEU C 101 -8.19 37.59 -6.75
CA LEU C 101 -6.80 37.85 -7.12
C LEU C 101 -6.13 38.74 -6.09
N MET C 102 -6.77 39.86 -5.75
CA MET C 102 -6.22 40.86 -4.85
C MET C 102 -6.69 40.76 -3.41
N ASN C 103 -7.93 40.33 -3.16
CA ASN C 103 -8.50 40.45 -1.82
C ASN C 103 -8.46 39.16 -0.99
N ASP C 104 -8.95 38.05 -1.53
CA ASP C 104 -9.13 36.82 -0.74
C ASP C 104 -7.87 35.97 -0.87
N ASP C 105 -6.92 36.20 0.04
CA ASP C 105 -5.65 35.46 0.00
C ASP C 105 -5.79 34.01 0.40
N SER C 106 -6.97 33.57 0.87
CA SER C 106 -7.17 32.17 1.23
C SER C 106 -7.35 31.27 0.01
N ILE C 107 -7.37 31.84 -1.19
CA ILE C 107 -7.56 31.10 -2.42
C ILE C 107 -6.22 31.07 -3.16
N GLU C 108 -5.79 29.87 -3.54
CA GLU C 108 -4.50 29.73 -4.21
C GLU C 108 -4.64 29.95 -5.72
N ASN C 109 -5.39 29.07 -6.38
CA ASN C 109 -5.60 29.16 -7.82
C ASN C 109 -7.09 29.32 -8.11
N ILE C 110 -7.38 29.80 -9.32
CA ILE C 110 -8.75 29.99 -9.80
C ILE C 110 -8.92 29.16 -11.07
N PHE C 111 -10.07 28.52 -11.20
CA PHE C 111 -10.37 27.69 -12.35
C PHE C 111 -11.69 28.10 -12.96
N VAL C 112 -11.69 28.36 -14.26
CA VAL C 112 -12.90 28.67 -15.01
C VAL C 112 -13.36 27.41 -15.73
N CYS C 113 -14.63 27.06 -15.57
CA CYS C 113 -15.13 25.81 -16.13
C CYS C 113 -16.64 25.81 -16.30
N GLY C 114 -17.22 26.98 -16.55
CA GLY C 114 -18.66 27.11 -16.47
C GLY C 114 -19.41 27.39 -17.76
N GLY C 115 -19.09 26.66 -18.82
CA GLY C 115 -19.90 26.72 -20.02
C GLY C 115 -19.53 27.86 -20.95
N GLU C 116 -20.28 27.94 -22.05
CA GLU C 116 -19.94 28.87 -23.13
C GLU C 116 -20.01 30.32 -22.66
N SER C 117 -21.09 30.68 -21.96
CA SER C 117 -21.26 32.08 -21.56
C SER C 117 -20.14 32.55 -20.65
N ILE C 118 -19.60 31.65 -19.83
CA ILE C 118 -18.47 32.00 -18.97
C ILE C 118 -17.14 31.85 -19.70
N TYR C 119 -17.02 30.84 -20.56
CA TYR C 119 -15.79 30.67 -21.34
C TYR C 119 -15.55 31.87 -22.24
N ARG C 120 -16.57 32.28 -23.00
CA ARG C 120 -16.39 33.39 -23.94
C ARG C 120 -16.09 34.68 -23.20
N ASP C 121 -16.76 34.94 -22.08
CA ASP C 121 -16.51 36.16 -21.34
C ASP C 121 -15.15 36.13 -20.65
N ALA C 122 -14.66 34.94 -20.28
CA ALA C 122 -13.35 34.86 -19.65
C ALA C 122 -12.23 35.07 -20.64
N LEU C 123 -12.44 34.68 -21.90
CA LEU C 123 -11.44 34.88 -22.94
C LEU C 123 -11.52 36.26 -23.59
N LYS C 124 -12.74 36.79 -23.76
CA LYS C 124 -12.89 38.11 -24.38
C LYS C 124 -12.33 39.21 -23.50
N ASP C 125 -12.29 39.01 -22.19
CA ASP C 125 -11.78 40.00 -21.26
C ASP C 125 -10.36 39.69 -20.79
N ASN C 126 -9.71 38.69 -21.40
CA ASN C 126 -8.30 38.38 -21.15
C ASN C 126 -8.05 38.09 -19.67
N PHE C 127 -8.93 37.30 -19.06
CA PHE C 127 -8.78 36.88 -17.68
C PHE C 127 -8.03 35.57 -17.53
N VAL C 128 -7.85 34.82 -18.62
CA VAL C 128 -7.32 33.46 -18.56
C VAL C 128 -5.82 33.48 -18.75
N ASP C 129 -5.12 32.65 -17.96
CA ASP C 129 -3.68 32.46 -18.10
C ASP C 129 -3.29 31.12 -18.71
N ARG C 130 -4.15 30.10 -18.61
CA ARG C 130 -3.80 28.77 -19.09
C ARG C 130 -5.09 28.01 -19.39
N ILE C 131 -5.01 27.08 -20.34
CA ILE C 131 -6.16 26.30 -20.79
C ILE C 131 -5.85 24.83 -20.64
N TYR C 132 -6.75 24.10 -19.98
CA TYR C 132 -6.67 22.63 -19.87
C TYR C 132 -7.77 22.05 -20.74
N LEU C 133 -7.41 21.70 -21.98
CA LEU C 133 -8.37 21.23 -22.97
C LEU C 133 -8.33 19.72 -23.07
N THR C 134 -9.50 19.10 -22.98
CA THR C 134 -9.66 17.65 -23.14
C THR C 134 -10.41 17.43 -24.46
N ARG C 135 -9.66 17.23 -25.54
CA ARG C 135 -10.27 17.02 -26.84
C ARG C 135 -10.87 15.63 -26.92
N VAL C 136 -12.13 15.54 -27.33
CA VAL C 136 -12.85 14.28 -27.41
C VAL C 136 -13.20 14.00 -28.87
N ALA C 137 -13.04 12.74 -29.27
CA ALA C 137 -13.25 12.35 -30.66
C ALA C 137 -14.70 11.93 -30.89
N LEU C 138 -15.60 12.91 -30.78
CA LEU C 138 -17.01 12.72 -31.06
C LEU C 138 -17.53 13.95 -31.78
N GLU C 139 -17.99 13.78 -33.02
CA GLU C 139 -18.41 14.92 -33.81
C GLU C 139 -19.67 14.71 -34.64
N ASP C 140 -20.12 13.48 -34.87
CA ASP C 140 -21.35 13.24 -35.61
C ASP C 140 -22.56 13.14 -34.70
N ILE C 141 -22.57 13.89 -33.60
CA ILE C 141 -23.70 13.94 -32.68
C ILE C 141 -24.16 15.39 -32.59
N GLU C 142 -25.16 15.65 -31.74
CA GLU C 142 -25.73 16.98 -31.62
C GLU C 142 -25.13 17.71 -30.44
N PHE C 143 -24.93 19.02 -30.61
CA PHE C 143 -24.48 19.90 -29.55
C PHE C 143 -25.36 21.14 -29.53
N ASP C 144 -25.49 21.74 -28.34
CA ASP C 144 -26.12 23.04 -28.22
C ASP C 144 -25.26 24.06 -27.47
N THR C 145 -24.13 23.65 -26.91
CA THR C 145 -23.24 24.56 -26.20
C THR C 145 -21.82 24.24 -26.62
N TYR C 146 -21.12 25.24 -27.14
CA TYR C 146 -19.79 25.05 -27.69
C TYR C 146 -18.76 25.79 -26.86
N PHE C 147 -17.50 25.41 -27.06
CA PHE C 147 -16.36 26.09 -26.46
C PHE C 147 -15.78 27.07 -27.46
N PRO C 148 -15.59 28.33 -27.08
CA PRO C 148 -15.12 29.33 -28.04
C PRO C 148 -13.76 28.96 -28.60
N GLU C 149 -13.51 29.41 -29.83
CA GLU C 149 -12.23 29.16 -30.48
C GLU C 149 -11.11 29.81 -29.68
N ILE C 150 -10.04 29.05 -29.45
CA ILE C 150 -8.93 29.56 -28.64
C ILE C 150 -8.28 30.75 -29.35
N PRO C 151 -8.14 31.89 -28.69
CA PRO C 151 -7.58 33.05 -29.36
C PRO C 151 -6.12 32.84 -29.72
N GLU C 152 -5.63 33.69 -30.64
CA GLU C 152 -4.25 33.58 -31.10
C GLU C 152 -3.25 33.84 -29.99
N THR C 153 -3.65 34.48 -28.90
CA THR C 153 -2.71 34.77 -27.82
C THR C 153 -2.25 33.52 -27.09
N PHE C 154 -2.98 32.42 -27.22
CA PHE C 154 -2.63 31.17 -26.56
C PHE C 154 -1.88 30.26 -27.51
N LEU C 155 -0.95 29.49 -26.94
CA LEU C 155 -0.16 28.54 -27.71
C LEU C 155 -0.09 27.20 -26.98
N PRO C 156 -0.25 26.10 -27.70
CA PRO C 156 -0.18 24.78 -27.05
C PRO C 156 1.23 24.47 -26.57
N VAL C 157 1.32 23.95 -25.34
CA VAL C 157 2.59 23.55 -24.76
C VAL C 157 2.63 22.07 -24.40
N TYR C 158 1.52 21.35 -24.53
CA TYR C 158 1.49 19.93 -24.16
C TYR C 158 0.33 19.27 -24.88
N MET C 159 0.56 18.03 -25.33
CA MET C 159 -0.47 17.22 -25.97
C MET C 159 -0.25 15.78 -25.57
N SER C 160 -1.13 15.26 -24.71
CA SER C 160 -0.97 13.94 -24.14
C SER C 160 -1.16 12.86 -25.21
N GLN C 161 -0.82 11.62 -24.85
CA GLN C 161 -1.07 10.50 -25.73
C GLN C 161 -2.57 10.28 -25.86
N THR C 162 -2.97 9.63 -26.94
CA THR C 162 -4.37 9.34 -27.14
C THR C 162 -4.83 8.22 -26.21
N PHE C 163 -5.89 8.48 -25.46
CA PHE C 163 -6.47 7.51 -24.53
C PHE C 163 -7.77 6.97 -25.10
N CYS C 164 -8.42 6.11 -24.33
CA CYS C 164 -9.65 5.46 -24.79
C CYS C 164 -10.55 5.13 -23.62
N THR C 165 -11.84 5.43 -23.77
CA THR C 165 -12.85 5.07 -22.78
C THR C 165 -14.14 4.75 -23.52
N LYS C 166 -14.57 3.48 -23.44
CA LYS C 166 -15.74 3.02 -24.18
C LYS C 166 -15.59 3.29 -25.68
N ASN C 167 -14.40 2.98 -26.20
CA ASN C 167 -14.08 3.16 -27.62
C ASN C 167 -14.15 4.62 -28.05
N ILE C 168 -13.89 5.54 -27.12
CA ILE C 168 -13.89 6.97 -27.42
C ILE C 168 -12.48 7.48 -27.16
N SER C 169 -11.83 8.00 -28.19
CA SER C 169 -10.48 8.54 -28.08
C SER C 169 -10.51 9.98 -27.62
N TYR C 170 -9.56 10.35 -26.77
CA TYR C 170 -9.50 11.71 -26.28
C TYR C 170 -8.07 12.07 -25.90
N ASP C 171 -7.77 13.38 -25.98
CA ASP C 171 -6.46 13.93 -25.67
C ASP C 171 -6.55 14.88 -24.48
N PHE C 172 -5.39 15.26 -23.98
CA PHE C 172 -5.26 16.29 -22.94
C PHE C 172 -4.22 17.29 -23.41
N MET C 173 -4.62 18.54 -23.54
CA MET C 173 -3.71 19.59 -24.00
C MET C 173 -3.68 20.73 -23.01
N ILE C 174 -2.58 21.49 -23.06
CA ILE C 174 -2.39 22.68 -22.23
C ILE C 174 -2.04 23.83 -23.16
N PHE C 175 -2.72 24.96 -22.99
CA PHE C 175 -2.47 26.17 -23.75
C PHE C 175 -2.09 27.28 -22.78
N GLU C 176 -1.00 27.98 -23.05
CA GLU C 176 -0.55 29.07 -22.21
C GLU C 176 -0.53 30.37 -23.00
N LYS C 177 -0.85 31.47 -22.32
CA LYS C 177 -0.88 32.77 -22.97
C LYS C 177 0.53 33.33 -23.08
N GLN C 178 0.82 33.93 -24.23
CA GLN C 178 2.16 34.45 -24.49
C GLN C 178 2.41 35.73 -23.69
N GLU C 179 3.64 35.86 -23.21
CA GLU C 179 4.05 36.97 -22.36
C GLU C 179 4.87 37.95 -23.23
N LYS C 180 6.09 38.34 -22.84
CA LYS C 180 6.87 39.32 -23.58
C LYS C 180 8.05 38.64 -24.26
N LYS C 181 8.40 39.15 -25.44
CA LYS C 181 9.51 38.61 -26.23
C LYS C 181 9.35 37.12 -26.51
N LEU C 193 22.23 24.91 -16.62
CA LEU C 193 21.70 24.53 -17.93
C LEU C 193 22.06 25.58 -18.98
N LYS C 194 22.06 26.85 -18.57
CA LYS C 194 22.36 27.92 -19.51
C LYS C 194 23.78 27.81 -20.06
N SER C 195 24.70 27.28 -19.27
CA SER C 195 26.09 27.17 -19.70
C SER C 195 26.34 25.91 -20.51
N ILE C 196 25.54 24.86 -20.30
CA ILE C 196 25.74 23.62 -21.05
C ILE C 196 25.47 23.85 -22.53
N ASP C 197 24.40 24.58 -22.86
CA ASP C 197 24.06 24.82 -24.26
C ASP C 197 25.15 25.63 -24.96
N ASP C 198 25.78 26.56 -24.24
CA ASP C 198 26.85 27.35 -24.84
C ASP C 198 28.06 26.48 -25.15
N THR C 199 28.44 25.59 -24.23
CA THR C 199 29.60 24.75 -24.44
C THR C 199 29.39 23.78 -25.59
N VAL C 200 28.16 23.29 -25.76
CA VAL C 200 27.87 22.41 -26.89
C VAL C 200 27.92 23.17 -28.20
N ASP C 201 27.47 24.43 -28.19
CA ASP C 201 27.54 25.24 -29.39
C ASP C 201 28.99 25.49 -29.80
N LEU C 202 29.85 25.81 -28.83
CA LEU C 202 31.25 26.07 -29.13
C LEU C 202 31.94 24.82 -29.65
N LEU C 203 31.60 23.66 -29.10
CA LEU C 203 32.15 22.41 -29.63
C LEU C 203 31.67 22.15 -31.05
N GLY C 204 30.47 22.62 -31.39
CA GLY C 204 29.99 22.50 -32.76
C GLY C 204 30.69 23.44 -33.72
N GLU C 205 31.27 24.53 -33.21
CA GLU C 205 32.03 25.43 -34.07
C GLU C 205 33.44 24.92 -34.31
N ILE C 206 33.98 24.13 -33.38
CA ILE C 206 35.33 23.61 -33.51
C ILE C 206 35.35 22.39 -34.41
N PHE C 207 34.65 21.34 -34.00
CA PHE C 207 34.46 20.16 -34.84
C PHE C 207 33.25 20.40 -35.73
N GLY C 208 33.45 20.31 -37.04
CA GLY C 208 32.38 20.65 -37.97
C GLY C 208 31.30 19.60 -38.03
N ILE C 209 31.53 18.55 -38.81
CA ILE C 209 30.70 17.37 -38.77
C ILE C 209 31.41 16.21 -38.09
N ARG C 210 32.52 16.50 -37.42
CA ARG C 210 33.18 15.48 -36.61
C ARG C 210 32.37 15.20 -35.34
N LYS C 211 31.79 16.24 -34.75
CA LYS C 211 30.89 16.06 -33.62
C LYS C 211 29.57 15.50 -34.11
N MET C 212 29.16 14.36 -33.54
CA MET C 212 27.97 13.67 -34.02
C MET C 212 26.71 14.51 -33.84
N GLY C 213 26.72 15.46 -32.91
CA GLY C 213 25.55 16.31 -32.73
C GLY C 213 25.20 17.12 -33.96
N ASN C 214 26.22 17.55 -34.72
CA ASN C 214 25.95 18.35 -35.90
C ASN C 214 25.37 17.50 -37.04
N ARG C 215 25.67 16.20 -37.07
CA ARG C 215 25.04 15.34 -38.06
C ARG C 215 23.58 15.07 -37.74
N HIS C 216 23.16 15.31 -36.50
CA HIS C 216 21.76 15.17 -36.11
C HIS C 216 21.29 16.49 -35.47
N LYS C 217 21.26 17.54 -36.29
CA LYS C 217 20.85 18.84 -35.80
C LYS C 217 19.36 18.85 -35.47
N PHE C 218 19.00 19.62 -34.45
CA PHE C 218 17.60 19.73 -34.08
C PHE C 218 16.83 20.49 -35.15
N PRO C 219 15.62 20.04 -35.50
CA PRO C 219 14.88 20.69 -36.58
C PRO C 219 14.55 22.15 -36.27
N LYS C 220 14.66 22.99 -37.28
CA LYS C 220 14.37 24.40 -37.13
C LYS C 220 12.88 24.62 -36.90
N GLU C 221 12.54 25.80 -36.38
CA GLU C 221 11.16 26.08 -36.00
C GLU C 221 10.24 26.07 -37.22
N GLU C 222 10.74 26.43 -38.39
CA GLU C 222 9.87 26.49 -39.56
C GLU C 222 9.53 25.12 -40.12
N ILE C 223 10.16 24.06 -39.63
CA ILE C 223 9.82 22.70 -40.05
C ILE C 223 9.43 21.80 -38.88
N TYR C 224 9.24 22.38 -37.70
CA TYR C 224 8.82 21.64 -36.52
C TYR C 224 7.30 21.74 -36.40
N ASN C 225 6.64 20.59 -36.33
CA ASN C 225 5.18 20.57 -36.26
C ASN C 225 4.73 21.05 -34.90
N THR C 226 3.96 22.14 -34.89
CA THR C 226 3.50 22.79 -33.67
C THR C 226 4.70 23.09 -32.78
N PRO C 227 5.59 23.99 -33.21
CA PRO C 227 6.84 24.20 -32.47
C PRO C 227 6.63 24.78 -31.09
N SER C 228 5.41 25.20 -30.76
CA SER C 228 5.13 25.71 -29.42
C SER C 228 5.17 24.61 -28.38
N ILE C 229 4.87 23.37 -28.78
CA ILE C 229 4.90 22.23 -27.87
C ILE C 229 6.34 21.73 -27.80
N ARG C 230 7.09 22.19 -26.81
CA ARG C 230 8.50 21.84 -26.69
C ARG C 230 8.71 20.59 -25.86
N PHE C 231 8.28 20.60 -24.59
CA PHE C 231 8.52 19.51 -23.67
C PHE C 231 7.35 18.55 -23.54
N GLY C 232 6.22 18.84 -24.19
CA GLY C 232 5.05 18.02 -24.02
C GLY C 232 4.60 17.31 -25.28
N ARG C 233 5.56 16.73 -26.01
CA ARG C 233 5.25 16.03 -27.25
C ARG C 233 4.96 14.55 -26.97
N GLU C 234 3.97 14.33 -26.12
CA GLU C 234 3.62 12.97 -25.74
C GLU C 234 2.85 12.24 -26.82
N HIS C 235 2.00 12.97 -27.56
CA HIS C 235 1.22 12.33 -28.62
C HIS C 235 2.15 11.64 -29.60
N TYR C 236 1.87 10.36 -29.86
CA TYR C 236 2.81 9.54 -30.60
C TYR C 236 2.68 9.70 -32.11
N GLU C 237 1.82 10.60 -32.60
CA GLU C 237 1.94 11.00 -33.99
C GLU C 237 3.14 11.92 -34.19
N PHE C 238 3.61 12.56 -33.12
CA PHE C 238 4.86 13.31 -33.17
C PHE C 238 6.06 12.41 -33.46
N GLN C 239 5.96 11.11 -33.14
CA GLN C 239 7.02 10.19 -33.48
C GLN C 239 7.21 10.06 -34.98
N TYR C 240 6.17 10.36 -35.76
CA TYR C 240 6.26 10.41 -37.22
C TYR C 240 6.48 11.82 -37.74
N LEU C 241 5.82 12.82 -37.15
CA LEU C 241 5.96 14.18 -37.63
C LEU C 241 7.35 14.74 -37.33
N ASP C 242 7.92 14.36 -36.19
CA ASP C 242 9.28 14.81 -35.88
C ASP C 242 10.33 14.07 -36.70
N LEU C 243 10.01 12.88 -37.20
CA LEU C 243 10.92 12.22 -38.14
C LEU C 243 10.97 12.98 -39.47
N LEU C 244 9.81 13.46 -39.93
CA LEU C 244 9.79 14.34 -41.11
C LEU C 244 10.66 15.56 -40.89
N SER C 245 10.53 16.20 -39.73
CA SER C 245 11.33 17.38 -39.44
C SER C 245 12.81 17.06 -39.40
N ARG C 246 13.19 15.93 -38.80
CA ARG C 246 14.59 15.56 -38.76
C ARG C 246 15.14 15.25 -40.14
N VAL C 247 14.33 14.69 -41.03
CA VAL C 247 14.78 14.45 -42.39
C VAL C 247 14.95 15.77 -43.13
N LEU C 248 14.01 16.69 -42.96
CA LEU C 248 14.12 17.99 -43.62
C LEU C 248 15.35 18.75 -43.14
N GLU C 249 15.77 18.52 -41.90
CA GLU C 249 16.91 19.26 -41.36
C GLU C 249 18.24 18.64 -41.75
N ASN C 250 18.35 17.31 -41.67
CA ASN C 250 19.63 16.64 -41.86
C ASN C 250 19.68 15.76 -43.10
N GLY C 251 18.62 15.72 -43.90
CA GLY C 251 18.60 14.81 -45.04
C GLY C 251 19.59 15.23 -46.11
N ALA C 252 20.39 14.28 -46.55
CA ALA C 252 21.36 14.52 -47.61
C ALA C 252 20.73 14.20 -48.96
N TYR C 253 20.87 15.13 -49.90
CA TYR C 253 20.32 14.95 -51.24
C TYR C 253 21.06 13.81 -51.92
N ARG C 254 20.35 12.69 -52.14
CA ARG C 254 20.95 11.50 -52.71
C ARG C 254 20.08 10.97 -53.85
N GLU C 255 20.73 10.30 -54.81
CA GLU C 255 20.04 9.67 -55.91
C GLU C 255 19.61 8.26 -55.50
N ASN C 256 18.91 7.57 -56.38
CA ASN C 256 18.44 6.23 -56.09
C ASN C 256 18.13 5.52 -57.40
N ARG C 257 17.45 4.38 -57.31
CA ARG C 257 17.15 3.59 -58.50
C ARG C 257 16.14 4.30 -59.41
N THR C 258 15.32 5.18 -58.84
CA THR C 258 14.38 5.95 -59.64
C THR C 258 14.97 7.31 -59.99
N GLY C 259 14.26 8.04 -60.85
CA GLY C 259 14.70 9.38 -61.20
C GLY C 259 14.46 10.43 -60.15
N ILE C 260 13.67 10.10 -59.12
CA ILE C 260 13.30 11.06 -58.08
C ILE C 260 14.30 10.94 -56.94
N SER C 261 15.13 11.96 -56.78
CA SER C 261 16.09 11.98 -55.69
C SER C 261 15.39 12.24 -54.35
N THR C 262 16.04 11.83 -53.27
CA THR C 262 15.48 11.95 -51.94
C THR C 262 16.44 12.69 -51.02
N TYR C 263 15.92 13.07 -49.85
CA TYR C 263 16.73 13.56 -48.73
C TYR C 263 16.66 12.49 -47.66
N SER C 264 17.79 11.84 -47.37
CA SER C 264 17.80 10.62 -46.58
C SER C 264 18.68 10.77 -45.35
N ILE C 265 18.24 10.17 -44.24
CA ILE C 265 19.05 10.00 -43.05
C ILE C 265 18.95 8.54 -42.61
N PHE C 266 19.92 8.12 -41.81
CA PHE C 266 20.08 6.73 -41.45
C PHE C 266 19.81 6.51 -39.96
N GLY C 267 19.24 5.35 -39.65
CA GLY C 267 19.09 4.92 -38.27
C GLY C 267 18.11 5.73 -37.43
N GLN C 268 16.85 5.79 -37.84
CA GLN C 268 15.81 6.45 -37.07
C GLN C 268 14.79 5.42 -36.59
N MET C 269 14.01 5.79 -35.57
CA MET C 269 13.02 4.90 -35.00
C MET C 269 11.76 5.67 -34.63
N MET C 270 10.64 4.96 -34.60
CA MET C 270 9.36 5.49 -34.17
C MET C 270 8.72 4.52 -33.19
N ARG C 271 7.89 5.06 -32.30
CA ARG C 271 7.25 4.26 -31.27
C ARG C 271 5.80 4.70 -31.10
N PHE C 272 4.89 3.73 -31.18
CA PHE C 272 3.46 4.01 -31.13
C PHE C 272 2.80 3.15 -30.08
N ASP C 273 1.71 3.66 -29.51
CA ASP C 273 0.88 2.93 -28.57
C ASP C 273 -0.31 2.34 -29.31
N MET C 274 -0.66 1.10 -28.96
CA MET C 274 -1.84 0.45 -29.51
C MET C 274 -2.85 0.02 -28.46
N ARG C 275 -2.52 0.17 -27.17
CA ARG C 275 -3.47 -0.21 -26.12
C ARG C 275 -4.67 0.73 -26.11
N GLU C 276 -4.43 2.03 -26.05
CA GLU C 276 -5.48 3.02 -25.91
C GLU C 276 -5.76 3.78 -27.20
N SER C 277 -5.12 3.42 -28.30
CA SER C 277 -5.31 4.14 -29.55
C SER C 277 -4.88 3.24 -30.71
N PHE C 278 -4.98 3.78 -31.92
CA PHE C 278 -4.54 3.09 -33.13
C PHE C 278 -3.69 4.07 -33.91
N PRO C 279 -2.43 3.76 -34.20
CA PRO C 279 -1.54 4.74 -34.81
C PRO C 279 -1.86 5.02 -36.27
N LEU C 280 -3.07 5.51 -36.55
CA LEU C 280 -3.43 5.99 -37.87
C LEU C 280 -3.30 7.50 -37.87
N LEU C 281 -2.46 8.03 -38.77
CA LEU C 281 -2.15 9.45 -38.75
C LEU C 281 -3.40 10.30 -38.95
N THR C 282 -3.47 11.41 -38.22
CA THR C 282 -4.60 12.33 -38.32
C THR C 282 -4.28 13.57 -39.13
N THR C 283 -3.00 13.90 -39.32
CA THR C 283 -2.61 15.06 -40.11
C THR C 283 -2.81 14.83 -41.61
N LYS C 284 -3.35 13.69 -41.99
CA LYS C 284 -3.58 13.34 -43.40
C LYS C 284 -4.53 12.17 -43.45
N LYS C 285 -5.57 12.28 -44.28
CA LYS C 285 -6.53 11.19 -44.43
C LYS C 285 -5.85 9.99 -45.05
N VAL C 286 -5.59 8.96 -44.25
CA VAL C 286 -4.89 7.78 -44.72
C VAL C 286 -5.91 6.79 -45.28
N ALA C 287 -5.63 6.27 -46.47
CA ALA C 287 -6.50 5.27 -47.09
C ALA C 287 -6.47 3.99 -46.27
N ILE C 288 -7.34 3.91 -45.25
CA ILE C 288 -7.27 2.78 -44.33
C ILE C 288 -7.65 1.48 -44.99
N ARG C 289 -8.58 1.51 -45.96
CA ARG C 289 -9.01 0.28 -46.60
C ARG C 289 -7.87 -0.34 -47.40
N SER C 290 -7.15 0.48 -48.17
CA SER C 290 -6.04 -0.03 -48.96
C SER C 290 -4.94 -0.61 -48.08
N ILE C 291 -4.77 -0.07 -46.88
CA ILE C 291 -3.80 -0.63 -45.94
C ILE C 291 -4.19 -2.05 -45.56
N PHE C 292 -5.47 -2.25 -45.23
CA PHE C 292 -5.94 -3.57 -44.83
C PHE C 292 -5.82 -4.56 -45.98
N GLU C 293 -6.35 -4.20 -47.15
CA GLU C 293 -6.34 -5.11 -48.28
C GLU C 293 -4.93 -5.51 -48.67
N GLU C 294 -3.95 -4.63 -48.45
CA GLU C 294 -2.56 -5.02 -48.67
C GLU C 294 -2.10 -6.00 -47.61
N LEU C 295 -2.52 -5.81 -46.36
CA LEU C 295 -2.07 -6.68 -45.27
C LEU C 295 -2.67 -8.06 -45.38
N ILE C 296 -3.98 -8.14 -45.58
CA ILE C 296 -4.63 -9.45 -45.74
C ILE C 296 -4.12 -10.13 -46.99
N TRP C 297 -3.71 -9.35 -47.99
CA TRP C 297 -3.06 -9.91 -49.17
C TRP C 297 -1.77 -10.62 -48.79
N PHE C 298 -0.98 -10.00 -47.90
CA PHE C 298 0.24 -10.65 -47.43
C PHE C 298 -0.08 -11.90 -46.63
N ILE C 299 -1.04 -11.80 -45.71
CA ILE C 299 -1.34 -12.92 -44.82
C ILE C 299 -1.80 -14.13 -45.62
N LYS C 300 -2.63 -13.91 -46.63
CA LYS C 300 -3.16 -15.02 -47.43
C LYS C 300 -2.09 -15.73 -48.23
N GLY C 301 -0.88 -15.18 -48.31
CA GLY C 301 0.16 -15.78 -49.10
C GLY C 301 0.16 -15.41 -50.57
N ASP C 302 -0.52 -14.33 -50.93
CA ASP C 302 -0.75 -14.00 -52.33
C ASP C 302 0.34 -13.07 -52.87
N THR C 303 0.72 -13.30 -54.12
CA THR C 303 1.64 -12.40 -54.83
C THR C 303 1.03 -11.90 -56.13
N ASN C 304 -0.24 -12.17 -56.38
CA ASN C 304 -0.91 -11.72 -57.59
C ASN C 304 -1.35 -10.27 -57.41
N GLY C 305 -0.78 -9.38 -58.22
CA GLY C 305 -1.12 -7.97 -58.11
C GLY C 305 -2.52 -7.62 -58.58
N ASN C 306 -3.14 -8.50 -59.37
CA ASN C 306 -4.49 -8.20 -59.85
C ASN C 306 -5.52 -8.30 -58.72
N HIS C 307 -5.26 -9.16 -57.73
CA HIS C 307 -6.22 -9.34 -56.65
C HIS C 307 -6.40 -8.06 -55.84
N LEU C 308 -5.40 -7.19 -55.83
CA LEU C 308 -5.56 -5.88 -55.21
C LEU C 308 -6.21 -4.89 -56.16
N ILE C 309 -5.88 -4.96 -57.45
CA ILE C 309 -6.53 -4.10 -58.43
C ILE C 309 -8.00 -4.45 -58.58
N GLU C 310 -8.35 -5.73 -58.46
CA GLU C 310 -9.76 -6.12 -58.51
C GLU C 310 -10.52 -5.56 -57.32
N LYS C 311 -9.84 -5.30 -56.20
CA LYS C 311 -10.45 -4.67 -55.04
C LYS C 311 -10.21 -3.17 -55.01
N LYS C 312 -9.88 -2.58 -56.16
CA LYS C 312 -9.66 -1.14 -56.29
C LYS C 312 -8.55 -0.64 -55.37
N VAL C 313 -7.43 -1.37 -55.35
CA VAL C 313 -6.24 -0.99 -54.60
C VAL C 313 -5.07 -1.02 -55.59
N TYR C 314 -4.59 0.16 -55.99
CA TYR C 314 -3.59 0.28 -57.03
C TYR C 314 -2.22 0.69 -56.48
N ILE C 315 -1.91 0.33 -55.24
CA ILE C 315 -0.64 0.75 -54.66
C ILE C 315 0.51 -0.01 -55.30
N TRP C 316 0.31 -1.29 -55.60
CA TRP C 316 1.34 -2.11 -56.23
C TRP C 316 1.19 -2.15 -57.74
N SER C 317 0.44 -1.21 -58.32
CA SER C 317 0.33 -1.12 -59.77
C SER C 317 1.58 -0.52 -60.39
N GLY C 318 2.25 0.39 -59.68
CA GLY C 318 3.43 1.01 -60.24
C GLY C 318 4.58 0.03 -60.42
N ASN C 319 4.90 -0.72 -59.36
CA ASN C 319 5.94 -1.73 -59.44
C ASN C 319 5.47 -2.99 -60.15
N GLY C 320 4.33 -2.93 -60.82
CA GLY C 320 3.79 -4.09 -61.50
C GLY C 320 3.29 -3.78 -62.89
N SER C 321 3.88 -2.76 -63.52
CA SER C 321 3.58 -2.46 -64.91
C SER C 321 4.52 -3.24 -65.82
N LYS C 322 4.01 -3.66 -66.98
CA LYS C 322 4.83 -4.42 -67.91
C LYS C 322 6.08 -3.66 -68.30
N GLU C 323 5.99 -2.33 -68.36
CA GLU C 323 7.17 -1.52 -68.66
C GLU C 323 8.18 -1.55 -67.54
N TYR C 324 7.72 -1.63 -66.28
CA TYR C 324 8.66 -1.63 -65.16
C TYR C 324 9.34 -2.98 -64.98
N LEU C 325 8.59 -4.08 -65.12
CA LEU C 325 9.19 -5.39 -64.92
C LEU C 325 10.25 -5.68 -65.97
N GLU C 326 9.98 -5.34 -67.23
CA GLU C 326 10.99 -5.50 -68.26
C GLU C 326 12.16 -4.54 -68.05
N ARG C 327 11.93 -3.43 -67.35
CA ARG C 327 13.03 -2.49 -67.07
C ARG C 327 13.99 -3.06 -66.04
N ILE C 328 13.49 -3.83 -65.08
CA ILE C 328 14.33 -4.42 -64.05
C ILE C 328 14.71 -5.86 -64.37
N GLY C 329 14.47 -6.30 -65.60
CA GLY C 329 14.88 -7.63 -66.02
C GLY C 329 13.87 -8.73 -65.79
N LEU C 330 12.58 -8.40 -65.70
CA LEU C 330 11.53 -9.38 -65.51
C LEU C 330 10.52 -9.31 -66.65
N GLY C 331 11.01 -9.21 -67.88
CA GLY C 331 10.11 -9.16 -69.02
C GLY C 331 9.33 -10.44 -69.22
N HIS C 332 9.92 -11.57 -68.82
CA HIS C 332 9.23 -12.86 -68.92
C HIS C 332 8.02 -12.92 -68.03
N ARG C 333 7.95 -12.07 -67.01
CA ARG C 333 6.90 -12.13 -66.02
C ARG C 333 5.59 -11.57 -66.57
N GLU C 334 4.49 -12.03 -65.99
CA GLU C 334 3.18 -11.58 -66.41
C GLU C 334 2.95 -10.15 -65.95
N GLU C 335 1.76 -9.61 -66.25
CA GLU C 335 1.50 -8.18 -66.04
C GLU C 335 1.83 -7.76 -64.61
N ASN C 336 1.18 -8.36 -63.63
CA ASN C 336 1.36 -7.95 -62.24
C ASN C 336 1.90 -9.08 -61.36
N ASP C 337 2.68 -9.99 -61.95
CA ASP C 337 3.26 -11.08 -61.20
C ASP C 337 4.46 -10.53 -60.44
N LEU C 338 4.21 -10.07 -59.21
CA LEU C 338 5.25 -9.41 -58.45
C LEU C 338 6.36 -10.36 -58.02
N GLY C 339 6.06 -11.65 -57.91
CA GLY C 339 7.06 -12.63 -57.56
C GLY C 339 7.06 -12.92 -56.07
N PRO C 340 8.02 -13.72 -55.62
CA PRO C 340 8.07 -14.05 -54.19
C PRO C 340 8.37 -12.83 -53.34
N ILE C 341 7.34 -12.23 -52.75
CA ILE C 341 7.51 -11.01 -51.98
C ILE C 341 6.87 -11.21 -50.62
N TYR C 342 6.55 -10.12 -49.91
CA TYR C 342 5.77 -10.21 -48.70
C TYR C 342 4.60 -11.17 -48.92
N GLY C 343 4.39 -12.05 -47.95
CA GLY C 343 3.35 -13.04 -48.08
C GLY C 343 3.72 -14.27 -48.88
N PHE C 344 4.90 -14.29 -49.50
CA PHE C 344 5.40 -15.54 -50.01
C PHE C 344 6.57 -16.05 -49.19
N GLN C 345 7.39 -15.15 -48.65
CA GLN C 345 8.34 -15.53 -47.62
C GLN C 345 7.66 -15.70 -46.27
N TRP C 346 6.48 -15.10 -46.08
CA TRP C 346 5.71 -15.31 -44.86
C TRP C 346 5.16 -16.73 -44.81
N ARG C 347 4.52 -17.17 -45.90
CA ARG C 347 3.80 -18.43 -45.92
C ARG C 347 4.55 -19.56 -46.60
N HIS C 348 5.46 -19.26 -47.52
CA HIS C 348 6.19 -20.29 -48.26
C HIS C 348 7.65 -19.87 -48.38
N TYR C 349 8.34 -19.78 -47.25
CA TYR C 349 9.73 -19.32 -47.25
C TYR C 349 10.62 -20.36 -47.92
N ASN C 350 11.54 -19.89 -48.77
CA ASN C 350 12.45 -20.74 -49.53
C ASN C 350 11.71 -21.67 -50.48
N GLY C 351 10.52 -21.28 -50.90
CA GLY C 351 9.73 -22.07 -51.83
C GLY C 351 10.04 -21.67 -53.26
N GLU C 352 10.28 -22.66 -54.11
CA GLU C 352 10.66 -22.40 -55.49
C GLU C 352 9.50 -21.73 -56.23
N TYR C 353 9.64 -20.44 -56.50
CA TYR C 353 8.57 -19.66 -57.11
C TYR C 353 8.59 -19.85 -58.63
N LYS C 354 7.47 -20.33 -59.17
CA LYS C 354 7.32 -20.42 -60.62
C LYS C 354 6.62 -19.17 -61.14
N THR C 355 5.30 -19.13 -61.05
CA THR C 355 4.51 -17.96 -61.41
C THR C 355 3.49 -17.68 -60.32
N MET C 356 2.66 -16.66 -60.53
CA MET C 356 1.66 -16.28 -59.55
C MET C 356 0.37 -17.08 -59.68
N HIS C 357 0.26 -17.96 -60.67
CA HIS C 357 -0.95 -18.75 -60.85
C HIS C 357 -0.83 -20.15 -60.28
N ASP C 358 0.38 -20.62 -60.02
CA ASP C 358 0.61 -21.97 -59.57
C ASP C 358 0.18 -22.15 -58.10
N ASP C 359 0.05 -23.41 -57.71
CA ASP C 359 -0.41 -23.76 -56.36
C ASP C 359 0.81 -23.97 -55.46
N TYR C 360 0.96 -23.12 -54.46
CA TYR C 360 2.08 -23.18 -53.54
C TYR C 360 1.68 -23.71 -52.17
N THR C 361 0.54 -24.39 -52.07
CA THR C 361 0.09 -24.93 -50.80
C THR C 361 1.00 -26.07 -50.37
N GLY C 362 1.63 -25.93 -49.20
CA GLY C 362 2.49 -26.94 -48.64
C GLY C 362 3.98 -26.69 -48.84
N VAL C 363 4.34 -25.96 -49.88
CA VAL C 363 5.75 -25.70 -50.17
C VAL C 363 6.24 -24.52 -49.35
N GLY C 364 7.52 -24.56 -49.00
CA GLY C 364 8.11 -23.49 -48.22
C GLY C 364 7.90 -23.66 -46.73
N VAL C 365 8.37 -22.65 -45.99
CA VAL C 365 8.29 -22.62 -44.53
C VAL C 365 7.22 -21.61 -44.16
N ASP C 366 6.13 -22.08 -43.57
CA ASP C 366 5.05 -21.20 -43.14
C ASP C 366 5.47 -20.53 -41.85
N GLN C 367 6.13 -19.38 -41.98
CA GLN C 367 6.58 -18.64 -40.81
C GLN C 367 5.40 -18.15 -39.98
N LEU C 368 4.36 -17.64 -40.64
CA LEU C 368 3.21 -17.11 -39.92
C LEU C 368 2.55 -18.18 -39.06
N ALA C 369 2.39 -19.38 -39.61
CA ALA C 369 1.81 -20.48 -38.84
C ALA C 369 2.68 -20.81 -37.63
N LYS C 370 3.98 -20.95 -37.84
CA LYS C 370 4.89 -21.19 -36.72
C LYS C 370 4.88 -20.02 -35.75
N LEU C 371 4.77 -18.79 -36.28
CA LEU C 371 4.72 -17.62 -35.41
C LEU C 371 3.47 -17.64 -34.52
N ILE C 372 2.31 -17.95 -35.10
CA ILE C 372 1.08 -18.00 -34.32
C ILE C 372 1.17 -19.11 -33.27
N GLU C 373 1.61 -20.30 -33.70
CA GLU C 373 1.70 -21.43 -32.77
C GLU C 373 2.68 -21.15 -31.65
N THR C 374 3.77 -20.43 -31.95
CA THR C 374 4.75 -20.11 -30.92
C THR C 374 4.26 -19.01 -29.99
N LEU C 375 3.41 -18.10 -30.49
CA LEU C 375 2.99 -16.97 -29.66
C LEU C 375 2.10 -17.40 -28.51
N LYS C 376 1.28 -18.44 -28.68
CA LYS C 376 0.41 -18.88 -27.60
C LYS C 376 0.98 -20.05 -26.80
N ASN C 377 1.81 -20.89 -27.41
CA ASN C 377 2.36 -22.04 -26.70
C ASN C 377 3.60 -21.67 -25.89
N ASN C 378 4.42 -20.75 -26.40
CA ASN C 378 5.64 -20.30 -25.72
C ASN C 378 5.65 -18.78 -25.74
N PRO C 379 4.94 -18.13 -24.81
CA PRO C 379 4.84 -16.67 -24.88
C PRO C 379 6.14 -15.95 -24.54
N LYS C 380 6.92 -16.46 -23.60
CA LYS C 380 8.17 -15.81 -23.22
C LYS C 380 9.33 -16.19 -24.13
N ASP C 381 9.06 -16.86 -25.24
CA ASP C 381 10.10 -17.14 -26.22
C ASP C 381 10.61 -15.84 -26.84
N ARG C 382 11.91 -15.82 -27.16
CA ARG C 382 12.55 -14.66 -27.74
C ARG C 382 12.74 -14.79 -29.24
N ARG C 383 12.08 -15.77 -29.88
CA ARG C 383 12.28 -16.06 -31.29
C ARG C 383 10.99 -15.88 -32.09
N HIS C 384 10.14 -14.94 -31.68
CA HIS C 384 8.89 -14.67 -32.38
C HIS C 384 9.17 -13.74 -33.57
N ILE C 385 9.92 -14.28 -34.53
CA ILE C 385 10.45 -13.50 -35.64
C ILE C 385 9.79 -13.94 -36.94
N LEU C 386 9.47 -12.96 -37.78
CA LEU C 386 8.89 -13.17 -39.10
C LEU C 386 9.71 -12.35 -40.09
N THR C 387 10.55 -13.01 -40.86
CA THR C 387 11.43 -12.32 -41.80
C THR C 387 10.93 -12.45 -43.23
N ALA C 388 11.33 -11.48 -44.05
CA ALA C 388 10.99 -11.46 -45.47
C ALA C 388 12.19 -11.27 -46.36
N TRP C 389 13.40 -11.20 -45.80
CA TRP C 389 14.61 -10.99 -46.57
C TRP C 389 15.23 -12.35 -46.86
N ASN C 390 15.06 -12.82 -48.09
CA ASN C 390 15.61 -14.10 -48.54
C ASN C 390 16.54 -13.85 -49.71
N PRO C 391 17.86 -13.86 -49.49
CA PRO C 391 18.79 -13.54 -50.59
C PRO C 391 18.70 -14.48 -51.78
N SER C 392 18.17 -15.69 -51.61
CA SER C 392 18.09 -16.62 -52.73
C SER C 392 17.01 -16.22 -53.72
N ALA C 393 15.99 -15.51 -53.26
CA ALA C 393 14.86 -15.15 -54.12
C ALA C 393 14.76 -13.65 -54.37
N LEU C 394 15.75 -12.86 -53.94
CA LEU C 394 15.68 -11.42 -54.13
C LEU C 394 15.63 -11.04 -55.61
N SER C 395 16.41 -11.75 -56.44
CA SER C 395 16.46 -11.42 -57.85
C SER C 395 15.11 -11.65 -58.54
N GLN C 396 14.33 -12.60 -58.04
CA GLN C 396 13.02 -12.85 -58.63
C GLN C 396 11.97 -11.83 -58.20
N MET C 397 12.21 -11.11 -57.11
CA MET C 397 11.23 -10.17 -56.59
C MET C 397 11.14 -8.95 -57.49
N ALA C 398 9.91 -8.43 -57.66
CA ALA C 398 9.74 -7.18 -58.37
C ALA C 398 10.21 -5.99 -57.54
N LEU C 399 10.36 -6.16 -56.23
CA LEU C 399 10.84 -5.12 -55.34
C LEU C 399 11.24 -5.74 -54.02
N PRO C 400 12.51 -5.64 -53.62
CA PRO C 400 12.95 -6.25 -52.38
C PRO C 400 12.15 -5.73 -51.21
N PRO C 401 12.03 -6.50 -50.14
CA PRO C 401 11.15 -6.10 -49.02
C PRO C 401 11.68 -4.85 -48.33
N CYS C 402 10.77 -3.92 -48.06
CA CYS C 402 11.13 -2.73 -47.30
C CYS C 402 11.07 -3.00 -45.81
N HIS C 403 9.93 -3.51 -45.33
CA HIS C 403 9.83 -3.98 -43.95
C HIS C 403 10.33 -5.43 -43.95
N VAL C 404 11.62 -5.58 -43.65
CA VAL C 404 12.31 -6.85 -43.87
C VAL C 404 11.98 -7.84 -42.76
N LEU C 405 12.24 -7.46 -41.51
CA LEU C 405 12.14 -8.38 -40.39
C LEU C 405 11.30 -7.76 -39.28
N SER C 406 10.48 -8.60 -38.65
CA SER C 406 9.65 -8.17 -37.55
C SER C 406 9.73 -9.20 -36.42
N GLN C 407 9.67 -8.72 -35.19
CA GLN C 407 9.74 -9.57 -34.00
C GLN C 407 8.61 -9.20 -33.06
N TYR C 408 8.05 -10.20 -32.38
CA TYR C 408 6.89 -10.00 -31.53
C TYR C 408 7.18 -10.46 -30.11
N TYR C 409 6.44 -9.89 -29.16
CA TYR C 409 6.77 -9.98 -27.74
C TYR C 409 5.50 -10.00 -26.93
N VAL C 410 5.40 -10.95 -26.01
CA VAL C 410 4.24 -11.08 -25.13
C VAL C 410 4.65 -10.61 -23.75
N THR C 411 4.02 -9.53 -23.29
CA THR C 411 4.34 -8.98 -21.98
C THR C 411 3.71 -9.84 -20.89
N ASN C 412 4.02 -9.48 -19.64
CA ASN C 412 3.47 -10.22 -18.51
C ASN C 412 1.99 -9.97 -18.32
N ASP C 413 1.47 -8.85 -18.81
CA ASP C 413 0.04 -8.54 -18.74
C ASP C 413 -0.70 -8.95 -20.01
N ASN C 414 -0.21 -9.98 -20.70
CA ASN C 414 -0.89 -10.55 -21.87
C ASN C 414 -1.16 -9.51 -22.95
N CYS C 415 -0.12 -8.75 -23.29
CA CYS C 415 -0.15 -7.81 -24.40
C CYS C 415 0.88 -8.22 -25.43
N LEU C 416 0.56 -7.98 -26.71
CA LEU C 416 1.41 -8.36 -27.83
C LEU C 416 2.04 -7.09 -28.40
N SER C 417 3.34 -6.93 -28.19
CA SER C 417 4.09 -5.82 -28.77
C SER C 417 4.80 -6.28 -30.03
N CYS C 418 5.15 -5.30 -30.87
CA CYS C 418 5.74 -5.57 -32.16
C CYS C 418 6.93 -4.67 -32.41
N ASN C 419 8.00 -5.24 -32.95
CA ASN C 419 9.16 -4.51 -33.44
C ASN C 419 9.31 -4.79 -34.92
N LEU C 420 9.72 -3.76 -35.67
CA LEU C 420 9.88 -3.87 -37.11
C LEU C 420 11.12 -3.12 -37.54
N TYR C 421 11.95 -3.77 -38.35
CA TYR C 421 13.07 -3.09 -38.99
C TYR C 421 12.70 -2.80 -40.44
N GLN C 422 12.93 -1.56 -40.86
CA GLN C 422 12.60 -1.10 -42.21
C GLN C 422 13.87 -0.59 -42.85
N ARG C 423 14.29 -1.23 -43.95
CA ARG C 423 15.53 -0.85 -44.61
C ARG C 423 15.38 0.48 -45.34
N SER C 424 14.24 0.71 -45.97
CA SER C 424 13.98 1.92 -46.71
C SER C 424 12.56 2.39 -46.41
N CYS C 425 12.41 3.68 -46.16
CA CYS C 425 11.14 4.23 -45.66
C CYS C 425 10.75 5.44 -46.48
N ASP C 426 9.73 5.29 -47.32
CA ASP C 426 9.14 6.41 -48.06
C ASP C 426 8.24 7.17 -47.08
N LEU C 427 8.81 8.17 -46.41
CA LEU C 427 8.06 8.91 -45.40
C LEU C 427 6.81 9.58 -45.98
N GLY C 428 6.76 9.79 -47.29
CA GLY C 428 5.57 10.38 -47.89
C GLY C 428 4.42 9.43 -48.01
N LEU C 429 4.69 8.20 -48.45
CA LEU C 429 3.65 7.22 -48.74
C LEU C 429 3.83 5.93 -47.97
N GLY C 430 5.01 5.33 -48.00
CA GLY C 430 5.18 4.01 -47.40
C GLY C 430 5.08 4.05 -45.88
N SER C 431 5.64 5.06 -45.24
CA SER C 431 5.67 5.11 -43.79
C SER C 431 4.28 5.16 -43.16
N PRO C 432 3.36 6.03 -43.56
CA PRO C 432 2.01 5.98 -42.97
C PRO C 432 1.33 4.64 -43.14
N PHE C 433 1.66 3.91 -44.20
CA PHE C 433 1.08 2.58 -44.40
C PHE C 433 1.72 1.55 -43.48
N ASN C 434 3.05 1.57 -43.37
CA ASN C 434 3.73 0.57 -42.54
C ASN C 434 3.37 0.73 -41.07
N ILE C 435 3.06 1.94 -40.62
CA ILE C 435 2.65 2.14 -39.24
C ILE C 435 1.33 1.43 -38.99
N ALA C 436 0.34 1.65 -39.86
CA ALA C 436 -0.97 1.04 -39.68
C ALA C 436 -0.97 -0.43 -40.04
N SER C 437 -0.21 -0.83 -41.06
CA SER C 437 -0.22 -2.23 -41.49
C SER C 437 0.26 -3.14 -40.38
N TYR C 438 1.40 -2.83 -39.78
CA TYR C 438 1.91 -3.68 -38.71
C TYR C 438 1.16 -3.45 -37.40
N ALA C 439 0.43 -2.35 -37.27
CA ALA C 439 -0.47 -2.20 -36.14
C ALA C 439 -1.66 -3.14 -36.27
N ILE C 440 -2.25 -3.20 -37.47
CA ILE C 440 -3.36 -4.14 -37.70
C ILE C 440 -2.87 -5.58 -37.59
N LEU C 441 -1.69 -5.87 -38.16
CA LEU C 441 -1.16 -7.22 -38.10
C LEU C 441 -0.90 -7.64 -36.67
N THR C 442 -0.44 -6.71 -35.82
CA THR C 442 -0.25 -7.04 -34.41
C THR C 442 -1.58 -7.31 -33.73
N MET C 443 -2.59 -6.50 -34.02
CA MET C 443 -3.92 -6.72 -33.45
C MET C 443 -4.51 -8.03 -33.93
N MET C 444 -4.33 -8.35 -35.21
CA MET C 444 -4.82 -9.63 -35.73
C MET C 444 -4.15 -10.80 -35.02
N LEU C 445 -2.82 -10.75 -34.91
CA LEU C 445 -2.11 -11.80 -34.19
C LEU C 445 -2.55 -11.86 -32.72
N ALA C 446 -2.85 -10.71 -32.14
CA ALA C 446 -3.23 -10.68 -30.73
C ALA C 446 -4.57 -11.36 -30.50
N GLN C 447 -5.54 -11.14 -31.39
CA GLN C 447 -6.86 -11.74 -31.21
C GLN C 447 -6.80 -13.25 -31.43
N VAL C 448 -6.12 -13.68 -32.50
CA VAL C 448 -6.02 -15.10 -32.80
C VAL C 448 -5.28 -15.84 -31.69
N CYS C 449 -4.30 -15.18 -31.07
CA CYS C 449 -3.54 -15.80 -29.99
C CYS C 449 -4.16 -15.57 -28.62
N GLY C 450 -5.07 -14.60 -28.50
CA GLY C 450 -5.75 -14.35 -27.25
C GLY C 450 -5.17 -13.25 -26.39
N TYR C 451 -4.26 -12.44 -26.93
CA TYR C 451 -3.67 -11.34 -26.18
C TYR C 451 -4.30 -10.02 -26.60
N GLU C 452 -3.85 -8.94 -25.97
CA GLU C 452 -4.27 -7.57 -26.27
C GLU C 452 -3.17 -6.83 -27.02
N PRO C 453 -3.51 -5.83 -27.81
CA PRO C 453 -2.47 -5.06 -28.50
C PRO C 453 -1.61 -4.30 -27.51
N GLY C 454 -0.32 -4.20 -27.82
CA GLY C 454 0.62 -3.53 -26.95
C GLY C 454 1.26 -2.31 -27.58
N GLU C 455 2.59 -2.32 -27.67
CA GLU C 455 3.33 -1.22 -28.26
C GLU C 455 3.86 -1.63 -29.63
N LEU C 456 4.03 -0.64 -30.51
CA LEU C 456 4.59 -0.84 -31.85
C LEU C 456 5.81 0.03 -32.00
N ALA C 457 6.95 -0.58 -32.27
CA ALA C 457 8.20 0.12 -32.51
C ALA C 457 8.67 -0.19 -33.93
N ILE C 458 9.03 0.84 -34.68
CA ILE C 458 9.51 0.71 -36.04
C ILE C 458 10.91 1.29 -36.11
N PHE C 459 11.88 0.46 -36.45
CA PHE C 459 13.27 0.87 -36.60
C PHE C 459 13.57 1.01 -38.09
N ILE C 460 14.16 2.14 -38.47
CA ILE C 460 14.29 2.51 -39.86
C ILE C 460 15.76 2.66 -40.23
N GLY C 461 16.12 2.21 -41.42
CA GLY C 461 17.44 2.46 -41.97
C GLY C 461 17.44 3.72 -42.81
N ASP C 462 17.06 3.61 -44.08
CA ASP C 462 17.10 4.75 -45.01
C ASP C 462 15.77 5.48 -44.93
N ALA C 463 15.63 6.30 -43.90
CA ALA C 463 14.47 7.18 -43.76
C ALA C 463 14.68 8.40 -44.65
N HIS C 464 13.80 8.59 -45.63
CA HIS C 464 14.00 9.61 -46.65
C HIS C 464 12.67 10.22 -47.07
N ILE C 465 12.76 11.35 -47.77
CA ILE C 465 11.61 12.06 -48.34
C ILE C 465 11.91 12.30 -49.80
N TYR C 466 11.03 11.84 -50.68
CA TYR C 466 11.20 12.09 -52.10
C TYR C 466 10.96 13.57 -52.38
N GLU C 467 11.73 14.13 -53.31
CA GLU C 467 11.73 15.57 -53.52
C GLU C 467 10.42 16.09 -54.09
N ASN C 468 9.62 15.24 -54.72
CA ASN C 468 8.31 15.67 -55.18
C ASN C 468 7.27 15.65 -54.07
N HIS C 469 7.63 15.19 -52.88
CA HIS C 469 6.76 15.21 -51.71
C HIS C 469 7.03 16.39 -50.80
N LEU C 470 7.93 17.30 -51.19
CA LEU C 470 8.36 18.37 -50.30
C LEU C 470 7.23 19.34 -50.01
N THR C 471 6.57 19.84 -51.06
CA THR C 471 5.49 20.81 -50.85
C THR C 471 4.34 20.19 -50.08
N GLN C 472 4.11 18.88 -50.27
CA GLN C 472 3.02 18.21 -49.57
C GLN C 472 3.36 17.99 -48.10
N LEU C 473 4.52 17.39 -47.82
CA LEU C 473 4.87 17.08 -46.44
C LEU C 473 5.06 18.34 -45.60
N LYS C 474 5.52 19.43 -46.20
CA LYS C 474 5.59 20.69 -45.47
C LYS C 474 4.19 21.19 -45.13
N GLU C 475 3.21 20.94 -46.00
CA GLU C 475 1.82 21.23 -45.67
C GLU C 475 1.33 20.35 -44.53
N GLN C 476 1.71 19.06 -44.54
CA GLN C 476 1.28 18.16 -43.49
C GLN C 476 1.88 18.55 -42.14
N LEU C 477 3.07 19.14 -42.14
CA LEU C 477 3.68 19.56 -40.88
C LEU C 477 3.01 20.80 -40.29
N SER C 478 2.21 21.52 -41.08
CA SER C 478 1.52 22.70 -40.58
C SER C 478 0.24 22.38 -39.83
N ARG C 479 -0.16 21.10 -39.79
CA ARG C 479 -1.42 20.70 -39.19
C ARG C 479 -1.15 20.10 -37.81
N THR C 480 -1.63 20.77 -36.77
CA THR C 480 -1.50 20.24 -35.42
C THR C 480 -2.29 18.94 -35.33
N PRO C 481 -1.69 17.86 -34.85
CA PRO C 481 -2.36 16.56 -34.92
C PRO C 481 -3.50 16.45 -33.92
N ARG C 482 -4.40 15.51 -34.22
CA ARG C 482 -5.59 15.21 -33.45
C ARG C 482 -5.48 13.80 -32.86
N PRO C 483 -6.29 13.47 -31.86
CA PRO C 483 -6.16 12.16 -31.22
C PRO C 483 -6.33 11.01 -32.20
N PHE C 484 -5.56 9.94 -31.97
CA PHE C 484 -5.65 8.75 -32.79
C PHE C 484 -7.06 8.16 -32.71
N PRO C 485 -7.52 7.52 -33.76
CA PRO C 485 -8.82 6.84 -33.73
C PRO C 485 -8.70 5.48 -33.03
N GLN C 486 -9.84 4.83 -32.86
CA GLN C 486 -9.90 3.47 -32.34
C GLN C 486 -10.23 2.51 -33.48
N LEU C 487 -9.55 1.37 -33.51
CA LEU C 487 -9.83 0.32 -34.46
C LEU C 487 -10.14 -0.95 -33.68
N LYS C 488 -11.37 -1.43 -33.78
CA LYS C 488 -11.81 -2.63 -33.10
C LYS C 488 -12.36 -3.63 -34.11
N PHE C 489 -12.19 -4.91 -33.81
CA PHE C 489 -12.68 -5.97 -34.67
C PHE C 489 -14.10 -6.35 -34.25
N LYS C 490 -14.93 -6.66 -35.25
CA LYS C 490 -16.34 -6.95 -35.02
C LYS C 490 -16.60 -8.42 -34.68
N ARG C 491 -15.64 -9.31 -34.87
CA ARG C 491 -15.86 -10.72 -34.59
C ARG C 491 -14.52 -11.41 -34.40
N LYS C 492 -14.54 -12.49 -33.61
CA LYS C 492 -13.37 -13.34 -33.45
C LYS C 492 -13.35 -14.39 -34.56
N VAL C 493 -12.22 -14.50 -35.22
CA VAL C 493 -12.06 -15.39 -36.36
C VAL C 493 -11.33 -16.65 -35.93
N GLU C 494 -11.61 -17.76 -36.61
CA GLU C 494 -10.94 -19.01 -36.30
C GLU C 494 -9.48 -18.97 -36.76
N ASN C 495 -9.26 -18.76 -38.05
CA ASN C 495 -7.93 -18.61 -38.60
C ASN C 495 -7.67 -17.14 -38.91
N ILE C 496 -6.39 -16.80 -39.02
CA ILE C 496 -6.02 -15.40 -39.22
C ILE C 496 -6.40 -14.94 -40.62
N GLU C 497 -6.46 -15.87 -41.58
CA GLU C 497 -6.76 -15.52 -42.96
C GLU C 497 -8.23 -15.20 -43.19
N ASP C 498 -9.08 -15.39 -42.18
CA ASP C 498 -10.52 -15.20 -42.35
C ASP C 498 -10.94 -13.74 -42.21
N PHE C 499 -10.03 -12.83 -41.87
CA PHE C 499 -10.40 -11.44 -41.71
C PHE C 499 -10.90 -10.84 -43.02
N LYS C 500 -11.92 -9.99 -42.91
CA LYS C 500 -12.46 -9.28 -44.05
C LYS C 500 -12.57 -7.81 -43.69
N TRP C 501 -12.67 -6.96 -44.72
CA TRP C 501 -12.74 -5.52 -44.49
C TRP C 501 -13.99 -5.15 -43.70
N GLU C 502 -15.07 -5.88 -43.87
CA GLU C 502 -16.30 -5.62 -43.13
C GLU C 502 -16.18 -5.97 -41.65
N ASP C 503 -15.13 -6.69 -41.26
CA ASP C 503 -14.94 -7.08 -39.86
C ASP C 503 -14.25 -6.00 -39.04
N ILE C 504 -13.79 -4.92 -39.66
CA ILE C 504 -13.07 -3.86 -38.97
C ILE C 504 -13.99 -2.65 -38.82
N GLU C 505 -13.93 -2.04 -37.63
CA GLU C 505 -14.70 -0.84 -37.33
C GLU C 505 -13.73 0.26 -36.90
N LEU C 506 -13.70 1.34 -37.67
CA LEU C 506 -12.84 2.49 -37.37
C LEU C 506 -13.67 3.52 -36.63
N ILE C 507 -13.30 3.81 -35.39
CA ILE C 507 -14.11 4.61 -34.48
C ILE C 507 -13.37 5.91 -34.20
N GLY C 508 -14.01 7.03 -34.54
CA GLY C 508 -13.49 8.33 -34.18
C GLY C 508 -12.29 8.81 -34.97
N TYR C 509 -12.29 8.60 -36.28
CA TYR C 509 -11.21 9.07 -37.15
C TYR C 509 -11.65 10.36 -37.81
N TYR C 510 -11.09 11.49 -37.35
CA TYR C 510 -11.42 12.82 -37.86
C TYR C 510 -10.15 13.49 -38.35
N PRO C 511 -9.60 13.05 -39.48
CA PRO C 511 -8.30 13.54 -39.92
C PRO C 511 -8.41 14.84 -40.72
N TYR C 512 -7.24 15.39 -41.04
CA TYR C 512 -7.14 16.51 -41.96
C TYR C 512 -7.30 16.02 -43.39
N PRO C 513 -7.64 16.92 -44.33
CA PRO C 513 -7.89 16.49 -45.71
C PRO C 513 -6.73 15.68 -46.28
N THR C 514 -7.07 14.75 -47.18
CA THR C 514 -6.07 13.90 -47.77
C THR C 514 -5.08 14.71 -48.59
N ILE C 515 -3.86 14.22 -48.68
CA ILE C 515 -2.77 14.90 -49.38
C ILE C 515 -2.27 14.00 -50.49
N LYS C 516 -2.33 14.49 -51.72
CA LYS C 516 -1.95 13.69 -52.88
C LYS C 516 -0.43 13.75 -53.08
N MET C 517 0.19 12.57 -53.15
CA MET C 517 1.62 12.45 -53.40
C MET C 517 1.85 11.29 -54.35
N ASP C 518 2.67 11.54 -55.38
CA ASP C 518 2.91 10.54 -56.41
C ASP C 518 4.03 9.61 -55.98
N MET C 519 3.87 8.32 -56.32
CA MET C 519 4.87 7.32 -55.97
C MET C 519 5.99 7.31 -57.00
N ALA C 520 7.22 7.16 -56.52
CA ALA C 520 8.37 7.00 -57.38
C ALA C 520 8.45 5.54 -57.83
N VAL C 521 8.18 5.30 -59.11
CA VAL C 521 8.19 3.95 -59.64
C VAL C 521 9.61 3.44 -59.81
N GLU D 3 67.21 -45.03 48.30
CA GLU D 3 66.01 -44.31 48.73
C GLU D 3 66.34 -42.88 49.14
N LYS D 4 66.12 -41.95 48.22
CA LYS D 4 66.30 -40.53 48.47
C LYS D 4 64.99 -39.81 48.15
N ASN D 5 65.03 -38.48 48.19
CA ASN D 5 63.83 -37.68 48.01
C ASN D 5 63.66 -37.29 46.55
N VAL D 6 62.42 -37.32 46.09
CA VAL D 6 62.07 -36.96 44.72
C VAL D 6 60.98 -35.90 44.81
N SER D 7 61.35 -34.64 44.63
CA SER D 7 60.43 -33.54 44.70
C SER D 7 60.09 -33.03 43.29
N ILE D 8 58.93 -32.41 43.17
CA ILE D 8 58.46 -31.82 41.92
C ILE D 8 58.35 -30.32 42.13
N VAL D 9 58.88 -29.55 41.19
CA VAL D 9 58.79 -28.09 41.21
C VAL D 9 57.99 -27.66 39.99
N VAL D 10 56.92 -26.91 40.21
CA VAL D 10 56.06 -26.47 39.13
C VAL D 10 55.43 -25.13 39.51
N ALA D 11 55.21 -24.30 38.51
CA ALA D 11 54.47 -23.04 38.65
C ALA D 11 53.26 -23.08 37.72
N ALA D 12 52.08 -23.26 38.30
CA ALA D 12 50.85 -23.39 37.52
C ALA D 12 49.89 -22.27 37.87
N SER D 13 48.95 -22.03 36.96
CA SER D 13 47.90 -21.05 37.22
C SER D 13 47.01 -21.52 38.36
N VAL D 14 46.32 -20.56 38.98
CA VAL D 14 45.60 -20.85 40.22
C VAL D 14 44.40 -21.77 39.97
N LEU D 15 43.73 -21.63 38.83
CA LEU D 15 42.52 -22.42 38.59
C LEU D 15 42.77 -23.57 37.63
N SER D 16 43.06 -23.26 36.37
CA SER D 16 43.23 -24.29 35.35
C SER D 16 44.57 -25.00 35.40
N SER D 17 45.53 -24.50 36.20
CA SER D 17 46.83 -25.13 36.37
C SER D 17 47.63 -25.16 35.08
N GLY D 18 47.56 -24.08 34.29
CA GLY D 18 48.37 -23.96 33.11
C GLY D 18 49.80 -23.56 33.44
N ILE D 19 50.75 -24.08 32.66
CA ILE D 19 52.16 -23.90 32.98
C ILE D 19 52.96 -23.40 31.79
N GLY D 20 52.37 -23.39 30.60
CA GLY D 20 53.11 -22.99 29.43
C GLY D 20 52.21 -22.73 28.24
N ILE D 21 52.78 -22.02 27.27
CA ILE D 21 52.08 -21.72 26.01
C ILE D 21 53.11 -21.47 24.91
N ASN D 22 52.98 -22.19 23.80
CA ASN D 22 53.82 -22.00 22.62
C ASN D 22 55.30 -22.15 22.96
N GLY D 23 55.64 -23.21 23.68
CA GLY D 23 57.02 -23.51 23.97
C GLY D 23 57.69 -22.56 24.94
N GLN D 24 56.92 -21.78 25.69
CA GLN D 24 57.49 -20.88 26.68
C GLN D 24 56.49 -20.71 27.83
N LEU D 25 56.89 -19.91 28.82
CA LEU D 25 56.06 -19.66 29.98
C LEU D 25 54.98 -18.63 29.67
N PRO D 26 53.81 -18.72 30.32
CA PRO D 26 52.77 -17.70 30.13
C PRO D 26 53.02 -16.41 30.89
N TRP D 27 54.13 -16.31 31.62
CA TRP D 27 54.43 -15.12 32.41
C TRP D 27 55.94 -14.98 32.52
N SER D 28 56.37 -13.91 33.19
CA SER D 28 57.79 -13.64 33.42
C SER D 28 57.92 -13.09 34.84
N ILE D 29 58.12 -13.98 35.80
CA ILE D 29 58.25 -13.63 37.20
C ILE D 29 59.66 -13.96 37.63
N SER D 30 60.45 -12.92 37.93
CA SER D 30 61.86 -13.12 38.26
C SER D 30 62.01 -13.88 39.58
N GLU D 31 61.21 -13.53 40.58
CA GLU D 31 61.35 -14.16 41.89
C GLU D 31 61.02 -15.64 41.85
N ASP D 32 60.13 -16.06 40.94
CA ASP D 32 59.82 -17.48 40.83
C ASP D 32 61.03 -18.27 40.36
N LEU D 33 61.77 -17.74 39.38
CA LEU D 33 62.98 -18.41 38.92
C LEU D 33 64.02 -18.49 40.03
N LYS D 34 64.12 -17.43 40.84
CA LYS D 34 65.01 -17.49 41.99
C LYS D 34 64.58 -18.56 42.98
N PHE D 35 63.28 -18.80 43.10
CA PHE D 35 62.81 -19.91 43.93
C PHE D 35 63.25 -21.24 43.36
N PHE D 36 63.10 -21.41 42.04
CA PHE D 36 63.60 -22.62 41.39
C PHE D 36 65.10 -22.76 41.56
N SER D 37 65.84 -21.64 41.59
CA SER D 37 67.29 -21.70 41.76
C SER D 37 67.66 -22.25 43.12
N LYS D 38 67.10 -21.69 44.17
CA LYS D 38 67.50 -22.08 45.52
C LYS D 38 66.94 -23.43 45.92
N ILE D 39 65.75 -23.78 45.44
CA ILE D 39 65.16 -25.07 45.76
C ILE D 39 65.99 -26.19 45.14
N THR D 40 66.33 -26.05 43.86
CA THR D 40 67.09 -27.08 43.17
C THR D 40 68.54 -27.13 43.60
N ASN D 41 69.07 -26.05 44.18
CA ASN D 41 70.44 -26.02 44.67
C ASN D 41 70.57 -26.38 46.14
N ASN D 42 69.47 -26.34 46.89
CA ASN D 42 69.51 -26.59 48.32
C ASN D 42 69.92 -28.04 48.57
N LYS D 43 71.13 -28.25 49.05
CA LYS D 43 71.65 -29.58 49.32
C LYS D 43 72.39 -29.59 50.64
N CYS D 44 72.59 -30.79 51.18
CA CYS D 44 73.29 -30.98 52.45
C CYS D 44 74.76 -31.32 52.25
N ASP D 45 75.07 -32.13 51.24
CA ASP D 45 76.46 -32.49 50.94
C ASP D 45 77.01 -31.47 49.95
N SER D 46 78.18 -30.91 50.28
CA SER D 46 78.76 -29.91 49.40
C SER D 46 79.19 -30.50 48.06
N ASN D 47 79.72 -31.73 48.07
CA ASN D 47 80.18 -32.41 46.87
C ASN D 47 79.13 -33.45 46.42
N LYS D 48 78.02 -32.95 45.86
CA LYS D 48 77.00 -33.87 45.39
C LYS D 48 76.14 -33.32 44.26
N LYS D 49 75.44 -32.20 44.49
CA LYS D 49 74.56 -31.55 43.52
C LYS D 49 73.30 -32.35 43.23
N ASN D 50 72.21 -31.65 42.96
CA ASN D 50 70.90 -32.25 42.71
C ASN D 50 70.64 -32.47 41.22
N ALA D 51 69.95 -33.56 40.90
CA ALA D 51 69.60 -33.89 39.52
C ALA D 51 68.22 -33.34 39.18
N LEU D 52 68.12 -32.68 38.02
CA LEU D 52 66.86 -32.10 37.54
C LEU D 52 66.40 -32.84 36.29
N ILE D 53 65.24 -33.47 36.38
CA ILE D 53 64.67 -34.24 35.27
C ILE D 53 63.72 -33.35 34.48
N MET D 54 63.82 -33.39 33.16
CA MET D 54 62.94 -32.58 32.31
C MET D 54 62.82 -33.23 30.94
N GLY D 55 61.73 -32.89 30.25
CA GLY D 55 61.50 -33.39 28.92
C GLY D 55 62.24 -32.59 27.86
N ARG D 56 62.23 -33.13 26.64
CA ARG D 56 62.94 -32.49 25.53
C ARG D 56 62.35 -31.13 25.19
N LYS D 57 61.02 -31.03 25.12
CA LYS D 57 60.39 -29.75 24.84
C LYS D 57 60.76 -28.71 25.88
N THR D 58 60.87 -29.13 27.14
CA THR D 58 61.35 -28.24 28.19
C THR D 58 62.83 -27.95 28.04
N TRP D 59 63.61 -28.96 27.69
CA TRP D 59 65.04 -28.77 27.45
C TRP D 59 65.28 -27.73 26.36
N ASP D 60 64.41 -27.69 25.35
CA ASP D 60 64.52 -26.66 24.32
C ASP D 60 64.15 -25.28 24.86
N SER D 61 63.20 -25.21 25.80
CA SER D 61 62.72 -23.92 26.27
C SER D 61 63.78 -23.17 27.07
N ILE D 62 64.70 -23.90 27.70
CA ILE D 62 65.74 -23.28 28.51
C ILE D 62 67.05 -23.10 27.73
N GLY D 63 66.98 -23.10 26.41
CA GLY D 63 68.15 -22.84 25.59
C GLY D 63 69.11 -24.00 25.45
N ARG D 64 68.76 -25.18 25.95
CA ARG D 64 69.63 -26.36 25.89
C ARG D 64 71.00 -26.10 26.50
N ARG D 65 71.01 -25.37 27.61
CA ARG D 65 72.26 -25.06 28.29
C ARG D 65 72.19 -25.50 29.75
N PRO D 66 73.28 -26.05 30.29
CA PRO D 66 73.22 -26.62 31.63
C PRO D 66 73.04 -25.55 32.70
N LEU D 67 72.46 -25.96 33.82
CA LEU D 67 72.29 -25.11 34.98
C LEU D 67 73.42 -25.35 35.97
N LYS D 68 73.96 -24.26 36.51
CA LYS D 68 75.14 -24.36 37.36
C LYS D 68 74.85 -25.16 38.63
N ASN D 69 75.84 -25.95 39.05
CA ASN D 69 75.79 -26.74 40.28
C ASN D 69 74.70 -27.81 40.23
N ARG D 70 74.17 -28.11 39.05
CA ARG D 70 73.10 -29.08 38.91
C ARG D 70 73.35 -29.95 37.69
N ILE D 71 72.83 -31.17 37.73
CA ILE D 71 72.89 -32.11 36.62
C ILE D 71 71.50 -32.21 36.02
N ILE D 72 71.37 -31.86 34.75
CA ILE D 72 70.08 -31.87 34.08
C ILE D 72 69.90 -33.20 33.37
N VAL D 73 68.78 -33.87 33.66
CA VAL D 73 68.45 -35.16 33.06
C VAL D 73 67.32 -34.92 32.05
N VAL D 74 67.62 -35.13 30.77
CA VAL D 74 66.66 -34.91 29.71
C VAL D 74 66.05 -36.25 29.31
N ILE D 75 64.73 -36.32 29.28
CA ILE D 75 64.00 -37.51 28.87
C ILE D 75 63.50 -37.25 27.46
N SER D 76 64.24 -37.74 26.47
CA SER D 76 63.85 -37.58 25.07
C SER D 76 63.94 -38.92 24.36
N SER D 77 62.97 -39.16 23.47
CA SER D 77 62.95 -40.41 22.72
C SER D 77 63.93 -40.41 21.55
N SER D 78 64.39 -39.24 21.10
CA SER D 78 65.24 -39.16 19.92
C SER D 78 66.39 -38.17 20.12
N LEU D 79 66.89 -38.03 21.34
CA LEU D 79 68.09 -37.23 21.50
C LEU D 79 69.32 -38.12 21.60
N PRO D 80 70.46 -37.68 21.08
CA PRO D 80 71.68 -38.49 21.18
C PRO D 80 72.14 -38.59 22.63
N GLN D 81 72.37 -39.82 23.09
CA GLN D 81 72.84 -40.07 24.45
C GLN D 81 74.33 -39.76 24.51
N ASP D 82 74.63 -38.47 24.48
CA ASP D 82 76.02 -38.00 24.43
C ASP D 82 76.60 -37.94 25.84
N GLU D 83 77.79 -38.51 26.01
CA GLU D 83 78.49 -38.49 27.28
C GLU D 83 79.53 -37.38 27.38
N ALA D 84 79.58 -36.49 26.37
CA ALA D 84 80.55 -35.41 26.40
C ALA D 84 80.26 -34.42 27.51
N ASP D 85 79.01 -33.97 27.61
CA ASP D 85 78.63 -33.03 28.67
C ASP D 85 78.32 -33.79 29.96
N PRO D 86 79.08 -33.59 31.03
CA PRO D 86 78.77 -34.30 32.28
C PRO D 86 77.64 -33.67 33.08
N ASN D 87 77.24 -32.45 32.75
CA ASN D 87 76.13 -31.80 33.44
C ASN D 87 74.81 -31.99 32.73
N VAL D 88 74.78 -32.76 31.64
CA VAL D 88 73.55 -33.06 30.92
C VAL D 88 73.59 -34.51 30.49
N VAL D 89 72.58 -35.28 30.89
CA VAL D 89 72.49 -36.70 30.55
C VAL D 89 71.11 -36.97 29.98
N VAL D 90 71.03 -37.96 29.08
CA VAL D 90 69.82 -38.28 28.34
C VAL D 90 69.42 -39.72 28.63
N PHE D 91 68.14 -39.93 28.89
CA PHE D 91 67.57 -41.26 29.08
C PHE D 91 66.38 -41.45 28.15
N ARG D 92 66.01 -42.71 27.93
CA ARG D 92 64.96 -43.03 26.97
C ARG D 92 63.57 -42.92 27.58
N ASN D 93 63.41 -43.38 28.83
CA ASN D 93 62.12 -43.29 29.50
C ASN D 93 62.32 -42.82 30.93
N LEU D 94 61.23 -42.35 31.54
CA LEU D 94 61.31 -41.77 32.88
C LEU D 94 61.61 -42.84 33.93
N GLU D 95 60.99 -44.02 33.80
CA GLU D 95 61.20 -45.07 34.79
C GLU D 95 62.66 -45.51 34.83
N ASP D 96 63.25 -45.76 33.66
CA ASP D 96 64.65 -46.18 33.61
C ASP D 96 65.60 -45.08 34.07
N SER D 97 65.18 -43.82 33.93
CA SER D 97 66.05 -42.71 34.32
C SER D 97 66.19 -42.57 35.83
N ILE D 98 65.23 -43.09 36.60
CA ILE D 98 65.32 -43.00 38.06
C ILE D 98 66.09 -44.20 38.60
N GLU D 99 67.36 -44.30 38.23
CA GLU D 99 68.28 -45.25 38.83
C GLU D 99 69.25 -44.58 39.79
N ASN D 100 69.18 -43.26 39.93
CA ASN D 100 70.16 -42.55 40.72
C ASN D 100 69.98 -42.78 42.22
N LEU D 101 68.79 -43.21 42.64
CA LEU D 101 68.58 -43.45 44.06
C LEU D 101 69.20 -44.77 44.52
N MET D 102 69.34 -45.74 43.62
CA MET D 102 69.85 -47.04 44.03
C MET D 102 71.37 -47.17 43.85
N ASN D 103 71.94 -46.62 42.78
CA ASN D 103 73.37 -46.73 42.52
C ASN D 103 74.14 -45.44 42.74
N ASP D 104 73.66 -44.33 42.16
CA ASP D 104 74.40 -43.08 42.08
C ASP D 104 74.36 -42.35 43.41
N ASP D 105 75.31 -42.67 44.29
CA ASP D 105 75.37 -42.00 45.59
C ASP D 105 75.86 -40.56 45.49
N SER D 106 76.33 -40.13 44.32
CA SER D 106 76.78 -38.76 44.13
C SER D 106 75.64 -37.76 43.99
N ILE D 107 74.39 -38.23 43.93
CA ILE D 107 73.23 -37.38 43.80
C ILE D 107 72.47 -37.39 45.11
N GLU D 108 72.19 -36.20 45.65
CA GLU D 108 71.49 -36.09 46.92
C GLU D 108 69.98 -36.15 46.73
N ASN D 109 69.42 -35.16 46.05
CA ASN D 109 67.98 -35.09 45.80
C ASN D 109 67.72 -35.10 44.30
N ILE D 110 66.48 -35.45 43.95
CA ILE D 110 66.02 -35.47 42.57
C ILE D 110 64.84 -34.54 42.44
N PHE D 111 64.79 -33.79 41.34
CA PHE D 111 63.72 -32.82 41.10
C PHE D 111 63.12 -33.04 39.73
N VAL D 112 61.80 -33.15 39.69
CA VAL D 112 61.05 -33.25 38.44
C VAL D 112 60.49 -31.88 38.12
N CYS D 113 60.70 -31.42 36.88
CA CYS D 113 60.30 -30.08 36.49
C CYS D 113 60.16 -29.95 34.99
N GLY D 114 59.79 -31.03 34.31
CA GLY D 114 59.87 -31.06 32.87
C GLY D 114 58.57 -31.16 32.09
N GLY D 115 57.58 -30.34 32.44
CA GLY D 115 56.40 -30.23 31.63
C GLY D 115 55.35 -31.30 31.89
N GLU D 116 54.26 -31.20 31.11
CA GLU D 116 53.09 -32.03 31.36
C GLU D 116 53.40 -33.52 31.18
N SER D 117 54.08 -33.87 30.07
CA SER D 117 54.32 -35.29 29.80
C SER D 117 55.19 -35.93 30.88
N ILE D 118 56.08 -35.16 31.48
CA ILE D 118 56.92 -35.70 32.55
C ILE D 118 56.20 -35.59 33.89
N TYR D 119 55.45 -34.51 34.11
CA TYR D 119 54.70 -34.36 35.35
C TYR D 119 53.67 -35.48 35.51
N ARG D 120 52.88 -35.71 34.46
CA ARG D 120 51.81 -36.71 34.54
C ARG D 120 52.39 -38.10 34.72
N ASP D 121 53.48 -38.43 34.01
CA ASP D 121 54.08 -39.75 34.15
C ASP D 121 54.76 -39.92 35.50
N ALA D 122 55.25 -38.83 36.09
CA ALA D 122 55.88 -38.95 37.40
C ALA D 122 54.86 -39.16 38.51
N LEU D 123 53.65 -38.64 38.34
CA LEU D 123 52.61 -38.82 39.34
C LEU D 123 51.85 -40.13 39.14
N LYS D 124 51.66 -40.53 37.88
CA LYS D 124 50.93 -41.77 37.61
C LYS D 124 51.69 -43.00 38.10
N ASP D 125 53.02 -42.91 38.18
CA ASP D 125 53.84 -44.02 38.63
C ASP D 125 54.29 -43.89 40.07
N ASN D 126 53.75 -42.90 40.79
CA ASN D 126 54.01 -42.71 42.22
C ASN D 126 55.51 -42.59 42.51
N PHE D 127 56.20 -41.79 41.69
CA PHE D 127 57.61 -41.52 41.88
C PHE D 127 57.86 -40.29 42.75
N VAL D 128 56.85 -39.47 43.00
CA VAL D 128 57.02 -38.17 43.63
C VAL D 128 56.83 -38.31 45.13
N ASP D 129 57.68 -37.63 45.89
CA ASP D 129 57.54 -37.55 47.35
C ASP D 129 57.03 -36.21 47.85
N ARG D 130 57.23 -35.13 47.10
CA ARG D 130 56.87 -33.79 47.55
C ARG D 130 56.61 -32.91 46.34
N ILE D 131 55.76 -31.89 46.53
CA ILE D 131 55.38 -30.97 45.46
C ILE D 131 55.63 -29.55 45.93
N TYR D 132 56.35 -28.78 45.12
CA TYR D 132 56.59 -27.36 45.34
C TYR D 132 55.79 -26.60 44.28
N LEU D 133 54.58 -26.18 44.63
CA LEU D 133 53.69 -25.55 43.66
C LEU D 133 53.74 -24.03 43.83
N THR D 134 53.93 -23.32 42.72
CA THR D 134 53.92 -21.87 42.69
C THR D 134 52.65 -21.43 41.96
N ARG D 135 51.60 -21.18 42.72
CA ARG D 135 50.32 -20.77 42.13
C ARG D 135 50.42 -19.33 41.65
N VAL D 136 50.03 -19.09 40.40
CA VAL D 136 50.10 -17.77 39.78
C VAL D 136 48.68 -17.32 39.45
N ALA D 137 48.39 -16.05 39.74
CA ALA D 137 47.04 -15.51 39.58
C ALA D 137 46.85 -14.95 38.17
N LEU D 138 46.87 -15.86 37.20
CA LEU D 138 46.62 -15.53 35.80
C LEU D 138 45.77 -16.63 35.18
N GLU D 139 44.57 -16.28 34.73
CA GLU D 139 43.66 -17.29 34.21
C GLU D 139 42.89 -16.88 32.96
N ASP D 140 42.82 -15.60 32.60
CA ASP D 140 42.15 -15.17 31.40
C ASP D 140 43.08 -15.09 30.19
N ILE D 141 44.08 -15.97 30.13
CA ILE D 141 44.98 -16.04 28.98
C ILE D 141 44.91 -17.45 28.42
N GLU D 142 45.68 -17.73 27.37
CA GLU D 142 45.66 -19.02 26.70
C GLU D 142 46.80 -19.90 27.19
N PHE D 143 46.54 -21.19 27.29
CA PHE D 143 47.56 -22.18 27.63
C PHE D 143 47.48 -23.34 26.64
N ASP D 144 48.61 -24.02 26.45
CA ASP D 144 48.64 -25.27 25.71
C ASP D 144 49.26 -26.41 26.49
N THR D 145 49.83 -26.16 27.66
CA THR D 145 50.43 -27.19 28.50
C THR D 145 50.01 -26.92 29.94
N TYR D 146 49.38 -27.91 30.57
CA TYR D 146 48.84 -27.77 31.91
C TYR D 146 49.56 -28.72 32.86
N PHE D 147 49.40 -28.43 34.16
CA PHE D 147 49.91 -29.30 35.21
C PHE D 147 48.82 -30.25 35.68
N PRO D 148 49.08 -31.55 35.72
CA PRO D 148 48.02 -32.50 36.07
C PRO D 148 47.50 -32.25 37.48
N GLU D 149 46.25 -32.62 37.71
CA GLU D 149 45.65 -32.43 39.03
C GLU D 149 46.42 -33.23 40.07
N ILE D 150 46.62 -32.60 41.23
CA ILE D 150 47.39 -33.25 42.30
C ILE D 150 46.58 -34.44 42.83
N PRO D 151 47.15 -35.64 42.88
CA PRO D 151 46.39 -36.80 43.34
C PRO D 151 46.00 -36.67 44.80
N GLU D 152 45.00 -37.47 45.19
CA GLU D 152 44.51 -37.45 46.57
C GLU D 152 45.55 -37.92 47.56
N THR D 153 46.60 -38.62 47.10
CA THR D 153 47.62 -39.12 48.01
C THR D 153 48.47 -38.00 48.60
N PHE D 154 48.48 -36.83 47.98
CA PHE D 154 49.27 -35.70 48.45
C PHE D 154 48.40 -34.76 49.29
N LEU D 155 49.01 -34.13 50.28
CA LEU D 155 48.31 -33.21 51.16
C LEU D 155 49.13 -31.93 51.34
N PRO D 156 48.49 -30.77 51.27
CA PRO D 156 49.23 -29.51 51.47
C PRO D 156 49.70 -29.36 52.90
N VAL D 157 50.96 -28.96 53.06
CA VAL D 157 51.54 -28.72 54.38
C VAL D 157 52.02 -27.29 54.57
N TYR D 158 51.98 -26.46 53.54
CA TYR D 158 52.49 -25.10 53.63
C TYR D 158 51.86 -24.25 52.52
N MET D 159 51.55 -23.00 52.85
CA MET D 159 51.04 -22.04 51.88
C MET D 159 51.60 -20.67 52.22
N SER D 160 52.53 -20.18 51.40
CA SER D 160 53.21 -18.94 51.69
C SER D 160 52.26 -17.76 51.56
N GLN D 161 52.72 -16.59 52.01
CA GLN D 161 51.95 -15.37 51.85
C GLN D 161 51.88 -14.99 50.38
N THR D 162 50.86 -14.20 50.05
CA THR D 162 50.69 -13.74 48.67
C THR D 162 51.71 -12.65 48.37
N PHE D 163 52.46 -12.82 47.29
CA PHE D 163 53.47 -11.88 46.83
C PHE D 163 52.97 -11.13 45.60
N CYS D 164 53.83 -10.27 45.06
CA CYS D 164 53.47 -9.43 43.93
C CYS D 164 54.70 -9.14 43.08
N THR D 165 54.57 -9.30 41.77
CA THR D 165 55.63 -8.93 40.83
C THR D 165 54.95 -8.44 39.56
N LYS D 166 55.12 -7.16 39.25
CA LYS D 166 54.46 -6.52 38.12
C LYS D 166 52.95 -6.73 38.19
N ASN D 167 52.40 -6.49 39.39
CA ASN D 167 50.97 -6.62 39.66
C ASN D 167 50.46 -8.04 39.43
N ILE D 168 51.32 -9.04 39.66
CA ILE D 168 50.94 -10.44 39.52
C ILE D 168 51.06 -11.10 40.88
N SER D 169 49.94 -11.59 41.40
CA SER D 169 49.93 -12.25 42.70
C SER D 169 50.30 -13.73 42.53
N TYR D 170 51.07 -14.24 43.48
CA TYR D 170 51.46 -15.64 43.42
C TYR D 170 51.75 -16.15 44.82
N ASP D 171 51.56 -17.46 45.00
CA ASP D 171 51.77 -18.15 46.26
C ASP D 171 52.85 -19.19 46.11
N PHE D 172 53.29 -19.73 47.25
CA PHE D 172 54.20 -20.87 47.29
C PHE D 172 53.62 -21.90 48.24
N MET D 173 53.36 -23.10 47.73
CA MET D 173 52.78 -24.17 48.52
C MET D 173 53.67 -25.40 48.47
N ILE D 174 53.53 -26.24 49.48
CA ILE D 174 54.23 -27.52 49.54
C ILE D 174 53.19 -28.62 49.77
N PHE D 175 53.27 -29.67 48.97
CA PHE D 175 52.40 -30.82 49.12
C PHE D 175 53.24 -32.05 49.42
N GLU D 176 52.88 -32.78 50.47
CA GLU D 176 53.57 -34.01 50.82
C GLU D 176 52.60 -35.16 50.78
N LYS D 177 53.09 -36.32 50.38
CA LYS D 177 52.25 -37.51 50.26
C LYS D 177 52.07 -38.17 51.63
N GLN D 178 50.84 -38.60 51.91
CA GLN D 178 50.53 -39.20 53.19
C GLN D 178 51.15 -40.60 53.28
N GLU D 179 51.64 -40.94 54.47
CA GLU D 179 52.34 -42.20 54.70
C GLU D 179 51.39 -43.16 55.44
N LYS D 180 51.81 -43.80 56.54
CA LYS D 180 50.99 -44.79 57.23
C LYS D 180 50.59 -44.28 58.61
N LYS D 181 49.38 -44.65 59.03
CA LYS D 181 48.86 -44.29 60.35
C LYS D 181 48.87 -42.78 60.59
N LEU D 193 59.42 -32.48 74.20
CA LEU D 193 58.16 -31.97 73.68
C LEU D 193 57.06 -33.00 73.87
N LYS D 194 57.42 -34.28 73.77
CA LYS D 194 56.44 -35.34 73.91
C LYS D 194 55.81 -35.35 75.29
N SER D 195 56.57 -34.94 76.32
CA SER D 195 56.07 -34.90 77.67
C SER D 195 55.33 -33.61 78.00
N ILE D 196 55.63 -32.52 77.28
CA ILE D 196 54.95 -31.26 77.54
C ILE D 196 53.47 -31.36 77.24
N ASP D 197 53.11 -31.99 76.11
CA ASP D 197 51.71 -32.11 75.75
C ASP D 197 50.92 -32.92 76.79
N ASP D 198 51.56 -33.95 77.37
CA ASP D 198 50.87 -34.75 78.37
C ASP D 198 50.62 -33.95 79.64
N THR D 199 51.61 -33.19 80.10
CA THR D 199 51.46 -32.44 81.35
C THR D 199 50.40 -31.35 81.20
N VAL D 200 50.31 -30.74 80.01
CA VAL D 200 49.29 -29.72 79.79
C VAL D 200 47.91 -30.37 79.78
N ASP D 201 47.80 -31.58 79.23
CA ASP D 201 46.52 -32.28 79.25
C ASP D 201 46.10 -32.62 80.67
N LEU D 202 47.04 -33.08 81.49
CA LEU D 202 46.70 -33.45 82.87
C LEU D 202 46.29 -32.23 83.68
N LEU D 203 46.94 -31.08 83.45
CA LEU D 203 46.49 -29.86 84.11
C LEU D 203 45.10 -29.44 83.64
N GLY D 204 44.76 -29.76 82.39
CA GLY D 204 43.43 -29.51 81.89
C GLY D 204 42.37 -30.43 82.46
N GLU D 205 42.78 -31.60 82.97
CA GLU D 205 41.85 -32.49 83.63
C GLU D 205 41.62 -32.09 85.07
N ILE D 206 42.59 -31.42 85.69
CA ILE D 206 42.46 -31.01 87.08
C ILE D 206 41.66 -29.72 87.19
N PHE D 207 42.18 -28.65 86.59
CA PHE D 207 41.44 -27.40 86.49
C PHE D 207 40.56 -27.46 85.25
N GLY D 208 39.26 -27.26 85.43
CA GLY D 208 38.33 -27.42 84.33
C GLY D 208 38.43 -26.30 83.32
N ILE D 209 37.79 -25.17 83.62
CA ILE D 209 37.98 -23.94 82.86
C ILE D 209 38.77 -22.92 83.68
N ARG D 210 39.36 -23.34 84.78
CA ARG D 210 40.26 -22.45 85.52
C ARG D 210 41.55 -22.23 84.78
N LYS D 211 42.06 -23.26 84.11
CA LYS D 211 43.23 -23.13 83.25
C LYS D 211 42.82 -22.39 81.98
N MET D 212 43.52 -21.29 81.68
CA MET D 212 43.15 -20.45 80.55
C MET D 212 43.26 -21.18 79.22
N GLY D 213 44.08 -22.23 79.16
CA GLY D 213 44.20 -22.99 77.92
C GLY D 213 42.90 -23.62 77.50
N ASN D 214 42.10 -24.07 78.47
CA ASN D 214 40.82 -24.69 78.14
C ASN D 214 39.80 -23.65 77.69
N ARG D 215 39.95 -22.40 78.12
CA ARG D 215 39.08 -21.33 77.64
C ARG D 215 39.40 -20.95 76.21
N HIS D 216 40.58 -21.32 75.71
CA HIS D 216 40.99 -21.07 74.33
C HIS D 216 41.41 -22.42 73.72
N LYS D 217 40.45 -23.32 73.59
CA LYS D 217 40.75 -24.64 73.04
C LYS D 217 41.09 -24.54 71.56
N PHE D 218 42.00 -25.40 71.12
CA PHE D 218 42.40 -25.43 69.72
C PHE D 218 41.26 -25.95 68.86
N PRO D 219 41.01 -25.35 67.69
CA PRO D 219 39.89 -25.79 66.86
C PRO D 219 40.07 -27.22 66.40
N LYS D 220 38.96 -27.96 66.38
CA LYS D 220 38.97 -29.36 65.96
C LYS D 220 39.23 -29.45 64.46
N GLU D 221 39.63 -30.65 64.04
CA GLU D 221 39.98 -30.87 62.63
C GLU D 221 38.79 -30.64 61.70
N GLU D 222 37.58 -30.93 62.16
CA GLU D 222 36.41 -30.80 61.31
C GLU D 222 35.99 -29.35 61.09
N ILE D 223 36.60 -28.40 61.80
CA ILE D 223 36.32 -26.98 61.61
C ILE D 223 37.58 -26.19 61.30
N TYR D 224 38.69 -26.87 61.04
CA TYR D 224 39.96 -26.23 60.69
C TYR D 224 40.06 -26.19 59.18
N ASN D 225 40.26 -25.00 58.62
CA ASN D 225 40.34 -24.86 57.17
C ASN D 225 41.66 -25.43 56.67
N THR D 226 41.58 -26.46 55.83
CA THR D 226 42.74 -27.17 55.30
C THR D 226 43.62 -27.64 56.47
N PRO D 227 43.12 -28.56 57.30
CA PRO D 227 43.87 -28.92 58.52
C PRO D 227 45.18 -29.64 58.26
N SER D 228 45.46 -30.04 57.02
CA SER D 228 46.74 -30.68 56.73
C SER D 228 47.89 -29.69 56.83
N ILE D 229 47.64 -28.40 56.61
CA ILE D 229 48.66 -27.37 56.73
C ILE D 229 48.76 -26.98 58.19
N ARG D 230 49.69 -27.60 58.92
CA ARG D 230 49.80 -27.38 60.35
C ARG D 230 50.74 -26.23 60.68
N PHE D 231 52.01 -26.33 60.30
CA PHE D 231 53.02 -25.37 60.68
C PHE D 231 53.29 -24.33 59.59
N GLY D 232 52.66 -24.46 58.43
CA GLY D 232 52.94 -23.56 57.33
C GLY D 232 51.76 -22.69 56.95
N ARG D 233 51.08 -22.13 57.94
CA ARG D 233 49.92 -21.27 57.70
C ARG D 233 50.37 -19.82 57.57
N GLU D 234 51.26 -19.59 56.62
CA GLU D 234 51.82 -18.25 56.40
C GLU D 234 50.83 -17.33 55.70
N HIS D 235 50.02 -17.87 54.79
CA HIS D 235 49.04 -17.06 54.06
C HIS D 235 48.12 -16.36 55.04
N TYR D 236 47.98 -15.05 54.88
CA TYR D 236 47.29 -14.24 55.87
C TYR D 236 45.78 -14.24 55.70
N GLU D 237 45.21 -15.02 54.77
CA GLU D 237 43.79 -15.29 54.84
C GLU D 237 43.46 -16.26 55.97
N PHE D 238 44.44 -17.05 56.41
CA PHE D 238 44.26 -17.89 57.58
C PHE D 238 44.03 -17.07 58.85
N GLN D 239 44.46 -15.81 58.87
CA GLN D 239 44.18 -14.95 60.02
C GLN D 239 42.69 -14.72 60.20
N TYR D 240 41.90 -14.85 59.15
CA TYR D 240 40.44 -14.79 59.23
C TYR D 240 39.79 -16.16 59.30
N LEU D 241 40.30 -17.14 58.53
CA LEU D 241 39.68 -18.46 58.52
C LEU D 241 39.90 -19.19 59.84
N ASP D 242 41.07 -19.02 60.46
CA ASP D 242 41.30 -19.65 61.75
C ASP D 242 40.60 -18.92 62.89
N LEU D 243 40.27 -17.62 62.70
CA LEU D 243 39.43 -16.95 63.69
C LEU D 243 38.03 -17.50 63.68
N LEU D 244 37.49 -17.81 62.50
CA LEU D 244 36.21 -18.52 62.42
C LEU D 244 36.29 -19.85 63.15
N SER D 245 37.37 -20.61 62.94
CA SER D 245 37.52 -21.88 63.62
C SER D 245 37.63 -21.70 65.13
N ARG D 246 38.34 -20.66 65.57
CA ARG D 246 38.49 -20.40 66.99
C ARG D 246 37.16 -20.02 67.63
N VAL D 247 36.30 -19.31 66.90
CA VAL D 247 34.97 -18.99 67.42
C VAL D 247 34.11 -20.25 67.49
N LEU D 248 34.16 -21.09 66.46
CA LEU D 248 33.36 -22.30 66.46
C LEU D 248 33.76 -23.24 67.60
N GLU D 249 35.00 -23.18 68.05
CA GLU D 249 35.44 -24.08 69.11
C GLU D 249 35.09 -23.56 70.49
N ASN D 250 35.30 -22.26 70.73
CA ASN D 250 35.15 -21.69 72.07
C ASN D 250 33.99 -20.71 72.18
N GLY D 251 33.22 -20.50 71.13
CA GLY D 251 32.17 -19.50 71.16
C GLY D 251 31.05 -19.91 72.09
N ALA D 252 30.66 -19.00 72.99
CA ALA D 252 29.55 -19.24 73.91
C ALA D 252 28.25 -18.74 73.30
N TYR D 253 27.21 -19.58 73.33
CA TYR D 253 25.91 -19.20 72.80
C TYR D 253 25.35 -18.06 73.63
N ARG D 254 25.24 -16.88 73.04
CA ARG D 254 24.79 -15.69 73.75
C ARG D 254 23.71 -14.97 72.95
N GLU D 255 22.86 -14.26 73.67
CA GLU D 255 21.82 -13.44 73.06
C GLU D 255 22.39 -12.06 72.75
N ASN D 256 21.56 -11.21 72.14
CA ASN D 256 21.98 -9.86 71.78
C ASN D 256 20.73 -9.02 71.57
N ARG D 257 20.91 -7.82 71.01
CA ARG D 257 19.78 -6.92 70.82
C ARG D 257 18.83 -7.42 69.74
N THR D 258 19.32 -8.22 68.80
CA THR D 258 18.48 -8.80 67.77
C THR D 258 18.00 -10.18 68.18
N GLY D 259 17.11 -10.75 67.36
CA GLY D 259 16.62 -12.09 67.61
C GLY D 259 17.57 -13.19 67.26
N ILE D 260 18.65 -12.88 66.54
CA ILE D 260 19.60 -13.88 66.07
C ILE D 260 20.73 -13.98 67.10
N SER D 261 20.80 -15.11 67.80
CA SER D 261 21.86 -15.33 68.76
C SER D 261 23.19 -15.62 68.05
N THR D 262 24.28 -15.41 68.78
CA THR D 262 25.62 -15.58 68.24
C THR D 262 26.43 -16.52 69.12
N TYR D 263 27.58 -16.94 68.61
CA TYR D 263 28.60 -17.63 69.38
C TYR D 263 29.78 -16.67 69.49
N SER D 264 30.07 -16.21 70.70
CA SER D 264 30.97 -15.06 70.89
C SER D 264 32.17 -15.43 71.74
N ILE D 265 33.34 -14.89 71.36
CA ILE D 265 34.55 -14.91 72.18
C ILE D 265 35.12 -13.50 72.20
N PHE D 266 35.97 -13.25 73.19
CA PHE D 266 36.51 -11.93 73.44
C PHE D 266 38.01 -11.88 73.19
N GLY D 267 38.48 -10.73 72.72
CA GLY D 267 39.90 -10.46 72.60
C GLY D 267 40.66 -11.25 71.55
N GLN D 268 40.26 -11.14 70.29
CA GLN D 268 40.97 -11.74 69.18
C GLN D 268 41.55 -10.66 68.27
N MET D 269 42.54 -11.06 67.45
CA MET D 269 43.20 -10.13 66.55
C MET D 269 43.52 -10.82 65.23
N MET D 270 43.64 -10.00 64.19
CA MET D 270 44.05 -10.45 62.86
C MET D 270 45.14 -9.52 62.34
N ARG D 271 45.98 -10.06 61.46
CA ARG D 271 47.13 -9.34 60.95
C ARG D 271 47.25 -9.61 59.45
N PHE D 272 47.30 -8.55 58.65
CA PHE D 272 47.34 -8.69 57.20
C PHE D 272 48.49 -7.90 56.61
N ASP D 273 48.99 -8.38 55.47
CA ASP D 273 50.00 -7.69 54.68
C ASP D 273 49.33 -6.94 53.54
N MET D 274 49.80 -5.72 53.29
CA MET D 274 49.31 -4.92 52.16
C MET D 274 50.42 -4.52 51.20
N ARG D 275 51.68 -4.82 51.51
CA ARG D 275 52.77 -4.47 50.61
C ARG D 275 52.70 -5.27 49.31
N GLU D 276 52.61 -6.59 49.41
CA GLU D 276 52.66 -7.47 48.25
C GLU D 276 51.31 -8.05 47.87
N SER D 277 50.23 -7.64 48.54
CA SER D 277 48.92 -8.21 48.25
C SER D 277 47.85 -7.26 48.78
N PHE D 278 46.59 -7.67 48.62
CA PHE D 278 45.45 -6.93 49.13
C PHE D 278 44.55 -7.90 49.88
N PRO D 279 44.29 -7.67 51.17
CA PRO D 279 43.58 -8.68 51.97
C PRO D 279 42.10 -8.78 51.64
N LEU D 280 41.77 -9.12 50.40
CA LEU D 280 40.40 -9.42 50.01
C LEU D 280 40.23 -10.95 50.01
N LEU D 281 39.29 -11.44 50.79
CA LEU D 281 39.14 -12.87 50.98
C LEU D 281 38.87 -13.58 49.65
N THR D 282 39.47 -14.75 49.49
CA THR D 282 39.29 -15.54 48.28
C THR D 282 38.32 -16.71 48.47
N THR D 283 38.04 -17.12 49.70
CA THR D 283 37.10 -18.21 49.95
C THR D 283 35.65 -17.79 49.73
N LYS D 284 35.40 -16.56 49.32
CA LYS D 284 34.05 -16.05 49.11
C LYS D 284 34.15 -14.77 48.29
N LYS D 285 33.35 -14.67 47.23
CA LYS D 285 33.34 -13.48 46.39
C LYS D 285 32.78 -12.30 47.19
N VAL D 286 33.65 -11.38 47.58
CA VAL D 286 33.26 -10.23 48.38
C VAL D 286 32.83 -9.11 47.46
N ALA D 287 31.68 -8.49 47.75
CA ALA D 287 31.20 -7.36 46.97
C ALA D 287 32.15 -6.18 47.15
N ILE D 288 33.20 -6.13 46.32
CA ILE D 288 34.25 -5.14 46.50
C ILE D 288 33.75 -3.72 46.24
N ARG D 289 32.80 -3.56 45.32
CA ARG D 289 32.31 -2.21 45.01
C ARG D 289 31.59 -1.60 46.20
N SER D 290 30.74 -2.38 46.86
CA SER D 290 30.02 -1.88 48.02
C SER D 290 30.97 -1.48 49.15
N ILE D 291 32.10 -2.17 49.27
CA ILE D 291 33.09 -1.80 50.28
C ILE D 291 33.62 -0.41 50.01
N PHE D 292 33.98 -0.11 48.77
CA PHE D 292 34.49 1.21 48.43
C PHE D 292 33.43 2.28 48.67
N GLU D 293 32.24 2.07 48.12
CA GLU D 293 31.19 3.07 48.25
C GLU D 293 30.86 3.35 49.71
N GLU D 294 31.00 2.35 50.58
CA GLU D 294 30.84 2.59 52.01
C GLU D 294 32.00 3.40 52.57
N LEU D 295 33.22 3.13 52.12
CA LEU D 295 34.38 3.82 52.65
C LEU D 295 34.43 5.27 52.20
N ILE D 296 34.25 5.51 50.90
CA ILE D 296 34.24 6.88 50.40
C ILE D 296 33.06 7.65 50.97
N TRP D 297 31.97 6.95 51.29
CA TRP D 297 30.86 7.59 51.99
C TRP D 297 31.31 8.12 53.35
N PHE D 298 32.11 7.34 54.07
CA PHE D 298 32.65 7.82 55.33
C PHE D 298 33.61 8.99 55.11
N ILE D 299 34.50 8.86 54.13
CA ILE D 299 35.52 9.88 53.91
C ILE D 299 34.88 11.21 53.54
N LYS D 300 33.85 11.19 52.70
CA LYS D 300 33.21 12.42 52.25
C LYS D 300 32.48 13.17 53.35
N GLY D 301 32.29 12.56 54.51
CA GLY D 301 31.55 13.20 55.58
C GLY D 301 30.05 13.03 55.50
N ASP D 302 29.56 12.07 54.72
CA ASP D 302 28.13 11.94 54.46
C ASP D 302 27.50 10.97 55.45
N THR D 303 26.26 11.28 55.84
CA THR D 303 25.47 10.40 56.67
C THR D 303 24.12 10.05 56.04
N ASN D 304 23.92 10.41 54.77
CA ASN D 304 22.68 10.12 54.07
C ASN D 304 22.71 8.67 53.58
N GLY D 305 21.82 7.84 54.10
CA GLY D 305 21.76 6.45 53.71
C GLY D 305 21.25 6.20 52.31
N ASN D 306 20.54 7.17 51.74
CA ASN D 306 20.02 6.99 50.38
C ASN D 306 21.11 7.08 49.34
N HIS D 307 22.19 7.83 49.63
CA HIS D 307 23.25 8.02 48.64
C HIS D 307 23.93 6.71 48.29
N LEU D 308 23.90 5.72 49.19
CA LEU D 308 24.38 4.40 48.83
C LEU D 308 23.30 3.59 48.11
N ILE D 309 22.05 3.76 48.54
CA ILE D 309 20.95 3.09 47.85
C ILE D 309 20.80 3.64 46.44
N GLU D 310 21.09 4.94 46.25
CA GLU D 310 21.08 5.50 44.90
C GLU D 310 22.17 4.87 44.03
N LYS D 311 23.25 4.39 44.66
CA LYS D 311 24.32 3.70 43.96
C LYS D 311 24.18 2.18 44.03
N LYS D 312 22.96 1.68 44.28
CA LYS D 312 22.69 0.25 44.35
C LYS D 312 23.55 -0.43 45.42
N VAL D 313 23.63 0.20 46.58
CA VAL D 313 24.34 -0.33 47.74
C VAL D 313 23.36 -0.33 48.91
N TYR D 314 22.90 -1.50 49.31
CA TYR D 314 21.85 -1.66 50.31
C TYR D 314 22.40 -2.14 51.65
N ILE D 315 23.65 -1.77 51.96
CA ILE D 315 24.29 -2.24 53.18
C ILE D 315 23.65 -1.60 54.40
N TRP D 316 23.35 -0.30 54.32
CA TRP D 316 22.74 0.42 55.43
C TRP D 316 21.22 0.53 55.29
N SER D 317 20.62 -0.30 54.44
CA SER D 317 19.17 -0.30 54.33
C SER D 317 18.51 -1.00 55.51
N GLY D 318 19.16 -2.04 56.05
CA GLY D 318 18.57 -2.74 57.18
C GLY D 318 18.53 -1.89 58.44
N ASN D 319 19.68 -1.35 58.83
CA ASN D 319 19.75 -0.46 59.98
C ASN D 319 19.25 0.95 59.68
N GLY D 320 18.59 1.15 58.55
CA GLY D 320 18.12 2.46 58.17
C GLY D 320 16.71 2.48 57.63
N SER D 321 15.90 1.51 58.02
CA SER D 321 14.49 1.51 57.65
C SER D 321 13.68 2.27 58.69
N LYS D 322 12.64 2.97 58.23
CA LYS D 322 11.79 3.73 59.13
C LYS D 322 11.19 2.86 60.22
N GLU D 323 10.90 1.59 59.90
CA GLU D 323 10.37 0.68 60.90
C GLU D 323 11.42 0.35 61.96
N TYR D 324 12.69 0.28 61.55
CA TYR D 324 13.78 0.03 62.50
C TYR D 324 14.16 1.29 63.26
N LEU D 325 14.19 2.43 62.57
CA LEU D 325 14.62 3.67 63.21
C LEU D 325 13.64 4.10 64.30
N GLU D 326 12.34 4.02 64.02
CA GLU D 326 11.35 4.31 65.04
C GLU D 326 11.33 3.26 66.14
N ARG D 327 11.78 2.04 65.84
CA ARG D 327 11.81 0.99 66.84
C ARG D 327 12.87 1.23 67.90
N ILE D 328 13.99 1.87 67.53
CA ILE D 328 15.07 2.17 68.47
C ILE D 328 14.97 3.58 69.02
N GLY D 329 13.84 4.25 68.82
CA GLY D 329 13.61 5.56 69.39
C GLY D 329 14.04 6.73 68.54
N LEU D 330 14.14 6.55 67.23
CA LEU D 330 14.50 7.62 66.31
C LEU D 330 13.42 7.82 65.24
N GLY D 331 12.16 7.83 65.68
CA GLY D 331 11.07 8.03 64.75
C GLY D 331 11.05 9.41 64.12
N HIS D 332 11.56 10.42 64.86
CA HIS D 332 11.62 11.77 64.33
C HIS D 332 12.54 11.88 63.13
N ARG D 333 13.45 10.93 62.96
CA ARG D 333 14.45 10.98 61.92
C ARG D 333 13.83 10.59 60.58
N GLU D 334 14.48 11.01 59.49
CA GLU D 334 13.97 10.67 58.17
C GLU D 334 14.22 9.19 57.89
N GLU D 335 13.79 8.74 56.71
CA GLU D 335 13.82 7.32 56.38
C GLU D 335 15.20 6.72 56.59
N ASN D 336 16.21 7.26 55.93
CA ASN D 336 17.56 6.70 56.00
C ASN D 336 18.56 7.68 56.61
N ASP D 337 18.10 8.57 57.47
CA ASP D 337 18.99 9.50 58.17
C ASP D 337 19.62 8.73 59.33
N LEU D 338 20.77 8.11 59.06
CA LEU D 338 21.39 7.26 60.06
C LEU D 338 21.92 8.04 61.25
N GLY D 339 22.23 9.32 61.06
CA GLY D 339 22.68 10.17 62.13
C GLY D 339 24.18 10.27 62.20
N PRO D 340 24.69 10.94 63.25
CA PRO D 340 26.14 11.09 63.37
C PRO D 340 26.83 9.75 63.58
N ILE D 341 27.38 9.19 62.51
CA ILE D 341 28.00 7.88 62.57
C ILE D 341 29.38 8.03 61.96
N TYR D 342 29.99 6.91 61.53
CA TYR D 342 31.22 6.98 60.75
C TYR D 342 31.12 8.07 59.69
N GLY D 343 32.17 8.86 59.57
CA GLY D 343 32.17 9.95 58.62
C GLY D 343 31.50 11.22 59.08
N PHE D 344 30.90 11.23 60.27
CA PHE D 344 30.51 12.49 60.89
C PHE D 344 31.37 12.80 62.09
N GLN D 345 31.82 11.77 62.81
CA GLN D 345 32.88 11.97 63.79
C GLN D 345 34.24 12.09 63.12
N TRP D 346 34.36 11.61 61.89
CA TRP D 346 35.60 11.77 61.13
C TRP D 346 35.80 13.22 60.72
N ARG D 347 34.77 13.84 60.14
CA ARG D 347 34.90 15.16 59.53
C ARG D 347 34.35 16.29 60.38
N HIS D 348 33.37 16.02 61.26
CA HIS D 348 32.74 17.05 62.09
C HIS D 348 32.53 16.49 63.49
N TYR D 349 33.63 16.20 64.18
CA TYR D 349 33.55 15.61 65.52
C TYR D 349 32.98 16.61 66.51
N ASN D 350 32.08 16.13 67.37
CA ASN D 350 31.42 16.95 68.39
C ASN D 350 30.57 18.06 67.77
N GLY D 351 30.08 17.83 66.55
CA GLY D 351 29.22 18.80 65.89
C GLY D 351 27.76 18.52 66.18
N GLU D 352 27.02 19.58 66.52
CA GLU D 352 25.60 19.45 66.85
C GLU D 352 24.82 18.96 65.63
N TYR D 353 24.62 17.65 65.54
CA TYR D 353 23.95 17.05 64.40
C TYR D 353 22.48 17.48 64.37
N LYS D 354 22.09 18.12 63.26
CA LYS D 354 20.69 18.48 63.05
C LYS D 354 19.99 17.36 62.27
N THR D 355 20.13 17.38 60.95
CA THR D 355 19.63 16.33 60.08
C THR D 355 20.73 15.96 59.09
N MET D 356 20.41 15.05 58.18
CA MET D 356 21.37 14.62 57.18
C MET D 356 21.42 15.53 55.96
N HIS D 357 20.54 16.53 55.88
CA HIS D 357 20.53 17.44 54.75
C HIS D 357 21.24 18.76 55.01
N ASP D 358 21.50 19.09 56.28
CA ASP D 358 22.12 20.37 56.59
C ASP D 358 23.58 20.39 56.18
N ASP D 359 24.14 21.58 56.07
CA ASP D 359 25.52 21.79 55.67
C ASP D 359 26.38 21.91 56.92
N TYR D 360 27.28 20.95 57.13
CA TYR D 360 28.12 20.90 58.32
C TYR D 360 29.57 21.31 58.03
N THR D 361 29.80 22.02 56.92
CA THR D 361 31.15 22.44 56.57
C THR D 361 31.64 23.49 57.56
N GLY D 362 32.74 23.19 58.25
CA GLY D 362 33.36 24.08 59.20
C GLY D 362 33.07 23.75 60.65
N VAL D 363 31.94 23.12 60.92
CA VAL D 363 31.56 22.76 62.28
C VAL D 363 32.21 21.43 62.64
N GLY D 364 32.53 21.27 63.92
CA GLY D 364 33.14 20.05 64.40
C GLY D 364 34.65 20.02 64.22
N VAL D 365 35.23 18.89 64.58
CA VAL D 365 36.66 18.66 64.49
C VAL D 365 36.91 17.68 63.35
N ASP D 366 37.57 18.15 62.30
CA ASP D 366 37.90 17.32 61.14
C ASP D 366 39.10 16.45 61.49
N GLN D 367 38.82 15.26 62.03
CA GLN D 367 39.90 14.34 62.39
C GLN D 367 40.69 13.91 61.16
N LEU D 368 39.99 13.58 60.07
CA LEU D 368 40.68 13.10 58.88
C LEU D 368 41.64 14.14 58.33
N ALA D 369 41.23 15.41 58.30
CA ALA D 369 42.12 16.46 57.86
C ALA D 369 43.32 16.59 58.78
N LYS D 370 43.09 16.60 60.09
CA LYS D 370 44.19 16.63 61.04
C LYS D 370 45.07 15.39 60.92
N LEU D 371 44.45 14.24 60.63
CA LEU D 371 45.21 13.01 60.44
C LEU D 371 46.13 13.11 59.23
N ILE D 372 45.60 13.62 58.11
CA ILE D 372 46.41 13.74 56.90
C ILE D 372 47.56 14.74 57.12
N GLU D 373 47.25 15.90 57.69
CA GLU D 373 48.28 16.90 57.90
C GLU D 373 49.35 16.41 58.87
N THR D 374 48.96 15.61 59.87
CA THR D 374 49.94 15.07 60.80
C THR D 374 50.77 13.97 60.17
N LEU D 375 50.18 13.22 59.24
CA LEU D 375 50.89 12.09 58.65
C LEU D 375 52.05 12.54 57.76
N LYS D 376 51.94 13.71 57.15
CA LYS D 376 52.99 14.21 56.27
C LYS D 376 53.96 15.16 56.96
N ASN D 377 53.50 15.92 57.95
CA ASN D 377 54.37 16.88 58.64
C ASN D 377 55.14 16.23 59.78
N ASN D 378 54.52 15.29 60.49
CA ASN D 378 55.16 14.58 61.60
C ASN D 378 54.90 13.09 61.42
N PRO D 379 55.69 12.42 60.58
CA PRO D 379 55.41 11.00 60.30
C PRO D 379 55.67 10.11 61.49
N LYS D 380 56.69 10.41 62.29
CA LYS D 380 57.02 9.59 63.45
C LYS D 380 56.19 9.96 64.68
N ASP D 381 55.16 10.79 64.52
CA ASP D 381 54.25 11.07 65.62
C ASP D 381 53.49 9.81 66.02
N ARG D 382 53.20 9.69 67.32
CA ARG D 382 52.52 8.53 67.86
C ARG D 382 51.03 8.79 68.12
N ARG D 383 50.47 9.87 67.58
CA ARG D 383 49.08 10.24 67.85
C ARG D 383 48.26 10.25 66.56
N HIS D 384 48.58 9.35 65.63
CA HIS D 384 47.87 9.27 64.35
C HIS D 384 46.60 8.43 64.54
N ILE D 385 45.67 8.99 65.31
CA ILE D 385 44.47 8.29 65.73
C ILE D 385 43.25 8.90 65.07
N LEU D 386 42.32 8.05 64.64
CA LEU D 386 41.05 8.45 64.07
C LEU D 386 39.95 7.65 64.78
N THR D 387 39.24 8.29 65.71
CA THR D 387 38.22 7.64 66.51
C THR D 387 36.82 8.04 66.04
N ALA D 388 35.86 7.19 66.37
CA ALA D 388 34.46 7.46 66.07
C ALA D 388 33.54 7.28 67.27
N TRP D 389 34.09 6.97 68.44
CA TRP D 389 33.29 6.73 69.65
C TRP D 389 33.23 8.01 70.48
N ASN D 390 32.10 8.71 70.39
CA ASN D 390 31.86 9.91 71.20
C ASN D 390 30.59 9.72 72.02
N PRO D 391 30.69 9.50 73.33
CA PRO D 391 29.48 9.22 74.13
C PRO D 391 28.41 10.30 74.06
N SER D 392 28.76 11.53 73.64
CA SER D 392 27.75 12.58 73.63
C SER D 392 26.72 12.38 72.52
N ALA D 393 27.10 11.70 71.44
CA ALA D 393 26.21 11.53 70.29
C ALA D 393 25.79 10.08 70.05
N LEU D 394 26.14 9.17 70.96
CA LEU D 394 25.80 7.76 70.77
C LEU D 394 24.29 7.56 70.70
N SER D 395 23.53 8.30 71.51
CA SER D 395 22.08 8.12 71.53
C SER D 395 21.45 8.53 70.20
N GLN D 396 22.05 9.48 69.50
CA GLN D 396 21.52 9.92 68.21
C GLN D 396 21.85 8.93 67.09
N MET D 397 22.86 8.10 67.26
CA MET D 397 23.29 7.20 66.19
C MET D 397 22.28 6.09 65.98
N ALA D 398 22.07 5.73 64.70
CA ALA D 398 21.24 4.58 64.39
C ALA D 398 21.93 3.27 64.74
N LEU D 399 23.24 3.29 64.91
CA LEU D 399 24.03 2.14 65.31
C LEU D 399 25.39 2.60 65.76
N PRO D 400 25.75 2.37 67.03
CA PRO D 400 27.05 2.81 67.54
C PRO D 400 28.19 2.22 66.72
N PRO D 401 29.35 2.87 66.69
CA PRO D 401 30.43 2.43 65.80
C PRO D 401 30.94 1.06 66.19
N CYS D 402 31.11 0.19 65.18
CA CYS D 402 31.72 -1.11 65.42
C CYS D 402 33.24 -1.01 65.41
N HIS D 403 33.80 -0.46 64.33
CA HIS D 403 35.22 -0.12 64.27
C HIS D 403 35.35 1.27 64.86
N VAL D 404 35.65 1.32 66.16
CA VAL D 404 35.55 2.57 66.91
C VAL D 404 36.75 3.46 66.65
N LEU D 405 37.95 2.95 66.89
CA LEU D 405 39.17 3.75 66.87
C LEU D 405 40.21 3.07 66.00
N SER D 406 40.96 3.88 65.26
CA SER D 406 42.03 3.39 64.39
C SER D 406 43.26 4.27 64.56
N GLN D 407 44.44 3.64 64.48
CA GLN D 407 45.71 4.31 64.62
C GLN D 407 46.62 3.94 63.47
N TYR D 408 47.42 4.90 63.01
CA TYR D 408 48.25 4.72 61.83
C TYR D 408 49.72 5.00 62.17
N TYR D 409 50.61 4.40 61.38
CA TYR D 409 52.01 4.31 61.75
C TYR D 409 52.85 4.37 60.50
N VAL D 410 53.88 5.24 60.51
CA VAL D 410 54.80 5.40 59.40
C VAL D 410 56.13 4.75 59.78
N THR D 411 56.50 3.71 59.05
CA THR D 411 57.74 2.99 59.33
C THR D 411 58.93 3.80 58.80
N ASN D 412 60.14 3.29 59.07
CA ASN D 412 61.34 3.97 58.63
C ASN D 412 61.53 3.90 57.12
N ASP D 413 60.92 2.92 56.45
CA ASP D 413 60.98 2.82 54.99
C ASP D 413 59.77 3.45 54.33
N ASN D 414 59.16 4.44 54.97
CA ASN D 414 58.06 5.23 54.40
C ASN D 414 56.89 4.33 53.99
N CYS D 415 56.47 3.46 54.90
CA CYS D 415 55.28 2.65 54.75
C CYS D 415 54.26 3.00 55.83
N LEU D 416 52.99 2.94 55.47
CA LEU D 416 51.89 3.32 56.35
C LEU D 416 51.17 2.06 56.82
N SER D 417 51.33 1.72 58.08
CA SER D 417 50.61 0.61 58.69
C SER D 417 49.41 1.13 59.46
N CYS D 418 48.45 0.23 59.69
CA CYS D 418 47.19 0.59 60.32
C CYS D 418 46.81 -0.42 61.39
N ASN D 419 46.33 0.09 62.52
CA ASN D 419 45.72 -0.71 63.57
C ASN D 419 44.28 -0.27 63.77
N LEU D 420 43.40 -1.24 64.02
CA LEU D 420 41.98 -0.95 64.19
C LEU D 420 41.44 -1.78 65.34
N TYR D 421 40.71 -1.14 66.25
CA TYR D 421 39.97 -1.84 67.29
C TYR D 421 38.49 -1.89 66.93
N GLN D 422 37.92 -3.09 67.03
CA GLN D 422 36.52 -3.32 66.68
C GLN D 422 35.80 -3.90 67.89
N ARG D 423 34.79 -3.17 68.39
CA ARG D 423 34.09 -3.63 69.58
C ARG D 423 33.23 -4.85 69.28
N SER D 424 32.58 -4.86 68.12
CA SER D 424 31.71 -5.96 67.72
C SER D 424 32.00 -6.28 66.26
N CYS D 425 32.16 -7.56 65.95
CA CYS D 425 32.62 -7.99 64.63
C CYS D 425 31.73 -9.12 64.15
N ASP D 426 30.89 -8.83 63.16
CA ASP D 426 30.09 -9.85 62.50
C ASP D 426 31.01 -10.60 61.55
N LEU D 427 31.60 -11.70 62.03
CA LEU D 427 32.55 -12.46 61.23
C LEU D 427 31.92 -12.97 59.94
N GLY D 428 30.61 -13.03 59.86
CA GLY D 428 29.96 -13.47 58.65
C GLY D 428 29.95 -12.42 57.56
N LEU D 429 29.64 -11.17 57.91
CA LEU D 429 29.48 -10.09 56.93
C LEU D 429 30.40 -8.92 57.20
N GLY D 430 30.41 -8.40 58.43
CA GLY D 430 31.17 -7.19 58.70
C GLY D 430 32.66 -7.38 58.59
N SER D 431 33.17 -8.52 59.08
CA SER D 431 34.61 -8.75 59.09
C SER D 431 35.21 -8.75 57.70
N PRO D 432 34.68 -9.49 56.70
CA PRO D 432 35.26 -9.39 55.35
C PRO D 432 35.26 -7.98 54.81
N PHE D 433 34.29 -7.16 55.21
CA PHE D 433 34.26 -5.78 54.74
C PHE D 433 35.26 -4.90 55.48
N ASN D 434 35.33 -5.03 56.81
CA ASN D 434 36.24 -4.18 57.57
C ASN D 434 37.70 -4.46 57.23
N ILE D 435 38.03 -5.69 56.83
CA ILE D 435 39.40 -6.00 56.43
C ILE D 435 39.76 -5.22 55.18
N ALA D 436 38.89 -5.26 54.18
CA ALA D 436 39.17 -4.57 52.92
C ALA D 436 38.96 -3.07 53.04
N SER D 437 37.95 -2.64 53.82
CA SER D 437 37.65 -1.22 53.92
C SER D 437 38.82 -0.44 54.50
N TYR D 438 39.37 -0.90 55.62
CA TYR D 438 40.50 -0.20 56.21
C TYR D 438 41.81 -0.48 55.47
N ALA D 439 41.85 -1.54 54.65
CA ALA D 439 42.99 -1.73 53.77
C ALA D 439 42.99 -0.69 52.66
N ILE D 440 41.83 -0.44 52.06
CA ILE D 440 41.72 0.60 51.04
C ILE D 440 41.97 1.97 51.66
N LEU D 441 41.41 2.22 52.85
CA LEU D 441 41.61 3.50 53.50
C LEU D 441 43.08 3.76 53.81
N THR D 442 43.81 2.71 54.19
CA THR D 442 45.25 2.87 54.41
C THR D 442 45.97 3.17 53.11
N MET D 443 45.61 2.46 52.03
CA MET D 443 46.22 2.73 50.73
C MET D 443 45.89 4.14 50.26
N MET D 444 44.64 4.58 50.47
CA MET D 444 44.26 5.94 50.11
C MET D 444 45.08 6.96 50.90
N LEU D 445 45.18 6.76 52.21
CA LEU D 445 45.98 7.67 53.03
C LEU D 445 47.44 7.64 52.62
N ALA D 446 47.94 6.47 52.22
CA ALA D 446 49.34 6.35 51.84
C ALA D 446 49.65 7.14 50.57
N GLN D 447 48.74 7.10 49.60
CA GLN D 447 48.96 7.81 48.35
C GLN D 447 48.89 9.32 48.54
N VAL D 448 47.87 9.79 49.27
CA VAL D 448 47.72 11.23 49.48
C VAL D 448 48.89 11.78 50.28
N CYS D 449 49.43 10.99 51.20
CA CYS D 449 50.56 11.41 52.02
C CYS D 449 51.91 11.10 51.39
N GLY D 450 51.95 10.21 50.40
CA GLY D 450 53.18 9.90 49.71
C GLY D 450 53.90 8.67 50.19
N TYR D 451 53.27 7.85 51.03
CA TYR D 451 53.89 6.63 51.53
C TYR D 451 53.35 5.42 50.78
N GLU D 452 53.86 4.25 51.14
CA GLU D 452 53.42 2.98 50.59
C GLU D 452 52.60 2.21 51.62
N PRO D 453 51.71 1.32 51.18
CA PRO D 453 50.94 0.52 52.14
C PRO D 453 51.84 -0.43 52.92
N GLY D 454 51.52 -0.62 54.19
CA GLY D 454 52.30 -1.49 55.05
C GLY D 454 51.53 -2.69 55.55
N GLU D 455 51.43 -2.83 56.87
CA GLU D 455 50.70 -3.93 57.48
C GLU D 455 49.38 -3.44 58.04
N LEU D 456 48.39 -4.33 58.10
CA LEU D 456 47.09 -4.04 58.66
C LEU D 456 46.80 -5.04 59.78
N ALA D 457 46.60 -4.52 60.99
CA ALA D 457 46.25 -5.32 62.15
C ALA D 457 44.88 -4.88 62.65
N ILE D 458 44.00 -5.85 62.91
CA ILE D 458 42.65 -5.58 63.39
C ILE D 458 42.47 -6.26 64.73
N PHE D 459 42.20 -5.48 65.76
CA PHE D 459 41.95 -5.99 67.10
C PHE D 459 40.46 -6.00 67.38
N ILE D 460 39.95 -7.12 67.88
CA ILE D 460 38.53 -7.38 67.97
C ILE D 460 38.12 -7.59 69.42
N GLY D 461 36.95 -7.05 69.79
CA GLY D 461 36.36 -7.34 71.07
C GLY D 461 35.41 -8.51 70.99
N ASP D 462 34.15 -8.25 70.63
CA ASP D 462 33.12 -9.30 70.57
C ASP D 462 33.13 -9.93 69.18
N ALA D 463 34.08 -10.82 68.96
CA ALA D 463 34.14 -11.61 67.73
C ALA D 463 33.11 -12.73 67.82
N HIS D 464 32.13 -12.73 66.92
CA HIS D 464 31.01 -13.65 67.03
C HIS D 464 30.57 -14.10 65.65
N ILE D 465 29.76 -15.17 65.64
CA ILE D 465 29.15 -15.71 64.43
C ILE D 465 27.66 -15.86 64.70
N TYR D 466 26.83 -15.24 63.87
CA TYR D 466 25.39 -15.36 64.04
C TYR D 466 24.93 -16.77 63.68
N GLU D 467 23.94 -17.26 64.42
CA GLU D 467 23.56 -18.67 64.32
C GLU D 467 22.95 -19.02 62.97
N ASN D 468 22.42 -18.05 62.24
CA ASN D 468 21.94 -18.30 60.89
C ASN D 468 23.06 -18.30 59.86
N HIS D 469 24.29 -18.00 60.28
CA HIS D 469 25.47 -18.06 59.42
C HIS D 469 26.26 -19.34 59.59
N LEU D 470 25.77 -20.29 60.38
CA LEU D 470 26.55 -21.47 60.72
C LEU D 470 26.78 -22.35 59.50
N THR D 471 25.70 -22.70 58.79
CA THR D 471 25.84 -23.58 57.62
C THR D 471 26.64 -22.92 56.51
N GLN D 472 26.58 -21.59 56.39
CA GLN D 472 27.32 -20.91 55.34
C GLN D 472 28.81 -20.86 55.64
N LEU D 473 29.19 -20.39 56.83
CA LEU D 473 30.60 -20.26 57.14
C LEU D 473 31.30 -21.60 57.21
N LYS D 474 30.57 -22.66 57.58
CA LYS D 474 31.15 -23.99 57.52
C LYS D 474 31.44 -24.41 56.09
N GLU D 475 30.63 -23.97 55.14
CA GLU D 475 30.95 -24.18 53.73
C GLU D 475 32.19 -23.40 53.32
N GLN D 476 32.32 -22.17 53.81
CA GLN D 476 33.49 -21.35 53.48
C GLN D 476 34.77 -21.95 54.05
N LEU D 477 34.69 -22.63 55.19
CA LEU D 477 35.88 -23.25 55.78
C LEU D 477 36.34 -24.48 55.02
N SER D 478 35.51 -25.03 54.14
CA SER D 478 35.89 -26.19 53.35
C SER D 478 36.69 -25.83 52.11
N ARG D 479 36.88 -24.53 51.85
CA ARG D 479 37.54 -24.05 50.64
C ARG D 479 38.97 -23.65 50.95
N THR D 480 39.93 -24.36 50.36
CA THR D 480 41.33 -24.01 50.49
C THR D 480 41.55 -22.64 49.86
N PRO D 481 42.16 -21.69 50.56
CA PRO D 481 42.22 -20.32 50.05
C PRO D 481 43.22 -20.19 48.91
N ARG D 482 43.01 -19.13 48.12
CA ARG D 482 43.80 -18.79 46.96
C ARG D 482 44.54 -17.48 47.20
N PRO D 483 45.57 -17.17 46.41
CA PRO D 483 46.35 -15.95 46.67
C PRO D 483 45.50 -14.70 46.63
N PHE D 484 45.84 -13.75 47.49
CA PHE D 484 45.15 -12.47 47.52
C PHE D 484 45.30 -11.76 46.18
N PRO D 485 44.31 -10.96 45.79
CA PRO D 485 44.42 -10.16 44.57
C PRO D 485 45.27 -8.92 44.83
N GLN D 486 45.53 -8.17 43.76
CA GLN D 486 46.20 -6.89 43.85
C GLN D 486 45.21 -5.77 43.60
N LEU D 487 45.30 -4.71 44.40
CA LEU D 487 44.48 -3.52 44.24
C LEU D 487 45.42 -2.34 44.02
N LYS D 488 45.37 -1.75 42.84
CA LYS D 488 46.19 -0.61 42.50
C LYS D 488 45.29 0.53 42.03
N PHE D 489 45.73 1.75 42.30
CA PHE D 489 44.99 2.94 41.91
C PHE D 489 45.40 3.37 40.51
N LYS D 490 44.44 3.85 39.73
CA LYS D 490 44.69 4.21 38.34
C LYS D 490 45.24 5.63 38.19
N ARG D 491 45.17 6.45 39.22
CA ARG D 491 45.65 7.82 39.12
C ARG D 491 45.92 8.37 40.51
N LYS D 492 46.83 9.33 40.58
CA LYS D 492 47.10 10.04 41.81
C LYS D 492 46.11 11.19 41.96
N VAL D 493 45.45 11.27 43.10
CA VAL D 493 44.41 12.25 43.33
C VAL D 493 44.97 13.39 44.17
N GLU D 494 44.42 14.58 43.96
CA GLU D 494 44.88 15.74 44.73
C GLU D 494 44.39 15.67 46.16
N ASN D 495 43.07 15.65 46.35
CA ASN D 495 42.48 15.53 47.68
C ASN D 495 41.92 14.13 47.89
N ILE D 496 41.69 13.79 49.17
CA ILE D 496 41.31 12.44 49.54
C ILE D 496 39.89 12.11 49.06
N GLU D 497 39.00 13.10 48.98
CA GLU D 497 37.62 12.85 48.60
C GLU D 497 37.45 12.66 47.09
N ASP D 498 38.51 12.83 46.30
CA ASP D 498 38.39 12.75 44.85
C ASP D 498 38.39 11.33 44.32
N PHE D 499 38.57 10.33 45.18
CA PHE D 499 38.59 8.94 44.70
C PHE D 499 37.23 8.57 44.12
N LYS D 500 37.26 7.78 43.04
CA LYS D 500 36.04 7.26 42.43
C LYS D 500 36.21 5.76 42.20
N TRP D 501 35.08 5.08 42.02
CA TRP D 501 35.11 3.63 41.82
C TRP D 501 35.86 3.27 40.55
N GLU D 502 35.81 4.13 39.53
CA GLU D 502 36.55 3.87 38.31
C GLU D 502 38.05 4.02 38.49
N ASP D 503 38.49 4.57 39.63
CA ASP D 503 39.91 4.76 39.90
C ASP D 503 40.57 3.52 40.48
N ILE D 504 39.81 2.48 40.80
CA ILE D 504 40.34 1.25 41.39
C ILE D 504 40.42 0.16 40.33
N GLU D 505 41.53 -0.57 40.35
CA GLU D 505 41.77 -1.68 39.44
C GLU D 505 42.08 -2.92 40.27
N LEU D 506 41.22 -3.92 40.18
CA LEU D 506 41.39 -5.18 40.90
C LEU D 506 42.05 -6.19 39.98
N ILE D 507 43.25 -6.63 40.33
CA ILE D 507 44.09 -7.45 39.46
C ILE D 507 44.25 -8.82 40.10
N GLY D 508 43.84 -9.85 39.38
CA GLY D 508 44.07 -11.22 39.82
C GLY D 508 43.19 -11.69 40.97
N TYR D 509 41.90 -11.34 40.94
CA TYR D 509 40.96 -11.79 41.96
C TYR D 509 40.18 -12.98 41.38
N TYR D 510 40.50 -14.18 41.85
CA TYR D 510 39.86 -15.41 41.39
C TYR D 510 39.24 -16.13 42.59
N PRO D 511 38.15 -15.60 43.14
CA PRO D 511 37.60 -16.14 44.38
C PRO D 511 36.68 -17.33 44.13
N TYR D 512 36.26 -17.94 45.24
CA TYR D 512 35.23 -18.95 45.21
C TYR D 512 33.86 -18.29 45.07
N PRO D 513 32.85 -19.02 44.62
CA PRO D 513 31.53 -18.41 44.39
C PRO D 513 31.02 -17.72 45.65
N THR D 514 30.23 -16.66 45.43
CA THR D 514 29.72 -15.87 46.55
C THR D 514 28.79 -16.72 47.41
N ILE D 515 28.71 -16.35 48.68
CA ILE D 515 27.91 -17.06 49.67
C ILE D 515 26.86 -16.10 50.22
N LYS D 516 25.59 -16.46 50.08
CA LYS D 516 24.51 -15.59 50.51
C LYS D 516 24.29 -15.77 52.01
N MET D 517 24.34 -14.66 52.74
CA MET D 517 24.14 -14.67 54.18
C MET D 517 23.32 -13.46 54.60
N ASP D 518 22.33 -13.67 55.45
CA ASP D 518 21.42 -12.61 55.86
C ASP D 518 21.99 -11.80 57.01
N MET D 519 21.76 -10.49 56.97
CA MET D 519 22.20 -9.62 58.04
C MET D 519 21.20 -9.61 59.18
N ALA D 520 21.70 -9.65 60.41
CA ALA D 520 20.84 -9.52 61.58
C ALA D 520 20.59 -8.04 61.85
N VAL D 521 19.36 -7.59 61.59
CA VAL D 521 19.01 -6.19 61.76
C VAL D 521 18.85 -5.86 63.24
N GLU E 3 -20.63 2.44 41.68
CA GLU E 3 -21.11 2.98 40.42
C GLU E 3 -22.17 2.07 39.81
N LYS E 4 -23.43 2.43 40.01
CA LYS E 4 -24.56 1.71 39.43
C LYS E 4 -25.41 2.69 38.60
N ASN E 5 -26.54 2.19 38.11
CA ASN E 5 -27.39 2.97 37.23
C ASN E 5 -28.48 3.69 38.00
N VAL E 6 -28.75 4.93 37.62
CA VAL E 6 -29.80 5.75 38.25
C VAL E 6 -30.66 6.29 37.12
N SER E 7 -31.81 5.67 36.89
CA SER E 7 -32.75 6.10 35.86
C SER E 7 -33.95 6.77 36.51
N ILE E 8 -34.62 7.64 35.76
CA ILE E 8 -35.86 8.25 36.21
C ILE E 8 -36.97 7.82 35.27
N VAL E 9 -38.11 7.44 35.84
CA VAL E 9 -39.30 7.06 35.09
C VAL E 9 -40.38 8.09 35.39
N VAL E 10 -40.95 8.67 34.33
CA VAL E 10 -41.96 9.72 34.48
C VAL E 10 -42.93 9.64 33.31
N ALA E 11 -44.17 10.01 33.58
CA ALA E 11 -45.20 10.17 32.56
C ALA E 11 -45.67 11.61 32.62
N ALA E 12 -45.25 12.41 31.64
CA ALA E 12 -45.53 13.84 31.62
C ALA E 12 -46.35 14.20 30.38
N SER E 13 -47.01 15.34 30.46
CA SER E 13 -47.76 15.84 29.31
C SER E 13 -46.80 16.20 28.18
N VAL E 14 -47.33 16.20 26.96
CA VAL E 14 -46.48 16.34 25.78
C VAL E 14 -45.90 17.75 25.68
N LEU E 15 -46.67 18.76 26.07
CA LEU E 15 -46.24 20.14 25.91
C LEU E 15 -45.80 20.74 27.24
N SER E 16 -46.73 20.93 28.17
CA SER E 16 -46.43 21.57 29.44
C SER E 16 -45.72 20.66 30.43
N SER E 17 -45.66 19.36 30.14
CA SER E 17 -44.96 18.39 30.99
C SER E 17 -45.60 18.28 32.37
N GLY E 18 -46.94 18.32 32.41
CA GLY E 18 -47.64 18.12 33.66
C GLY E 18 -47.67 16.64 34.03
N ILE E 19 -47.59 16.37 35.33
CA ILE E 19 -47.45 15.00 35.80
C ILE E 19 -48.44 14.65 36.90
N GLY E 20 -49.14 15.65 37.44
CA GLY E 20 -50.05 15.38 38.53
C GLY E 20 -50.97 16.56 38.81
N ILE E 21 -52.05 16.25 39.52
CA ILE E 21 -53.01 17.27 39.95
C ILE E 21 -53.75 16.78 41.19
N ASN E 22 -53.71 17.59 42.25
CA ASN E 22 -54.47 17.33 43.49
C ASN E 22 -54.14 15.94 44.06
N GLY E 23 -52.86 15.64 44.14
CA GLY E 23 -52.44 14.39 44.77
C GLY E 23 -52.75 13.13 44.00
N GLN E 24 -53.03 13.24 42.69
CA GLN E 24 -53.29 12.07 41.87
C GLN E 24 -52.84 12.38 40.45
N LEU E 25 -52.99 11.37 39.58
CA LEU E 25 -52.58 11.52 38.19
C LEU E 25 -53.65 12.26 37.39
N PRO E 26 -53.24 13.01 36.35
CA PRO E 26 -54.22 13.69 35.49
C PRO E 26 -54.90 12.77 34.49
N TRP E 27 -54.57 11.49 34.49
CA TRP E 27 -55.11 10.54 33.54
C TRP E 27 -55.14 9.15 34.19
N SER E 28 -55.63 8.17 33.45
CA SER E 28 -55.69 6.78 33.92
C SER E 28 -55.35 5.89 32.73
N ILE E 29 -54.06 5.59 32.58
CA ILE E 29 -53.57 4.77 31.47
C ILE E 29 -53.05 3.47 32.07
N SER E 30 -53.76 2.37 31.80
CA SER E 30 -53.40 1.09 32.40
C SER E 30 -52.05 0.59 31.90
N GLU E 31 -51.80 0.70 30.60
CA GLU E 31 -50.55 0.18 30.04
C GLU E 31 -49.34 0.95 30.55
N ASP E 32 -49.51 2.23 30.88
CA ASP E 32 -48.40 3.00 31.43
C ASP E 32 -47.97 2.45 32.78
N LEU E 33 -48.92 2.10 33.64
CA LEU E 33 -48.57 1.50 34.91
C LEU E 33 -47.85 0.17 34.72
N LYS E 34 -48.29 -0.63 33.75
CA LYS E 34 -47.57 -1.86 33.43
C LYS E 34 -46.17 -1.56 32.92
N PHE E 35 -45.99 -0.43 32.22
CA PHE E 35 -44.65 -0.02 31.81
C PHE E 35 -43.79 0.28 33.03
N PHE E 36 -44.34 1.02 33.99
CA PHE E 36 -43.61 1.28 35.23
C PHE E 36 -43.29 -0.01 35.96
N SER E 37 -44.18 -1.01 35.87
CA SER E 37 -43.93 -2.28 36.55
C SER E 37 -42.72 -2.99 35.97
N LYS E 38 -42.68 -3.14 34.64
CA LYS E 38 -41.61 -3.92 34.03
C LYS E 38 -40.29 -3.17 34.03
N ILE E 39 -40.33 -1.85 33.88
CA ILE E 39 -39.09 -1.07 33.86
C ILE E 39 -38.43 -1.11 35.23
N THR E 40 -39.20 -0.89 36.29
CA THR E 40 -38.63 -0.88 37.63
C THR E 40 -38.30 -2.29 38.13
N ASN E 41 -38.89 -3.32 37.53
CA ASN E 41 -38.60 -4.70 37.93
C ASN E 41 -37.50 -5.34 37.08
N ASN E 42 -37.16 -4.75 35.95
CA ASN E 42 -36.18 -5.33 35.04
C ASN E 42 -34.81 -5.34 35.71
N LYS E 43 -34.35 -6.53 36.11
CA LYS E 43 -33.06 -6.68 36.75
C LYS E 43 -32.36 -7.90 36.18
N CYS E 44 -31.04 -7.94 36.37
CA CYS E 44 -30.21 -9.04 35.88
C CYS E 44 -29.92 -10.08 36.95
N ASP E 45 -29.70 -9.67 38.19
CA ASP E 45 -29.42 -10.58 39.28
C ASP E 45 -30.72 -11.00 39.96
N SER E 46 -30.92 -12.30 40.09
CA SER E 46 -32.14 -12.80 40.73
C SER E 46 -32.19 -12.45 42.21
N ASN E 47 -31.03 -12.48 42.89
CA ASN E 47 -30.98 -12.19 44.31
C ASN E 47 -30.59 -10.74 44.56
N LYS E 48 -31.45 -9.84 44.09
CA LYS E 48 -31.31 -8.40 44.28
C LYS E 48 -32.68 -7.78 44.12
N LYS E 49 -32.71 -6.45 43.99
CA LYS E 49 -33.96 -5.70 43.86
C LYS E 49 -33.61 -4.26 43.54
N ASN E 50 -34.49 -3.61 42.78
CA ASN E 50 -34.29 -2.23 42.37
C ASN E 50 -34.96 -1.29 43.36
N ALA E 51 -34.29 -0.17 43.64
CA ALA E 51 -34.79 0.81 44.59
C ALA E 51 -35.56 1.89 43.86
N LEU E 52 -36.74 2.23 44.38
CA LEU E 52 -37.58 3.26 43.80
C LEU E 52 -37.64 4.44 44.77
N ILE E 53 -37.12 5.58 44.34
CA ILE E 53 -37.05 6.78 45.17
C ILE E 53 -38.26 7.65 44.87
N MET E 54 -38.92 8.14 45.93
CA MET E 54 -40.08 9.00 45.75
C MET E 54 -40.27 9.87 46.97
N GLY E 55 -40.96 11.00 46.77
CA GLY E 55 -41.28 11.87 47.88
C GLY E 55 -42.50 11.38 48.64
N ARG E 56 -42.74 11.99 49.80
CA ARG E 56 -43.84 11.56 50.65
C ARG E 56 -45.19 11.84 49.98
N LYS E 57 -45.35 13.01 49.36
CA LYS E 57 -46.61 13.31 48.67
C LYS E 57 -46.92 12.26 47.62
N THR E 58 -45.88 11.76 46.94
CA THR E 58 -46.06 10.65 46.02
C THR E 58 -46.35 9.36 46.78
N TRP E 59 -45.64 9.15 47.89
CA TRP E 59 -45.90 7.99 48.75
C TRP E 59 -47.35 7.99 49.23
N ASP E 60 -47.91 9.18 49.49
CA ASP E 60 -49.32 9.26 49.86
C ASP E 60 -50.23 8.92 48.69
N SER E 61 -49.82 9.29 47.47
CA SER E 61 -50.69 9.09 46.31
C SER E 61 -50.85 7.61 45.96
N ILE E 62 -49.87 6.78 46.30
CA ILE E 62 -49.91 5.36 45.97
C ILE E 62 -50.42 4.53 47.15
N GLY E 63 -51.13 5.15 48.08
CA GLY E 63 -51.74 4.42 49.18
C GLY E 63 -50.82 4.02 50.31
N ARG E 64 -49.57 4.47 50.30
CA ARG E 64 -48.58 4.14 51.34
C ARG E 64 -48.42 2.63 51.47
N ARG E 65 -48.42 1.92 50.34
CA ARG E 65 -48.28 0.48 50.37
C ARG E 65 -47.13 0.04 49.48
N PRO E 66 -46.36 -0.95 49.89
CA PRO E 66 -45.14 -1.31 49.14
C PRO E 66 -45.45 -1.93 47.79
N LEU E 67 -44.50 -1.79 46.88
CA LEU E 67 -44.57 -2.40 45.56
C LEU E 67 -43.79 -3.71 45.57
N LYS E 68 -44.37 -4.75 44.97
CA LYS E 68 -43.80 -6.09 45.05
C LYS E 68 -42.42 -6.14 44.41
N ASN E 69 -41.52 -6.91 45.02
CA ASN E 69 -40.16 -7.16 44.53
C ASN E 69 -39.32 -5.90 44.43
N ARG E 70 -39.74 -4.82 45.08
CA ARG E 70 -39.03 -3.56 45.00
C ARG E 70 -38.94 -2.92 46.37
N ILE E 71 -37.90 -2.11 46.57
CA ILE E 71 -37.70 -1.36 47.80
C ILE E 71 -38.01 0.10 47.51
N ILE E 72 -39.00 0.66 48.21
CA ILE E 72 -39.41 2.04 48.00
C ILE E 72 -38.68 2.93 48.99
N VAL E 73 -38.02 3.96 48.47
CA VAL E 73 -37.27 4.91 49.28
C VAL E 73 -38.06 6.21 49.32
N VAL E 74 -38.57 6.57 50.49
CA VAL E 74 -39.36 7.78 50.68
C VAL E 74 -38.47 8.85 51.25
N ILE E 75 -38.47 10.02 50.62
CA ILE E 75 -37.69 11.17 51.08
C ILE E 75 -38.66 12.13 51.74
N SER E 76 -38.74 12.07 53.06
CA SER E 76 -39.61 12.95 53.83
C SER E 76 -38.82 13.56 54.97
N SER E 77 -39.09 14.84 55.26
CA SER E 77 -38.39 15.52 56.34
C SER E 77 -38.95 15.17 57.71
N SER E 78 -40.18 14.62 57.77
CA SER E 78 -40.80 14.34 59.06
C SER E 78 -41.51 12.99 59.09
N LEU E 79 -40.99 11.99 58.36
CA LEU E 79 -41.58 10.68 58.52
C LEU E 79 -40.74 9.82 59.47
N PRO E 80 -41.38 8.94 60.24
CA PRO E 80 -40.61 8.07 61.15
C PRO E 80 -39.79 7.06 60.36
N GLN E 81 -38.50 7.00 60.67
CA GLN E 81 -37.58 6.05 60.04
C GLN E 81 -37.82 4.67 60.65
N ASP E 82 -38.93 4.06 60.26
CA ASP E 82 -39.34 2.77 60.80
C ASP E 82 -38.61 1.65 60.10
N GLU E 83 -38.01 0.75 60.88
CA GLU E 83 -37.29 -0.40 60.35
C GLU E 83 -38.13 -1.67 60.37
N ALA E 84 -39.42 -1.56 60.70
CA ALA E 84 -40.27 -2.75 60.71
C ALA E 84 -40.49 -3.29 59.30
N ASP E 85 -40.85 -2.41 58.36
CA ASP E 85 -41.04 -2.82 56.97
C ASP E 85 -39.70 -2.78 56.26
N PRO E 86 -39.16 -3.92 55.80
CA PRO E 86 -37.88 -3.90 55.08
C PRO E 86 -38.02 -3.48 53.62
N ASN E 87 -39.23 -3.44 53.08
CA ASN E 87 -39.45 -3.06 51.69
C ASN E 87 -39.74 -1.57 51.52
N VAL E 88 -39.70 -0.80 52.61
CA VAL E 88 -39.90 0.65 52.56
C VAL E 88 -38.93 1.28 53.54
N VAL E 89 -38.09 2.19 53.06
CA VAL E 89 -37.10 2.87 53.88
C VAL E 89 -37.24 4.37 53.68
N VAL E 90 -36.90 5.12 54.72
CA VAL E 90 -37.08 6.57 54.74
C VAL E 90 -35.72 7.23 54.94
N PHE E 91 -35.48 8.27 54.15
CA PHE E 91 -34.28 9.09 54.29
C PHE E 91 -34.71 10.55 54.42
N ARG E 92 -33.79 11.36 54.94
CA ARG E 92 -34.09 12.75 55.22
C ARG E 92 -33.91 13.65 54.01
N ASN E 93 -32.86 13.41 53.20
CA ASN E 93 -32.62 14.19 52.01
C ASN E 93 -32.21 13.26 50.86
N LEU E 94 -32.28 13.80 49.65
CA LEU E 94 -32.01 12.99 48.46
C LEU E 94 -30.55 12.57 48.38
N GLU E 95 -29.63 13.45 48.78
CA GLU E 95 -28.21 13.13 48.73
C GLU E 95 -27.90 11.94 49.63
N ASP E 96 -28.42 11.95 50.85
CA ASP E 96 -28.16 10.85 51.78
C ASP E 96 -28.80 9.55 51.32
N SER E 97 -29.88 9.62 50.54
CA SER E 97 -30.51 8.39 50.07
C SER E 97 -29.69 7.70 48.98
N ILE E 98 -28.83 8.45 48.28
CA ILE E 98 -27.97 7.87 47.26
C ILE E 98 -26.66 7.44 47.90
N GLU E 99 -26.71 6.37 48.71
CA GLU E 99 -25.51 5.79 49.28
C GLU E 99 -25.27 4.35 48.84
N ASN E 100 -26.32 3.63 48.44
CA ASN E 100 -26.23 2.23 48.03
C ASN E 100 -25.34 2.02 46.80
N LEU E 101 -24.78 3.10 46.24
CA LEU E 101 -23.96 2.96 45.04
C LEU E 101 -22.67 2.20 45.32
N MET E 102 -21.94 2.58 46.37
CA MET E 102 -20.69 1.88 46.66
C MET E 102 -20.90 0.78 47.69
N ASN E 103 -21.72 1.02 48.70
CA ASN E 103 -22.05 0.05 49.73
C ASN E 103 -23.46 -0.46 49.46
N ASP E 104 -23.92 -1.39 50.31
CA ASP E 104 -25.17 -2.10 50.05
C ASP E 104 -25.20 -2.62 48.63
N ASP E 105 -24.55 -3.76 48.40
CA ASP E 105 -24.47 -4.37 47.08
C ASP E 105 -25.75 -5.09 46.69
N SER E 106 -26.73 -5.18 47.59
CA SER E 106 -27.98 -5.88 47.31
C SER E 106 -28.90 -5.10 46.38
N ILE E 107 -28.52 -3.89 45.97
CA ILE E 107 -29.32 -3.09 45.06
C ILE E 107 -28.63 -3.06 43.71
N GLU E 108 -29.36 -3.44 42.66
CA GLU E 108 -28.80 -3.47 41.30
C GLU E 108 -28.93 -2.11 40.63
N ASN E 109 -30.16 -1.68 40.38
CA ASN E 109 -30.44 -0.42 39.72
C ASN E 109 -31.27 0.48 40.64
N ILE E 110 -31.26 1.77 40.35
CA ILE E 110 -32.01 2.77 41.10
C ILE E 110 -32.93 3.50 40.14
N PHE E 111 -34.15 3.76 40.59
CA PHE E 111 -35.14 4.45 39.78
C PHE E 111 -35.73 5.60 40.56
N VAL E 112 -35.71 6.80 39.98
CA VAL E 112 -36.31 7.99 40.57
C VAL E 112 -37.67 8.21 39.91
N CYS E 113 -38.70 8.42 40.73
CA CYS E 113 -40.05 8.54 40.19
C CYS E 113 -40.98 9.27 41.15
N GLY E 114 -40.45 10.22 41.92
CA GLY E 114 -41.21 10.78 43.02
C GLY E 114 -41.59 12.24 42.93
N GLY E 115 -42.11 12.67 41.79
CA GLY E 115 -42.70 13.99 41.68
C GLY E 115 -41.70 15.10 41.41
N GLU E 116 -42.24 16.32 41.34
CA GLU E 116 -41.47 17.48 40.91
C GLU E 116 -40.31 17.76 41.85
N SER E 117 -40.57 17.76 43.16
CA SER E 117 -39.53 18.11 44.12
C SER E 117 -38.36 17.15 44.06
N ILE E 118 -38.61 15.87 43.75
CA ILE E 118 -37.52 14.91 43.63
C ILE E 118 -36.92 14.92 42.23
N TYR E 119 -37.75 15.12 41.21
CA TYR E 119 -37.23 15.21 39.84
C TYR E 119 -36.29 16.40 39.68
N ARG E 120 -36.72 17.57 40.14
CA ARG E 120 -35.90 18.77 39.97
C ARG E 120 -34.59 18.67 40.75
N ASP E 121 -34.65 18.13 41.96
CA ASP E 121 -33.43 17.98 42.75
C ASP E 121 -32.52 16.90 42.20
N ALA E 122 -33.08 15.88 41.57
CA ALA E 122 -32.25 14.81 41.01
C ALA E 122 -31.54 15.27 39.75
N LEU E 123 -32.13 16.19 38.99
CA LEU E 123 -31.49 16.71 37.79
C LEU E 123 -30.53 17.86 38.10
N LYS E 124 -30.88 18.70 39.08
CA LYS E 124 -30.03 19.83 39.43
C LYS E 124 -28.71 19.36 40.06
N ASP E 125 -28.70 18.19 40.69
CA ASP E 125 -27.50 17.66 41.32
C ASP E 125 -26.80 16.61 40.47
N ASN E 126 -27.23 16.42 39.23
CA ASN E 126 -26.57 15.52 38.28
C ASN E 126 -26.49 14.10 38.81
N PHE E 127 -27.59 13.62 39.39
CA PHE E 127 -27.68 12.25 39.88
C PHE E 127 -28.20 11.28 38.84
N VAL E 128 -28.78 11.79 37.75
CA VAL E 128 -29.51 10.97 36.80
C VAL E 128 -28.60 10.51 35.69
N ASP E 129 -28.75 9.23 35.31
CA ASP E 129 -28.04 8.68 34.16
C ASP E 129 -28.95 8.43 32.96
N ARG E 130 -30.25 8.27 33.16
CA ARG E 130 -31.16 7.94 32.08
C ARG E 130 -32.56 8.38 32.46
N ILE E 131 -33.37 8.70 31.44
CA ILE E 131 -34.73 9.18 31.63
C ILE E 131 -35.67 8.31 30.81
N TYR E 132 -36.73 7.80 31.46
CA TYR E 132 -37.80 7.06 30.80
C TYR E 132 -39.05 7.95 30.79
N LEU E 133 -39.25 8.67 29.69
CA LEU E 133 -40.33 9.63 29.57
C LEU E 133 -41.50 9.03 28.80
N THR E 134 -42.69 9.13 29.38
CA THR E 134 -43.94 8.67 28.76
C THR E 134 -44.75 9.93 28.41
N ARG E 135 -44.60 10.41 27.19
CA ARG E 135 -45.32 11.59 26.76
C ARG E 135 -46.79 11.25 26.51
N VAL E 136 -47.69 12.02 27.10
CA VAL E 136 -49.13 11.78 27.01
C VAL E 136 -49.78 12.96 26.30
N ALA E 137 -50.72 12.66 25.41
CA ALA E 137 -51.37 13.68 24.58
C ALA E 137 -52.58 14.25 25.29
N LEU E 138 -52.32 14.97 26.38
CA LEU E 138 -53.35 15.66 27.14
C LEU E 138 -52.81 17.01 27.59
N GLU E 139 -53.43 18.09 27.14
CA GLU E 139 -52.92 19.43 27.45
C GLU E 139 -53.99 20.47 27.76
N ASP E 140 -55.26 20.24 27.44
CA ASP E 140 -56.31 21.20 27.77
C ASP E 140 -56.95 20.92 29.11
N ILE E 141 -56.18 20.42 30.08
CA ILE E 141 -56.67 20.16 31.43
C ILE E 141 -55.81 20.95 32.41
N GLU E 142 -56.11 20.82 33.71
CA GLU E 142 -55.42 21.56 34.74
C GLU E 142 -54.34 20.70 35.39
N PHE E 143 -53.22 21.32 35.73
CA PHE E 143 -52.14 20.68 36.46
C PHE E 143 -51.71 21.55 37.64
N ASP E 144 -51.16 20.91 38.66
CA ASP E 144 -50.51 21.63 39.74
C ASP E 144 -49.08 21.16 40.00
N THR E 145 -48.64 20.07 39.36
CA THR E 145 -47.28 19.57 39.54
C THR E 145 -46.75 19.16 38.18
N TYR E 146 -45.61 19.72 37.79
CA TYR E 146 -45.03 19.51 36.47
C TYR E 146 -43.68 18.81 36.59
N PHE E 147 -43.21 18.28 35.44
CA PHE E 147 -41.90 17.66 35.30
C PHE E 147 -40.89 18.68 34.77
N PRO E 148 -39.74 18.83 35.41
CA PRO E 148 -38.80 19.88 34.97
C PRO E 148 -38.33 19.65 33.55
N GLU E 149 -37.95 20.76 32.89
CA GLU E 149 -37.43 20.68 31.53
C GLU E 149 -36.16 19.83 31.50
N ILE E 150 -36.09 18.93 30.54
CA ILE E 150 -34.93 18.04 30.44
C ILE E 150 -33.69 18.87 30.13
N PRO E 151 -32.62 18.75 30.91
CA PRO E 151 -31.42 19.57 30.67
C PRO E 151 -30.77 19.23 29.34
N GLU E 152 -29.94 20.15 28.87
CA GLU E 152 -29.24 19.97 27.60
C GLU E 152 -28.28 18.78 27.62
N THR E 153 -27.88 18.33 28.81
CA THR E 153 -26.93 17.23 28.91
C THR E 153 -27.52 15.90 28.45
N PHE E 154 -28.85 15.79 28.39
CA PHE E 154 -29.51 14.57 27.97
C PHE E 154 -29.90 14.65 26.50
N LEU E 155 -29.85 13.50 25.83
CA LEU E 155 -30.23 13.41 24.43
C LEU E 155 -31.12 12.21 24.19
N PRO E 156 -32.19 12.36 23.41
CA PRO E 156 -33.08 11.23 23.14
C PRO E 156 -32.40 10.17 22.29
N VAL E 157 -32.56 8.91 22.68
CA VAL E 157 -32.03 7.78 21.94
C VAL E 157 -33.11 6.83 21.46
N TYR E 158 -34.37 7.03 21.83
CA TYR E 158 -35.44 6.12 21.45
C TYR E 158 -36.77 6.86 21.55
N MET E 159 -37.66 6.58 20.61
CA MET E 159 -39.02 7.14 20.63
C MET E 159 -39.97 6.07 20.10
N SER E 160 -40.77 5.50 20.99
CA SER E 160 -41.63 4.37 20.65
C SER E 160 -42.74 4.81 19.69
N GLN E 161 -43.44 3.83 19.14
CA GLN E 161 -44.58 4.13 18.31
C GLN E 161 -45.71 4.71 19.16
N THR E 162 -46.60 5.45 18.50
CA THR E 162 -47.73 6.05 19.21
C THR E 162 -48.76 4.98 19.53
N PHE E 163 -49.15 4.90 20.80
CA PHE E 163 -50.13 3.96 21.30
C PHE E 163 -51.43 4.69 21.62
N CYS E 164 -52.41 3.93 22.13
CA CYS E 164 -53.73 4.48 22.41
C CYS E 164 -54.37 3.74 23.57
N THR E 165 -54.94 4.49 24.51
CA THR E 165 -55.70 3.92 25.62
C THR E 165 -56.82 4.89 25.95
N LYS E 166 -58.06 4.45 25.75
CA LYS E 166 -59.23 5.31 25.94
C LYS E 166 -59.12 6.58 25.10
N ASN E 167 -58.71 6.40 23.84
CA ASN E 167 -58.55 7.49 22.88
C ASN E 167 -57.50 8.51 23.31
N ILE E 168 -56.49 8.08 24.06
CA ILE E 168 -55.41 8.94 24.52
C ILE E 168 -54.10 8.43 23.93
N SER E 169 -53.45 9.26 23.12
CA SER E 169 -52.19 8.87 22.50
C SER E 169 -51.01 9.14 23.43
N TYR E 170 -50.04 8.23 23.41
CA TYR E 170 -48.86 8.41 24.25
C TYR E 170 -47.67 7.69 23.64
N ASP E 171 -46.47 8.21 23.93
CA ASP E 171 -45.20 7.68 23.45
C ASP E 171 -44.35 7.21 24.62
N PHE E 172 -43.26 6.53 24.29
CA PHE E 172 -42.23 6.13 25.26
C PHE E 172 -40.87 6.52 24.70
N MET E 173 -40.15 7.37 25.44
CA MET E 173 -38.85 7.85 25.02
C MET E 173 -37.80 7.55 26.08
N ILE E 174 -36.53 7.50 25.63
CA ILE E 174 -35.39 7.28 26.50
C ILE E 174 -34.39 8.41 26.25
N PHE E 175 -33.91 9.02 27.33
CA PHE E 175 -32.90 10.07 27.26
C PHE E 175 -31.67 9.63 28.05
N GLU E 176 -30.50 9.74 27.43
CA GLU E 176 -29.24 9.39 28.07
C GLU E 176 -28.32 10.60 28.12
N LYS E 177 -27.55 10.67 29.20
CA LYS E 177 -26.62 11.79 29.41
C LYS E 177 -25.35 11.57 28.62
N GLN E 178 -24.84 12.64 28.01
CA GLN E 178 -23.65 12.56 27.17
C GLN E 178 -22.39 12.32 27.99
N GLU E 179 -21.49 11.52 27.44
CA GLU E 179 -20.25 11.14 28.10
C GLU E 179 -19.11 11.94 27.47
N LYS E 180 -18.02 11.32 26.99
CA LYS E 180 -16.87 12.03 26.47
C LYS E 180 -16.78 11.83 24.95
N LYS E 181 -16.35 12.88 24.25
CA LYS E 181 -16.19 12.85 22.80
C LYS E 181 -17.49 12.48 22.09
N LEU E 193 -17.89 -5.92 13.52
CA LEU E 193 -18.63 -4.78 12.98
C LEU E 193 -17.70 -3.66 12.55
N LYS E 194 -16.61 -3.49 13.31
CA LYS E 194 -15.67 -2.41 13.02
C LYS E 194 -15.00 -2.58 11.66
N SER E 195 -14.80 -3.83 11.22
CA SER E 195 -14.15 -4.09 9.95
C SER E 195 -15.10 -4.04 8.76
N ILE E 196 -16.38 -4.33 8.97
CA ILE E 196 -17.34 -4.28 7.86
C ILE E 196 -17.48 -2.85 7.34
N ASP E 197 -17.56 -1.88 8.25
CA ASP E 197 -17.73 -0.50 7.82
C ASP E 197 -16.53 -0.01 7.01
N ASP E 198 -15.33 -0.46 7.36
CA ASP E 198 -14.15 -0.05 6.61
C ASP E 198 -14.16 -0.63 5.20
N THR E 199 -14.50 -1.90 5.06
CA THR E 199 -14.49 -2.53 3.74
C THR E 199 -15.55 -1.93 2.82
N VAL E 200 -16.71 -1.56 3.38
CA VAL E 200 -17.74 -0.92 2.56
C VAL E 200 -17.29 0.46 2.12
N ASP E 201 -16.58 1.18 2.99
CA ASP E 201 -16.05 2.48 2.59
C ASP E 201 -15.02 2.36 1.47
N LEU E 202 -14.13 1.37 1.57
CA LEU E 202 -13.11 1.19 0.55
C LEU E 202 -13.71 0.82 -0.79
N LEU E 203 -14.76 0.00 -0.80
CA LEU E 203 -15.45 -0.30 -2.05
C LEU E 203 -16.13 0.94 -2.61
N GLY E 204 -16.55 1.87 -1.76
CA GLY E 204 -17.11 3.12 -2.24
C GLY E 204 -16.09 4.05 -2.83
N GLU E 205 -14.82 3.90 -2.47
CA GLU E 205 -13.76 4.69 -3.09
C GLU E 205 -13.33 4.11 -4.43
N ILE E 206 -13.51 2.80 -4.61
CA ILE E 206 -13.14 2.17 -5.87
C ILE E 206 -14.23 2.36 -6.91
N PHE E 207 -15.42 1.83 -6.64
CA PHE E 207 -16.58 2.08 -7.48
C PHE E 207 -17.26 3.35 -7.00
N GLY E 208 -17.41 4.32 -7.89
CA GLY E 208 -17.91 5.63 -7.50
C GLY E 208 -19.40 5.59 -7.24
N ILE E 209 -20.20 5.66 -8.30
CA ILE E 209 -21.62 5.42 -8.23
C ILE E 209 -21.98 4.08 -8.86
N ARG E 210 -20.98 3.25 -9.16
CA ARG E 210 -21.26 1.89 -9.60
C ARG E 210 -21.79 1.05 -8.44
N LYS E 211 -21.25 1.27 -7.24
CA LYS E 211 -21.78 0.63 -6.05
C LYS E 211 -23.10 1.29 -5.65
N MET E 212 -24.15 0.48 -5.55
CA MET E 212 -25.48 1.01 -5.28
C MET E 212 -25.59 1.71 -3.94
N GLY E 213 -24.71 1.38 -2.99
CA GLY E 213 -24.75 2.04 -1.70
C GLY E 213 -24.50 3.52 -1.78
N ASN E 214 -23.62 3.95 -2.70
CA ASN E 214 -23.32 5.37 -2.83
C ASN E 214 -24.48 6.14 -3.44
N ARG E 215 -25.32 5.48 -4.24
CA ARG E 215 -26.50 6.13 -4.77
C ARG E 215 -27.57 6.33 -3.71
N HIS E 216 -27.49 5.62 -2.59
CA HIS E 216 -28.41 5.76 -1.47
C HIS E 216 -27.60 6.03 -0.20
N LYS E 217 -26.94 7.18 -0.18
CA LYS E 217 -26.10 7.55 0.96
C LYS E 217 -26.96 7.84 2.19
N PHE E 218 -26.41 7.50 3.35
CA PHE E 218 -27.11 7.78 4.60
C PHE E 218 -27.15 9.28 4.85
N PRO E 219 -28.27 9.81 5.32
CA PRO E 219 -28.37 11.27 5.50
C PRO E 219 -27.37 11.77 6.53
N LYS E 220 -26.81 12.94 6.25
CA LYS E 220 -25.86 13.56 7.16
C LYS E 220 -26.57 14.03 8.42
N GLU E 221 -25.78 14.26 9.47
CA GLU E 221 -26.34 14.62 10.77
C GLU E 221 -27.08 15.96 10.71
N GLU E 222 -26.64 16.88 9.86
CA GLU E 222 -27.26 18.20 9.82
C GLU E 222 -28.63 18.20 9.15
N ILE E 223 -29.05 17.11 8.54
CA ILE E 223 -30.37 17.01 7.92
C ILE E 223 -31.17 15.84 8.48
N TYR E 224 -30.69 15.20 9.55
CA TYR E 224 -31.38 14.08 10.18
C TYR E 224 -32.20 14.63 11.34
N ASN E 225 -33.50 14.34 11.34
CA ASN E 225 -34.39 14.84 12.38
C ASN E 225 -34.11 14.08 13.68
N THR E 226 -33.71 14.83 14.71
CA THR E 226 -33.31 14.25 16.00
C THR E 226 -32.23 13.18 15.78
N PRO E 227 -31.06 13.56 15.31
CA PRO E 227 -30.05 12.55 14.92
C PRO E 227 -29.50 11.76 16.10
N SER E 228 -29.81 12.16 17.34
CA SER E 228 -29.37 11.39 18.49
C SER E 228 -30.09 10.05 18.58
N ILE E 229 -31.31 9.97 18.04
CA ILE E 229 -32.07 8.72 18.04
C ILE E 229 -31.60 7.88 16.86
N ARG E 230 -30.64 6.99 17.11
CA ARG E 230 -30.04 6.20 16.06
C ARG E 230 -30.78 4.89 15.83
N PHE E 231 -30.83 4.04 16.85
CA PHE E 231 -31.41 2.70 16.73
C PHE E 231 -32.85 2.62 17.22
N GLY E 232 -33.39 3.71 17.75
CA GLY E 232 -34.73 3.67 18.32
C GLY E 232 -35.72 4.55 17.58
N ARG E 233 -35.69 4.50 16.25
CA ARG E 233 -36.60 5.31 15.43
C ARG E 233 -37.89 4.53 15.15
N GLU E 234 -38.56 4.14 16.23
CA GLU E 234 -39.78 3.36 16.11
C GLU E 234 -40.96 4.22 15.70
N HIS E 235 -41.02 5.47 16.16
CA HIS E 235 -42.12 6.35 15.81
C HIS E 235 -42.22 6.49 14.31
N TYR E 236 -43.42 6.25 13.78
CA TYR E 236 -43.60 6.13 12.34
C TYR E 236 -43.75 7.48 11.65
N GLU E 237 -43.64 8.60 12.37
CA GLU E 237 -43.44 9.87 11.68
C GLU E 237 -42.02 9.97 11.14
N PHE E 238 -41.09 9.21 11.69
CA PHE E 238 -39.74 9.13 11.13
C PHE E 238 -39.75 8.49 9.74
N GLN E 239 -40.77 7.69 9.43
CA GLN E 239 -40.88 7.13 8.08
C GLN E 239 -41.07 8.21 7.03
N TYR E 240 -41.61 9.37 7.43
CA TYR E 240 -41.72 10.53 6.56
C TYR E 240 -40.57 11.51 6.73
N LEU E 241 -40.14 11.73 7.98
CA LEU E 241 -39.06 12.69 8.21
C LEU E 241 -37.73 12.19 7.65
N ASP E 242 -37.50 10.88 7.71
CA ASP E 242 -36.28 10.33 7.13
C ASP E 242 -36.34 10.25 5.61
N LEU E 243 -37.54 10.24 5.02
CA LEU E 243 -37.65 10.36 3.58
C LEU E 243 -37.23 11.74 3.11
N LEU E 244 -37.63 12.78 3.85
CA LEU E 244 -37.12 14.12 3.58
C LEU E 244 -35.60 14.15 3.66
N SER E 245 -35.04 13.54 4.70
CA SER E 245 -33.58 13.49 4.83
C SER E 245 -32.95 12.69 3.70
N ARG E 246 -33.58 11.58 3.31
CA ARG E 246 -33.04 10.77 2.22
C ARG E 246 -33.08 11.52 0.89
N VAL E 247 -34.10 12.36 0.68
CA VAL E 247 -34.15 13.17 -0.53
C VAL E 247 -33.08 14.25 -0.48
N LEU E 248 -32.91 14.91 0.67
CA LEU E 248 -31.90 15.96 0.76
C LEU E 248 -30.49 15.42 0.53
N GLU E 249 -30.24 14.15 0.84
CA GLU E 249 -28.90 13.61 0.68
C GLU E 249 -28.63 13.15 -0.74
N ASN E 250 -29.59 12.47 -1.36
CA ASN E 250 -29.37 11.84 -2.66
C ASN E 250 -30.20 12.45 -3.77
N GLY E 251 -30.97 13.50 -3.51
CA GLY E 251 -31.85 14.04 -4.51
C GLY E 251 -31.08 14.72 -5.63
N ALA E 252 -31.41 14.36 -6.87
CA ALA E 252 -30.79 14.96 -8.04
C ALA E 252 -31.61 16.16 -8.49
N TYR E 253 -30.93 17.29 -8.71
CA TYR E 253 -31.59 18.51 -9.14
C TYR E 253 -32.14 18.29 -10.54
N ARG E 254 -33.47 18.25 -10.66
CA ARG E 254 -34.13 17.97 -11.93
C ARG E 254 -35.22 18.99 -12.20
N GLU E 255 -35.47 19.23 -13.48
CA GLU E 255 -36.56 20.10 -13.90
C GLU E 255 -37.84 19.29 -14.03
N ASN E 256 -38.93 19.97 -14.36
CA ASN E 256 -40.22 19.31 -14.51
C ASN E 256 -41.12 20.20 -15.37
N ARG E 257 -42.41 19.88 -15.40
CA ARG E 257 -43.35 20.65 -16.21
C ARG E 257 -43.54 22.07 -15.69
N THR E 258 -43.30 22.31 -14.41
CA THR E 258 -43.40 23.65 -13.85
C THR E 258 -42.03 24.31 -13.86
N GLY E 259 -42.01 25.59 -13.51
CA GLY E 259 -40.76 26.30 -13.44
C GLY E 259 -39.92 26.01 -12.22
N ILE E 260 -40.50 25.34 -11.22
CA ILE E 260 -39.83 25.07 -9.96
C ILE E 260 -39.17 23.70 -10.05
N SER E 261 -37.84 23.69 -10.09
CA SER E 261 -37.10 22.43 -10.15
C SER E 261 -37.12 21.74 -8.79
N THR E 262 -36.88 20.43 -8.81
CA THR E 262 -36.94 19.61 -7.62
C THR E 262 -35.64 18.84 -7.44
N TYR E 263 -35.50 18.25 -6.25
CA TYR E 263 -34.46 17.27 -5.96
C TYR E 263 -35.15 15.93 -5.80
N SER E 264 -34.89 14.99 -6.71
CA SER E 264 -35.70 13.80 -6.86
C SER E 264 -34.89 12.53 -6.66
N ILE E 265 -35.50 11.54 -6.00
CA ILE E 265 -34.99 10.18 -5.92
C ILE E 265 -36.13 9.23 -6.25
N PHE E 266 -35.77 8.01 -6.63
CA PHE E 266 -36.71 7.03 -7.14
C PHE E 266 -36.85 5.85 -6.17
N GLY E 267 -38.06 5.30 -6.10
CA GLY E 267 -38.32 4.07 -5.38
C GLY E 267 -38.18 4.12 -3.87
N GLN E 268 -38.96 4.98 -3.21
CA GLN E 268 -39.00 5.04 -1.76
C GLN E 268 -40.36 4.60 -1.24
N MET E 269 -40.40 4.26 0.05
CA MET E 269 -41.62 3.77 0.68
C MET E 269 -41.73 4.30 2.11
N MET E 270 -42.96 4.39 2.59
CA MET E 270 -43.27 4.76 3.96
C MET E 270 -44.27 3.78 4.53
N ARG E 271 -44.24 3.61 5.85
CA ARG E 271 -45.10 2.63 6.52
C ARG E 271 -45.65 3.25 7.79
N PHE E 272 -46.97 3.21 7.96
CA PHE E 272 -47.62 3.83 9.10
C PHE E 272 -48.55 2.85 9.78
N ASP E 273 -48.73 3.04 11.09
CA ASP E 273 -49.68 2.28 11.88
C ASP E 273 -50.95 3.10 12.05
N MET E 274 -52.10 2.43 11.95
CA MET E 274 -53.39 3.05 12.16
C MET E 274 -54.19 2.41 13.29
N ARG E 275 -53.70 1.31 13.86
CA ARG E 275 -54.42 0.67 14.95
C ARG E 275 -54.46 1.55 16.20
N GLU E 276 -53.29 2.01 16.64
CA GLU E 276 -53.19 2.76 17.88
C GLU E 276 -52.97 4.25 17.67
N SER E 277 -52.99 4.73 16.43
CA SER E 277 -52.74 6.14 16.17
C SER E 277 -53.29 6.50 14.79
N PHE E 278 -53.09 7.76 14.41
CA PHE E 278 -53.49 8.25 13.09
C PHE E 278 -52.30 9.00 12.51
N PRO E 279 -51.79 8.58 11.35
CA PRO E 279 -50.55 9.20 10.83
C PRO E 279 -50.73 10.62 10.33
N LEU E 280 -51.16 11.52 11.19
CA LEU E 280 -51.21 12.94 10.88
C LEU E 280 -49.95 13.57 11.47
N LEU E 281 -49.16 14.22 10.61
CA LEU E 281 -47.85 14.71 11.04
C LEU E 281 -47.97 15.71 12.18
N THR E 282 -47.04 15.64 13.13
CA THR E 282 -47.01 16.54 14.26
C THR E 282 -45.96 17.62 14.13
N THR E 283 -44.96 17.43 13.26
CA THR E 283 -43.93 18.43 13.05
C THR E 283 -44.44 19.63 12.27
N LYS E 284 -45.71 19.66 11.91
CA LYS E 284 -46.29 20.74 11.12
C LYS E 284 -47.79 20.62 11.21
N LYS E 285 -48.48 21.73 11.51
CA LYS E 285 -49.93 21.72 11.61
C LYS E 285 -50.54 21.45 10.25
N VAL E 286 -51.06 20.24 10.05
CA VAL E 286 -51.63 19.82 8.78
C VAL E 286 -53.11 20.19 8.75
N ALA E 287 -53.54 20.82 7.66
CA ALA E 287 -54.94 21.16 7.48
C ALA E 287 -55.79 19.90 7.35
N ILE E 288 -56.23 19.36 8.48
CA ILE E 288 -56.94 18.07 8.46
C ILE E 288 -58.29 18.20 7.77
N ARG E 289 -58.95 19.36 7.90
CA ARG E 289 -60.26 19.52 7.28
C ARG E 289 -60.16 19.46 5.76
N SER E 290 -59.17 20.15 5.20
CA SER E 290 -59.00 20.13 3.74
C SER E 290 -58.67 18.73 3.25
N ILE E 291 -57.98 17.92 4.05
CA ILE E 291 -57.69 16.55 3.68
C ILE E 291 -58.98 15.75 3.53
N PHE E 292 -59.88 15.87 4.51
CA PHE E 292 -61.14 15.15 4.46
C PHE E 292 -61.99 15.61 3.29
N GLU E 293 -62.17 16.93 3.15
CA GLU E 293 -63.05 17.45 2.10
C GLU E 293 -62.56 17.05 0.72
N GLU E 294 -61.25 16.88 0.54
CA GLU E 294 -60.74 16.36 -0.72
C GLU E 294 -61.07 14.88 -0.87
N LEU E 295 -60.99 14.11 0.23
CA LEU E 295 -61.24 12.67 0.14
C LEU E 295 -62.71 12.39 -0.11
N ILE E 296 -63.60 13.02 0.68
CA ILE E 296 -65.03 12.82 0.47
C ILE E 296 -65.44 13.35 -0.89
N TRP E 297 -64.72 14.34 -1.40
CA TRP E 297 -64.93 14.79 -2.77
C TRP E 297 -64.66 13.67 -3.76
N PHE E 298 -63.59 12.91 -3.53
CA PHE E 298 -63.30 11.75 -4.37
C PHE E 298 -64.38 10.69 -4.22
N ILE E 299 -64.81 10.42 -2.99
CA ILE E 299 -65.76 9.33 -2.74
C ILE E 299 -67.07 9.60 -3.48
N LYS E 300 -67.55 10.84 -3.45
CA LYS E 300 -68.82 11.18 -4.06
C LYS E 300 -68.81 11.07 -5.58
N GLY E 301 -67.63 10.91 -6.19
CA GLY E 301 -67.55 10.88 -7.63
C GLY E 301 -67.45 12.24 -8.28
N ASP E 302 -67.06 13.27 -7.53
CA ASP E 302 -67.12 14.64 -8.01
C ASP E 302 -65.81 15.05 -8.66
N THR E 303 -65.92 15.84 -9.73
CA THR E 303 -64.77 16.45 -10.38
C THR E 303 -64.92 17.96 -10.49
N ASN E 304 -65.93 18.53 -9.85
CA ASN E 304 -66.15 19.97 -9.89
C ASN E 304 -65.23 20.65 -8.88
N GLY E 305 -64.29 21.46 -9.38
CA GLY E 305 -63.37 22.14 -8.49
C GLY E 305 -64.00 23.24 -7.66
N ASN E 306 -65.17 23.74 -8.07
CA ASN E 306 -65.80 24.80 -7.29
C ASN E 306 -66.38 24.26 -6.00
N HIS E 307 -66.79 22.99 -5.97
CA HIS E 307 -67.39 22.43 -4.77
C HIS E 307 -66.41 22.41 -3.61
N LEU E 308 -65.10 22.37 -3.89
CA LEU E 308 -64.12 22.50 -2.83
C LEU E 308 -63.84 23.97 -2.51
N ILE E 309 -63.82 24.83 -3.54
CA ILE E 309 -63.63 26.25 -3.30
C ILE E 309 -64.82 26.85 -2.57
N GLU E 310 -66.04 26.35 -2.84
CA GLU E 310 -67.21 26.80 -2.09
C GLU E 310 -67.13 26.41 -0.63
N LYS E 311 -66.40 25.33 -0.31
CA LYS E 311 -66.20 24.91 1.07
C LYS E 311 -64.89 25.43 1.64
N LYS E 312 -64.35 26.51 1.06
CA LYS E 312 -63.11 27.14 1.53
C LYS E 312 -61.95 26.14 1.52
N VAL E 313 -61.85 25.36 0.44
CA VAL E 313 -60.73 24.45 0.22
C VAL E 313 -60.18 24.76 -1.16
N TYR E 314 -59.03 25.41 -1.22
CA TYR E 314 -58.46 25.90 -2.47
C TYR E 314 -57.22 25.12 -2.89
N ILE E 315 -57.13 23.85 -2.54
CA ILE E 315 -55.95 23.07 -2.89
C ILE E 315 -55.93 22.80 -4.39
N TRP E 316 -57.08 22.57 -4.99
CA TRP E 316 -57.20 22.31 -6.42
C TRP E 316 -57.52 23.57 -7.21
N SER E 317 -57.30 24.74 -6.63
CA SER E 317 -57.50 25.99 -7.35
C SER E 317 -56.36 26.25 -8.34
N GLY E 318 -55.14 25.82 -8.02
CA GLY E 318 -54.03 26.08 -8.92
C GLY E 318 -54.15 25.34 -10.23
N ASN E 319 -54.39 24.03 -10.17
CA ASN E 319 -54.58 23.24 -11.37
C ASN E 319 -55.96 23.43 -11.98
N GLY E 320 -56.70 24.45 -11.55
CA GLY E 320 -58.02 24.69 -12.07
C GLY E 320 -58.28 26.15 -12.40
N SER E 321 -57.22 26.88 -12.70
CA SER E 321 -57.35 28.25 -13.17
C SER E 321 -57.47 28.27 -14.69
N LYS E 322 -58.28 29.21 -15.20
CA LYS E 322 -58.46 29.31 -16.65
C LYS E 322 -57.13 29.49 -17.37
N GLU E 323 -56.18 30.16 -16.72
CA GLU E 323 -54.86 30.33 -17.31
C GLU E 323 -54.09 29.02 -17.38
N TYR E 324 -54.30 28.13 -16.39
CA TYR E 324 -53.58 26.86 -16.40
C TYR E 324 -54.21 25.86 -17.39
N LEU E 325 -55.53 25.82 -17.46
CA LEU E 325 -56.18 24.84 -18.32
C LEU E 325 -55.87 25.10 -19.79
N GLU E 326 -55.91 26.36 -20.22
CA GLU E 326 -55.52 26.68 -21.59
C GLU E 326 -54.05 26.42 -21.83
N ARG E 327 -53.22 26.46 -20.78
CA ARG E 327 -51.79 26.19 -20.95
C ARG E 327 -51.53 24.72 -21.26
N ILE E 328 -52.33 23.82 -20.70
CA ILE E 328 -52.17 22.39 -20.92
C ILE E 328 -53.12 21.87 -22.01
N GLY E 329 -53.75 22.76 -22.76
CA GLY E 329 -54.59 22.36 -23.86
C GLY E 329 -56.04 22.08 -23.50
N LEU E 330 -56.55 22.67 -22.42
CA LEU E 330 -57.94 22.48 -22.04
C LEU E 330 -58.66 23.82 -21.94
N GLY E 331 -58.47 24.68 -22.93
CA GLY E 331 -59.14 25.96 -22.93
C GLY E 331 -60.65 25.85 -23.05
N HIS E 332 -61.12 24.81 -23.74
CA HIS E 332 -62.55 24.57 -23.87
C HIS E 332 -63.20 24.26 -22.53
N ARG E 333 -62.42 23.85 -21.55
CA ARG E 333 -62.95 23.41 -20.27
C ARG E 333 -63.41 24.60 -19.44
N GLU E 334 -64.34 24.33 -18.53
CA GLU E 334 -64.88 25.38 -17.69
C GLU E 334 -63.82 25.79 -16.66
N GLU E 335 -64.17 26.76 -15.82
CA GLU E 335 -63.19 27.36 -14.91
C GLU E 335 -62.44 26.30 -14.11
N ASN E 336 -63.16 25.50 -13.33
CA ASN E 336 -62.54 24.51 -12.46
C ASN E 336 -62.97 23.10 -12.81
N ASP E 337 -63.28 22.85 -14.07
CA ASP E 337 -63.66 21.51 -14.53
C ASP E 337 -62.39 20.70 -14.67
N LEU E 338 -62.01 20.02 -13.59
CA LEU E 338 -60.75 19.29 -13.57
C LEU E 338 -60.74 18.10 -14.52
N GLY E 339 -61.92 17.55 -14.84
CA GLY E 339 -62.00 16.47 -15.76
C GLY E 339 -62.01 15.12 -15.07
N PRO E 340 -61.98 14.04 -15.85
CA PRO E 340 -61.99 12.72 -15.22
C PRO E 340 -60.73 12.47 -14.42
N ILE E 341 -60.81 12.67 -13.10
CA ILE E 341 -59.64 12.54 -12.25
C ILE E 341 -60.02 11.59 -11.13
N TYR E 342 -59.27 11.63 -10.03
CA TYR E 342 -59.65 10.90 -8.83
C TYR E 342 -61.14 11.08 -8.56
N GLY E 343 -61.80 9.97 -8.24
CA GLY E 343 -63.21 10.01 -7.98
C GLY E 343 -64.07 9.95 -9.22
N PHE E 344 -63.49 10.01 -10.41
CA PHE E 344 -64.24 9.68 -11.60
C PHE E 344 -63.80 8.36 -12.19
N GLN E 345 -62.52 8.01 -12.05
CA GLN E 345 -62.08 6.66 -12.30
C GLN E 345 -62.45 5.74 -11.15
N TRP E 346 -62.69 6.30 -9.96
CA TRP E 346 -63.15 5.51 -8.84
C TRP E 346 -64.59 5.06 -9.04
N ARG E 347 -65.48 5.98 -9.42
CA ARG E 347 -66.90 5.70 -9.48
C ARG E 347 -67.44 5.46 -10.88
N HIS E 348 -66.78 6.00 -11.91
CA HIS E 348 -67.24 5.87 -13.28
C HIS E 348 -66.04 5.61 -14.19
N TYR E 349 -65.39 4.47 -13.99
CA TYR E 349 -64.19 4.15 -14.75
C TYR E 349 -64.53 3.88 -16.20
N ASN E 350 -63.71 4.43 -17.10
CA ASN E 350 -63.89 4.30 -18.55
C ASN E 350 -65.19 4.95 -19.02
N GLY E 351 -65.69 5.94 -18.28
CA GLY E 351 -66.90 6.63 -18.65
C GLY E 351 -66.59 7.85 -19.49
N GLU E 352 -67.27 7.97 -20.64
CA GLU E 352 -67.04 9.07 -21.56
C GLU E 352 -67.34 10.42 -20.89
N TYR E 353 -66.29 11.15 -20.54
CA TYR E 353 -66.44 12.39 -19.78
C TYR E 353 -66.81 13.52 -20.72
N LYS E 354 -67.96 14.16 -20.47
CA LYS E 354 -68.35 15.34 -21.22
C LYS E 354 -67.87 16.59 -20.49
N THR E 355 -68.63 17.04 -19.50
CA THR E 355 -68.25 18.15 -18.64
C THR E 355 -68.51 17.76 -17.19
N MET E 356 -68.27 18.69 -16.29
CA MET E 356 -68.47 18.43 -14.87
C MET E 356 -69.91 18.63 -14.43
N HIS E 357 -70.80 19.08 -15.33
CA HIS E 357 -72.19 19.31 -14.98
C HIS E 357 -73.11 18.16 -15.37
N ASP E 358 -72.67 17.28 -16.26
CA ASP E 358 -73.54 16.21 -16.72
C ASP E 358 -73.72 15.15 -15.65
N ASP E 359 -74.75 14.32 -15.82
CA ASP E 359 -75.09 13.28 -14.86
C ASP E 359 -74.40 11.99 -15.28
N TYR E 360 -73.47 11.52 -14.46
CA TYR E 360 -72.69 10.32 -14.74
C TYR E 360 -73.12 9.14 -13.88
N THR E 361 -74.31 9.21 -13.28
CA THR E 361 -74.79 8.12 -12.44
C THR E 361 -75.12 6.90 -13.30
N GLY E 362 -74.44 5.78 -13.04
CA GLY E 362 -74.67 4.54 -13.72
C GLY E 362 -73.66 4.24 -14.81
N VAL E 363 -73.03 5.26 -15.38
CA VAL E 363 -72.06 5.04 -16.45
C VAL E 363 -70.70 4.73 -15.84
N GLY E 364 -69.92 3.92 -16.53
CA GLY E 364 -68.61 3.55 -16.05
C GLY E 364 -68.66 2.37 -15.10
N VAL E 365 -67.49 2.04 -14.55
CA VAL E 365 -67.33 0.94 -13.62
C VAL E 365 -67.14 1.53 -12.23
N ASP E 366 -68.09 1.28 -11.33
CA ASP E 366 -68.03 1.77 -9.96
C ASP E 366 -67.05 0.87 -9.21
N GLN E 367 -65.78 1.26 -9.24
CA GLN E 367 -64.75 0.49 -8.55
C GLN E 367 -64.97 0.49 -7.04
N LEU E 368 -65.30 1.66 -6.48
CA LEU E 368 -65.48 1.78 -5.04
C LEU E 368 -66.59 0.85 -4.55
N ALA E 369 -67.71 0.80 -5.29
CA ALA E 369 -68.79 -0.11 -4.93
C ALA E 369 -68.32 -1.56 -5.01
N LYS E 370 -67.66 -1.93 -6.11
CA LYS E 370 -67.12 -3.28 -6.22
C LYS E 370 -66.08 -3.56 -5.15
N LEU E 371 -65.28 -2.54 -4.80
CA LEU E 371 -64.29 -2.72 -3.75
C LEU E 371 -64.95 -2.99 -2.41
N ILE E 372 -65.99 -2.22 -2.07
CA ILE E 372 -66.69 -2.43 -0.80
C ILE E 372 -67.36 -3.80 -0.77
N GLU E 373 -68.08 -4.14 -1.83
CA GLU E 373 -68.78 -5.41 -1.87
C GLU E 373 -67.81 -6.59 -1.82
N THR E 374 -66.64 -6.44 -2.44
CA THR E 374 -65.65 -7.52 -2.40
C THR E 374 -64.97 -7.60 -1.04
N LEU E 375 -64.83 -6.48 -0.34
CA LEU E 375 -64.09 -6.48 0.91
C LEU E 375 -64.79 -7.26 2.01
N LYS E 376 -66.13 -7.27 2.02
CA LYS E 376 -66.86 -8.00 3.05
C LYS E 376 -67.32 -9.38 2.59
N ASN E 377 -67.57 -9.57 1.29
CA ASN E 377 -68.04 -10.88 0.83
C ASN E 377 -66.88 -11.85 0.61
N ASN E 378 -65.73 -11.34 0.14
CA ASN E 378 -64.54 -12.15 -0.07
C ASN E 378 -63.36 -11.39 0.54
N PRO E 379 -63.19 -11.49 1.85
CA PRO E 379 -62.13 -10.68 2.49
C PRO E 379 -60.72 -11.13 2.14
N LYS E 380 -60.51 -12.43 1.98
CA LYS E 380 -59.18 -12.93 1.65
C LYS E 380 -58.88 -12.89 0.15
N ASP E 381 -59.71 -12.20 -0.62
CA ASP E 381 -59.44 -11.99 -2.04
C ASP E 381 -58.19 -11.14 -2.23
N ARG E 382 -57.46 -11.42 -3.31
CA ARG E 382 -56.23 -10.71 -3.61
C ARG E 382 -56.41 -9.62 -4.67
N ARG E 383 -57.65 -9.26 -4.98
CA ARG E 383 -57.94 -8.29 -6.03
C ARG E 383 -58.66 -7.06 -5.49
N HIS E 384 -58.37 -6.67 -4.25
CA HIS E 384 -59.00 -5.51 -3.64
C HIS E 384 -58.27 -4.24 -4.08
N ILE E 385 -58.37 -3.98 -5.39
CA ILE E 385 -57.60 -2.92 -6.04
C ILE E 385 -58.55 -1.81 -6.48
N LEU E 386 -58.11 -0.57 -6.30
CA LEU E 386 -58.82 0.62 -6.74
C LEU E 386 -57.81 1.47 -7.49
N THR E 387 -57.90 1.48 -8.82
CA THR E 387 -56.95 2.20 -9.66
C THR E 387 -57.56 3.48 -10.20
N ALA E 388 -56.69 4.42 -10.53
CA ALA E 388 -57.10 5.68 -11.11
C ALA E 388 -56.32 6.04 -12.38
N TRP E 389 -55.44 5.16 -12.83
CA TRP E 389 -54.62 5.42 -14.02
C TRP E 389 -55.32 4.81 -15.22
N ASN E 390 -55.97 5.67 -16.02
CA ASN E 390 -56.68 5.25 -17.22
C ASN E 390 -56.08 5.94 -18.43
N PRO E 391 -55.26 5.25 -19.23
CA PRO E 391 -54.60 5.91 -20.37
C PRO E 391 -55.56 6.49 -21.39
N SER E 392 -56.80 6.03 -21.43
CA SER E 392 -57.75 6.55 -22.40
C SER E 392 -58.22 7.95 -22.04
N ALA E 393 -58.19 8.30 -20.75
CA ALA E 393 -58.70 9.58 -20.29
C ALA E 393 -57.62 10.49 -19.74
N LEU E 394 -56.35 10.11 -19.86
CA LEU E 394 -55.28 10.94 -19.31
C LEU E 394 -55.23 12.31 -19.96
N SER E 395 -55.46 12.38 -21.27
CA SER E 395 -55.38 13.65 -21.98
C SER E 395 -56.46 14.62 -21.53
N GLN E 396 -57.61 14.12 -21.10
CA GLN E 396 -58.68 15.01 -20.64
C GLN E 396 -58.45 15.54 -19.24
N MET E 397 -57.59 14.88 -18.46
CA MET E 397 -57.41 15.26 -17.06
C MET E 397 -56.65 16.57 -16.94
N ALA E 398 -57.04 17.38 -15.95
CA ALA E 398 -56.29 18.59 -15.66
C ALA E 398 -54.95 18.28 -15.01
N LEU E 399 -54.79 17.08 -14.46
CA LEU E 399 -53.54 16.63 -13.88
C LEU E 399 -53.62 15.13 -13.67
N PRO E 400 -52.76 14.36 -14.33
CA PRO E 400 -52.81 12.89 -14.20
C PRO E 400 -52.68 12.48 -12.75
N PRO E 401 -53.21 11.30 -12.39
CA PRO E 401 -53.27 10.92 -10.97
C PRO E 401 -51.90 10.73 -10.36
N CYS E 402 -51.73 11.29 -9.16
CA CYS E 402 -50.50 11.08 -8.40
C CYS E 402 -50.58 9.77 -7.61
N HIS E 403 -51.64 9.60 -6.81
CA HIS E 403 -51.88 8.31 -6.18
C HIS E 403 -52.65 7.47 -7.19
N VAL E 404 -51.93 6.67 -7.96
CA VAL E 404 -52.55 6.01 -9.12
C VAL E 404 -53.37 4.80 -8.69
N LEU E 405 -52.74 3.86 -7.99
CA LEU E 405 -53.34 2.57 -7.70
C LEU E 405 -53.19 2.26 -6.22
N SER E 406 -54.24 1.67 -5.64
CA SER E 406 -54.24 1.28 -4.23
C SER E 406 -54.83 -0.12 -4.10
N GLN E 407 -54.31 -0.88 -3.14
CA GLN E 407 -54.73 -2.25 -2.88
C GLN E 407 -55.00 -2.41 -1.39
N TYR E 408 -56.02 -3.20 -1.06
CA TYR E 408 -56.47 -3.37 0.31
C TYR E 408 -56.46 -4.83 0.71
N TYR E 409 -56.35 -5.06 2.02
CA TYR E 409 -56.02 -6.36 2.57
C TYR E 409 -56.71 -6.55 3.90
N VAL E 410 -57.38 -7.68 4.07
CA VAL E 410 -58.08 -8.02 5.31
C VAL E 410 -57.26 -9.09 6.02
N THR E 411 -56.74 -8.74 7.19
CA THR E 411 -55.91 -9.66 7.96
C THR E 411 -56.79 -10.70 8.65
N ASN E 412 -56.14 -11.66 9.31
CA ASN E 412 -56.89 -12.71 10.01
C ASN E 412 -57.58 -12.19 11.26
N ASP E 413 -57.12 -11.08 11.83
CA ASP E 413 -57.78 -10.47 12.98
C ASP E 413 -58.73 -9.36 12.58
N ASN E 414 -59.29 -9.44 11.37
CA ASN E 414 -60.32 -8.52 10.89
C ASN E 414 -59.85 -7.06 10.95
N CYS E 415 -58.65 -6.83 10.41
CA CYS E 415 -58.10 -5.50 10.24
C CYS E 415 -57.88 -5.23 8.76
N LEU E 416 -58.08 -3.98 8.35
CA LEU E 416 -57.98 -3.56 6.96
C LEU E 416 -56.70 -2.76 6.76
N SER E 417 -55.73 -3.35 6.08
CA SER E 417 -54.49 -2.67 5.72
C SER E 417 -54.59 -2.13 4.30
N CYS E 418 -53.75 -1.14 4.00
CA CYS E 418 -53.80 -0.44 2.72
C CYS E 418 -52.41 -0.26 2.14
N ASN E 419 -52.29 -0.49 0.84
CA ASN E 419 -51.10 -0.19 0.08
C ASN E 419 -51.44 0.82 -1.01
N LEU E 420 -50.53 1.75 -1.27
CA LEU E 420 -50.72 2.78 -2.27
C LEU E 420 -49.44 2.99 -3.04
N TYR E 421 -49.52 3.02 -4.37
CA TYR E 421 -48.40 3.41 -5.19
C TYR E 421 -48.60 4.84 -5.68
N GLN E 422 -47.56 5.66 -5.52
CA GLN E 422 -47.60 7.07 -5.88
C GLN E 422 -46.49 7.34 -6.89
N ARG E 423 -46.89 7.75 -8.09
CA ARG E 423 -45.89 7.98 -9.14
C ARG E 423 -45.06 9.22 -8.87
N SER E 424 -45.69 10.28 -8.34
CA SER E 424 -45.02 11.53 -8.05
C SER E 424 -45.48 12.02 -6.68
N CYS E 425 -44.54 12.46 -5.85
CA CYS E 425 -44.82 12.77 -4.45
C CYS E 425 -44.23 14.13 -4.11
N ASP E 426 -45.08 15.12 -3.95
CA ASP E 426 -44.69 16.44 -3.45
C ASP E 426 -44.52 16.34 -1.94
N LEU E 427 -43.29 16.02 -1.51
CA LEU E 427 -43.03 15.84 -0.09
C LEU E 427 -43.34 17.08 0.74
N GLY E 428 -43.38 18.25 0.11
CA GLY E 428 -43.70 19.47 0.83
C GLY E 428 -45.17 19.58 1.17
N LEU E 429 -46.03 19.28 0.20
CA LEU E 429 -47.47 19.47 0.35
C LEU E 429 -48.26 18.19 0.15
N GLY E 430 -48.04 17.49 -0.96
CA GLY E 430 -48.87 16.34 -1.28
C GLY E 430 -48.70 15.18 -0.30
N SER E 431 -47.47 14.91 0.11
CA SER E 431 -47.22 13.75 0.97
C SER E 431 -47.95 13.84 2.31
N PRO E 432 -47.89 14.95 3.06
CA PRO E 432 -48.68 15.00 4.30
C PRO E 432 -50.16 14.79 4.07
N PHE E 433 -50.68 15.18 2.91
CA PHE E 433 -52.09 14.94 2.61
C PHE E 433 -52.33 13.50 2.21
N ASN E 434 -51.48 12.93 1.35
CA ASN E 434 -51.70 11.56 0.89
C ASN E 434 -51.59 10.55 2.02
N ILE E 435 -50.77 10.83 3.03
CA ILE E 435 -50.67 9.93 4.17
C ILE E 435 -51.99 9.91 4.92
N ALA E 436 -52.54 11.09 5.23
CA ALA E 436 -53.79 11.15 5.99
C ALA E 436 -55.00 10.81 5.12
N SER E 437 -54.97 11.19 3.85
CA SER E 437 -56.13 10.95 2.98
C SER E 437 -56.41 9.46 2.86
N TYR E 438 -55.38 8.66 2.54
CA TYR E 438 -55.58 7.23 2.45
C TYR E 438 -55.66 6.56 3.81
N ALA E 439 -55.23 7.22 4.88
CA ALA E 439 -55.49 6.70 6.21
C ALA E 439 -56.96 6.84 6.57
N ILE E 440 -57.56 8.00 6.27
CA ILE E 440 -58.98 8.18 6.50
C ILE E 440 -59.79 7.26 5.61
N LEU E 441 -59.40 7.13 4.33
CA LEU E 441 -60.14 6.28 3.42
C LEU E 441 -60.12 4.82 3.88
N THR E 442 -58.99 4.37 4.42
CA THR E 442 -58.93 3.01 4.95
C THR E 442 -59.83 2.85 6.16
N MET E 443 -59.81 3.83 7.07
CA MET E 443 -60.69 3.78 8.23
C MET E 443 -62.16 3.82 7.82
N MET E 444 -62.49 4.64 6.82
CA MET E 444 -63.86 4.69 6.32
C MET E 444 -64.26 3.34 5.75
N LEU E 445 -63.40 2.75 4.90
CA LEU E 445 -63.70 1.43 4.37
C LEU E 445 -63.82 0.38 5.47
N ALA E 446 -63.02 0.52 6.54
CA ALA E 446 -63.05 -0.46 7.62
C ALA E 446 -64.39 -0.44 8.34
N GLN E 447 -64.93 0.75 8.59
CA GLN E 447 -66.19 0.87 9.30
C GLN E 447 -67.34 0.35 8.44
N VAL E 448 -67.39 0.75 7.17
CA VAL E 448 -68.47 0.31 6.29
C VAL E 448 -68.42 -1.20 6.08
N CYS E 449 -67.22 -1.78 6.06
CA CYS E 449 -67.08 -3.21 5.87
C CYS E 449 -67.09 -3.98 7.19
N GLY E 450 -66.88 -3.30 8.31
CA GLY E 450 -66.92 -3.94 9.60
C GLY E 450 -65.59 -4.35 10.18
N TYR E 451 -64.48 -3.90 9.60
CA TYR E 451 -63.17 -4.22 10.11
C TYR E 451 -62.59 -3.05 10.89
N GLU E 452 -61.39 -3.24 11.43
CA GLU E 452 -60.65 -2.24 12.16
C GLU E 452 -59.49 -1.72 11.31
N PRO E 453 -59.03 -0.49 11.54
CA PRO E 453 -57.88 0.01 10.77
C PRO E 453 -56.63 -0.77 11.07
N GLY E 454 -55.81 -0.98 10.04
CA GLY E 454 -54.59 -1.74 10.19
C GLY E 454 -53.33 -0.93 9.92
N GLU E 455 -52.54 -1.37 8.96
CA GLU E 455 -51.32 -0.68 8.59
C GLU E 455 -51.51 0.06 7.26
N LEU E 456 -50.76 1.14 7.09
CA LEU E 456 -50.79 1.92 5.86
C LEU E 456 -49.38 1.97 5.28
N ALA E 457 -49.23 1.47 4.06
CA ALA E 457 -47.96 1.50 3.35
C ALA E 457 -48.14 2.31 2.08
N ILE E 458 -47.21 3.23 1.82
CA ILE E 458 -47.23 4.08 0.64
C ILE E 458 -45.93 3.85 -0.12
N PHE E 459 -46.04 3.38 -1.35
CA PHE E 459 -44.89 3.16 -2.22
C PHE E 459 -44.81 4.30 -3.22
N ILE E 460 -43.61 4.89 -3.35
CA ILE E 460 -43.42 6.13 -4.08
C ILE E 460 -42.45 5.91 -5.23
N GLY E 461 -42.72 6.55 -6.36
CA GLY E 461 -41.78 6.58 -7.46
C GLY E 461 -40.88 7.81 -7.39
N ASP E 462 -41.35 8.93 -7.90
CA ASP E 462 -40.56 10.17 -7.94
C ASP E 462 -40.79 10.95 -6.65
N ALA E 463 -40.12 10.51 -5.58
CA ALA E 463 -40.14 11.25 -4.33
C ALA E 463 -39.18 12.43 -4.44
N HIS E 464 -39.73 13.64 -4.32
CA HIS E 464 -38.95 14.85 -4.60
C HIS E 464 -39.35 15.97 -3.65
N ILE E 465 -38.52 17.01 -3.63
CA ILE E 465 -38.75 18.22 -2.86
C ILE E 465 -38.57 19.41 -3.80
N TYR E 466 -39.59 20.25 -3.91
CA TYR E 466 -39.46 21.45 -4.73
C TYR E 466 -38.50 22.42 -4.08
N GLU E 467 -37.71 23.11 -4.90
CA GLU E 467 -36.60 23.90 -4.38
C GLU E 467 -37.05 25.09 -3.56
N ASN E 468 -38.30 25.54 -3.72
CA ASN E 468 -38.80 26.61 -2.87
C ASN E 468 -39.30 26.12 -1.53
N HIS E 469 -39.26 24.80 -1.30
CA HIS E 469 -39.61 24.21 -0.01
C HIS E 469 -38.39 23.89 0.84
N LEU E 470 -37.19 24.25 0.40
CA LEU E 470 -35.98 23.82 1.09
C LEU E 470 -35.87 24.47 2.46
N THR E 471 -35.99 25.79 2.54
CA THR E 471 -35.88 26.47 3.83
C THR E 471 -37.01 26.05 4.76
N GLN E 472 -38.19 25.74 4.22
CA GLN E 472 -39.30 25.33 5.05
C GLN E 472 -39.12 23.92 5.58
N LEU E 473 -38.85 22.97 4.69
CA LEU E 473 -38.72 21.58 5.11
C LEU E 473 -37.51 21.37 6.02
N LYS E 474 -36.45 22.15 5.82
CA LYS E 474 -35.33 22.09 6.76
C LYS E 474 -35.74 22.58 8.14
N GLU E 475 -36.66 23.54 8.20
CA GLU E 475 -37.23 23.95 9.48
C GLU E 475 -38.05 22.83 10.10
N GLN E 476 -38.81 22.10 9.26
CA GLN E 476 -39.61 21.00 9.77
C GLN E 476 -38.74 19.85 10.28
N LEU E 477 -37.56 19.66 9.71
CA LEU E 477 -36.68 18.59 10.16
C LEU E 477 -36.02 18.91 11.50
N SER E 478 -36.05 20.17 11.93
CA SER E 478 -35.47 20.55 13.21
C SER E 478 -36.40 20.29 14.39
N ARG E 479 -37.64 19.85 14.14
CA ARG E 479 -38.65 19.70 15.17
C ARG E 479 -38.76 18.23 15.54
N THR E 480 -38.42 17.90 16.77
CA THR E 480 -38.59 16.54 17.27
C THR E 480 -40.07 16.18 17.28
N PRO E 481 -40.48 15.06 16.68
CA PRO E 481 -41.91 14.80 16.52
C PRO E 481 -42.58 14.42 17.82
N ARG E 482 -43.90 14.59 17.85
CA ARG E 482 -44.77 14.33 18.96
C ARG E 482 -45.73 13.19 18.63
N PRO E 483 -46.38 12.58 19.63
CA PRO E 483 -47.24 11.43 19.34
C PRO E 483 -48.34 11.77 18.37
N PHE E 484 -48.67 10.80 17.51
CA PHE E 484 -49.75 10.96 16.56
C PHE E 484 -51.07 11.17 17.30
N PRO E 485 -52.00 11.93 16.74
CA PRO E 485 -53.32 12.06 17.36
C PRO E 485 -54.17 10.84 17.07
N GLN E 486 -55.36 10.83 17.68
CA GLN E 486 -56.36 9.81 17.42
C GLN E 486 -57.49 10.40 16.59
N LEU E 487 -57.95 9.64 15.60
CA LEU E 487 -59.08 10.01 14.77
C LEU E 487 -60.16 8.95 14.90
N LYS E 488 -61.31 9.35 15.45
CA LYS E 488 -62.43 8.45 15.62
C LYS E 488 -63.67 9.04 14.97
N PHE E 489 -64.53 8.16 14.45
CA PHE E 489 -65.78 8.56 13.82
C PHE E 489 -66.87 8.65 14.87
N LYS E 490 -67.76 9.64 14.71
CA LYS E 490 -68.81 9.89 15.68
C LYS E 490 -70.06 9.06 15.46
N ARG E 491 -70.20 8.41 14.30
CA ARG E 491 -71.40 7.63 14.03
C ARG E 491 -71.10 6.62 12.93
N LYS E 492 -71.87 5.53 12.93
CA LYS E 492 -71.78 4.54 11.88
C LYS E 492 -72.68 4.97 10.72
N VAL E 493 -72.11 4.97 9.52
CA VAL E 493 -72.83 5.43 8.34
C VAL E 493 -73.29 4.22 7.53
N GLU E 494 -74.40 4.40 6.82
CA GLU E 494 -74.91 3.32 5.98
C GLU E 494 -74.05 3.14 4.74
N ASN E 495 -73.94 4.17 3.91
CA ASN E 495 -73.10 4.15 2.73
C ASN E 495 -71.84 4.97 2.96
N ILE E 496 -70.84 4.71 2.12
CA ILE E 496 -69.53 5.34 2.30
C ILE E 496 -69.59 6.85 2.03
N GLU E 497 -70.48 7.27 1.13
CA GLU E 497 -70.56 8.67 0.74
C GLU E 497 -71.31 9.54 1.75
N ASP E 498 -71.85 8.94 2.82
CA ASP E 498 -72.64 9.69 3.79
C ASP E 498 -71.80 10.43 4.81
N PHE E 499 -70.48 10.27 4.79
CA PHE E 499 -69.62 10.94 5.77
C PHE E 499 -69.70 12.46 5.64
N LYS E 500 -69.66 13.14 6.77
CA LYS E 500 -69.63 14.59 6.82
C LYS E 500 -68.48 15.01 7.73
N TRP E 501 -68.06 16.27 7.58
CA TRP E 501 -66.93 16.77 8.37
C TRP E 501 -67.22 16.76 9.86
N GLU E 502 -68.49 16.97 10.25
CA GLU E 502 -68.85 16.93 11.66
C GLU E 502 -68.79 15.53 12.25
N ASP E 503 -68.66 14.49 11.43
CA ASP E 503 -68.63 13.12 11.93
C ASP E 503 -67.24 12.68 12.38
N ILE E 504 -66.19 13.49 12.15
CA ILE E 504 -64.83 13.11 12.52
C ILE E 504 -64.42 13.88 13.76
N GLU E 505 -63.75 13.19 14.68
CA GLU E 505 -63.25 13.79 15.91
C GLU E 505 -61.75 13.56 15.97
N LEU E 506 -60.98 14.64 15.98
CA LEU E 506 -59.53 14.58 16.07
C LEU E 506 -59.14 14.78 17.53
N ILE E 507 -58.55 13.76 18.13
CA ILE E 507 -58.31 13.72 19.57
C ILE E 507 -56.81 13.73 19.81
N GLY E 508 -56.35 14.73 20.57
CA GLY E 508 -54.95 14.78 20.98
C GLY E 508 -53.99 15.19 19.89
N TYR E 509 -54.34 16.17 19.07
CA TYR E 509 -53.46 16.70 18.04
C TYR E 509 -52.82 17.97 18.56
N TYR E 510 -51.54 17.89 18.94
CA TYR E 510 -50.78 19.03 19.47
C TYR E 510 -49.54 19.24 18.62
N PRO E 511 -49.71 19.74 17.40
CA PRO E 511 -48.59 19.83 16.46
C PRO E 511 -47.77 21.10 16.66
N TYR E 512 -46.67 21.17 15.91
CA TYR E 512 -45.87 22.37 15.80
C TYR E 512 -46.56 23.37 14.88
N PRO E 513 -46.21 24.66 14.97
CA PRO E 513 -46.88 25.67 14.15
C PRO E 513 -46.85 25.34 12.67
N THR E 514 -47.88 25.77 11.96
CA THR E 514 -48.01 25.48 10.54
C THR E 514 -46.88 26.14 9.76
N ILE E 515 -46.53 25.51 8.63
CA ILE E 515 -45.44 25.97 7.77
C ILE E 515 -46.01 26.27 6.40
N LYS E 516 -45.85 27.50 5.94
CA LYS E 516 -46.40 27.93 4.67
C LYS E 516 -45.46 27.54 3.53
N MET E 517 -46.00 26.83 2.54
CA MET E 517 -45.25 26.42 1.36
C MET E 517 -46.13 26.58 0.14
N ASP E 518 -45.59 27.18 -0.91
CA ASP E 518 -46.34 27.46 -2.12
C ASP E 518 -46.36 26.26 -3.05
N MET E 519 -47.50 26.03 -3.69
CA MET E 519 -47.64 24.92 -4.62
C MET E 519 -47.10 25.29 -6.00
N ALA E 520 -46.41 24.34 -6.62
CA ALA E 520 -45.92 24.51 -7.99
C ALA E 520 -47.06 24.20 -8.95
N VAL E 521 -47.58 25.24 -9.60
CA VAL E 521 -48.69 25.07 -10.53
C VAL E 521 -48.19 24.46 -11.83
PA NDP F . 52.30 27.75 -12.13
O1A NDP F . 51.16 27.43 -11.18
O2A NDP F . 51.77 27.84 -13.52
O5B NDP F . 52.91 29.10 -11.75
C5B NDP F . 53.49 29.27 -10.48
C4B NDP F . 54.08 30.57 -10.17
O4B NDP F . 53.06 31.51 -9.92
C3B NDP F . 54.87 30.53 -8.95
O3B NDP F . 56.19 30.17 -9.20
C2B NDP F . 54.80 31.88 -8.48
O2B NDP F . 55.58 32.73 -9.25
C1B NDP F . 53.42 32.22 -8.75
N9A NDP F . 52.59 31.86 -7.66
C8A NDP F . 51.86 30.73 -7.56
N7A NDP F . 51.19 30.73 -6.39
C5A NDP F . 51.49 31.89 -5.72
C6A NDP F . 51.12 32.44 -4.48
N6A NDP F . 50.18 31.70 -3.60
N1A NDP F . 51.61 33.64 -4.09
C2A NDP F . 52.48 34.31 -4.90
N3A NDP F . 52.86 33.82 -6.09
C4A NDP F . 52.38 32.60 -6.53
O3 NDP F . 53.40 26.61 -12.08
PN NDP F . 52.99 25.08 -12.29
O1N NDP F . 54.23 24.18 -12.32
O2N NDP F . 52.11 24.65 -11.14
O5D NDP F . 52.18 24.96 -13.68
C5D NDP F . 52.89 24.97 -14.89
C4D NDP F . 52.84 23.75 -15.68
O4D NDP F . 51.48 23.37 -15.86
C3D NDP F . 53.39 23.95 -17.02
O3D NDP F . 53.85 22.74 -17.51
C2D NDP F . 52.25 24.35 -17.76
O2D NDP F . 52.46 24.09 -19.12
C1D NDP F . 51.21 23.46 -17.21
N1N NDP F . 49.91 23.99 -17.46
C2N NDP F . 48.98 23.16 -17.96
C3N NDP F . 47.68 23.60 -18.22
C7N NDP F . 46.68 22.61 -18.78
O7N NDP F . 45.49 22.94 -18.88
N7N NDP F . 47.09 21.30 -19.20
C4N NDP F . 47.34 24.94 -17.97
C5N NDP F . 48.33 25.78 -17.46
C6N NDP F . 49.62 25.30 -17.20
P2B NDP F . 56.90 33.34 -8.68
O1X NDP F . 58.09 32.54 -9.23
O2X NDP F . 57.00 34.75 -9.10
O3X NDP F . 56.88 33.28 -7.19
N1 UFP G . 23.74 -12.97 -26.83
C2 UFP G . 23.95 -11.67 -27.15
N3 UFP G . 24.81 -11.35 -28.14
C4 UFP G . 25.49 -12.28 -28.83
C5 UFP G . 25.27 -13.64 -28.51
C6 UFP G . 24.41 -13.95 -27.53
O2 UFP G . 23.39 -10.74 -26.59
O4 UFP G . 26.26 -11.96 -29.71
F5 UFP G . 25.93 -14.62 -29.18
C1' UFP G . 22.83 -13.48 -25.79
C2' UFP G . 21.43 -12.84 -25.70
C3' UFP G . 20.72 -13.89 -24.82
C4' UFP G . 21.32 -15.22 -25.33
O3' UFP G . 21.05 -13.72 -23.45
O4' UFP G . 22.54 -14.88 -26.05
C5' UFP G . 20.32 -15.97 -26.22
O5' UFP G . 19.23 -16.42 -25.44
P UFP G . 17.98 -16.71 -26.40
O1P UFP G . 16.70 -17.08 -25.50
O2P UFP G . 17.68 -15.50 -27.19
O3P UFP G . 18.32 -17.93 -27.38
N1 D96 H . 24.53 -17.18 -24.85
C1 D96 H . 25.56 -16.68 -25.59
C2 D96 H . 26.20 -15.46 -25.37
C3 D96 H . 25.76 -14.63 -24.27
N2 D96 H . 24.73 -15.23 -23.59
C4 D96 H . 24.14 -16.44 -23.86
C5 D96 H . 27.20 -15.34 -26.37
C6 D96 H . 27.12 -16.49 -27.16
N3 D96 H . 26.12 -17.29 -26.67
O1 D96 H . 26.19 -13.53 -23.90
N4 D96 H . 23.06 -16.86 -22.98
C7 D96 H . 28.15 -14.20 -26.55
C8 D96 H . 29.09 -14.16 -25.39
C9 D96 H . 29.46 -15.34 -24.75
C10 D96 H . 30.33 -15.31 -23.67
C11 D96 H . 30.83 -14.09 -23.22
C12 D96 H . 30.45 -12.91 -23.84
C13 D96 H . 29.58 -12.94 -24.93
C14 D96 H . 31.77 -14.05 -22.05
O2 D96 H . 31.62 -14.69 -21.00
N5 D96 H . 32.79 -13.23 -22.25
C15 D96 H . 33.87 -12.99 -21.28
C16 D96 H . 33.84 -11.55 -20.88
C17 D96 H . 35.19 -13.31 -21.91
O3 D96 H . 36.24 -12.68 -21.81
O4 D96 H . 35.09 -14.47 -22.61
C18 D96 H . 32.60 -11.29 -20.08
C19 D96 H . 32.46 -9.82 -19.82
O5 D96 H . 31.95 -8.98 -20.56
O6 D96 H . 32.99 -9.53 -18.61
N1 MTX I . 43.60 23.32 -22.34
C2 MTX I . 42.50 23.46 -21.58
NA2 MTX I . 41.35 22.66 -21.89
N3 MTX I . 42.44 24.33 -20.56
C4 MTX I . 43.50 25.11 -20.26
NA4 MTX I . 43.46 26.04 -19.17
C4A MTX I . 44.68 24.99 -21.02
N5 MTX I . 45.78 25.74 -20.74
C6 MTX I . 46.88 25.60 -21.50
C7 MTX I . 46.93 24.69 -22.57
N8 MTX I . 45.84 23.95 -22.83
C8A MTX I . 44.71 24.08 -22.06
C9 MTX I . 48.08 26.45 -21.18
N10 MTX I . 47.83 27.86 -21.41
CM MTX I . 47.75 28.77 -20.31
C11 MTX I . 47.12 29.18 -25.36
C12 MTX I . 47.88 28.05 -25.14
C13 MTX I . 48.13 27.62 -23.84
C14 MTX I . 47.59 28.31 -22.76
C15 MTX I . 46.80 29.44 -22.99
C16 MTX I . 46.57 29.88 -24.28
C MTX I . 46.84 29.67 -26.75
O MTX I . 47.66 29.52 -27.63
N MTX I . 45.57 30.30 -27.05
CA MTX I . 45.27 30.78 -28.37
CT MTX I . 44.16 31.74 -28.22
O1 MTX I . 43.65 31.91 -27.09
O2 MTX I . 43.71 32.37 -29.22
CB MTX I . 44.77 29.61 -29.15
CG MTX I . 45.12 29.47 -30.60
CD MTX I . 44.19 28.65 -31.43
OE1 MTX I . 43.06 29.11 -31.70
OE2 MTX I . 44.37 27.41 -31.50
PA NDP J . 3.27 -19.93 -3.92
O1A NDP J . 2.43 -20.40 -2.76
O2A NDP J . 2.82 -18.55 -4.30
O5B NDP J . 4.75 -19.90 -3.53
C5B NDP J . 5.36 -21.09 -3.11
C4B NDP J . 6.79 -21.05 -2.74
O4B NDP J . 6.95 -20.54 -1.44
C3B NDP J . 7.34 -22.41 -2.66
O3B NDP J . 7.74 -22.88 -3.90
C2B NDP J . 8.47 -22.21 -1.79
O2B NDP J . 9.48 -21.49 -2.45
C1B NDP J . 7.90 -21.34 -0.78
N9A NDP J . 7.29 -22.10 0.25
C8A NDP J . 5.97 -22.39 0.35
N7A NDP J . 5.75 -23.12 1.45
C5A NDP J . 6.95 -23.32 2.09
C6A NDP J . 7.34 -23.99 3.28
N6A NDP J . 6.33 -24.68 4.10
N1A NDP J . 8.65 -23.99 3.66
C2A NDP J . 9.56 -23.35 2.88
N3A NDP J . 9.23 -22.70 1.76
C4A NDP J . 7.92 -22.67 1.34
O3 NDP J . 3.06 -20.89 -5.17
PN NDP J . 1.61 -21.17 -5.76
O1N NDP J . 1.69 -22.04 -7.02
O2N NDP J . 0.79 -21.90 -4.73
O5D NDP J . 0.93 -19.75 -6.12
C5D NDP J . 1.13 -19.18 -7.39
C4D NDP J . -0.04 -19.07 -8.25
O4D NDP J . -1.14 -18.57 -7.49
C3D NDP J . 0.19 -18.09 -9.33
O3D NDP J . -0.57 -18.44 -10.44
C2D NDP J . -0.30 -16.88 -8.79
O2D NDP J . -0.68 -16.02 -9.82
C1D NDP J . -1.47 -17.33 -8.01
N1N NDP J . -1.80 -16.41 -6.97
C2N NDP J . -3.06 -16.00 -6.86
C3N NDP J . -3.45 -15.09 -5.87
C7N NDP J . -4.90 -14.66 -5.80
O7N NDP J . -5.29 -13.98 -4.83
N7N NDP J . -5.84 -15.03 -6.82
C4N NDP J . -2.50 -14.61 -4.96
C5N NDP J . -1.18 -15.05 -5.10
C6N NDP J . -0.84 -15.95 -6.11
P2B NDP J . 10.87 -22.11 -2.74
O1X NDP J . 10.92 -22.56 -4.20
O2X NDP J . 11.91 -21.11 -2.49
O3X NDP J . 11.11 -23.30 -1.85
N1 UFP K . -48.05 -15.01 -9.99
C2 UFP K . -46.93 -14.29 -9.70
N3 UFP K . -46.23 -13.70 -10.69
C4 UFP K . -46.61 -13.81 -11.99
C5 UFP K . -47.77 -14.56 -12.29
C6 UFP K . -48.44 -15.13 -11.29
O2 UFP K . -46.50 -14.13 -8.57
O4 UFP K . -45.97 -13.28 -12.87
F5 UFP K . -48.19 -14.69 -13.58
C1' UFP K . -48.90 -15.71 -9.02
C2' UFP K . -49.26 -14.95 -7.72
C3' UFP K . -50.43 -15.81 -7.23
C4' UFP K . -51.15 -16.20 -8.54
O3' UFP K . -49.94 -17.00 -6.61
O4' UFP K . -50.20 -15.95 -9.62
C5' UFP K . -52.43 -15.38 -8.71
O5' UFP K . -53.38 -15.79 -7.71
P UFP K . -54.46 -14.61 -7.51
O1P UFP K . -55.37 -15.00 -6.41
O2P UFP K . -55.31 -14.42 -8.87
O3P UFP K . -53.72 -13.25 -7.15
N1 D96 L . -50.30 -18.74 -11.23
C1 D96 L . -49.44 -18.33 -12.20
C2 D96 L . -48.07 -18.17 -12.06
C3 D96 L . -47.46 -18.45 -10.76
N2 D96 L . -48.41 -18.85 -9.86
C4 D96 L . -49.77 -18.99 -10.08
C5 D96 L . -47.57 -17.74 -13.30
C6 D96 L . -48.66 -17.65 -14.17
N3 D96 L . -49.80 -18.01 -13.48
O1 D96 L . -46.29 -18.38 -10.43
N4 D96 L . -50.58 -19.44 -8.94
C7 D96 L . -46.14 -17.44 -13.63
C8 D96 L . -45.36 -18.72 -13.56
C9 D96 L . -45.93 -19.91 -13.98
C10 D96 L . -45.22 -21.10 -13.91
C11 D96 L . -43.92 -21.10 -13.42
C12 D96 L . -43.34 -19.91 -12.99
C13 D96 L . -44.06 -18.72 -13.06
C14 D96 L . -43.15 -22.38 -13.35
O2 D96 L . -43.53 -23.40 -12.76
N5 D96 L . -41.99 -22.34 -14.00
C15 D96 L . -41.03 -23.45 -14.10
C16 D96 L . -39.83 -23.16 -13.26
C17 D96 L . -40.60 -23.65 -15.53
O3 D96 L . -39.65 -24.31 -15.92
O4 D96 L . -41.42 -22.97 -16.36
C18 D96 L . -40.21 -23.18 -11.81
C19 D96 L . -39.02 -22.88 -10.97
O5 D96 L . -38.56 -21.78 -10.68
O6 D96 L . -38.46 -24.06 -10.55
N1 MTX M . -6.81 -10.29 -5.45
C2 MTX M . -7.25 -10.43 -4.18
NA2 MTX M . -8.62 -10.10 -3.88
N3 MTX M . -6.46 -10.87 -3.19
C4 MTX M . -5.17 -11.19 -3.44
NA4 MTX M . -4.31 -11.67 -2.40
C4A MTX M . -4.66 -11.07 -4.75
N5 MTX M . -3.37 -11.38 -5.04
C6 MTX M . -2.94 -11.25 -6.31
C7 MTX M . -3.78 -10.79 -7.33
N8 MTX M . -5.04 -10.48 -7.03
C8A MTX M . -5.51 -10.61 -5.74
C9 MTX M . -1.50 -11.60 -6.60
N10 MTX M . -0.58 -10.71 -5.93
CM MTX M . 0.23 -11.17 -4.85
C11 MTX M . -0.49 -6.66 -7.10
C12 MTX M . -0.85 -7.63 -8.01
C13 MTX M . -0.88 -8.96 -7.64
C14 MTX M . -0.55 -9.32 -6.33
C15 MTX M . -0.19 -8.34 -5.41
C16 MTX M . -0.15 -7.01 -5.80
C MTX M . -0.46 -5.19 -7.49
O MTX M . -0.17 -4.87 -8.62
N MTX M . -0.81 -4.20 -6.49
CA MTX M . -0.80 -2.81 -6.81
CT MTX M . -0.72 -2.09 -5.52
O1 MTX M . -0.74 -2.75 -4.45
O2 MTX M . -0.63 -0.83 -5.49
CB MTX M . -2.12 -2.50 -7.43
CG MTX M . -2.22 -1.51 -8.55
CD MTX M . -3.55 -0.86 -8.75
OE1 MTX M . -3.93 0.00 -7.92
OE2 MTX M . -4.40 -1.38 -9.52
PA NDP N . -23.71 28.48 -18.62
O1A NDP N . -22.63 29.32 -19.27
O2A NDP N . -23.08 27.28 -17.99
O5B NDP N . -24.42 29.29 -17.55
C5B NDP N . -25.08 30.48 -17.89
C4B NDP N . -25.76 31.22 -16.81
O4B NDP N . -24.82 31.89 -16.00
C3B NDP N . -26.63 32.27 -17.33
O3B NDP N . -27.89 31.80 -17.65
C2B NDP N . -26.67 33.21 -16.24
O2B NDP N . -27.47 32.74 -15.18
C1B NDP N . -25.31 33.20 -15.77
N9A NDP N . -24.54 34.16 -16.47
C8A NDP N . -23.78 33.94 -17.56
N7A NDP N . -23.19 35.09 -17.93
C5A NDP N . -23.58 36.08 -17.06
C6A NDP N . -23.30 37.46 -16.92
N6A NDP N . -22.40 38.13 -17.90
N1A NDP N . -23.86 38.18 -15.92
C2A NDP N . -24.68 37.56 -15.04
N3A NDP N . -24.97 36.25 -15.11
C4A NDP N . -24.43 35.48 -16.13
O3 NDP N . -24.75 27.99 -19.72
PN NDP N . -24.25 27.16 -20.98
O1N NDP N . -25.44 26.68 -21.84
O2N NDP N . -23.38 28.04 -21.84
O5D NDP N . -23.43 25.88 -20.46
C5D NDP N . -24.13 24.71 -20.13
C4D NDP N . -23.88 23.55 -20.95
O4D NDP N . -22.47 23.43 -21.14
C3D NDP N . -24.33 22.32 -20.30
O3D NDP N . -24.74 21.40 -21.24
C2D NDP N . -23.16 21.83 -19.64
O2D NDP N . -23.25 20.45 -19.49
C1D NDP N . -22.09 22.21 -20.59
N1N NDP N . -20.83 22.30 -19.94
C2N NDP N . -19.83 21.57 -20.42
C3N NDP N . -18.56 21.61 -19.84
C7N NDP N . -17.46 20.75 -20.43
O7N NDP N . -16.30 20.87 -20.01
N7N NDP N . -17.73 19.80 -21.47
C4N NDP N . -18.32 22.42 -18.72
C5N NDP N . -19.40 23.18 -18.24
C6N NDP N . -20.65 23.11 -18.86
P2B NDP N . -28.88 33.33 -14.89
O1X NDP N . -29.94 32.36 -15.45
O2X NDP N . -29.05 33.50 -13.45
O3X NDP N . -29.04 34.66 -15.56
N1 UFP O . 8.30 1.52 -49.38
C2 UFP O . 8.06 1.63 -48.04
N3 UFP O . 7.21 0.78 -47.43
C4 UFP O . 6.58 -0.20 -48.11
C5 UFP O . 6.82 -0.32 -49.50
C6 UFP O . 7.65 0.53 -50.09
O2 UFP O . 8.58 2.47 -47.33
O4 UFP O . 5.81 -0.95 -47.53
F5 UFP O . 6.20 -1.29 -50.21
C1' UFP O . 9.19 2.36 -50.19
C2' UFP O . 10.57 2.70 -49.57
C3' UFP O . 11.33 3.17 -50.81
C4' UFP O . 10.82 2.20 -51.90
O3' UFP O . 10.97 4.50 -51.15
O4' UFP O . 9.59 1.63 -51.38
C5' UFP O . 11.86 1.13 -52.21
O5' UFP O . 12.97 1.73 -52.85
P UFP O . 14.26 0.78 -52.67
O1P UFP O . 14.61 0.70 -51.24
O2P UFP O . 15.48 1.42 -53.49
O3P UFP O . 13.95 -0.67 -53.25
N1 D96 P . 7.45 1.66 -54.01
C1 D96 P . 6.39 1.22 -53.29
C2 D96 P . 5.76 1.91 -52.27
C3 D96 P . 6.29 3.24 -51.90
N2 D96 P . 7.35 3.56 -52.68
C4 D96 P . 7.92 2.82 -53.69
C5 D96 P . 4.72 1.10 -51.80
C6 D96 P . 4.73 -0.07 -52.56
N3 D96 P . 5.76 0.03 -53.46
O1 D96 P . 5.88 4.01 -51.03
N4 D96 P . 9.07 3.41 -54.39
C7 D96 P . 3.74 1.41 -50.69
C8 D96 P . 2.69 2.37 -51.22
C9 D96 P . 2.44 2.44 -52.59
C10 D96 P . 1.47 3.31 -53.07
C11 D96 P . 0.76 4.11 -52.20
C12 D96 P . 1.00 4.04 -50.83
C13 D96 P . 1.97 3.17 -50.35
C14 D96 P . -0.28 5.05 -52.73
O2 D96 P . -0.23 5.59 -53.83
N5 D96 P . -1.31 5.23 -51.91
C15 D96 P . -2.48 6.09 -52.17
C16 D96 P . -2.52 7.24 -51.22
C17 D96 P . -3.75 5.30 -51.98
O3 D96 P . -4.88 5.75 -51.84
O4 D96 P . -3.48 3.97 -52.01
C18 D96 P . -1.14 7.72 -50.91
C19 D96 P . -1.13 8.33 -49.54
O5 D96 P . -0.83 7.79 -48.49
O6 D96 P . -1.54 9.62 -49.63
N1 MTX Q . -14.29 17.90 -18.28
C2 MTX Q . -13.22 18.71 -18.37
NA2 MTX Q . -12.00 18.20 -18.93
N3 MTX Q . -13.26 19.99 -17.95
C4 MTX Q . -14.39 20.50 -17.43
NA4 MTX Q . -14.47 21.85 -16.98
C4A MTX Q . -15.53 19.68 -17.32
N5 MTX Q . -16.70 20.17 -16.80
C6 MTX Q . -17.77 19.35 -16.71
C7 MTX Q . -17.72 18.02 -17.14
N8 MTX Q . -16.56 17.57 -17.66
C8A MTX Q . -15.47 18.38 -17.76
C9 MTX Q . -19.03 19.91 -16.12
N10 MTX Q . -18.84 20.24 -14.72
CM MTX Q . -18.86 21.62 -14.30
C11 MTX Q . -18.02 17.18 -11.92
C12 MTX Q . -18.76 16.89 -13.07
C13 MTX Q . -19.03 17.90 -13.98
C14 MTX Q . -18.57 19.19 -13.76
C15 MTX Q . -17.82 19.46 -12.63
C16 MTX Q . -17.55 18.46 -11.70
C MTX Q . -17.69 16.10 -10.92
O MTX Q . -18.48 15.18 -10.73
N MTX Q . -16.44 16.14 -10.21
CA MTX Q . -16.10 15.13 -9.26
CT MTX Q . -15.05 15.69 -8.38
O1 MTX Q . -14.58 16.83 -8.64
O2 MTX Q . -14.61 15.02 -7.39
CB MTX Q . -15.52 13.98 -10.00
CG MTX Q . -15.82 12.58 -9.56
CD MTX Q . -14.83 11.53 -9.95
OE1 MTX Q . -13.71 11.51 -9.39
OE2 MTX Q . -15.02 10.85 -11.00
PA NDP R . 57.72 -31.71 27.88
O1A NDP R . 56.98 -32.58 28.86
O2A NDP R . 58.48 -30.64 28.61
O5B NDP R . 58.72 -32.57 27.08
C5B NDP R . 58.23 -33.64 26.31
C4B NDP R . 59.19 -34.44 25.54
O4B NDP R . 59.88 -35.33 26.39
C3B NDP R . 58.51 -35.30 24.57
O3B NDP R . 58.23 -34.64 23.39
C2B NDP R . 59.48 -36.36 24.38
O2B NDP R . 60.55 -35.91 23.61
C1B NDP R . 59.95 -36.58 25.73
N9A NDP R . 59.14 -37.55 26.38
C8A NDP R . 58.07 -37.29 27.17
N7A NDP R . 57.54 -38.44 27.62
C5A NDP R . 58.29 -39.48 27.11
C6A NDP R . 58.25 -40.89 27.22
N6A NDP R . 57.18 -41.52 28.05
N1A NDP R . 59.16 -41.67 26.57
C2A NDP R . 60.12 -41.06 25.83
N3A NDP R . 60.21 -39.74 25.70
C4A NDP R . 59.30 -38.91 26.33
O3 NDP R . 56.72 -31.02 26.87
PN NDP R . 55.63 -29.98 27.35
O1N NDP R . 54.87 -29.40 26.15
O2N NDP R . 54.64 -30.67 28.26
O5D NDP R . 56.35 -28.77 28.15
C5D NDP R . 56.63 -27.58 27.46
C4D NDP R . 55.91 -26.39 27.89
O4D NDP R . 55.68 -26.45 29.29
C3D NDP R . 56.70 -25.17 27.64
O3D NDP R . 55.86 -24.11 27.36
C2D NDP R . 57.35 -24.94 28.88
O2D NDP R . 57.64 -23.58 29.01
C1D NDP R . 56.33 -25.36 29.86
N1N NDP R . 56.94 -25.72 31.10
C2N NDP R . 56.49 -25.11 32.22
C3N NDP R . 57.04 -25.42 33.47
C7N NDP R . 56.51 -24.70 34.70
O7N NDP R . 56.87 -25.07 35.83
N7N NDP R . 55.58 -23.62 34.58
C4N NDP R . 58.07 -26.38 33.57
C5N NDP R . 58.51 -26.99 32.39
C6N NDP R . 57.93 -26.65 31.16
P2B NDP R . 60.81 -36.47 22.17
O1X NDP R . 60.28 -35.46 21.15
O2X NDP R . 62.25 -36.68 21.99
O3X NDP R . 60.11 -37.78 21.98
N1 UFP S . 29.13 -4.84 62.01
C2 UFP S . 30.42 -5.19 61.74
N3 UFP S . 31.22 -4.39 61.01
C4 UFP S . 30.77 -3.22 60.53
C5 UFP S . 29.44 -2.83 60.79
C6 UFP S . 28.66 -3.64 61.52
O2 UFP S . 30.92 -6.24 62.12
O4 UFP S . 31.50 -2.50 59.87
F5 UFP S . 28.95 -1.66 60.33
C1' UFP S . 28.14 -5.62 62.79
C2' UFP S . 28.67 -6.26 64.10
C3' UFP S . 27.33 -6.58 64.79
C4' UFP S . 26.45 -5.38 64.41
O3' UFP S . 26.76 -7.78 64.25
O4' UFP S . 27.10 -4.74 63.28
C5' UFP S . 26.31 -4.40 65.59
O5' UFP S . 25.53 -5.03 66.60
P UFP S . 25.83 -4.30 68.01
O1P UFP S . 25.12 -5.01 69.09
O2P UFP S . 25.32 -2.78 67.94
O3P UFP S . 27.41 -4.32 68.29
N1 D96 T . 24.85 -4.65 61.15
C1 D96 T . 25.60 -4.05 60.19
C2 D96 T . 26.52 -4.69 59.36
C3 D96 T . 26.72 -6.12 59.53
N2 D96 T . 25.90 -6.61 60.52
C4 D96 T . 25.01 -5.92 61.29
C5 D96 T . 27.07 -3.71 58.53
C6 D96 T . 26.47 -2.49 58.85
N3 D96 T . 25.58 -2.72 59.87
O1 D96 T . 27.47 -6.87 58.91
N4 D96 T . 24.26 -6.68 62.29
C7 D96 T . 28.11 -3.95 57.47
C8 D96 T . 27.46 -4.77 56.39
C9 D96 T . 26.10 -4.61 56.15
C10 D96 T . 25.47 -5.37 55.17
C11 D96 T . 26.20 -6.29 54.43
C12 D96 T . 27.56 -6.45 54.67
C13 D96 T . 28.19 -5.70 55.65
C14 D96 T . 25.48 -7.08 53.38
O2 D96 T . 24.33 -7.49 53.48
N5 D96 T . 26.21 -7.30 52.29
C15 D96 T . 25.74 -8.03 51.11
C16 D96 T . 25.84 -9.52 51.32
C17 D96 T . 26.55 -7.63 49.90
O3 D96 T . 27.43 -8.27 49.35
O4 D96 T . 26.13 -6.41 49.46
C18 D96 T . 26.89 -9.87 52.31
C19 D96 T . 28.16 -10.25 51.61
O5 D96 T . 29.29 -9.81 51.83
O6 D96 T . 27.89 -11.17 50.66
N1 MTX U . 58.81 -22.23 38.17
C2 MTX U . 58.58 -23.18 39.09
NA2 MTX U . 58.06 -22.79 40.37
N3 MTX U . 58.83 -24.48 38.86
C4 MTX U . 59.33 -24.87 37.66
NA4 MTX U . 59.59 -26.25 37.38
C4A MTX U . 59.57 -23.90 36.66
N5 MTX U . 60.08 -24.26 35.45
C6 MTX U . 60.30 -23.30 34.52
C7 MTX U . 60.04 -21.95 34.78
N8 MTX U . 59.55 -21.62 36.00
C8A MTX U . 59.31 -22.58 36.94
C9 MTX U . 60.85 -23.74 33.19
N10 MTX U . 62.19 -24.28 33.31
CM MTX U . 62.42 -25.68 33.09
C11 MTX U . 65.34 -21.72 34.46
C12 MTX U . 64.24 -21.21 33.77
C13 MTX U . 63.21 -22.05 33.39
C14 MTX U . 63.28 -23.40 33.70
C15 MTX U . 64.37 -23.91 34.40
C16 MTX U . 65.41 -23.07 34.78
C MTX U . 66.46 -20.80 34.89
O MTX U . 66.78 -19.85 34.19
N MTX U . 67.15 -21.06 36.13
CA MTX U . 68.21 -20.22 36.57
CT MTX U . 68.94 -21.00 37.60
O1 MTX U . 68.49 -22.13 37.93
O2 MTX U . 69.98 -20.54 38.15
CB MTX U . 67.59 -19.04 37.25
CG MTX U . 68.19 -17.68 37.11
CD MTX U . 67.86 -16.69 38.19
OE1 MTX U . 68.36 -16.84 39.32
OE2 MTX U . 66.84 -15.94 38.06
PA NDP V . -43.45 15.00 45.93
O1A NDP V . -42.24 15.47 45.17
O2A NDP V . -43.92 13.69 45.35
O5B NDP V . -43.11 14.80 47.40
C5B NDP V . -42.64 15.88 48.16
C4B NDP V . -42.33 15.68 49.58
O4B NDP V . -41.12 14.98 49.74
C3B NDP V . -42.13 16.95 50.28
O3B NDP V . -43.32 17.47 50.77
C2B NDP V . -41.24 16.61 51.36
O2B NDP V . -41.91 15.98 52.41
C1B NDP V . -40.37 15.63 50.75
N9A NDP V . -39.21 16.25 50.22
C8A NDP V . -39.06 16.69 48.94
N7A NDP V . -37.84 17.23 48.79
C5A NDP V . -37.18 17.16 50.01
C6A NDP V . -35.90 17.55 50.47
N6A NDP V . -34.95 18.21 49.54
N1A NDP V . -35.56 17.33 51.77
C2A NDP V . -36.44 16.73 52.60
N3A NDP V . -37.65 16.33 52.20
C4A NDP V . -38.06 16.54 50.90
O3 NDP V . -44.64 16.06 45.80
PN NDP V . -45.31 16.40 44.40
O1N NDP V . -46.48 17.38 44.58
O2N NDP V . -44.27 17.03 43.50
O5D NDP V . -45.87 15.04 43.73
C5D NDP V . -47.25 14.76 43.80
C4D NDP V . -48.00 14.74 42.57
O4D NDP V . -47.17 14.29 41.51
C3D NDP V . -49.12 13.80 42.65
O3D NDP V . -50.21 14.30 41.92
C2D NDP V . -48.65 12.63 42.00
O2D NDP V . -49.72 11.92 41.47
C1D NDP V . -47.78 13.17 40.95
N1N NDP V . -46.80 12.22 40.51
C2N NDP V . -46.77 11.92 39.21
C3N NDP V . -45.84 10.98 38.72
C7N NDP V . -45.84 10.69 37.24
O7N NDP V . -44.93 10.00 36.75
N7N NDP V . -46.86 11.20 36.36
C4N NDP V . -44.93 10.37 39.60
C5N NDP V . -45.00 10.71 40.96
C6N NDP V . -45.94 11.64 41.41
P2B NDP V . -42.11 16.70 53.79
O1X NDP V . -43.54 17.24 53.85
O2X NDP V . -41.88 15.72 54.85
O3X NDP V . -41.14 17.82 53.95
N1 UFP W . -49.11 15.80 -5.92
C2 UFP W . -48.97 14.85 -4.95
N3 UFP W . -50.05 14.30 -4.39
C4 UFP W . -51.30 14.65 -4.76
C5 UFP W . -51.46 15.63 -5.76
C6 UFP W . -50.36 16.18 -6.30
O2 UFP W . -47.88 14.46 -4.54
O4 UFP W . -52.27 14.12 -4.24
F5 UFP W . -52.69 16.01 -6.17
C1' UFP W . -48.01 16.51 -6.63
C2' UFP W . -46.83 15.65 -7.08
C3' UFP W . -46.18 16.56 -8.13
C4' UFP W . -47.40 17.20 -8.80
O3' UFP W . -45.41 17.59 -7.49
O4' UFP W . -48.53 16.98 -7.91
C5' UFP W . -47.65 16.54 -10.17
O5' UFP W . -46.58 16.89 -11.05
P UFP W . -46.52 15.78 -12.21
O1P UFP W . -46.32 14.33 -11.55
O2P UFP W . -47.89 15.80 -13.06
O3P UFP W . -45.39 16.07 -13.11
N1 D96 X . -49.96 20.02 -7.88
C1 D96 X . -50.96 19.61 -7.07
C2 D96 X . -50.82 19.24 -5.74
C3 D96 X . -49.49 19.29 -5.13
N2 D96 X . -48.57 19.72 -6.03
C4 D96 X . -48.77 20.08 -7.35
C5 D96 X . -52.10 18.87 -5.27
C6 D96 X . -52.98 19.04 -6.34
N3 D96 X . -52.27 19.48 -7.43
O1 D96 X . -49.15 19.01 -3.98
N4 D96 X . -47.61 20.51 -8.13
C7 D96 X . -52.45 18.41 -3.89
C8 D96 X . -52.28 19.58 -2.97
C9 D96 X . -52.59 20.85 -3.44
C10 D96 X . -52.42 21.95 -2.61
C11 D96 X . -51.95 21.80 -1.32
C12 D96 X . -51.63 20.52 -0.85
C13 D96 X . -51.80 19.42 -1.67
C14 D96 X . -51.78 23.02 -0.47
O2 D96 X . -51.44 24.11 -0.89
N5 D96 X . -52.05 22.83 0.83
C15 D96 X . -51.95 23.90 1.83
C16 D96 X . -50.74 23.65 2.68
C17 D96 X . -53.18 23.92 2.69
O3 D96 X . -53.28 24.36 3.83
O4 D96 X . -54.23 23.39 2.01
C18 D96 X . -50.86 22.28 3.27
C19 D96 X . -49.51 21.81 3.71
O5 D96 X . -49.06 20.67 3.65
O6 D96 X . -48.83 22.86 4.23
N1 MTX Y . -45.93 6.63 34.88
C2 MTX Y . -44.66 6.68 34.48
NA2 MTX Y . -44.36 6.45 33.09
N3 MTX Y . -43.64 6.91 35.32
C4 MTX Y . -43.89 7.12 36.63
NA4 MTX Y . -42.84 7.39 37.56
C4A MTX Y . -45.21 7.09 37.11
N5 MTX Y . -45.49 7.30 38.42
C6 MTX Y . -46.77 7.27 38.83
C7 MTX Y . -47.83 7.01 37.94
N8 MTX Y . -47.53 6.81 36.65
C8A MTX Y . -46.23 6.84 36.21
C9 MTX Y . -47.03 7.50 40.29
N10 MTX Y . -46.47 6.44 41.09
CM MTX Y . -45.36 6.70 41.97
C11 MTX Y . -47.97 2.51 40.75
C12 MTX Y . -48.80 3.59 40.47
C13 MTX Y . -48.30 4.88 40.58
C14 MTX Y . -46.98 5.09 40.98
C15 MTX Y . -46.16 4.00 41.25
C16 MTX Y . -46.66 2.71 41.14
C MTX Y . -48.49 1.09 40.62
O MTX Y . -49.66 0.84 40.86
N MTX Y . -47.59 0.05 40.20
CA MTX Y . -48.02 -1.31 40.06
CT MTX Y . -46.81 -2.15 40.11
O1 MTX Y . -45.69 -1.59 40.15
O2 MTX Y . -46.89 -3.41 40.08
CB MTX Y . -48.65 -1.47 38.72
CG MTX Y . -49.84 -2.36 38.56
CD MTX Y . -50.09 -2.92 37.20
OE1 MTX Y . -49.32 -3.81 36.77
OE2 MTX Y . -50.75 -2.25 36.36
#